data_6JR6
#
_entry.id   6JR6
#
_cell.length_a   102.471
_cell.length_b   112.739
_cell.length_c   114.250
_cell.angle_alpha   111.13
_cell.angle_beta   92.86
_cell.angle_gamma   114.54
#
_symmetry.space_group_name_H-M   'P 1'
#
loop_
_entity.id
_entity.type
_entity.pdbx_description
1 polymer 'Candidate alpha-glycosidase Glycoside hydrolase family 31'
2 non-polymer 'ACETATE ION'
3 non-polymer (4S)-2-METHYL-2,4-PENTANEDIOL
4 water water
#
_entity_poly.entity_id   1
_entity_poly.type   'polypeptide(L)'
_entity_poly.pdbx_seq_one_letter_code
;MGSSHHHHHHSSGLVPRGSHMASQKKEQYLGNCTAYSVKGNKVVFSCANNSKIMLQLCSGEVVKIWASADGNFVRNNESF
AVIEEDLGWKGNVTVKEEPSTYEIFTEQLRIRVNKAPFQLQIFDKYQKLLFSDYAEKGFVNDNGKIRTNKVLRNDEQFFG
LGEKSGNLNRRGSAYKMWNSDQPCYGVNEDPLYKSIPFFMSSYRYGIFFDNTYKTEFKFGSESNDYYSFEAPAGQMVYYF
MFGNDYKEIIQNYIALTGKPIMPPKWALGFSQCRGDYTREDQAREIAAEFRKRKIPCDIIYQDIGWTEGLQDFDWRKNNY
NNPKGMVKDLSDMGFKMIVSQDPVISQANQQQWKEADALGHLVKDVRTGKSYDMPWPWGGNCGVVDFTKPEVADWWGSYQ
QKPLNDGVRGFWTDMGEPAWSNEDAVDRLNMKHHLGMHNEIHNVYGFTWDKVVTEQFYKHNPNKRIFQMTRAAYAGLQRY
TFGWSGDSGNGSNVLDGWKQMANQIPVGLSAGMGLIPFWTCDISGYCGDIKDYDAMAELYVRWLQFGVFTPLSRAHHEGG
NAVEPWKFGTEAENISRKSIELKYKLFPYLYTYAREAHDTGLPIMRALLLEYPNDKETFKLNGQFLVGKELLVAPVVEQG
AVTKDVYLPEGEWIDFNNCKTKYKGEQWITVDAPLNTIPVFVKKGSIIPQMPVMQYIDEKKVYPVTFDIFPGNLNKETSF
TFYEDDGESRDYERDVFCKTKITSKASNEEIKITVGEREYKGYSPAGPRNFILKIHASNKPKDVFAGGEKLKNVKPHVLE
KNIEADFTKINWSWNEAENVISVRIPDSGKNAVITIKN
;
_entity_poly.pdbx_strand_id   A,B,C,D
#
loop_
_chem_comp.id
_chem_comp.type
_chem_comp.name
_chem_comp.formula
ACT non-polymer 'ACETATE ION' 'C2 H3 O2 -1'
MPD non-polymer (4S)-2-METHYL-2,4-PENTANEDIOL 'C6 H14 O2'
#
# COMPACT_ATOMS: atom_id res chain seq x y z
N GLU A 27 20.53 -49.58 20.02
CA GLU A 27 20.65 -48.51 19.00
C GLU A 27 19.35 -48.36 18.18
N GLN A 28 19.04 -47.12 17.82
CA GLN A 28 17.74 -46.72 17.27
C GLN A 28 17.87 -46.45 15.76
N TYR A 29 16.97 -47.04 14.96
CA TYR A 29 16.88 -46.78 13.52
C TYR A 29 15.67 -45.91 13.24
N LEU A 30 15.54 -45.44 12.00
CA LEU A 30 14.35 -44.66 11.62
C LEU A 30 13.10 -45.52 11.64
N GLY A 31 13.20 -46.74 11.13
CA GLY A 31 12.04 -47.64 11.03
C GLY A 31 11.10 -47.13 9.96
N ASN A 32 9.81 -47.41 10.11
CA ASN A 32 8.84 -47.18 9.04
C ASN A 32 8.43 -45.71 8.96
N CYS A 33 8.24 -45.24 7.73
CA CYS A 33 7.77 -43.88 7.49
C CYS A 33 6.26 -43.90 7.36
N THR A 34 5.59 -43.12 8.22
CA THR A 34 4.12 -43.08 8.30
C THR A 34 3.46 -41.90 7.58
N ALA A 35 4.23 -40.86 7.25
CA ALA A 35 3.69 -39.62 6.66
C ALA A 35 4.82 -38.73 6.15
N TYR A 36 4.47 -37.75 5.32
CA TYR A 36 5.41 -36.72 4.89
C TYR A 36 4.71 -35.38 4.87
N SER A 37 5.53 -34.34 4.97
CA SER A 37 5.06 -32.96 4.93
C SER A 37 6.02 -32.12 4.07
N VAL A 38 5.47 -31.33 3.14
CA VAL A 38 6.26 -30.43 2.29
C VAL A 38 6.20 -28.99 2.80
N LYS A 39 7.36 -28.34 2.90
CA LYS A 39 7.47 -26.92 3.19
C LYS A 39 8.41 -26.26 2.16
N GLY A 40 7.83 -25.80 1.07
CA GLY A 40 8.61 -25.24 -0.03
C GLY A 40 9.55 -26.29 -0.61
N ASN A 41 10.86 -25.99 -0.56
CA ASN A 41 11.88 -26.92 -1.05
C ASN A 41 12.27 -28.01 -0.04
N LYS A 42 11.58 -28.09 1.10
CA LYS A 42 11.86 -29.08 2.14
C LYS A 42 10.74 -30.09 2.27
N VAL A 43 11.10 -31.37 2.41
CA VAL A 43 10.13 -32.40 2.71
C VAL A 43 10.63 -33.19 3.91
N VAL A 44 9.75 -33.34 4.90
CA VAL A 44 10.06 -34.03 6.14
C VAL A 44 9.25 -35.32 6.15
N PHE A 45 9.95 -36.44 6.41
CA PHE A 45 9.36 -37.76 6.49
C PHE A 45 9.36 -38.14 7.95
N SER A 46 8.16 -38.42 8.48
CA SER A 46 7.99 -38.83 9.87
C SER A 46 8.10 -40.35 9.96
N CYS A 47 8.96 -40.82 10.85
CA CYS A 47 9.25 -42.24 10.99
C CYS A 47 8.96 -42.68 12.45
N ALA A 48 9.63 -43.72 12.97
CA ALA A 48 9.28 -44.30 14.27
C ALA A 48 9.74 -43.44 15.45
N ASN A 49 9.00 -43.49 16.56
CA ASN A 49 9.44 -42.94 17.86
C ASN A 49 9.90 -41.48 17.78
N ASN A 50 9.08 -40.65 17.14
CA ASN A 50 9.37 -39.21 16.93
C ASN A 50 10.54 -38.87 15.99
N SER A 51 11.28 -39.86 15.49
CA SER A 51 12.39 -39.60 14.54
C SER A 51 11.83 -39.08 13.21
N LYS A 52 12.64 -38.25 12.56
CA LYS A 52 12.28 -37.66 11.27
C LYS A 52 13.52 -37.50 10.39
N ILE A 53 13.28 -37.40 9.09
CA ILE A 53 14.37 -37.08 8.17
C ILE A 53 13.85 -36.09 7.12
N MET A 54 14.65 -35.03 6.91
CA MET A 54 14.36 -33.99 5.93
C MET A 54 15.24 -34.15 4.69
N LEU A 55 14.63 -34.02 3.51
CA LEU A 55 15.33 -33.78 2.26
C LEU A 55 14.98 -32.37 1.82
N GLN A 56 16.02 -31.59 1.52
CA GLN A 56 15.87 -30.24 1.07
C GLN A 56 16.55 -30.14 -0.28
N LEU A 57 15.79 -29.74 -1.30
CA LEU A 57 16.35 -29.54 -2.62
C LEU A 57 16.97 -28.15 -2.72
N CYS A 58 18.30 -28.11 -2.69
CA CYS A 58 19.08 -26.88 -2.90
C CYS A 58 19.12 -26.53 -4.38
N SER A 59 19.28 -27.55 -5.20
CA SER A 59 19.18 -27.45 -6.65
C SER A 59 18.69 -28.81 -7.15
N GLY A 60 18.60 -28.96 -8.47
CA GLY A 60 18.34 -30.27 -9.07
C GLY A 60 19.43 -31.32 -8.83
N GLU A 61 20.64 -30.88 -8.47
CA GLU A 61 21.79 -31.75 -8.20
C GLU A 61 22.22 -31.87 -6.73
N VAL A 62 21.78 -30.95 -5.89
CA VAL A 62 22.26 -30.87 -4.52
C VAL A 62 21.13 -31.00 -3.52
N VAL A 63 21.23 -32.05 -2.69
CA VAL A 63 20.22 -32.34 -1.70
C VAL A 63 20.84 -32.25 -0.30
N LYS A 64 20.23 -31.43 0.55
CA LYS A 64 20.57 -31.37 1.97
C LYS A 64 19.70 -32.38 2.69
N ILE A 65 20.35 -33.23 3.47
CA ILE A 65 19.72 -34.34 4.17
C ILE A 65 19.99 -34.16 5.67
N TRP A 66 18.93 -34.10 6.46
CA TRP A 66 19.05 -34.00 7.90
C TRP A 66 18.20 -35.12 8.53
N ALA A 67 18.89 -36.07 9.16
CA ALA A 67 18.24 -37.16 9.86
C ALA A 67 18.26 -36.82 11.34
N SER A 68 17.09 -36.95 11.99
CA SER A 68 16.92 -36.50 13.38
C SER A 68 16.28 -37.60 14.20
N ALA A 69 16.99 -38.01 15.27
CA ALA A 69 16.49 -39.01 16.21
C ALA A 69 15.23 -38.56 16.94
N ASP A 70 15.14 -37.27 17.28
CA ASP A 70 14.02 -36.72 18.08
C ASP A 70 13.05 -35.82 17.30
N GLY A 71 13.29 -35.61 16.01
CA GLY A 71 12.39 -34.82 15.17
C GLY A 71 12.46 -33.30 15.32
N ASN A 72 13.45 -32.78 16.04
CA ASN A 72 13.50 -31.34 16.38
C ASN A 72 14.19 -30.39 15.39
N PHE A 73 15.18 -30.88 14.66
CA PHE A 73 15.88 -30.09 13.65
C PHE A 73 16.51 -28.77 14.16
N VAL A 74 17.23 -28.87 15.27
CA VAL A 74 18.02 -27.76 15.79
C VAL A 74 19.48 -28.18 15.98
N ARG A 75 20.37 -27.23 15.89
CA ARG A 75 21.78 -27.48 16.09
C ARG A 75 22.37 -26.36 16.93
N ASN A 76 23.35 -26.71 17.76
CA ASN A 76 23.98 -25.73 18.66
C ASN A 76 24.60 -24.56 17.91
N ASN A 77 25.23 -24.85 16.78
CA ASN A 77 25.76 -23.83 15.88
C ASN A 77 25.34 -24.12 14.47
N GLU A 78 24.90 -23.08 13.75
CA GLU A 78 24.66 -23.18 12.32
C GLU A 78 26.01 -23.47 11.66
N SER A 79 25.98 -23.85 10.39
CA SER A 79 27.18 -24.29 9.70
C SER A 79 28.26 -23.20 9.69
N PHE A 80 29.50 -23.57 10.02
CA PHE A 80 30.64 -22.67 9.83
C PHE A 80 31.12 -22.70 8.36
N ALA A 81 30.78 -23.76 7.64
CA ALA A 81 31.28 -24.01 6.29
C ALA A 81 30.33 -23.51 5.21
N VAL A 82 29.05 -23.83 5.34
CA VAL A 82 28.06 -23.50 4.32
C VAL A 82 27.67 -22.02 4.40
N ILE A 83 27.81 -21.32 3.30
CA ILE A 83 27.42 -19.90 3.21
C ILE A 83 26.22 -19.67 2.29
N GLU A 84 25.75 -20.71 1.61
CA GLU A 84 24.64 -20.57 0.66
C GLU A 84 23.99 -21.94 0.46
N GLU A 85 22.73 -22.07 0.86
CA GLU A 85 21.97 -23.28 0.60
C GLU A 85 21.11 -23.15 -0.65
N ASP A 86 20.88 -21.93 -1.13
CA ASP A 86 20.05 -21.73 -2.31
C ASP A 86 20.92 -21.84 -3.57
N LEU A 87 20.92 -23.02 -4.18
CA LEU A 87 21.67 -23.26 -5.42
C LEU A 87 20.76 -23.25 -6.67
N GLY A 88 19.60 -22.59 -6.56
CA GLY A 88 18.77 -22.32 -7.75
C GLY A 88 17.47 -23.11 -7.86
N TRP A 89 17.21 -24.02 -6.92
CA TRP A 89 15.95 -24.79 -6.94
C TRP A 89 14.73 -23.85 -6.93
N LYS A 90 13.80 -24.06 -7.87
CA LYS A 90 12.57 -23.26 -8.00
C LYS A 90 11.36 -24.07 -7.58
N GLY A 91 10.48 -23.46 -6.78
CA GLY A 91 9.18 -24.04 -6.42
C GLY A 91 9.22 -25.04 -5.28
N ASN A 92 8.11 -25.75 -5.12
CA ASN A 92 7.97 -26.77 -4.08
C ASN A 92 8.63 -28.09 -4.48
N VAL A 93 8.92 -28.94 -3.49
CA VAL A 93 9.29 -30.31 -3.76
C VAL A 93 7.99 -31.00 -4.07
N THR A 94 7.91 -31.65 -5.21
CA THR A 94 6.78 -32.48 -5.58
C THR A 94 7.08 -33.92 -5.14
N VAL A 95 6.20 -34.47 -4.30
CA VAL A 95 6.31 -35.83 -3.78
C VAL A 95 5.19 -36.68 -4.40
N LYS A 96 5.55 -37.75 -5.11
CA LYS A 96 4.55 -38.70 -5.63
C LYS A 96 4.53 -39.89 -4.71
N GLU A 97 3.35 -40.22 -4.19
CA GLU A 97 3.21 -41.37 -3.31
C GLU A 97 2.73 -42.61 -4.07
N GLU A 98 3.39 -43.73 -3.82
CA GLU A 98 3.06 -45.03 -4.35
C GLU A 98 2.71 -45.90 -3.15
N PRO A 99 2.23 -47.14 -3.39
CA PRO A 99 1.87 -47.96 -2.24
C PRO A 99 3.01 -48.21 -1.24
N SER A 100 4.20 -48.53 -1.72
CA SER A 100 5.32 -48.87 -0.81
C SER A 100 6.47 -47.85 -0.82
N THR A 101 6.36 -46.81 -1.63
CA THR A 101 7.41 -45.83 -1.79
C THR A 101 6.86 -44.44 -2.03
N TYR A 102 7.71 -43.43 -1.82
CA TYR A 102 7.53 -42.07 -2.34
C TYR A 102 8.57 -41.85 -3.42
N GLU A 103 8.29 -40.95 -4.35
CA GLU A 103 9.22 -40.59 -5.44
C GLU A 103 9.35 -39.06 -5.55
N ILE A 104 10.57 -38.57 -5.76
CA ILE A 104 10.86 -37.14 -6.00
C ILE A 104 11.79 -37.09 -7.19
N PHE A 105 11.47 -36.25 -8.17
CA PHE A 105 12.23 -36.12 -9.40
C PHE A 105 12.81 -34.70 -9.47
N THR A 106 14.06 -34.60 -9.94
CA THR A 106 14.62 -33.34 -10.42
C THR A 106 15.05 -33.59 -11.86
N GLU A 107 15.52 -32.55 -12.52
CA GLU A 107 16.10 -32.67 -13.85
C GLU A 107 17.25 -33.70 -13.92
N GLN A 108 18.07 -33.80 -12.86
CA GLN A 108 19.24 -34.68 -12.84
C GLN A 108 19.10 -35.92 -11.97
N LEU A 109 18.10 -35.96 -11.07
CA LEU A 109 18.01 -37.04 -10.08
C LEU A 109 16.62 -37.69 -10.02
N ARG A 110 16.58 -38.96 -9.62
CA ARG A 110 15.33 -39.65 -9.32
C ARG A 110 15.52 -40.24 -7.93
N ILE A 111 14.67 -39.81 -6.99
CA ILE A 111 14.79 -40.22 -5.59
C ILE A 111 13.64 -41.21 -5.30
N ARG A 112 13.98 -42.37 -4.75
CA ARG A 112 13.03 -43.36 -4.31
C ARG A 112 13.19 -43.45 -2.79
N VAL A 113 12.12 -43.18 -2.07
CA VAL A 113 12.08 -43.41 -0.63
C VAL A 113 11.24 -44.67 -0.36
N ASN A 114 11.86 -45.70 0.21
CA ASN A 114 11.10 -46.86 0.67
C ASN A 114 10.35 -46.47 1.95
N LYS A 115 9.08 -46.88 2.08
CA LYS A 115 8.28 -46.56 3.25
C LYS A 115 8.65 -47.39 4.47
N ALA A 116 8.75 -48.70 4.28
CA ALA A 116 8.78 -49.67 5.37
C ALA A 116 9.88 -50.70 5.17
N PRO A 117 11.06 -50.52 5.78
CA PRO A 117 11.45 -49.34 6.59
C PRO A 117 11.94 -48.18 5.72
N PHE A 118 12.09 -47.00 6.34
CA PHE A 118 12.65 -45.85 5.61
C PHE A 118 14.00 -46.21 4.99
N GLN A 119 14.07 -46.03 3.68
CA GLN A 119 15.33 -46.08 2.93
C GLN A 119 15.34 -44.99 1.89
N LEU A 120 16.41 -44.20 1.88
CA LEU A 120 16.65 -43.21 0.83
C LEU A 120 17.53 -43.81 -0.26
N GLN A 121 17.07 -43.73 -1.49
CA GLN A 121 17.85 -44.16 -2.65
C GLN A 121 17.87 -43.06 -3.69
N ILE A 122 19.06 -42.67 -4.14
CA ILE A 122 19.19 -41.63 -5.18
C ILE A 122 19.76 -42.25 -6.46
N PHE A 123 19.02 -42.06 -7.55
CA PHE A 123 19.42 -42.53 -8.88
C PHE A 123 19.68 -41.34 -9.77
N ASP A 124 20.41 -41.56 -10.86
CA ASP A 124 20.50 -40.56 -11.92
C ASP A 124 19.24 -40.65 -12.78
N LYS A 125 19.14 -39.79 -13.80
CA LYS A 125 17.93 -39.77 -14.64
C LYS A 125 17.76 -40.99 -15.55
N TYR A 126 18.82 -41.80 -15.69
CA TYR A 126 18.76 -43.06 -16.44
C TYR A 126 18.45 -44.25 -15.53
N GLN A 127 18.11 -43.98 -14.27
CA GLN A 127 17.70 -44.99 -13.30
C GLN A 127 18.84 -45.87 -12.83
N LYS A 128 20.08 -45.36 -12.86
CA LYS A 128 21.23 -46.06 -12.28
C LYS A 128 21.40 -45.61 -10.82
N LEU A 129 21.45 -46.57 -9.90
CA LEU A 129 21.60 -46.27 -8.49
C LEU A 129 22.95 -45.63 -8.21
N LEU A 130 22.93 -44.46 -7.56
CA LEU A 130 24.16 -43.76 -7.15
C LEU A 130 24.47 -43.94 -5.67
N PHE A 131 23.43 -43.97 -4.83
CA PHE A 131 23.58 -43.67 -3.40
C PHE A 131 22.37 -44.21 -2.61
N SER A 132 22.57 -45.30 -1.88
CA SER A 132 21.50 -45.97 -1.13
C SER A 132 21.80 -46.22 0.36
N ASP A 133 20.81 -45.97 1.22
CA ASP A 133 20.85 -46.45 2.60
C ASP A 133 21.04 -47.95 2.64
N TYR A 134 21.83 -48.43 3.59
CA TYR A 134 22.08 -49.85 3.73
C TYR A 134 20.99 -50.45 4.60
N ALA A 135 20.21 -51.35 3.99
CA ALA A 135 19.14 -52.10 4.68
C ALA A 135 18.25 -51.16 5.50
N GLU A 136 18.07 -51.41 6.80
CA GLU A 136 17.28 -50.53 7.67
C GLU A 136 18.18 -49.57 8.47
N LYS A 137 19.48 -49.61 8.20
CA LYS A 137 20.47 -48.87 8.97
C LYS A 137 20.93 -47.56 8.31
N GLY A 138 20.08 -46.96 7.47
CA GLY A 138 20.38 -45.67 6.87
C GLY A 138 20.78 -44.61 7.88
N PHE A 139 20.04 -44.52 8.98
CA PHE A 139 20.40 -43.64 10.07
C PHE A 139 20.39 -44.44 11.35
N VAL A 140 21.42 -44.28 12.17
CA VAL A 140 21.53 -44.98 13.44
C VAL A 140 21.89 -44.00 14.53
N ASN A 141 21.03 -43.89 15.54
CA ASN A 141 21.30 -43.09 16.74
C ASN A 141 21.49 -44.00 17.95
N ASP A 142 22.49 -43.70 18.77
CA ASP A 142 22.78 -44.46 19.97
C ASP A 142 23.22 -43.46 21.03
N ASN A 143 22.25 -42.90 21.74
CA ASN A 143 22.48 -41.95 22.81
C ASN A 143 23.36 -40.79 22.37
N GLY A 144 23.01 -40.19 21.23
CA GLY A 144 23.77 -39.06 20.70
C GLY A 144 24.81 -39.39 19.65
N LYS A 145 25.37 -40.60 19.66
CA LYS A 145 26.26 -41.05 18.57
C LYS A 145 25.42 -41.24 17.33
N ILE A 146 25.82 -40.62 16.23
CA ILE A 146 25.01 -40.64 15.02
C ILE A 146 25.82 -41.23 13.88
N ARG A 147 25.17 -42.02 13.04
CA ARG A 147 25.87 -42.75 11.98
C ARG A 147 24.95 -42.96 10.82
N THR A 148 25.53 -42.96 9.63
CA THR A 148 24.83 -43.22 8.40
C THR A 148 25.54 -44.38 7.70
N ASN A 149 24.81 -45.42 7.32
CA ASN A 149 25.35 -46.57 6.58
C ASN A 149 24.83 -46.59 5.15
N LYS A 150 25.73 -46.68 4.18
CA LYS A 150 25.32 -46.70 2.77
C LYS A 150 25.78 -47.97 2.08
N VAL A 151 25.04 -48.37 1.06
CA VAL A 151 25.42 -49.49 0.21
C VAL A 151 26.77 -49.19 -0.43
N LEU A 152 27.65 -50.18 -0.43
CA LEU A 152 28.96 -50.08 -1.05
C LEU A 152 29.05 -51.04 -2.22
N ARG A 153 29.09 -50.51 -3.44
CA ARG A 153 29.27 -51.36 -4.64
C ARG A 153 30.72 -51.79 -4.74
N ASN A 154 30.96 -52.97 -5.34
CA ASN A 154 32.31 -53.56 -5.48
C ASN A 154 33.30 -52.66 -6.22
N ASP A 155 32.81 -51.93 -7.23
CA ASP A 155 33.67 -51.05 -8.04
C ASP A 155 33.70 -49.57 -7.59
N GLU A 156 33.09 -49.26 -6.44
CA GLU A 156 33.01 -47.87 -5.92
C GLU A 156 34.31 -47.44 -5.23
N GLN A 157 34.92 -46.39 -5.78
CA GLN A 157 36.13 -45.78 -5.25
C GLN A 157 35.80 -44.41 -4.63
N PHE A 158 36.69 -43.94 -3.76
CA PHE A 158 36.49 -42.72 -2.97
C PHE A 158 37.76 -41.86 -2.92
N PHE A 159 37.56 -40.55 -3.06
CA PHE A 159 38.64 -39.58 -2.94
C PHE A 159 38.27 -38.43 -2.03
N GLY A 160 39.30 -37.80 -1.46
CA GLY A 160 39.12 -36.58 -0.74
C GLY A 160 39.29 -36.71 0.76
N LEU A 161 38.42 -36.02 1.49
CA LEU A 161 38.59 -35.80 2.93
C LEU A 161 39.80 -34.88 3.26
N GLY A 162 40.12 -33.99 2.33
CA GLY A 162 41.10 -32.95 2.57
C GLY A 162 42.54 -33.36 2.64
N GLU A 163 43.27 -32.70 3.55
CA GLU A 163 44.68 -32.91 3.67
C GLU A 163 44.93 -34.12 4.57
N LYS A 164 45.03 -35.28 3.92
CA LYS A 164 45.26 -36.56 4.59
C LYS A 164 46.23 -37.42 3.80
N SER A 165 46.86 -38.35 4.52
CA SER A 165 47.96 -39.15 4.04
C SER A 165 47.51 -40.43 3.35
N GLY A 166 48.48 -41.24 2.93
CA GLY A 166 48.23 -42.52 2.27
C GLY A 166 47.92 -42.35 0.80
N ASN A 167 47.36 -43.41 0.21
CA ASN A 167 46.98 -43.36 -1.20
C ASN A 167 45.77 -42.48 -1.45
N LEU A 168 45.77 -41.85 -2.62
CA LEU A 168 44.66 -41.03 -3.14
C LEU A 168 43.31 -41.68 -2.96
N ASN A 169 43.23 -42.94 -3.38
CA ASN A 169 41.99 -43.74 -3.30
C ASN A 169 41.80 -44.17 -1.85
N ARG A 170 40.68 -43.75 -1.27
CA ARG A 170 40.39 -43.98 0.15
C ARG A 170 39.68 -45.32 0.36
N ARG A 171 39.23 -45.95 -0.73
CA ARG A 171 38.48 -47.21 -0.65
C ARG A 171 39.26 -48.22 0.19
N GLY A 172 38.57 -48.84 1.15
CA GLY A 172 39.15 -49.87 2.03
C GLY A 172 39.72 -49.36 3.35
N SER A 173 39.84 -48.03 3.50
CA SER A 173 40.43 -47.45 4.71
C SER A 173 39.44 -46.59 5.51
N ALA A 174 39.84 -46.29 6.75
CA ALA A 174 39.08 -45.49 7.67
C ALA A 174 39.85 -44.20 7.99
N TYR A 175 39.11 -43.12 8.20
CA TYR A 175 39.71 -41.79 8.40
C TYR A 175 38.91 -41.05 9.44
N LYS A 176 39.60 -40.24 10.22
CA LYS A 176 39.02 -39.53 11.35
C LYS A 176 39.28 -38.03 11.21
N MET A 177 38.31 -37.22 11.65
CA MET A 177 38.50 -35.75 11.75
C MET A 177 38.74 -35.29 13.17
N TRP A 178 40.01 -35.05 13.47
CA TRP A 178 40.36 -34.44 14.75
C TRP A 178 41.67 -33.78 14.51
N ASN A 179 41.63 -32.45 14.37
CA ASN A 179 42.80 -31.69 14.04
C ASN A 179 43.91 -32.00 15.04
N SER A 180 44.99 -32.57 14.52
CA SER A 180 46.05 -33.13 15.33
C SER A 180 47.39 -32.58 14.95
N ASP A 181 48.29 -32.65 15.92
CA ASP A 181 49.64 -32.15 15.85
C ASP A 181 50.58 -33.35 15.99
N GLN A 182 51.01 -33.86 14.83
CA GLN A 182 51.82 -35.06 14.75
C GLN A 182 53.10 -34.74 13.97
N PRO A 183 54.12 -34.16 14.65
CA PRO A 183 55.37 -33.81 13.97
C PRO A 183 56.02 -35.02 13.31
N CYS A 184 56.68 -34.78 12.18
CA CYS A 184 57.39 -35.83 11.44
C CYS A 184 56.47 -37.03 11.12
N TYR A 185 55.26 -36.72 10.68
CA TYR A 185 54.23 -37.73 10.47
C TYR A 185 54.57 -38.74 9.37
N GLY A 186 54.12 -39.99 9.57
CA GLY A 186 54.40 -41.08 8.66
C GLY A 186 53.54 -41.02 7.42
N VAL A 187 53.83 -41.94 6.50
CA VAL A 187 53.12 -42.08 5.22
C VAL A 187 51.60 -42.38 5.34
N ASN A 188 51.15 -42.93 6.46
CA ASN A 188 49.73 -43.26 6.66
C ASN A 188 49.12 -42.62 7.89
N GLU A 189 49.84 -41.69 8.53
CA GLU A 189 49.37 -41.09 9.77
C GLU A 189 48.04 -40.36 9.59
N ASP A 190 47.10 -40.60 10.50
CA ASP A 190 45.78 -39.98 10.44
C ASP A 190 45.18 -40.04 11.84
N PRO A 191 44.55 -38.97 12.35
CA PRO A 191 44.31 -37.70 11.66
C PRO A 191 45.52 -36.77 11.61
N LEU A 192 45.49 -35.83 10.67
CA LEU A 192 46.49 -34.77 10.58
C LEU A 192 45.86 -33.42 10.98
N TYR A 193 46.35 -32.32 10.43
CA TYR A 193 46.08 -30.99 10.96
C TYR A 193 44.73 -30.40 10.58
N LYS A 194 44.16 -30.84 9.45
CA LYS A 194 42.95 -30.20 8.90
C LYS A 194 41.80 -31.22 8.78
N SER A 195 40.57 -30.73 8.94
CA SER A 195 39.37 -31.57 8.87
C SER A 195 38.40 -31.03 7.85
N ILE A 196 38.45 -31.55 6.61
CA ILE A 196 37.59 -31.12 5.53
C ILE A 196 36.70 -32.33 5.15
N PRO A 197 35.53 -32.48 5.79
CA PRO A 197 34.75 -33.70 5.58
C PRO A 197 33.94 -33.71 4.27
N PHE A 198 34.68 -33.62 3.16
CA PHE A 198 34.12 -33.61 1.81
C PHE A 198 34.82 -34.69 1.02
N PHE A 199 34.07 -35.70 0.58
CA PHE A 199 34.64 -36.75 -0.27
C PHE A 199 33.84 -36.89 -1.54
N MET A 200 34.46 -37.50 -2.54
CA MET A 200 33.81 -37.82 -3.82
C MET A 200 33.89 -39.32 -4.10
N SER A 201 32.80 -39.84 -4.66
CA SER A 201 32.67 -41.24 -5.06
C SER A 201 32.87 -41.35 -6.57
N SER A 202 33.41 -42.48 -7.01
CA SER A 202 33.51 -42.79 -8.44
C SER A 202 32.15 -43.05 -9.07
N TYR A 203 31.10 -43.18 -8.25
CA TYR A 203 29.73 -43.08 -8.78
C TYR A 203 29.28 -41.64 -9.09
N ARG A 204 30.18 -40.67 -8.97
CA ARG A 204 29.96 -39.28 -9.39
C ARG A 204 28.96 -38.53 -8.53
N TYR A 205 29.18 -38.65 -7.23
CA TYR A 205 28.54 -37.80 -6.25
C TYR A 205 29.58 -37.43 -5.22
N GLY A 206 29.38 -36.28 -4.59
CA GLY A 206 30.14 -35.88 -3.45
C GLY A 206 29.23 -35.83 -2.25
N ILE A 207 29.86 -35.94 -1.08
CA ILE A 207 29.21 -35.82 0.21
C ILE A 207 30.00 -34.84 1.04
N PHE A 208 29.31 -33.87 1.62
CA PHE A 208 29.89 -33.02 2.62
C PHE A 208 29.15 -33.26 3.91
N PHE A 209 29.86 -33.77 4.92
CA PHE A 209 29.27 -34.09 6.20
C PHE A 209 29.40 -32.87 7.07
N ASP A 210 28.28 -32.17 7.26
CA ASP A 210 28.23 -30.80 7.83
C ASP A 210 28.22 -30.85 9.37
N ASN A 211 29.22 -31.52 9.93
CA ASN A 211 29.35 -31.74 11.36
C ASN A 211 30.82 -31.50 11.73
N THR A 212 31.04 -30.82 12.86
CA THR A 212 32.37 -30.38 13.31
C THR A 212 32.96 -31.24 14.43
N TYR A 213 32.23 -32.27 14.87
CA TYR A 213 32.72 -33.18 15.90
C TYR A 213 33.77 -34.14 15.33
N LYS A 214 34.24 -35.07 16.15
CA LYS A 214 35.23 -36.08 15.75
C LYS A 214 34.61 -37.12 14.83
N THR A 215 34.41 -36.74 13.57
CA THR A 215 33.72 -37.60 12.61
C THR A 215 34.65 -38.68 12.09
N GLU A 216 34.06 -39.82 11.71
CA GLU A 216 34.83 -40.93 11.16
C GLU A 216 34.18 -41.42 9.89
N PHE A 217 35.01 -41.69 8.87
CA PHE A 217 34.59 -42.17 7.57
C PHE A 217 35.20 -43.55 7.37
N LYS A 218 34.38 -44.54 7.04
CA LYS A 218 34.85 -45.92 6.91
C LYS A 218 34.42 -46.46 5.55
N PHE A 219 35.35 -46.46 4.60
CA PHE A 219 35.04 -46.71 3.19
C PHE A 219 35.21 -48.21 2.83
N GLY A 220 34.37 -49.04 3.42
CA GLY A 220 34.49 -50.47 3.27
C GLY A 220 35.58 -51.07 4.14
N SER A 221 36.03 -50.33 5.15
CA SER A 221 37.02 -50.85 6.09
C SER A 221 36.41 -51.83 7.09
N GLU A 222 35.10 -51.73 7.35
CA GLU A 222 34.40 -52.66 8.25
C GLU A 222 33.77 -53.83 7.52
N SER A 223 33.30 -53.57 6.31
CA SER A 223 32.60 -54.58 5.51
C SER A 223 32.62 -54.17 4.04
N ASN A 224 32.65 -55.16 3.15
CA ASN A 224 32.46 -54.91 1.71
C ASN A 224 31.05 -54.50 1.30
N ASP A 225 30.09 -54.69 2.20
CA ASP A 225 28.67 -54.46 1.92
C ASP A 225 28.20 -53.02 2.16
N TYR A 226 28.92 -52.28 2.99
CA TYR A 226 28.51 -50.90 3.30
C TYR A 226 29.66 -50.01 3.66
N TYR A 227 29.46 -48.72 3.49
CA TYR A 227 30.36 -47.73 4.02
C TYR A 227 29.57 -46.83 4.93
N SER A 228 30.29 -46.11 5.78
CA SER A 228 29.66 -45.26 6.76
C SER A 228 30.39 -43.96 7.04
N PHE A 229 29.63 -42.99 7.50
CA PHE A 229 30.19 -41.84 8.19
C PHE A 229 29.37 -41.54 9.42
N GLU A 230 30.06 -41.08 10.46
CA GLU A 230 29.50 -40.99 11.79
C GLU A 230 30.10 -39.88 12.62
N ALA A 231 29.41 -39.53 13.70
CA ALA A 231 29.90 -38.54 14.68
C ALA A 231 29.49 -38.94 16.09
N PRO A 232 30.27 -38.57 17.12
CA PRO A 232 29.93 -38.93 18.50
C PRO A 232 28.84 -38.08 19.13
N ALA A 233 28.50 -36.95 18.48
CA ALA A 233 27.45 -36.06 18.93
C ALA A 233 27.05 -35.15 17.75
N GLY A 234 26.18 -34.18 18.03
CA GLY A 234 25.75 -33.22 17.05
C GLY A 234 24.69 -33.82 16.16
N GLN A 235 24.53 -33.20 14.98
CA GLN A 235 23.44 -33.50 14.09
C GLN A 235 23.93 -34.13 12.78
N MET A 236 23.14 -35.07 12.28
CA MET A 236 23.44 -35.77 11.04
C MET A 236 22.91 -34.96 9.88
N VAL A 237 23.69 -33.95 9.50
CA VAL A 237 23.39 -33.10 8.37
C VAL A 237 24.48 -33.34 7.32
N TYR A 238 24.08 -33.64 6.09
CA TYR A 238 25.05 -33.81 5.02
C TYR A 238 24.44 -33.44 3.69
N TYR A 239 25.31 -33.06 2.76
CA TYR A 239 24.90 -32.63 1.43
C TYR A 239 25.34 -33.65 0.40
N PHE A 240 24.37 -34.13 -0.38
CA PHE A 240 24.61 -34.98 -1.52
C PHE A 240 24.75 -34.04 -2.70
N MET A 241 25.87 -34.15 -3.41
CA MET A 241 26.15 -33.29 -4.54
C MET A 241 26.39 -34.13 -5.77
N PHE A 242 25.38 -34.24 -6.63
CA PHE A 242 25.56 -34.92 -7.90
C PHE A 242 26.43 -34.10 -8.86
N GLY A 243 27.16 -34.81 -9.72
CA GLY A 243 27.73 -34.19 -10.90
C GLY A 243 27.87 -35.20 -12.01
N ASN A 244 27.81 -34.73 -13.25
CA ASN A 244 28.18 -35.57 -14.39
C ASN A 244 29.68 -35.84 -14.51
N ASP A 245 30.50 -35.07 -13.79
CA ASP A 245 31.91 -35.39 -13.60
C ASP A 245 32.40 -34.81 -12.26
N TYR A 246 33.66 -34.99 -11.93
CA TYR A 246 34.18 -34.46 -10.65
C TYR A 246 34.20 -32.93 -10.62
N LYS A 247 34.40 -32.32 -11.79
CA LYS A 247 34.41 -30.84 -11.91
C LYS A 247 33.09 -30.25 -11.43
N GLU A 248 31.99 -30.83 -11.89
CA GLU A 248 30.67 -30.38 -11.52
C GLU A 248 30.39 -30.60 -10.02
N ILE A 249 30.89 -31.69 -9.44
CA ILE A 249 30.76 -31.91 -8.00
C ILE A 249 31.46 -30.79 -7.23
N ILE A 250 32.70 -30.48 -7.61
CA ILE A 250 33.49 -29.41 -6.99
C ILE A 250 32.84 -28.04 -7.20
N GLN A 251 32.31 -27.79 -8.39
CA GLN A 251 31.55 -26.56 -8.66
C GLN A 251 30.36 -26.43 -7.67
N ASN A 252 29.65 -27.53 -7.42
CA ASN A 252 28.56 -27.54 -6.45
C ASN A 252 29.07 -27.32 -5.02
N TYR A 253 30.20 -27.89 -4.67
CA TYR A 253 30.79 -27.70 -3.33
C TYR A 253 31.17 -26.23 -3.04
N ILE A 254 31.74 -25.54 -4.02
CA ILE A 254 32.05 -24.12 -3.81
C ILE A 254 30.82 -23.20 -3.89
N ALA A 255 29.74 -23.66 -4.51
CA ALA A 255 28.46 -22.93 -4.44
C ALA A 255 27.99 -22.94 -2.98
N LEU A 256 28.13 -24.08 -2.31
CA LEU A 256 27.78 -24.22 -0.89
C LEU A 256 28.73 -23.52 0.06
N THR A 257 30.05 -23.66 -0.17
CA THR A 257 31.06 -23.29 0.83
C THR A 257 31.98 -22.14 0.43
N GLY A 258 31.78 -21.61 -0.77
CA GLY A 258 32.46 -20.38 -1.19
C GLY A 258 33.60 -20.53 -2.18
N LYS A 259 33.77 -19.49 -3.00
CA LYS A 259 34.86 -19.39 -3.96
C LYS A 259 36.20 -19.20 -3.25
N PRO A 260 37.26 -19.89 -3.71
CA PRO A 260 38.58 -19.59 -3.14
C PRO A 260 39.01 -18.17 -3.44
N ILE A 261 39.50 -17.48 -2.41
CA ILE A 261 40.25 -16.26 -2.62
C ILE A 261 41.56 -16.61 -3.30
N MET A 262 41.98 -15.69 -4.18
CA MET A 262 43.26 -15.77 -4.86
C MET A 262 44.34 -15.08 -4.05
N PRO A 263 45.57 -15.64 -4.07
CA PRO A 263 46.64 -14.94 -3.39
C PRO A 263 47.09 -13.70 -4.18
N PRO A 264 47.88 -12.82 -3.53
CA PRO A 264 48.59 -11.83 -4.35
C PRO A 264 49.46 -12.57 -5.36
N LYS A 265 49.57 -12.04 -6.57
CA LYS A 265 50.25 -12.73 -7.66
C LYS A 265 51.67 -13.21 -7.31
N TRP A 266 52.37 -12.42 -6.51
CA TRP A 266 53.72 -12.75 -6.05
C TRP A 266 53.85 -13.99 -5.16
N ALA A 267 52.76 -14.48 -4.60
CA ALA A 267 52.77 -15.76 -3.85
C ALA A 267 53.07 -16.99 -4.71
N LEU A 268 52.92 -16.86 -6.04
CA LEU A 268 53.21 -17.97 -6.96
C LEU A 268 54.71 -18.10 -7.35
N GLY A 269 55.57 -17.29 -6.74
CA GLY A 269 57.02 -17.46 -6.85
C GLY A 269 57.55 -18.45 -5.83
N PHE A 270 58.80 -18.26 -5.45
CA PHE A 270 59.46 -19.17 -4.52
C PHE A 270 59.55 -18.45 -3.19
N SER A 271 59.38 -19.20 -2.12
CA SER A 271 59.37 -18.68 -0.77
C SER A 271 60.40 -19.42 0.07
N GLN A 272 61.03 -18.71 1.01
CA GLN A 272 62.06 -19.28 1.87
C GLN A 272 61.76 -19.05 3.34
N CYS A 273 62.01 -20.08 4.15
CA CYS A 273 61.85 -19.98 5.59
C CYS A 273 62.93 -20.82 6.32
N ARG A 274 62.93 -20.67 7.64
CA ARG A 274 63.65 -21.55 8.56
C ARG A 274 63.08 -21.29 9.94
N GLY A 275 63.20 -22.27 10.83
CA GLY A 275 62.83 -22.11 12.24
C GLY A 275 63.39 -20.89 12.91
N ASP A 276 64.63 -20.55 12.57
CA ASP A 276 65.32 -19.40 13.15
C ASP A 276 65.26 -18.13 12.29
N TYR A 277 64.36 -18.07 11.30
CA TYR A 277 64.18 -16.83 10.53
C TYR A 277 63.40 -15.90 11.44
N THR A 278 64.12 -15.29 12.36
CA THR A 278 63.54 -14.47 13.42
C THR A 278 64.39 -13.23 13.71
N ARG A 279 65.19 -12.81 12.74
CA ARG A 279 66.15 -11.73 12.96
C ARG A 279 66.34 -10.85 11.72
N GLU A 280 66.51 -9.56 11.96
CA GLU A 280 66.81 -8.60 10.89
C GLU A 280 68.14 -8.89 10.19
N ASP A 281 69.20 -9.14 10.97
CA ASP A 281 70.50 -9.36 10.36
C ASP A 281 70.48 -10.50 9.34
N GLN A 282 69.91 -11.62 9.75
CA GLN A 282 69.83 -12.81 8.92
C GLN A 282 68.93 -12.60 7.69
N ALA A 283 67.83 -11.88 7.88
CA ALA A 283 66.92 -11.53 6.77
C ALA A 283 67.66 -10.72 5.70
N ARG A 284 68.40 -9.72 6.16
CA ARG A 284 69.24 -8.91 5.27
C ARG A 284 70.28 -9.77 4.54
N GLU A 285 70.98 -10.60 5.32
CA GLU A 285 71.98 -11.53 4.77
C GLU A 285 71.43 -12.44 3.67
N ILE A 286 70.32 -13.11 4.01
CA ILE A 286 69.68 -14.06 3.10
C ILE A 286 69.13 -13.37 1.84
N ALA A 287 68.44 -12.26 2.03
CA ALA A 287 67.91 -11.49 0.89
C ALA A 287 69.01 -11.17 -0.13
N ALA A 288 70.14 -10.68 0.36
CA ALA A 288 71.26 -10.34 -0.52
C ALA A 288 71.83 -11.57 -1.24
N GLU A 289 71.96 -12.69 -0.52
CA GLU A 289 72.47 -13.93 -1.11
C GLU A 289 71.63 -14.46 -2.25
N PHE A 290 70.31 -14.49 -2.07
CA PHE A 290 69.42 -14.89 -3.17
C PHE A 290 69.68 -14.09 -4.45
N ARG A 291 69.71 -12.78 -4.34
CA ARG A 291 69.88 -11.92 -5.50
C ARG A 291 71.28 -12.04 -6.11
N LYS A 292 72.30 -12.18 -5.27
CA LYS A 292 73.68 -12.37 -5.75
C LYS A 292 73.80 -13.64 -6.58
N ARG A 293 73.22 -14.73 -6.09
CA ARG A 293 73.28 -16.03 -6.76
C ARG A 293 72.24 -16.20 -7.87
N LYS A 294 71.42 -15.17 -8.10
CA LYS A 294 70.38 -15.20 -9.14
C LYS A 294 69.47 -16.42 -9.03
N ILE A 295 68.98 -16.65 -7.81
CA ILE A 295 68.00 -17.69 -7.49
C ILE A 295 66.70 -16.93 -7.21
N PRO A 296 65.72 -17.04 -8.12
CA PRO A 296 64.51 -16.25 -7.89
C PRO A 296 63.79 -16.56 -6.59
N CYS A 297 63.21 -15.53 -5.98
CA CYS A 297 62.54 -15.67 -4.70
C CYS A 297 61.72 -14.41 -4.42
N ASP A 298 60.44 -14.60 -4.05
CA ASP A 298 59.53 -13.48 -3.74
C ASP A 298 59.30 -13.28 -2.25
N ILE A 299 59.34 -14.35 -1.44
CA ILE A 299 58.92 -14.25 -0.05
C ILE A 299 59.97 -14.74 0.92
N ILE A 300 60.23 -13.92 1.92
CA ILE A 300 61.02 -14.29 3.07
C ILE A 300 60.04 -14.34 4.22
N TYR A 301 59.85 -15.54 4.74
CA TYR A 301 59.01 -15.73 5.92
C TYR A 301 59.79 -15.37 7.18
N GLN A 302 59.08 -15.05 8.24
CA GLN A 302 59.65 -15.04 9.60
C GLN A 302 58.83 -16.01 10.49
N ASP A 303 59.53 -16.89 11.20
CA ASP A 303 58.92 -17.84 12.13
C ASP A 303 58.63 -17.16 13.48
N ILE A 304 58.06 -17.92 14.40
CA ILE A 304 57.37 -17.41 15.57
C ILE A 304 58.23 -16.67 16.60
N GLY A 305 59.54 -16.91 16.61
CA GLY A 305 60.46 -16.12 17.43
C GLY A 305 60.55 -14.63 17.07
N TRP A 306 59.98 -14.22 15.93
CA TRP A 306 59.95 -12.80 15.55
C TRP A 306 59.24 -11.89 16.57
N THR A 307 58.21 -12.43 17.22
CA THR A 307 57.39 -11.64 18.15
C THR A 307 57.94 -11.69 19.58
N GLU A 308 57.87 -10.56 20.27
CA GLU A 308 58.47 -10.44 21.61
C GLU A 308 57.97 -11.55 22.54
N GLY A 309 56.67 -11.81 22.48
CA GLY A 309 56.06 -12.92 23.18
C GLY A 309 54.80 -13.35 22.45
N LEU A 310 54.32 -14.55 22.76
CA LEU A 310 53.02 -15.01 22.31
C LEU A 310 51.94 -14.17 23.05
N GLN A 311 51.13 -13.38 22.35
CA GLN A 311 51.20 -13.13 20.89
C GLN A 311 50.89 -11.66 20.73
N ASP A 312 51.91 -10.84 21.01
CA ASP A 312 51.78 -9.37 21.07
C ASP A 312 52.08 -8.66 19.76
N PHE A 313 52.67 -9.36 18.79
CA PHE A 313 53.00 -8.83 17.47
C PHE A 313 53.97 -7.64 17.52
N ASP A 314 54.84 -7.62 18.52
CA ASP A 314 55.89 -6.61 18.65
C ASP A 314 57.19 -7.24 18.18
N TRP A 315 57.88 -6.58 17.24
CA TRP A 315 59.17 -7.07 16.77
C TRP A 315 60.14 -7.21 17.94
N ARG A 316 60.60 -8.44 18.19
CA ARG A 316 61.46 -8.75 19.33
C ARG A 316 62.68 -7.83 19.32
N LYS A 317 62.88 -7.09 20.40
CA LYS A 317 63.77 -5.92 20.38
C LYS A 317 65.25 -6.27 20.18
N ASN A 318 65.70 -7.36 20.79
CA ASN A 318 67.05 -7.87 20.57
C ASN A 318 67.29 -8.34 19.11
N ASN A 319 66.24 -8.77 18.41
CA ASN A 319 66.36 -9.40 17.09
C ASN A 319 66.21 -8.45 15.91
N TYR A 320 65.60 -7.29 16.13
CA TYR A 320 65.33 -6.31 15.08
C TYR A 320 65.67 -4.90 15.54
N ASN A 321 66.67 -4.31 14.91
CA ASN A 321 67.05 -2.92 15.19
C ASN A 321 66.12 -1.92 14.52
N ASN A 322 65.78 -2.17 13.27
CA ASN A 322 65.00 -1.24 12.44
C ASN A 322 64.02 -2.05 11.56
N PRO A 323 62.94 -2.58 12.17
CA PRO A 323 62.03 -3.45 11.41
C PRO A 323 61.35 -2.77 10.22
N LYS A 324 60.92 -1.53 10.39
CA LYS A 324 60.39 -0.73 9.28
C LYS A 324 61.37 -0.67 8.13
N GLY A 325 62.62 -0.34 8.45
CA GLY A 325 63.67 -0.24 7.43
C GLY A 325 63.96 -1.57 6.77
N MET A 326 64.00 -2.62 7.59
CA MET A 326 64.17 -3.98 7.07
C MET A 326 63.12 -4.30 6.01
N VAL A 327 61.86 -4.08 6.35
CA VAL A 327 60.78 -4.48 5.44
C VAL A 327 60.89 -3.70 4.12
N LYS A 328 61.11 -2.39 4.23
CA LYS A 328 61.26 -1.51 3.08
C LYS A 328 62.49 -1.89 2.22
N ASP A 329 63.64 -2.09 2.87
CA ASP A 329 64.85 -2.52 2.17
C ASP A 329 64.61 -3.81 1.40
N LEU A 330 64.00 -4.80 2.04
CA LEU A 330 63.69 -6.07 1.37
C LEU A 330 62.67 -5.85 0.23
N SER A 331 61.70 -5.00 0.49
CA SER A 331 60.71 -4.60 -0.50
C SER A 331 61.35 -3.99 -1.76
N ASP A 332 62.34 -3.11 -1.58
CA ASP A 332 63.06 -2.54 -2.75
C ASP A 332 63.85 -3.58 -3.54
N MET A 333 64.26 -4.67 -2.88
CA MET A 333 64.85 -5.85 -3.54
C MET A 333 63.80 -6.87 -4.05
N GLY A 334 62.51 -6.53 -4.00
CA GLY A 334 61.46 -7.41 -4.49
C GLY A 334 61.03 -8.55 -3.56
N PHE A 335 61.48 -8.51 -2.29
CA PHE A 335 61.05 -9.47 -1.28
C PHE A 335 59.84 -8.93 -0.49
N LYS A 336 58.83 -9.79 -0.32
CA LYS A 336 57.70 -9.52 0.55
C LYS A 336 57.91 -10.36 1.82
N MET A 337 57.43 -9.88 2.97
CA MET A 337 57.57 -10.63 4.21
C MET A 337 56.21 -11.13 4.76
N ILE A 338 56.23 -12.35 5.30
CA ILE A 338 55.06 -12.98 5.86
C ILE A 338 55.51 -13.49 7.23
N VAL A 339 54.82 -13.07 8.30
CA VAL A 339 55.22 -13.43 9.68
C VAL A 339 54.23 -14.43 10.33
N SER A 340 54.73 -15.23 11.26
CA SER A 340 53.95 -16.21 11.98
C SER A 340 53.07 -15.60 13.06
N GLN A 341 51.94 -16.24 13.35
CA GLN A 341 51.22 -16.00 14.60
C GLN A 341 50.70 -17.32 15.13
N ASP A 342 50.73 -17.41 16.46
CA ASP A 342 50.10 -18.46 17.23
C ASP A 342 48.80 -17.93 17.82
N PRO A 343 47.86 -18.83 18.16
CA PRO A 343 46.58 -18.40 18.69
C PRO A 343 46.50 -18.35 20.24
N VAL A 344 47.65 -18.25 20.92
CA VAL A 344 47.71 -18.29 22.37
C VAL A 344 48.52 -17.12 22.91
N ILE A 345 48.26 -16.78 24.17
CA ILE A 345 49.03 -15.78 24.93
C ILE A 345 49.76 -16.50 26.05
N SER A 346 51.08 -16.43 26.09
CA SER A 346 51.84 -17.06 27.16
C SER A 346 51.51 -16.40 28.51
N GLN A 347 51.35 -17.19 29.56
CA GLN A 347 51.17 -16.63 30.91
C GLN A 347 52.34 -15.76 31.33
N ALA A 348 53.56 -16.10 30.89
CA ALA A 348 54.75 -15.28 31.18
C ALA A 348 54.76 -13.94 30.45
N ASN A 349 53.97 -13.81 29.38
CA ASN A 349 53.67 -12.51 28.76
C ASN A 349 52.59 -11.86 29.62
N GLN A 350 52.99 -11.40 30.81
CA GLN A 350 52.01 -11.03 31.86
C GLN A 350 51.04 -9.92 31.44
N GLN A 351 51.56 -8.91 30.76
CA GLN A 351 50.75 -7.77 30.35
C GLN A 351 49.58 -8.21 29.43
N GLN A 352 49.89 -8.99 28.40
CA GLN A 352 48.86 -9.43 27.45
C GLN A 352 47.95 -10.51 28.03
N TRP A 353 48.52 -11.44 28.81
CA TRP A 353 47.69 -12.47 29.43
C TRP A 353 46.66 -11.87 30.39
N LYS A 354 47.10 -10.99 31.30
CA LYS A 354 46.20 -10.30 32.22
C LYS A 354 45.12 -9.51 31.47
N GLU A 355 45.54 -8.77 30.44
CA GLU A 355 44.61 -8.04 29.57
C GLU A 355 43.55 -8.98 28.98
N ALA A 356 44.00 -10.05 28.32
CA ALA A 356 43.07 -11.03 27.73
C ALA A 356 42.17 -11.73 28.78
N ASP A 357 42.77 -12.18 29.89
CA ASP A 357 42.02 -12.88 30.94
C ASP A 357 40.93 -12.00 31.57
N ALA A 358 41.27 -10.72 31.79
CA ALA A 358 40.33 -9.79 32.44
C ALA A 358 39.19 -9.44 31.50
N LEU A 359 39.47 -9.32 30.20
CA LEU A 359 38.42 -9.11 29.20
C LEU A 359 37.51 -10.31 28.94
N GLY A 360 37.87 -11.51 29.44
CA GLY A 360 37.14 -12.73 29.16
C GLY A 360 37.38 -13.23 27.74
N HIS A 361 38.55 -12.91 27.18
CA HIS A 361 38.87 -13.27 25.79
C HIS A 361 39.51 -14.65 25.65
N LEU A 362 39.81 -15.31 26.77
CA LEU A 362 40.44 -16.61 26.73
C LEU A 362 39.42 -17.72 26.86
N VAL A 363 39.70 -18.83 26.20
CA VAL A 363 38.87 -20.02 26.31
C VAL A 363 38.88 -20.47 27.77
N LYS A 364 37.69 -20.85 28.26
CA LYS A 364 37.48 -21.16 29.67
C LYS A 364 37.62 -22.64 29.96
N ASP A 365 37.77 -22.97 31.24
CA ASP A 365 37.75 -24.35 31.73
C ASP A 365 36.40 -24.57 32.39
N VAL A 366 35.64 -25.55 31.91
CA VAL A 366 34.29 -25.79 32.39
C VAL A 366 34.27 -26.19 33.88
N ARG A 367 35.35 -26.79 34.36
CA ARG A 367 35.47 -27.19 35.77
C ARG A 367 35.63 -26.00 36.73
N THR A 368 36.30 -24.94 36.29
CA THR A 368 36.54 -23.76 37.12
C THR A 368 35.73 -22.52 36.72
N GLY A 369 35.27 -22.45 35.47
CA GLY A 369 34.78 -21.19 34.93
C GLY A 369 35.87 -20.14 34.73
N LYS A 370 37.14 -20.49 34.92
CA LYS A 370 38.25 -19.55 34.71
C LYS A 370 38.93 -19.90 33.38
N SER A 371 39.89 -19.08 32.97
CA SER A 371 40.65 -19.32 31.75
C SER A 371 41.33 -20.68 31.80
N TYR A 372 41.19 -21.45 30.71
CA TYR A 372 41.83 -22.77 30.63
C TYR A 372 43.34 -22.59 30.64
N ASP A 373 44.01 -23.47 31.37
CA ASP A 373 45.45 -23.41 31.63
C ASP A 373 46.15 -24.39 30.68
N MET A 374 46.66 -23.87 29.57
CA MET A 374 47.08 -24.69 28.44
C MET A 374 48.61 -24.81 28.43
N PRO A 375 49.17 -26.04 28.49
CA PRO A 375 50.60 -26.18 28.26
C PRO A 375 50.92 -25.93 26.78
N TRP A 376 52.13 -25.45 26.51
CA TRP A 376 52.50 -25.08 25.15
C TRP A 376 53.95 -25.53 24.93
N PRO A 377 54.30 -25.93 23.68
CA PRO A 377 55.65 -26.44 23.37
C PRO A 377 56.83 -25.63 23.87
N TRP A 378 56.70 -24.29 23.87
CA TRP A 378 57.71 -23.41 24.44
C TRP A 378 57.05 -22.23 25.16
N GLY A 379 57.84 -21.55 25.99
CA GLY A 379 57.43 -20.29 26.61
C GLY A 379 56.50 -20.36 27.82
N GLY A 380 56.26 -21.58 28.32
CA GLY A 380 55.39 -21.83 29.46
C GLY A 380 53.93 -22.06 29.11
N ASN A 381 53.12 -22.27 30.14
CA ASN A 381 51.67 -22.40 29.94
C ASN A 381 51.06 -21.09 29.41
N CYS A 382 49.89 -21.21 28.79
CA CYS A 382 49.32 -20.12 28.01
C CYS A 382 47.80 -20.06 28.12
N GLY A 383 47.23 -18.94 27.70
CA GLY A 383 45.80 -18.83 27.49
C GLY A 383 45.48 -19.02 26.00
N VAL A 384 44.46 -19.82 25.71
CA VAL A 384 44.02 -20.08 24.34
C VAL A 384 43.02 -18.99 24.04
N VAL A 385 43.31 -18.20 23.01
CA VAL A 385 42.46 -17.04 22.68
C VAL A 385 41.17 -17.54 22.05
N ASP A 386 40.02 -17.04 22.51
CA ASP A 386 38.73 -17.54 22.06
C ASP A 386 38.20 -16.79 20.84
N PHE A 387 38.61 -17.23 19.66
CA PHE A 387 38.17 -16.57 18.42
C PHE A 387 36.70 -16.80 18.07
N THR A 388 35.99 -17.66 18.81
CA THR A 388 34.52 -17.73 18.68
C THR A 388 33.78 -16.60 19.43
N LYS A 389 34.46 -15.87 20.32
CA LYS A 389 33.86 -14.72 21.03
C LYS A 389 33.88 -13.47 20.13
N PRO A 390 32.69 -12.90 19.80
CA PRO A 390 32.67 -11.77 18.82
C PRO A 390 33.64 -10.61 19.12
N GLU A 391 33.75 -10.22 20.39
CA GLU A 391 34.60 -9.08 20.80
C GLU A 391 36.11 -9.33 20.59
N VAL A 392 36.49 -10.59 20.60
CA VAL A 392 37.87 -10.96 20.34
C VAL A 392 38.36 -10.49 18.97
N ALA A 393 37.48 -10.50 17.96
CA ALA A 393 37.91 -10.18 16.58
C ALA A 393 38.60 -8.79 16.45
N ASP A 394 37.94 -7.75 16.93
CA ASP A 394 38.50 -6.39 16.87
C ASP A 394 39.75 -6.22 17.72
N TRP A 395 39.77 -6.88 18.87
CA TRP A 395 40.92 -6.86 19.76
C TRP A 395 42.16 -7.50 19.12
N TRP A 396 41.97 -8.70 18.56
CA TRP A 396 43.03 -9.37 17.81
C TRP A 396 43.45 -8.59 16.58
N GLY A 397 42.47 -8.07 15.85
CA GLY A 397 42.72 -7.26 14.65
C GLY A 397 43.70 -6.12 14.85
N SER A 398 43.54 -5.41 15.96
CA SER A 398 44.42 -4.30 16.31
C SER A 398 45.82 -4.76 16.70
N TYR A 399 45.92 -5.88 17.41
CA TYR A 399 47.22 -6.49 17.71
C TYR A 399 47.96 -6.91 16.44
N GLN A 400 47.30 -7.68 15.58
CA GLN A 400 47.95 -8.21 14.37
C GLN A 400 48.27 -7.15 13.34
N GLN A 401 47.61 -5.99 13.40
CA GLN A 401 47.85 -4.94 12.41
C GLN A 401 49.25 -4.32 12.51
N LYS A 402 49.86 -4.38 13.68
CA LYS A 402 51.16 -3.76 13.93
C LYS A 402 52.24 -4.11 12.88
N PRO A 403 52.52 -5.40 12.65
CA PRO A 403 53.54 -5.70 11.62
C PRO A 403 53.10 -5.29 10.20
N LEU A 404 51.79 -5.33 9.97
CA LEU A 404 51.22 -4.91 8.70
C LEU A 404 51.43 -3.42 8.43
N ASN A 405 51.34 -2.59 9.47
CA ASN A 405 51.62 -1.15 9.35
C ASN A 405 53.10 -0.92 9.01
N ASP A 406 53.98 -1.87 9.34
CA ASP A 406 55.39 -1.80 8.89
C ASP A 406 55.65 -2.37 7.48
N GLY A 407 54.60 -2.81 6.79
CA GLY A 407 54.71 -3.28 5.39
C GLY A 407 54.75 -4.79 5.18
N VAL A 408 54.65 -5.57 6.27
CA VAL A 408 54.51 -7.04 6.20
C VAL A 408 53.19 -7.32 5.48
N ARG A 409 53.18 -8.34 4.61
CA ARG A 409 52.05 -8.54 3.68
C ARG A 409 51.06 -9.62 4.09
N GLY A 410 51.24 -10.23 5.24
CA GLY A 410 50.40 -11.36 5.60
C GLY A 410 51.01 -12.25 6.66
N PHE A 411 50.34 -13.38 6.88
CA PHE A 411 50.67 -14.25 7.99
C PHE A 411 50.71 -15.70 7.60
N TRP A 412 51.35 -16.48 8.44
CA TRP A 412 51.10 -17.88 8.52
C TRP A 412 50.59 -18.19 9.90
N THR A 413 49.38 -18.78 9.94
CA THR A 413 48.68 -19.08 11.16
C THR A 413 48.98 -20.54 11.53
N ASP A 414 49.83 -20.70 12.54
CA ASP A 414 50.38 -21.98 12.94
C ASP A 414 49.77 -22.41 14.25
N MET A 415 49.82 -23.72 14.54
CA MET A 415 49.48 -24.26 15.86
C MET A 415 48.01 -24.15 16.25
N GLY A 416 47.14 -23.98 15.25
CA GLY A 416 45.70 -23.78 15.51
C GLY A 416 44.84 -25.02 15.67
N GLU A 417 45.43 -26.18 15.97
CA GLU A 417 44.65 -27.41 16.06
C GLU A 417 43.60 -27.43 17.21
N PRO A 418 43.83 -26.80 18.38
CA PRO A 418 45.11 -26.24 18.85
C PRO A 418 46.22 -27.28 18.91
N ALA A 419 47.47 -26.83 18.88
CA ALA A 419 48.62 -27.71 19.03
C ALA A 419 48.58 -28.42 20.41
N TRP A 420 49.26 -29.56 20.53
CA TRP A 420 49.31 -30.33 21.79
C TRP A 420 47.92 -30.71 22.31
N SER A 421 47.01 -31.02 21.39
CA SER A 421 45.63 -31.34 21.75
C SER A 421 45.10 -32.49 20.91
N ASN A 422 45.94 -33.53 20.77
CA ASN A 422 45.56 -34.75 20.09
C ASN A 422 44.49 -35.51 20.85
N GLU A 423 43.91 -36.49 20.20
CA GLU A 423 42.85 -37.33 20.78
C GLU A 423 43.09 -37.74 22.23
N ASP A 424 44.32 -38.17 22.51
CA ASP A 424 44.67 -38.73 23.82
C ASP A 424 44.78 -37.68 24.93
N ALA A 425 44.92 -36.39 24.57
CA ALA A 425 44.98 -35.30 25.54
C ALA A 425 43.56 -34.89 25.96
N VAL A 426 42.93 -35.75 26.75
CA VAL A 426 41.50 -35.62 27.08
C VAL A 426 41.15 -34.44 27.98
N ASP A 427 42.14 -33.92 28.72
CA ASP A 427 41.95 -32.71 29.52
C ASP A 427 41.46 -31.52 28.70
N ARG A 428 41.85 -31.46 27.41
CA ARG A 428 41.42 -30.37 26.51
C ARG A 428 39.91 -30.33 26.33
N LEU A 429 39.24 -31.47 26.56
CA LEU A 429 37.79 -31.56 26.42
C LEU A 429 37.04 -30.67 27.42
N ASN A 430 37.73 -30.24 28.49
CA ASN A 430 37.21 -29.29 29.46
C ASN A 430 37.15 -27.84 28.93
N MET A 431 37.81 -27.57 27.80
CA MET A 431 37.73 -26.23 27.20
C MET A 431 36.31 -25.92 26.77
N LYS A 432 35.86 -24.74 27.20
CA LYS A 432 34.55 -24.24 26.93
C LYS A 432 34.75 -22.91 26.22
N HIS A 433 34.34 -22.89 24.96
CA HIS A 433 34.50 -21.75 24.08
C HIS A 433 33.16 -21.03 24.07
N HIS A 434 33.16 -19.77 23.67
CA HIS A 434 31.93 -18.98 23.57
C HIS A 434 30.81 -19.71 22.78
N LEU A 435 31.17 -20.38 21.69
CA LEU A 435 30.19 -21.04 20.85
C LEU A 435 29.98 -22.54 21.17
N GLY A 436 30.68 -23.08 22.17
CA GLY A 436 30.48 -24.46 22.59
C GLY A 436 31.65 -25.14 23.27
N MET A 437 31.46 -26.41 23.57
CA MET A 437 32.48 -27.21 24.22
C MET A 437 33.55 -27.67 23.22
N HIS A 438 34.70 -28.04 23.75
CA HIS A 438 35.84 -28.39 22.89
C HIS A 438 35.53 -29.53 21.92
N ASN A 439 34.70 -30.50 22.33
CA ASN A 439 34.42 -31.65 21.46
C ASN A 439 33.72 -31.24 20.15
N GLU A 440 32.92 -30.17 20.22
CA GLU A 440 32.32 -29.53 19.04
C GLU A 440 33.25 -28.53 18.33
N ILE A 441 33.97 -27.73 19.10
CA ILE A 441 34.70 -26.54 18.61
C ILE A 441 36.15 -26.80 18.15
N HIS A 442 36.79 -27.85 18.67
CA HIS A 442 38.17 -28.23 18.31
C HIS A 442 38.44 -28.14 16.81
N ASN A 443 37.61 -28.78 16.01
CA ASN A 443 37.87 -28.83 14.56
C ASN A 443 37.57 -27.51 13.85
N VAL A 444 36.88 -26.57 14.51
CA VAL A 444 36.71 -25.22 13.96
C VAL A 444 37.47 -24.13 14.72
N TYR A 445 38.37 -24.53 15.63
CA TYR A 445 39.10 -23.59 16.46
C TYR A 445 40.01 -22.74 15.60
N GLY A 446 40.84 -23.42 14.80
CA GLY A 446 41.73 -22.79 13.86
C GLY A 446 40.95 -22.11 12.73
N PHE A 447 39.84 -22.71 12.32
CA PHE A 447 39.01 -22.13 11.27
C PHE A 447 38.48 -20.76 11.66
N THR A 448 37.88 -20.67 12.85
CA THR A 448 37.31 -19.41 13.32
C THR A 448 38.38 -18.37 13.62
N TRP A 449 39.56 -18.82 14.07
CA TRP A 449 40.75 -17.94 14.15
C TRP A 449 41.16 -17.38 12.80
N ASP A 450 41.34 -18.27 11.82
CA ASP A 450 41.77 -17.86 10.49
C ASP A 450 40.78 -16.87 9.89
N LYS A 451 39.49 -17.14 10.09
CA LYS A 451 38.42 -16.26 9.63
C LYS A 451 38.54 -14.85 10.26
N VAL A 452 38.77 -14.77 11.57
CA VAL A 452 39.05 -13.48 12.24
C VAL A 452 40.26 -12.77 11.63
N VAL A 453 41.34 -13.53 11.41
CA VAL A 453 42.58 -12.97 10.85
C VAL A 453 42.27 -12.27 9.52
N THR A 454 41.52 -12.96 8.64
CA THR A 454 41.22 -12.41 7.32
C THR A 454 40.19 -11.27 7.38
N GLU A 455 39.14 -11.45 8.18
CA GLU A 455 38.15 -10.40 8.41
C GLU A 455 38.81 -9.08 8.84
N GLN A 456 39.66 -9.18 9.86
CA GLN A 456 40.33 -8.03 10.41
C GLN A 456 41.32 -7.42 9.44
N PHE A 457 42.02 -8.28 8.70
CA PHE A 457 42.87 -7.80 7.62
C PHE A 457 42.08 -6.95 6.63
N TYR A 458 40.90 -7.41 6.21
CA TYR A 458 40.06 -6.63 5.29
C TYR A 458 39.65 -5.28 5.88
N LYS A 459 39.27 -5.29 7.14
CA LYS A 459 38.84 -4.11 7.85
C LYS A 459 39.95 -3.05 7.94
N HIS A 460 41.18 -3.46 8.22
CA HIS A 460 42.28 -2.53 8.42
C HIS A 460 43.12 -2.24 7.18
N ASN A 461 42.89 -2.96 6.07
CA ASN A 461 43.78 -2.90 4.89
C ASN A 461 42.91 -2.91 3.62
N PRO A 462 42.25 -1.78 3.34
CA PRO A 462 41.14 -1.79 2.37
C PRO A 462 41.52 -2.24 0.96
N ASN A 463 40.69 -3.10 0.37
CA ASN A 463 40.85 -3.55 -1.03
C ASN A 463 42.21 -4.21 -1.33
N LYS A 464 42.69 -5.02 -0.39
CA LYS A 464 43.92 -5.78 -0.57
C LYS A 464 43.64 -7.25 -0.33
N ARG A 465 44.21 -8.09 -1.20
CA ARG A 465 44.23 -9.55 -0.97
C ARG A 465 45.09 -9.84 0.25
N ILE A 466 44.56 -10.67 1.14
CA ILE A 466 45.37 -11.22 2.20
C ILE A 466 46.28 -12.31 1.64
N PHE A 467 47.46 -12.43 2.25
CA PHE A 467 48.19 -13.68 2.25
C PHE A 467 48.06 -14.29 3.65
N GLN A 468 47.40 -15.43 3.73
CA GLN A 468 47.37 -16.25 4.95
C GLN A 468 47.56 -17.71 4.51
N MET A 469 48.49 -18.39 5.18
CA MET A 469 48.72 -19.82 4.95
C MET A 469 48.64 -20.50 6.32
N THR A 470 47.80 -21.52 6.42
CA THR A 470 47.43 -22.09 7.70
C THR A 470 47.77 -23.58 7.81
N ARG A 471 47.89 -24.02 9.06
CA ARG A 471 48.14 -25.41 9.39
C ARG A 471 46.84 -26.12 9.70
N ALA A 472 46.10 -25.60 10.70
CA ALA A 472 44.80 -26.13 11.14
C ALA A 472 43.63 -25.47 10.46
N ALA A 473 42.62 -26.27 10.10
CA ALA A 473 41.48 -25.74 9.35
C ALA A 473 40.32 -26.71 9.35
N TYR A 474 39.20 -26.18 8.84
CA TYR A 474 37.98 -26.95 8.61
C TYR A 474 37.47 -26.61 7.21
N ALA A 475 36.53 -27.41 6.69
CA ALA A 475 35.84 -27.13 5.42
C ALA A 475 35.36 -25.70 5.30
N GLY A 476 35.51 -25.13 4.10
CA GLY A 476 35.21 -23.70 3.86
C GLY A 476 36.39 -22.75 4.02
N LEU A 477 37.53 -23.29 4.46
CA LEU A 477 38.73 -22.48 4.66
C LEU A 477 39.16 -21.64 3.44
N GLN A 478 38.80 -22.09 2.22
CA GLN A 478 39.17 -21.39 0.99
C GLN A 478 38.73 -19.93 0.93
N ARG A 479 37.68 -19.56 1.69
CA ARG A 479 37.24 -18.17 1.79
C ARG A 479 38.24 -17.25 2.49
N TYR A 480 39.08 -17.80 3.36
CA TYR A 480 39.93 -17.01 4.25
C TYR A 480 41.43 -17.26 4.18
N THR A 481 41.82 -18.46 3.73
CA THR A 481 43.19 -18.88 3.90
C THR A 481 43.65 -19.94 2.89
N PHE A 482 44.96 -20.02 2.75
CA PHE A 482 45.64 -21.03 1.99
C PHE A 482 46.19 -22.02 3.02
N GLY A 483 46.95 -23.02 2.55
CA GLY A 483 47.40 -24.09 3.44
C GLY A 483 48.79 -24.63 3.17
N TRP A 484 49.45 -25.08 4.24
CA TRP A 484 50.62 -25.93 4.11
C TRP A 484 50.46 -27.16 4.99
N SER A 485 51.17 -28.23 4.64
CA SER A 485 50.97 -29.56 5.22
C SER A 485 51.75 -29.82 6.53
N GLY A 486 52.19 -28.77 7.21
CA GLY A 486 52.82 -28.90 8.51
C GLY A 486 54.18 -29.55 8.54
N ASP A 487 54.48 -30.19 9.65
CA ASP A 487 55.83 -30.64 9.96
C ASP A 487 56.06 -32.03 9.40
N SER A 488 56.36 -32.08 8.10
CA SER A 488 56.62 -33.34 7.40
C SER A 488 58.11 -33.73 7.46
N GLY A 489 58.41 -34.93 7.01
CA GLY A 489 59.78 -35.44 6.94
C GLY A 489 60.18 -36.29 8.14
N ASN A 490 61.40 -36.83 8.10
CA ASN A 490 61.85 -37.79 9.10
C ASN A 490 62.71 -37.11 10.17
N GLY A 491 62.27 -37.17 11.42
CA GLY A 491 63.00 -36.57 12.55
C GLY A 491 64.22 -37.32 13.04
N SER A 492 64.17 -38.65 13.00
CA SER A 492 65.32 -39.49 13.45
C SER A 492 66.52 -39.44 12.51
N ASN A 493 66.26 -39.47 11.22
CA ASN A 493 67.32 -39.25 10.22
C ASN A 493 66.70 -38.61 8.98
N VAL A 494 67.07 -37.35 8.70
CA VAL A 494 66.53 -36.58 7.56
C VAL A 494 66.66 -37.32 6.23
N LEU A 495 67.76 -38.07 6.07
CA LEU A 495 68.03 -38.82 4.86
C LEU A 495 67.04 -39.95 4.60
N ASP A 496 66.29 -40.37 5.63
CA ASP A 496 65.27 -41.43 5.50
C ASP A 496 63.86 -40.93 5.16
N GLY A 497 63.73 -39.68 4.68
CA GLY A 497 62.40 -39.11 4.44
C GLY A 497 61.83 -39.29 3.04
N TRP A 498 62.45 -40.13 2.20
CA TRP A 498 62.04 -40.29 0.79
C TRP A 498 60.58 -40.62 0.61
N LYS A 499 60.10 -41.65 1.32
CA LYS A 499 58.70 -42.07 1.22
C LYS A 499 57.72 -41.05 1.79
N GLN A 500 58.10 -40.41 2.88
CA GLN A 500 57.34 -39.28 3.41
C GLN A 500 57.24 -38.11 2.39
N MET A 501 58.33 -37.75 1.73
CA MET A 501 58.28 -36.74 0.64
C MET A 501 57.36 -37.19 -0.49
N ALA A 502 57.50 -38.45 -0.91
CA ALA A 502 56.65 -39.02 -1.97
C ALA A 502 55.19 -38.88 -1.63
N ASN A 503 54.84 -39.10 -0.36
CA ASN A 503 53.44 -39.01 0.07
C ASN A 503 52.85 -37.60 0.02
N GLN A 504 53.69 -36.57 0.01
CA GLN A 504 53.20 -35.20 -0.19
C GLN A 504 52.51 -34.99 -1.53
N ILE A 505 52.75 -35.84 -2.54
CA ILE A 505 52.01 -35.72 -3.80
C ILE A 505 50.53 -35.98 -3.53
N PRO A 506 50.16 -37.18 -3.05
CA PRO A 506 48.72 -37.37 -2.80
C PRO A 506 48.16 -36.50 -1.66
N VAL A 507 48.96 -36.16 -0.65
CA VAL A 507 48.51 -35.22 0.37
C VAL A 507 48.08 -33.89 -0.27
N GLY A 508 48.93 -33.35 -1.15
CA GLY A 508 48.66 -32.07 -1.81
C GLY A 508 47.51 -32.13 -2.81
N LEU A 509 47.40 -33.26 -3.52
CA LEU A 509 46.30 -33.47 -4.47
C LEU A 509 44.95 -33.61 -3.76
N SER A 510 44.97 -34.27 -2.60
CA SER A 510 43.80 -34.42 -1.74
C SER A 510 43.39 -33.09 -1.08
N ALA A 511 44.39 -32.36 -0.61
CA ALA A 511 44.19 -30.98 -0.15
C ALA A 511 43.48 -30.15 -1.23
N GLY A 512 43.96 -30.24 -2.48
CA GLY A 512 43.34 -29.55 -3.62
C GLY A 512 41.87 -29.91 -3.83
N MET A 513 41.56 -31.20 -3.70
CA MET A 513 40.17 -31.69 -3.83
C MET A 513 39.31 -31.30 -2.62
N GLY A 514 39.95 -30.93 -1.51
CA GLY A 514 39.25 -30.37 -0.35
C GLY A 514 39.27 -28.85 -0.30
N LEU A 515 39.51 -28.23 -1.46
CA LEU A 515 39.51 -26.77 -1.66
C LEU A 515 40.64 -26.05 -0.91
N ILE A 516 41.85 -26.57 -1.10
CA ILE A 516 43.09 -25.87 -0.79
C ILE A 516 43.84 -25.78 -2.14
N PRO A 517 43.36 -24.92 -3.06
CA PRO A 517 44.08 -24.77 -4.32
C PRO A 517 45.44 -24.12 -4.11
N PHE A 518 45.58 -23.29 -3.07
CA PHE A 518 46.86 -22.62 -2.82
C PHE A 518 47.51 -23.35 -1.65
N TRP A 519 48.41 -24.25 -2.05
CA TRP A 519 48.99 -25.24 -1.18
C TRP A 519 50.49 -25.35 -1.41
N THR A 520 51.17 -25.73 -0.33
CA THR A 520 52.51 -26.21 -0.42
C THR A 520 52.84 -27.14 0.74
N CYS A 521 54.03 -27.71 0.66
CA CYS A 521 54.60 -28.49 1.74
C CYS A 521 55.93 -27.84 2.09
N ASP A 522 56.52 -28.23 3.21
CA ASP A 522 57.85 -27.79 3.60
C ASP A 522 58.84 -28.50 2.69
N ILE A 523 59.42 -27.77 1.75
CA ILE A 523 60.43 -28.33 0.85
C ILE A 523 61.71 -28.58 1.66
N SER A 524 62.20 -29.81 1.57
CA SER A 524 63.24 -30.41 2.44
C SER A 524 62.63 -31.10 3.66
N GLY A 525 61.31 -30.99 3.82
CA GLY A 525 60.61 -31.35 5.04
C GLY A 525 60.93 -30.43 6.20
N TYR A 526 60.13 -30.52 7.24
CA TYR A 526 60.43 -29.80 8.47
C TYR A 526 61.47 -30.52 9.30
N CYS A 527 61.35 -31.85 9.37
CA CYS A 527 62.06 -32.61 10.39
C CYS A 527 63.44 -33.08 9.98
N GLY A 528 64.30 -33.28 10.98
CA GLY A 528 65.59 -33.96 10.83
C GLY A 528 66.77 -33.00 10.69
N ASP A 529 67.74 -33.11 11.59
CA ASP A 529 68.95 -32.31 11.50
C ASP A 529 69.74 -32.71 10.26
N ILE A 530 70.21 -31.72 9.52
CA ILE A 530 70.99 -31.93 8.33
C ILE A 530 72.44 -31.90 8.77
N LYS A 531 72.95 -33.07 9.14
CA LYS A 531 74.33 -33.23 9.60
C LYS A 531 75.31 -33.42 8.44
N ASP A 532 74.77 -33.72 7.26
CA ASP A 532 75.59 -33.97 6.08
C ASP A 532 74.87 -33.44 4.83
N TYR A 533 75.28 -32.26 4.39
CA TYR A 533 74.64 -31.57 3.26
C TYR A 533 74.88 -32.24 1.91
N ASP A 534 76.07 -32.81 1.71
CA ASP A 534 76.36 -33.62 0.51
C ASP A 534 75.40 -34.81 0.41
N ALA A 535 75.22 -35.52 1.52
CA ALA A 535 74.33 -36.69 1.55
C ALA A 535 72.85 -36.31 1.35
N MET A 536 72.47 -35.13 1.84
CA MET A 536 71.10 -34.61 1.71
C MET A 536 70.80 -34.02 0.32
N ALA A 537 71.82 -33.69 -0.45
CA ALA A 537 71.66 -32.97 -1.72
C ALA A 537 70.60 -33.61 -2.65
N GLU A 538 70.61 -34.92 -2.78
CA GLU A 538 69.73 -35.61 -3.73
C GLU A 538 68.28 -35.45 -3.29
N LEU A 539 68.03 -35.74 -2.01
CA LEU A 539 66.67 -35.63 -1.45
C LEU A 539 66.16 -34.19 -1.55
N TYR A 540 67.00 -33.21 -1.21
CA TYR A 540 66.62 -31.81 -1.34
C TYR A 540 66.24 -31.45 -2.76
N VAL A 541 67.11 -31.81 -3.73
CA VAL A 541 66.86 -31.49 -5.13
C VAL A 541 65.51 -32.06 -5.60
N ARG A 542 65.22 -33.31 -5.27
CA ARG A 542 63.99 -33.94 -5.69
C ARG A 542 62.79 -33.32 -4.98
N TRP A 543 62.95 -33.00 -3.70
CA TRP A 543 61.87 -32.37 -2.92
C TRP A 543 61.49 -31.00 -3.53
N LEU A 544 62.51 -30.25 -3.95
CA LEU A 544 62.35 -28.96 -4.60
C LEU A 544 61.77 -29.08 -6.02
N GLN A 545 62.18 -30.09 -6.79
CA GLN A 545 61.64 -30.30 -8.14
C GLN A 545 60.13 -30.56 -8.08
N PHE A 546 59.70 -31.37 -7.11
CA PHE A 546 58.27 -31.51 -6.79
C PHE A 546 57.71 -30.18 -6.29
N GLY A 547 58.41 -29.58 -5.33
CA GLY A 547 57.98 -28.40 -4.63
C GLY A 547 57.66 -27.18 -5.49
N VAL A 548 58.43 -26.97 -6.56
CA VAL A 548 58.21 -25.81 -7.43
C VAL A 548 56.95 -25.94 -8.27
N PHE A 549 56.36 -27.15 -8.30
CA PHE A 549 55.03 -27.32 -8.88
C PHE A 549 53.90 -27.33 -7.84
N THR A 550 54.17 -26.90 -6.60
CA THR A 550 53.13 -26.59 -5.63
C THR A 550 52.92 -25.08 -5.73
N PRO A 551 51.67 -24.60 -5.64
CA PRO A 551 51.51 -23.13 -5.85
C PRO A 551 52.26 -22.20 -4.89
N LEU A 552 52.38 -22.57 -3.61
CA LEU A 552 53.03 -21.70 -2.60
C LEU A 552 54.42 -22.19 -2.18
N SER A 553 55.10 -22.84 -3.12
CA SER A 553 56.40 -23.44 -2.91
C SER A 553 57.27 -22.72 -1.88
N ARG A 554 57.47 -23.38 -0.74
CA ARG A 554 58.25 -22.83 0.38
C ARG A 554 59.24 -23.85 0.93
N ALA A 555 60.53 -23.53 0.83
CA ALA A 555 61.56 -24.26 1.55
C ALA A 555 61.56 -23.81 3.02
N HIS A 556 61.69 -24.78 3.91
CA HIS A 556 61.67 -24.53 5.35
C HIS A 556 62.29 -25.76 6.03
N HIS A 557 62.75 -25.58 7.26
CA HIS A 557 63.25 -26.69 8.06
C HIS A 557 63.30 -26.27 9.53
N GLU A 558 63.31 -27.25 10.41
CA GLU A 558 63.35 -26.98 11.85
C GLU A 558 64.62 -26.23 12.24
N GLY A 559 64.47 -25.33 13.20
CA GLY A 559 65.62 -24.71 13.89
C GLY A 559 66.63 -24.00 13.02
N GLY A 560 67.91 -24.30 13.26
CA GLY A 560 69.00 -23.76 12.47
C GLY A 560 69.42 -24.52 11.23
N ASN A 561 68.60 -25.44 10.76
CA ASN A 561 68.96 -26.29 9.62
C ASN A 561 68.68 -25.51 8.33
N ALA A 562 69.70 -24.81 7.87
CA ALA A 562 69.59 -23.98 6.66
C ALA A 562 69.25 -24.84 5.45
N VAL A 563 68.26 -24.42 4.67
CA VAL A 563 67.82 -25.17 3.48
C VAL A 563 67.53 -24.25 2.30
N GLU A 564 68.31 -23.18 2.19
CA GLU A 564 68.26 -22.32 1.03
C GLU A 564 68.91 -23.13 -0.10
N PRO A 565 68.56 -22.85 -1.37
CA PRO A 565 68.95 -23.75 -2.47
C PRO A 565 70.42 -23.83 -2.85
N TRP A 566 71.26 -23.00 -2.25
CA TRP A 566 72.72 -23.06 -2.47
C TRP A 566 73.46 -23.83 -1.38
N LYS A 567 72.75 -24.41 -0.41
CA LYS A 567 73.39 -25.05 0.75
C LYS A 567 73.89 -26.47 0.48
N PHE A 568 73.57 -27.02 -0.69
CA PHE A 568 73.83 -28.43 -0.97
C PHE A 568 74.85 -28.66 -2.07
N GLY A 569 75.69 -27.65 -2.29
CA GLY A 569 76.74 -27.71 -3.31
C GLY A 569 76.26 -27.18 -4.66
N THR A 570 77.24 -27.05 -5.55
CA THR A 570 77.10 -26.34 -6.80
C THR A 570 76.18 -27.04 -7.80
N GLU A 571 76.25 -28.37 -7.85
CA GLU A 571 75.39 -29.15 -8.73
C GLU A 571 73.93 -28.93 -8.31
N ALA A 572 73.65 -29.14 -7.02
CA ALA A 572 72.29 -28.97 -6.49
C ALA A 572 71.79 -27.53 -6.64
N GLU A 573 72.69 -26.56 -6.44
CA GLU A 573 72.33 -25.15 -6.65
C GLU A 573 71.91 -24.85 -8.12
N ASN A 574 72.66 -25.36 -9.09
CA ASN A 574 72.35 -25.10 -10.50
C ASN A 574 71.06 -25.77 -10.94
N ILE A 575 70.81 -26.98 -10.46
CA ILE A 575 69.58 -27.69 -10.76
C ILE A 575 68.40 -26.95 -10.11
N SER A 576 68.56 -26.59 -8.83
CA SER A 576 67.51 -25.92 -8.08
C SER A 576 67.17 -24.54 -8.67
N ARG A 577 68.18 -23.76 -9.07
CA ARG A 577 67.92 -22.52 -9.79
C ARG A 577 67.03 -22.79 -11.00
N LYS A 578 67.34 -23.82 -11.80
CA LYS A 578 66.56 -24.12 -13.00
C LYS A 578 65.13 -24.55 -12.67
N SER A 579 64.97 -25.39 -11.65
CA SER A 579 63.65 -25.80 -11.13
C SER A 579 62.81 -24.57 -10.83
N ILE A 580 63.38 -23.64 -10.07
CA ILE A 580 62.69 -22.42 -9.67
C ILE A 580 62.43 -21.50 -10.88
N GLU A 581 63.44 -21.36 -11.74
CA GLU A 581 63.28 -20.60 -12.98
C GLU A 581 62.13 -21.12 -13.84
N LEU A 582 61.92 -22.43 -13.86
CA LEU A 582 60.82 -23.04 -14.64
C LEU A 582 59.44 -22.59 -14.14
N LYS A 583 59.29 -22.55 -12.81
CA LYS A 583 58.05 -22.07 -12.21
C LYS A 583 57.78 -20.59 -12.57
N TYR A 584 58.80 -19.77 -12.42
CA TYR A 584 58.72 -18.36 -12.79
C TYR A 584 58.38 -18.13 -14.28
N LYS A 585 58.99 -18.89 -15.19
CA LYS A 585 58.65 -18.80 -16.61
C LYS A 585 57.14 -19.12 -16.83
N LEU A 586 56.64 -20.12 -16.10
CA LEU A 586 55.25 -20.55 -16.18
C LEU A 586 54.24 -19.69 -15.41
N PHE A 587 54.67 -18.61 -14.78
CA PHE A 587 53.77 -17.75 -14.02
C PHE A 587 52.44 -17.36 -14.73
N PRO A 588 52.49 -16.88 -15.99
CA PRO A 588 51.22 -16.51 -16.62
C PRO A 588 50.26 -17.68 -16.82
N TYR A 589 50.82 -18.87 -17.02
CA TYR A 589 50.06 -20.13 -17.05
C TYR A 589 49.50 -20.49 -15.67
N LEU A 590 50.36 -20.50 -14.65
CA LEU A 590 49.93 -20.83 -13.27
C LEU A 590 48.89 -19.84 -12.76
N TYR A 591 49.12 -18.55 -13.01
CA TYR A 591 48.21 -17.52 -12.57
C TYR A 591 46.81 -17.63 -13.22
N THR A 592 46.76 -18.03 -14.49
CA THR A 592 45.50 -18.32 -15.13
C THR A 592 44.75 -19.43 -14.39
N TYR A 593 45.46 -20.48 -14.00
CA TYR A 593 44.86 -21.54 -13.21
C TYR A 593 44.52 -21.16 -11.75
N ALA A 594 45.25 -20.19 -11.18
CA ALA A 594 44.87 -19.63 -9.90
C ALA A 594 43.49 -18.96 -10.00
N ARG A 595 43.24 -18.24 -11.09
CA ARG A 595 41.93 -17.64 -11.34
C ARG A 595 40.86 -18.72 -11.52
N GLU A 596 41.20 -19.77 -12.26
CA GLU A 596 40.28 -20.90 -12.43
C GLU A 596 39.91 -21.55 -11.10
N ALA A 597 40.84 -21.57 -10.14
CA ALA A 597 40.54 -22.09 -8.81
C ALA A 597 39.42 -21.27 -8.16
N HIS A 598 39.55 -19.95 -8.28
CA HIS A 598 38.54 -19.03 -7.80
C HIS A 598 37.18 -19.21 -8.48
N ASP A 599 37.16 -19.41 -9.79
CA ASP A 599 35.90 -19.50 -10.54
C ASP A 599 35.19 -20.85 -10.42
N THR A 600 35.97 -21.92 -10.39
CA THR A 600 35.45 -23.29 -10.45
C THR A 600 35.73 -24.15 -9.22
N GLY A 601 36.65 -23.73 -8.38
CA GLY A 601 37.13 -24.57 -7.26
C GLY A 601 38.19 -25.61 -7.59
N LEU A 602 38.51 -25.81 -8.87
CA LEU A 602 39.51 -26.82 -9.24
C LEU A 602 40.90 -26.40 -8.76
N PRO A 603 41.65 -27.33 -8.14
CA PRO A 603 43.00 -26.95 -7.72
C PRO A 603 43.92 -26.81 -8.92
N ILE A 604 45.06 -26.16 -8.72
CA ILE A 604 46.10 -26.08 -9.74
C ILE A 604 46.73 -27.48 -9.88
N MET A 605 47.07 -28.08 -8.75
CA MET A 605 47.55 -29.47 -8.71
C MET A 605 46.34 -30.41 -8.84
N ARG A 606 46.23 -31.10 -9.96
CA ARG A 606 45.07 -31.93 -10.25
C ARG A 606 45.45 -33.39 -10.35
N ALA A 607 44.88 -34.21 -9.47
CA ALA A 607 44.84 -35.66 -9.68
C ALA A 607 44.30 -35.89 -11.09
N LEU A 608 44.91 -36.83 -11.84
CA LEU A 608 44.51 -37.06 -13.23
C LEU A 608 43.02 -37.44 -13.34
N LEU A 609 42.49 -38.10 -12.31
CA LEU A 609 41.07 -38.45 -12.26
C LEU A 609 40.10 -37.26 -12.47
N LEU A 610 40.53 -36.05 -12.05
CA LEU A 610 39.70 -34.86 -12.20
C LEU A 610 39.51 -34.49 -13.67
N GLU A 611 40.51 -34.79 -14.50
CA GLU A 611 40.46 -34.52 -15.93
C GLU A 611 40.12 -35.71 -16.78
N TYR A 612 40.37 -36.92 -16.27
CA TYR A 612 40.15 -38.16 -17.01
C TYR A 612 39.31 -39.11 -16.17
N PRO A 613 38.07 -38.70 -15.84
CA PRO A 613 37.24 -39.49 -14.93
C PRO A 613 36.83 -40.89 -15.43
N ASN A 614 36.79 -41.07 -16.75
CA ASN A 614 36.49 -42.38 -17.36
C ASN A 614 37.67 -43.37 -17.29
N ASP A 615 38.88 -42.86 -17.08
CA ASP A 615 40.08 -43.69 -17.05
C ASP A 615 40.39 -44.16 -15.61
N LYS A 616 39.96 -45.38 -15.30
CA LYS A 616 40.11 -45.97 -13.96
C LYS A 616 41.56 -46.19 -13.52
N GLU A 617 42.50 -46.23 -14.46
CA GLU A 617 43.91 -46.28 -14.14
C GLU A 617 44.35 -45.06 -13.32
N THR A 618 43.69 -43.92 -13.51
CA THR A 618 44.07 -42.69 -12.79
C THR A 618 43.82 -42.74 -11.27
N PHE A 619 42.97 -43.65 -10.81
CA PHE A 619 42.70 -43.82 -9.38
C PHE A 619 43.93 -44.28 -8.58
N LYS A 620 44.88 -44.92 -9.29
CA LYS A 620 46.10 -45.49 -8.71
C LYS A 620 47.30 -44.55 -8.66
N LEU A 621 47.18 -43.38 -9.29
CA LEU A 621 48.35 -42.54 -9.62
C LEU A 621 48.69 -41.64 -8.45
N ASN A 622 49.67 -42.06 -7.65
CA ASN A 622 50.16 -41.27 -6.52
C ASN A 622 51.52 -40.63 -6.78
N GLY A 623 52.09 -40.86 -7.98
CA GLY A 623 53.45 -40.40 -8.27
C GLY A 623 53.51 -39.30 -9.31
N GLN A 624 52.35 -38.74 -9.66
CA GLN A 624 52.24 -37.78 -10.74
C GLN A 624 50.93 -37.02 -10.64
N PHE A 625 50.85 -35.92 -11.36
CA PHE A 625 49.69 -35.06 -11.35
C PHE A 625 49.71 -34.10 -12.52
N LEU A 626 48.58 -33.48 -12.81
CA LEU A 626 48.51 -32.41 -13.80
C LEU A 626 48.66 -31.09 -13.09
N VAL A 627 49.24 -30.12 -13.78
CA VAL A 627 49.29 -28.74 -13.32
C VAL A 627 48.47 -28.00 -14.35
N GLY A 628 47.26 -27.62 -13.97
CA GLY A 628 46.25 -27.18 -14.91
C GLY A 628 45.85 -28.39 -15.73
N LYS A 629 45.43 -28.15 -16.98
CA LYS A 629 45.05 -29.20 -17.90
C LYS A 629 46.17 -29.57 -18.84
N GLU A 630 47.05 -28.63 -19.19
CA GLU A 630 48.02 -28.80 -20.29
C GLU A 630 49.31 -29.51 -19.90
N LEU A 631 49.70 -29.44 -18.62
CA LEU A 631 50.98 -30.02 -18.17
C LEU A 631 50.80 -31.23 -17.26
N LEU A 632 51.54 -32.29 -17.55
CA LEU A 632 51.61 -33.47 -16.69
C LEU A 632 53.01 -33.48 -16.07
N VAL A 633 53.07 -33.46 -14.73
CA VAL A 633 54.31 -33.45 -13.97
C VAL A 633 54.42 -34.78 -13.22
N ALA A 634 55.57 -35.45 -13.37
CA ALA A 634 55.81 -36.75 -12.78
C ALA A 634 57.16 -36.70 -12.09
N PRO A 635 57.21 -36.12 -10.89
CA PRO A 635 58.49 -35.95 -10.19
C PRO A 635 59.10 -37.27 -9.73
N VAL A 636 60.42 -37.34 -9.79
CA VAL A 636 61.12 -38.51 -9.28
C VAL A 636 61.15 -38.36 -7.76
N VAL A 637 60.65 -39.37 -7.07
CA VAL A 637 60.53 -39.33 -5.60
C VAL A 637 61.05 -40.62 -4.97
N GLU A 638 61.93 -41.34 -5.68
CA GLU A 638 62.57 -42.56 -5.19
C GLU A 638 64.09 -42.35 -5.12
N GLN A 639 64.68 -42.73 -4.01
CA GLN A 639 66.13 -42.58 -3.79
C GLN A 639 66.95 -43.34 -4.85
N GLY A 640 67.89 -42.63 -5.47
CA GLY A 640 68.82 -43.22 -6.43
C GLY A 640 68.25 -43.37 -7.83
N ALA A 641 66.99 -43.01 -8.01
CA ALA A 641 66.31 -43.25 -9.28
C ALA A 641 66.80 -42.27 -10.32
N VAL A 642 67.06 -42.81 -11.50
CA VAL A 642 67.43 -42.01 -12.66
C VAL A 642 66.48 -42.25 -13.83
N THR A 643 65.33 -42.85 -13.53
CA THR A 643 64.23 -42.97 -14.49
C THR A 643 62.92 -42.74 -13.74
N LYS A 644 61.85 -42.60 -14.50
CA LYS A 644 60.52 -42.39 -13.95
C LYS A 644 59.51 -43.14 -14.81
N ASP A 645 58.68 -43.94 -14.16
CA ASP A 645 57.49 -44.54 -14.74
C ASP A 645 56.31 -43.52 -14.75
N VAL A 646 55.71 -43.33 -15.92
CA VAL A 646 54.70 -42.29 -16.14
C VAL A 646 53.49 -42.89 -16.87
N TYR A 647 52.30 -42.71 -16.30
CA TYR A 647 51.08 -43.04 -17.02
C TYR A 647 50.64 -41.81 -17.82
N LEU A 648 50.53 -41.99 -19.14
CA LEU A 648 49.97 -40.98 -20.01
C LEU A 648 48.49 -41.34 -20.25
N PRO A 649 47.56 -40.39 -19.97
CA PRO A 649 46.14 -40.60 -20.25
C PRO A 649 45.85 -40.24 -21.72
N GLU A 650 44.58 -40.23 -22.11
CA GLU A 650 44.14 -39.94 -23.48
C GLU A 650 44.85 -38.74 -24.08
N GLY A 651 45.15 -38.84 -25.38
CA GLY A 651 45.74 -37.76 -26.15
C GLY A 651 47.15 -38.13 -26.57
N GLU A 652 47.91 -37.13 -26.97
CA GLU A 652 49.32 -37.34 -27.30
C GLU A 652 50.10 -36.34 -26.48
N TRP A 653 51.30 -36.74 -26.07
CA TRP A 653 52.04 -36.03 -25.03
C TRP A 653 53.48 -35.82 -25.49
N ILE A 654 53.95 -34.59 -25.31
CA ILE A 654 55.26 -34.17 -25.77
C ILE A 654 56.12 -33.89 -24.54
N ASP A 655 57.37 -34.33 -24.57
CA ASP A 655 58.34 -34.00 -23.54
C ASP A 655 58.55 -32.48 -23.52
N PHE A 656 58.15 -31.84 -22.43
CA PHE A 656 58.23 -30.38 -22.29
C PHE A 656 59.69 -29.87 -22.10
N ASN A 657 60.62 -30.75 -21.71
CA ASN A 657 62.01 -30.35 -21.51
C ASN A 657 62.69 -30.14 -22.86
N ASN A 658 62.51 -31.08 -23.79
CA ASN A 658 63.06 -30.94 -25.16
C ASN A 658 62.05 -30.49 -26.25
N CYS A 659 60.75 -30.69 -26.02
CA CYS A 659 59.65 -30.33 -26.95
C CYS A 659 59.64 -31.07 -28.28
N LYS A 660 60.29 -32.23 -28.32
CA LYS A 660 60.51 -32.96 -29.57
C LYS A 660 60.07 -34.42 -29.50
N THR A 661 60.43 -35.14 -28.43
CA THR A 661 59.95 -36.51 -28.19
C THR A 661 58.42 -36.51 -28.03
N LYS A 662 57.71 -37.36 -28.78
CA LYS A 662 56.25 -37.48 -28.67
C LYS A 662 55.84 -38.88 -28.25
N TYR A 663 54.76 -38.98 -27.47
CA TYR A 663 54.22 -40.28 -27.05
C TYR A 663 52.71 -40.37 -27.27
N LYS A 664 52.25 -41.59 -27.56
CA LYS A 664 50.82 -41.90 -27.62
C LYS A 664 50.26 -42.01 -26.21
N GLY A 665 48.99 -41.63 -26.06
CA GLY A 665 48.28 -41.70 -24.80
C GLY A 665 47.83 -43.08 -24.42
N GLU A 666 47.29 -43.16 -23.21
CA GLU A 666 46.75 -44.39 -22.63
C GLU A 666 47.77 -45.53 -22.56
N GLN A 667 48.94 -45.20 -22.03
CA GLN A 667 49.98 -46.19 -21.78
C GLN A 667 50.95 -45.73 -20.68
N TRP A 668 51.54 -46.73 -20.03
CA TRP A 668 52.70 -46.55 -19.20
C TRP A 668 53.96 -46.47 -20.04
N ILE A 669 54.83 -45.53 -19.70
CA ILE A 669 56.17 -45.42 -20.29
C ILE A 669 57.17 -45.27 -19.16
N THR A 670 58.43 -45.52 -19.49
CA THR A 670 59.55 -45.25 -18.60
C THR A 670 60.46 -44.26 -19.31
N VAL A 671 60.75 -43.13 -18.67
CA VAL A 671 61.60 -42.08 -19.24
C VAL A 671 62.88 -41.94 -18.43
N ASP A 672 63.91 -41.41 -19.08
CA ASP A 672 65.16 -41.08 -18.41
C ASP A 672 64.89 -39.84 -17.55
N ALA A 673 65.37 -39.88 -16.33
CA ALA A 673 65.11 -38.83 -15.35
C ALA A 673 66.28 -38.71 -14.40
N PRO A 674 67.45 -38.26 -14.91
CA PRO A 674 68.60 -38.04 -14.03
C PRO A 674 68.32 -36.94 -13.00
N LEU A 675 69.26 -36.72 -12.07
CA LEU A 675 69.06 -35.74 -10.98
C LEU A 675 68.70 -34.33 -11.44
N ASN A 676 69.25 -33.90 -12.58
CA ASN A 676 68.95 -32.56 -13.13
C ASN A 676 67.60 -32.44 -13.89
N THR A 677 66.77 -33.47 -13.86
CA THR A 677 65.58 -33.54 -14.72
C THR A 677 64.29 -33.75 -13.94
N ILE A 678 63.28 -32.95 -14.27
CA ILE A 678 61.88 -33.18 -13.87
C ILE A 678 61.09 -33.65 -15.08
N PRO A 679 60.55 -34.89 -15.05
CA PRO A 679 59.69 -35.32 -16.16
C PRO A 679 58.41 -34.46 -16.23
N VAL A 680 58.36 -33.61 -17.26
CA VAL A 680 57.20 -32.77 -17.53
C VAL A 680 56.78 -33.01 -18.97
N PHE A 681 55.48 -33.18 -19.17
CA PHE A 681 54.89 -33.43 -20.48
C PHE A 681 53.82 -32.41 -20.77
N VAL A 682 53.71 -32.01 -22.03
CA VAL A 682 52.72 -31.04 -22.48
C VAL A 682 51.79 -31.78 -23.45
N LYS A 683 50.50 -31.61 -23.26
CA LYS A 683 49.51 -32.27 -24.10
C LYS A 683 49.50 -31.67 -25.49
N LYS A 684 49.49 -32.52 -26.50
CA LYS A 684 49.41 -32.05 -27.89
C LYS A 684 48.12 -31.27 -28.07
N GLY A 685 48.26 -30.09 -28.67
CA GLY A 685 47.17 -29.11 -28.75
C GLY A 685 47.35 -27.89 -27.83
N SER A 686 48.14 -28.06 -26.77
CA SER A 686 48.28 -27.04 -25.73
C SER A 686 48.89 -25.74 -26.25
N ILE A 687 48.45 -24.65 -25.65
CA ILE A 687 49.08 -23.34 -25.76
C ILE A 687 49.48 -22.89 -24.36
N ILE A 688 50.76 -22.62 -24.15
CA ILE A 688 51.31 -22.31 -22.81
C ILE A 688 51.88 -20.90 -22.79
N PRO A 689 51.23 -19.97 -22.06
CA PRO A 689 51.82 -18.63 -21.91
C PRO A 689 53.02 -18.69 -20.98
N GLN A 690 54.06 -17.93 -21.29
CA GLN A 690 55.26 -17.85 -20.46
C GLN A 690 55.84 -16.45 -20.45
N MET A 691 56.56 -16.14 -19.37
CA MET A 691 57.22 -14.85 -19.21
C MET A 691 58.73 -15.08 -19.13
N PRO A 692 59.53 -14.03 -19.36
CA PRO A 692 60.98 -14.19 -19.18
C PRO A 692 61.38 -14.45 -17.74
N VAL A 693 62.60 -14.98 -17.57
CA VAL A 693 63.19 -15.18 -16.26
C VAL A 693 63.25 -13.84 -15.54
N MET A 694 62.87 -13.86 -14.27
CA MET A 694 62.98 -12.71 -13.36
C MET A 694 63.31 -13.25 -11.99
N GLN A 695 63.82 -12.38 -11.13
CA GLN A 695 64.21 -12.75 -9.76
C GLN A 695 63.05 -12.67 -8.76
N TYR A 696 62.00 -11.94 -9.14
CA TYR A 696 60.73 -11.89 -8.40
C TYR A 696 59.62 -11.47 -9.34
N ILE A 697 58.39 -11.80 -8.96
CA ILE A 697 57.21 -11.51 -9.78
C ILE A 697 57.09 -10.00 -9.87
N ASP A 698 56.96 -9.49 -11.09
CA ASP A 698 56.90 -8.05 -11.33
C ASP A 698 58.23 -7.29 -11.19
N GLU A 699 59.38 -7.97 -11.26
CA GLU A 699 60.69 -7.28 -11.39
C GLU A 699 60.63 -6.40 -12.64
N LYS A 700 60.21 -7.00 -13.75
CA LYS A 700 59.81 -6.26 -14.94
C LYS A 700 58.30 -6.07 -14.83
N LYS A 701 57.87 -4.82 -14.77
CA LYS A 701 56.45 -4.47 -14.62
C LYS A 701 55.67 -4.81 -15.89
N VAL A 702 56.38 -4.83 -17.02
CA VAL A 702 55.85 -5.14 -18.35
C VAL A 702 56.84 -6.07 -19.03
N TYR A 703 56.34 -7.07 -19.74
CA TYR A 703 57.23 -8.01 -20.41
C TYR A 703 56.57 -8.62 -21.62
N PRO A 704 57.38 -9.06 -22.60
CA PRO A 704 56.81 -9.80 -23.71
C PRO A 704 56.29 -11.16 -23.25
N VAL A 705 55.11 -11.55 -23.73
CA VAL A 705 54.54 -12.83 -23.37
C VAL A 705 54.75 -13.78 -24.54
N THR A 706 55.27 -14.96 -24.23
CA THR A 706 55.49 -16.01 -25.21
C THR A 706 54.33 -16.99 -25.09
N PHE A 707 53.85 -17.48 -26.22
CA PHE A 707 52.85 -18.53 -26.27
C PHE A 707 53.42 -19.75 -27.01
N ASP A 708 53.78 -20.78 -26.24
CA ASP A 708 54.30 -22.01 -26.81
C ASP A 708 53.16 -22.88 -27.26
N ILE A 709 53.01 -23.03 -28.57
CA ILE A 709 51.88 -23.68 -29.19
C ILE A 709 52.35 -25.01 -29.78
N PHE A 710 51.66 -26.09 -29.40
CA PHE A 710 51.91 -27.45 -29.88
C PHE A 710 50.66 -27.90 -30.63
N PRO A 711 50.58 -27.61 -31.95
CA PRO A 711 49.36 -27.85 -32.72
C PRO A 711 48.74 -29.23 -32.53
N GLY A 712 47.43 -29.25 -32.30
CA GLY A 712 46.68 -30.48 -32.20
C GLY A 712 46.49 -31.13 -33.57
N ASN A 713 45.88 -32.31 -33.57
CA ASN A 713 45.61 -33.08 -34.80
C ASN A 713 44.84 -32.27 -35.85
N LEU A 714 44.88 -32.79 -37.07
CA LEU A 714 44.22 -32.17 -38.23
C LEU A 714 42.76 -31.79 -37.91
N ASN A 715 42.45 -30.51 -38.09
CA ASN A 715 41.11 -29.92 -37.86
C ASN A 715 40.55 -29.97 -36.43
N LYS A 716 41.41 -30.21 -35.42
CA LYS A 716 40.97 -30.12 -34.03
C LYS A 716 41.37 -28.75 -33.47
N GLU A 717 40.36 -27.96 -33.10
CA GLU A 717 40.60 -26.63 -32.55
C GLU A 717 40.97 -26.74 -31.07
N THR A 718 41.97 -25.96 -30.67
CA THR A 718 42.39 -25.86 -29.26
C THR A 718 42.70 -24.42 -28.95
N SER A 719 42.74 -24.11 -27.65
CA SER A 719 42.90 -22.74 -27.17
C SER A 719 43.43 -22.64 -25.73
N PHE A 720 43.90 -21.45 -25.39
CA PHE A 720 44.20 -21.06 -24.02
C PHE A 720 43.74 -19.61 -23.81
N THR A 721 43.04 -19.38 -22.70
CA THR A 721 42.56 -18.06 -22.34
C THR A 721 43.44 -17.49 -21.23
N PHE A 722 44.33 -16.60 -21.66
CA PHE A 722 45.34 -15.96 -20.82
C PHE A 722 44.67 -14.90 -19.97
N TYR A 723 44.61 -15.15 -18.66
CA TYR A 723 43.98 -14.23 -17.69
C TYR A 723 44.97 -13.28 -17.02
N GLU A 724 44.60 -12.00 -16.94
CA GLU A 724 45.36 -10.99 -16.24
C GLU A 724 44.48 -10.10 -15.35
N ASP A 725 45.06 -9.68 -14.25
CA ASP A 725 44.45 -8.70 -13.37
C ASP A 725 45.54 -7.96 -12.58
N ASP A 726 45.15 -7.15 -11.60
CA ASP A 726 46.13 -6.29 -10.95
C ASP A 726 47.02 -7.03 -9.92
N GLY A 727 46.64 -8.24 -9.55
CA GLY A 727 47.49 -9.10 -8.72
C GLY A 727 47.53 -8.76 -7.22
N GLU A 728 46.89 -7.67 -6.80
CA GLU A 728 47.04 -7.15 -5.44
C GLU A 728 45.72 -6.85 -4.73
N SER A 729 44.72 -6.36 -5.48
CA SER A 729 43.48 -5.87 -4.92
C SER A 729 42.41 -6.97 -4.96
N ARG A 730 41.28 -6.68 -4.32
CA ARG A 730 40.10 -7.53 -4.36
C ARG A 730 39.18 -7.23 -5.57
N ASP A 731 39.60 -6.36 -6.49
CA ASP A 731 38.78 -6.05 -7.68
C ASP A 731 38.44 -7.30 -8.48
N TYR A 732 39.37 -8.26 -8.52
CA TYR A 732 39.11 -9.53 -9.23
C TYR A 732 37.82 -10.23 -8.76
N GLU A 733 37.44 -10.05 -7.49
CA GLU A 733 36.23 -10.68 -6.93
C GLU A 733 34.96 -10.11 -7.52
N ARG A 734 35.02 -8.87 -7.99
CA ARG A 734 33.97 -8.24 -8.80
C ARG A 734 34.23 -8.36 -10.33
N ASP A 735 35.03 -9.35 -10.72
CA ASP A 735 35.32 -9.65 -12.12
C ASP A 735 35.92 -8.48 -12.89
N VAL A 736 36.92 -7.84 -12.27
CA VAL A 736 37.71 -6.80 -12.88
C VAL A 736 39.04 -7.43 -13.32
N PHE A 737 39.18 -7.60 -14.63
CA PHE A 737 40.27 -8.35 -15.21
C PHE A 737 40.31 -8.14 -16.72
N CYS A 738 41.27 -8.77 -17.38
CA CYS A 738 41.20 -8.98 -18.82
C CYS A 738 41.67 -10.37 -19.20
N LYS A 739 41.31 -10.76 -20.42
CA LYS A 739 41.57 -12.08 -20.94
C LYS A 739 41.91 -11.95 -22.41
N THR A 740 42.82 -12.80 -22.88
CA THR A 740 43.19 -12.87 -24.28
C THR A 740 43.22 -14.34 -24.66
N LYS A 741 42.31 -14.72 -25.56
CA LYS A 741 42.19 -16.11 -25.99
C LYS A 741 43.08 -16.32 -27.19
N ILE A 742 43.92 -17.36 -27.12
CA ILE A 742 44.77 -17.77 -28.23
C ILE A 742 44.21 -19.08 -28.72
N THR A 743 43.98 -19.17 -30.03
CA THR A 743 43.36 -20.34 -30.66
C THR A 743 44.32 -20.92 -31.72
N SER A 744 44.37 -22.25 -31.80
CA SER A 744 45.18 -22.98 -32.78
C SER A 744 44.30 -24.00 -33.49
N LYS A 745 44.43 -24.09 -34.81
CA LYS A 745 43.65 -25.04 -35.61
C LYS A 745 44.43 -25.35 -36.86
N ALA A 746 44.78 -26.62 -37.05
CA ALA A 746 45.55 -27.07 -38.20
C ALA A 746 44.60 -27.52 -39.31
N SER A 747 44.90 -27.11 -40.55
CA SER A 747 44.21 -27.57 -41.77
C SER A 747 45.16 -28.46 -42.58
N ASN A 748 44.75 -28.85 -43.78
CA ASN A 748 45.65 -29.48 -44.75
C ASN A 748 46.77 -28.50 -45.12
N GLU A 749 48.01 -28.86 -44.78
CA GLU A 749 49.21 -28.04 -45.00
C GLU A 749 49.07 -26.54 -44.62
N GLU A 750 48.50 -26.29 -43.45
CA GLU A 750 48.25 -24.92 -42.96
C GLU A 750 47.96 -24.91 -41.45
N ILE A 751 48.43 -23.87 -40.75
CA ILE A 751 48.14 -23.67 -39.32
C ILE A 751 47.58 -22.27 -39.06
N LYS A 752 46.37 -22.21 -38.52
CA LYS A 752 45.70 -20.95 -38.18
C LYS A 752 45.86 -20.66 -36.69
N ILE A 753 46.60 -19.60 -36.36
CA ILE A 753 46.73 -19.13 -34.99
C ILE A 753 46.01 -17.80 -34.83
N THR A 754 44.97 -17.78 -33.99
CA THR A 754 44.18 -16.57 -33.75
C THR A 754 44.51 -15.98 -32.39
N VAL A 755 44.88 -14.70 -32.38
CA VAL A 755 45.01 -13.91 -31.17
C VAL A 755 43.68 -13.15 -31.04
N GLY A 756 42.87 -13.55 -30.07
CA GLY A 756 41.52 -13.02 -29.92
C GLY A 756 41.57 -11.59 -29.47
N GLU A 757 40.52 -10.83 -29.82
CA GLU A 757 40.38 -9.47 -29.33
C GLU A 757 40.35 -9.53 -27.81
N ARG A 758 41.08 -8.62 -27.16
CA ARG A 758 41.17 -8.63 -25.72
C ARG A 758 39.79 -8.43 -25.10
N GLU A 759 39.38 -9.39 -24.28
CA GLU A 759 38.21 -9.23 -23.44
C GLU A 759 38.59 -8.30 -22.29
N TYR A 760 38.12 -7.05 -22.40
CA TYR A 760 38.39 -6.01 -21.44
C TYR A 760 37.25 -5.90 -20.41
N LYS A 761 37.54 -6.18 -19.14
CA LYS A 761 36.57 -5.97 -18.05
C LYS A 761 37.16 -5.11 -16.94
N GLY A 762 37.72 -3.96 -17.32
CA GLY A 762 38.10 -2.93 -16.36
C GLY A 762 39.53 -2.94 -15.83
N TYR A 763 40.35 -3.89 -16.32
CA TYR A 763 41.79 -3.93 -16.05
C TYR A 763 42.52 -3.95 -17.39
N SER A 764 43.45 -3.03 -17.56
CA SER A 764 44.29 -2.96 -18.76
C SER A 764 45.59 -3.63 -18.40
N PRO A 765 46.10 -4.49 -19.30
CA PRO A 765 47.35 -5.17 -18.98
C PRO A 765 48.54 -4.22 -19.02
N ALA A 766 49.68 -4.72 -18.57
CA ALA A 766 50.94 -4.02 -18.70
C ALA A 766 51.20 -3.81 -20.19
N GLY A 767 51.55 -2.57 -20.56
CA GLY A 767 51.86 -2.24 -21.94
C GLY A 767 52.69 -0.98 -22.04
N PRO A 768 53.21 -0.68 -23.24
CA PRO A 768 53.09 -1.55 -24.42
C PRO A 768 54.01 -2.77 -24.33
N ARG A 769 53.66 -3.83 -25.05
CA ARG A 769 54.43 -5.08 -25.10
C ARG A 769 54.15 -5.85 -26.39
N ASN A 770 55.02 -6.81 -26.67
CA ASN A 770 54.90 -7.72 -27.80
C ASN A 770 54.50 -9.11 -27.34
N PHE A 771 53.83 -9.85 -28.22
CA PHE A 771 53.61 -11.27 -28.05
C PHE A 771 54.52 -11.98 -29.02
N ILE A 772 54.99 -13.16 -28.64
CA ILE A 772 55.75 -14.02 -29.54
C ILE A 772 55.06 -15.36 -29.56
N LEU A 773 54.42 -15.67 -30.68
CA LEU A 773 53.79 -16.97 -30.87
C LEU A 773 54.90 -17.93 -31.28
N LYS A 774 55.09 -19.00 -30.51
CA LYS A 774 56.12 -20.01 -30.79
C LYS A 774 55.43 -21.32 -31.13
N ILE A 775 55.34 -21.61 -32.44
CA ILE A 775 54.66 -22.78 -32.95
C ILE A 775 55.68 -23.89 -33.19
N HIS A 776 55.53 -24.98 -32.44
CA HIS A 776 56.42 -26.13 -32.56
C HIS A 776 55.99 -26.93 -33.79
N ALA A 777 56.91 -27.05 -34.74
CA ALA A 777 56.64 -27.66 -36.04
C ALA A 777 57.90 -28.33 -36.53
N SER A 778 57.75 -29.40 -37.31
CA SER A 778 58.88 -30.24 -37.75
C SER A 778 59.71 -29.67 -38.92
N ASN A 779 59.11 -28.83 -39.77
CA ASN A 779 59.81 -28.20 -40.91
C ASN A 779 59.50 -26.71 -41.00
N LYS A 780 60.44 -25.94 -41.53
CA LYS A 780 60.23 -24.52 -41.78
C LYS A 780 59.06 -24.36 -42.76
N PRO A 781 58.08 -23.48 -42.45
CA PRO A 781 56.97 -23.25 -43.38
C PRO A 781 57.39 -22.40 -44.59
N LYS A 782 56.56 -22.36 -45.62
CA LYS A 782 56.85 -21.56 -46.82
C LYS A 782 56.70 -20.07 -46.53
N ASP A 783 55.56 -19.68 -45.96
CA ASP A 783 55.23 -18.29 -45.64
C ASP A 783 54.32 -18.21 -44.40
N VAL A 784 54.29 -17.03 -43.79
CA VAL A 784 53.34 -16.74 -42.70
C VAL A 784 52.62 -15.42 -43.00
N PHE A 785 51.28 -15.44 -42.90
CA PHE A 785 50.43 -14.26 -43.14
C PHE A 785 49.80 -13.77 -41.83
N ALA A 786 49.61 -12.45 -41.72
CA ALA A 786 48.86 -11.83 -40.63
C ALA A 786 47.63 -11.16 -41.23
N GLY A 787 46.51 -11.89 -41.22
CA GLY A 787 45.31 -11.49 -41.93
C GLY A 787 45.51 -11.75 -43.40
N GLY A 788 45.32 -10.72 -44.22
CA GLY A 788 45.58 -10.80 -45.65
C GLY A 788 47.06 -10.81 -45.99
N GLU A 789 47.84 -9.96 -45.30
CA GLU A 789 49.20 -9.63 -45.72
C GLU A 789 50.29 -10.64 -45.33
N LYS A 790 51.25 -10.84 -46.23
CA LYS A 790 52.42 -11.69 -46.01
C LYS A 790 53.39 -11.02 -45.05
N LEU A 791 54.01 -11.81 -44.17
CA LEU A 791 54.98 -11.28 -43.21
C LEU A 791 56.41 -11.55 -43.64
N LYS A 792 57.28 -10.62 -43.29
CA LYS A 792 58.70 -10.69 -43.59
C LYS A 792 59.36 -11.77 -42.72
N ASN A 793 60.13 -12.67 -43.35
CA ASN A 793 60.94 -13.65 -42.64
C ASN A 793 62.29 -13.00 -42.30
N VAL A 794 62.69 -13.07 -41.03
CA VAL A 794 63.95 -12.47 -40.56
C VAL A 794 64.74 -13.48 -39.72
N LYS A 795 65.95 -13.11 -39.33
CA LYS A 795 66.79 -13.94 -38.46
C LYS A 795 66.20 -13.98 -37.04
N PRO A 796 66.36 -15.10 -36.31
CA PRO A 796 66.04 -15.14 -34.88
C PRO A 796 66.55 -13.92 -34.08
N HIS A 797 67.77 -13.47 -34.35
CA HIS A 797 68.35 -12.27 -33.72
C HIS A 797 67.60 -10.97 -34.07
N VAL A 798 67.10 -10.87 -35.30
CA VAL A 798 66.32 -9.69 -35.75
C VAL A 798 64.95 -9.64 -35.06
N LEU A 799 64.27 -10.79 -34.98
CA LEU A 799 63.00 -10.90 -34.24
C LEU A 799 63.17 -10.55 -32.75
N GLU A 800 64.27 -10.99 -32.15
CA GLU A 800 64.57 -10.69 -30.74
C GLU A 800 65.01 -9.23 -30.46
N LYS A 801 65.33 -8.47 -31.51
CA LYS A 801 65.88 -7.13 -31.38
C LYS A 801 64.83 -6.14 -30.89
N ASN A 802 65.13 -5.45 -29.78
CA ASN A 802 64.23 -4.45 -29.20
C ASN A 802 62.84 -5.01 -28.93
N ILE A 803 62.80 -6.22 -28.38
CA ILE A 803 61.54 -6.89 -28.05
C ILE A 803 60.77 -6.13 -26.95
N GLU A 804 61.50 -5.42 -26.09
CA GLU A 804 60.93 -4.63 -25.01
C GLU A 804 60.84 -3.12 -25.26
N ALA A 805 61.17 -2.68 -26.48
CA ALA A 805 61.29 -1.24 -26.81
C ALA A 805 60.54 -0.81 -28.08
N ASP A 806 60.57 -1.65 -29.13
CA ASP A 806 59.90 -1.37 -30.39
C ASP A 806 58.62 -2.23 -30.50
N PHE A 807 57.48 -1.57 -30.70
CA PHE A 807 56.19 -2.25 -30.77
C PHE A 807 55.46 -2.02 -32.09
N THR A 808 56.24 -1.94 -33.17
CA THR A 808 55.71 -1.73 -34.53
C THR A 808 56.02 -2.86 -35.51
N LYS A 809 56.84 -3.84 -35.08
CA LYS A 809 57.35 -4.87 -35.99
C LYS A 809 56.45 -6.10 -35.92
N ILE A 810 56.05 -6.60 -37.09
CA ILE A 810 55.29 -7.84 -37.20
C ILE A 810 56.05 -8.72 -38.20
N ASN A 811 56.68 -9.77 -37.70
CA ASN A 811 57.53 -10.64 -38.53
C ASN A 811 57.65 -12.03 -37.92
N TRP A 812 58.33 -12.94 -38.64
CA TRP A 812 58.54 -14.30 -38.15
C TRP A 812 59.93 -14.83 -38.45
N SER A 813 60.33 -15.83 -37.68
CA SER A 813 61.65 -16.44 -37.78
C SER A 813 61.56 -17.93 -37.51
N TRP A 814 62.62 -18.66 -37.89
CA TRP A 814 62.69 -20.11 -37.72
C TRP A 814 63.98 -20.51 -36.99
N ASN A 815 63.87 -21.59 -36.22
CA ASN A 815 64.96 -22.18 -35.45
C ASN A 815 64.94 -23.68 -35.73
N GLU A 816 65.91 -24.16 -36.52
CA GLU A 816 66.02 -25.57 -36.89
C GLU A 816 66.35 -26.49 -35.70
N ALA A 817 67.26 -26.03 -34.84
CA ALA A 817 67.61 -26.78 -33.63
C ALA A 817 66.38 -27.13 -32.77
N GLU A 818 65.58 -26.11 -32.47
CA GLU A 818 64.40 -26.23 -31.59
C GLU A 818 63.14 -26.71 -32.30
N ASN A 819 63.08 -26.61 -33.63
CA ASN A 819 61.87 -26.91 -34.42
C ASN A 819 60.72 -25.98 -34.04
N VAL A 820 60.98 -24.67 -34.12
CA VAL A 820 60.05 -23.64 -33.63
C VAL A 820 59.94 -22.47 -34.61
N ILE A 821 58.70 -22.14 -34.97
CA ILE A 821 58.36 -20.94 -35.72
C ILE A 821 57.99 -19.87 -34.69
N SER A 822 58.74 -18.76 -34.68
CA SER A 822 58.41 -17.61 -33.83
C SER A 822 57.74 -16.52 -34.68
N VAL A 823 56.64 -15.96 -34.19
CA VAL A 823 55.92 -14.86 -34.84
C VAL A 823 55.77 -13.73 -33.84
N ARG A 824 56.49 -12.64 -34.07
CA ARG A 824 56.41 -11.45 -33.22
C ARG A 824 55.24 -10.59 -33.69
N ILE A 825 54.37 -10.22 -32.75
CA ILE A 825 53.23 -9.36 -33.03
C ILE A 825 52.95 -8.48 -31.80
N PRO A 826 52.72 -7.17 -32.01
CA PRO A 826 52.40 -6.34 -30.86
C PRO A 826 51.08 -6.72 -30.23
N ASP A 827 51.00 -6.56 -28.91
CA ASP A 827 49.77 -6.82 -28.18
C ASP A 827 48.94 -5.53 -28.25
N SER A 828 48.18 -5.41 -29.35
CA SER A 828 47.33 -4.24 -29.63
C SER A 828 45.93 -4.32 -28.99
N GLY A 829 45.55 -5.52 -28.54
CA GLY A 829 44.19 -5.78 -28.07
C GLY A 829 43.23 -6.18 -29.18
N LYS A 830 43.69 -6.17 -30.44
CA LYS A 830 42.83 -6.42 -31.61
C LYS A 830 42.90 -7.88 -32.04
N ASN A 831 41.80 -8.34 -32.66
CA ASN A 831 41.78 -9.66 -33.27
C ASN A 831 42.83 -9.74 -34.36
N ALA A 832 43.41 -10.92 -34.53
CA ALA A 832 44.46 -11.14 -35.53
C ALA A 832 44.55 -12.62 -35.81
N VAL A 833 44.57 -12.96 -37.10
CA VAL A 833 44.64 -14.34 -37.57
C VAL A 833 45.98 -14.50 -38.25
N ILE A 834 46.81 -15.37 -37.68
CA ILE A 834 48.12 -15.70 -38.23
C ILE A 834 47.96 -17.02 -38.95
N THR A 835 48.34 -17.04 -40.23
CA THR A 835 48.23 -18.24 -41.07
C THR A 835 49.61 -18.70 -41.52
N ILE A 836 49.97 -19.92 -41.13
CA ILE A 836 51.26 -20.50 -41.46
C ILE A 836 51.04 -21.49 -42.59
N LYS A 837 51.68 -21.27 -43.74
CA LYS A 837 51.57 -22.17 -44.90
C LYS A 837 52.66 -23.24 -44.84
N ASN A 838 52.27 -24.49 -44.66
CA ASN A 838 53.23 -25.59 -44.50
C ASN A 838 53.89 -25.91 -45.84
N GLU B 27 3.24 2.18 32.97
CA GLU B 27 3.41 1.52 31.64
C GLU B 27 4.85 1.63 31.12
N GLN B 28 5.33 0.56 30.49
CA GLN B 28 6.74 0.34 30.16
C GLN B 28 7.05 0.63 28.67
N TYR B 29 8.06 1.47 28.42
CA TYR B 29 8.59 1.75 27.08
C TYR B 29 9.94 1.08 26.91
N LEU B 30 10.42 0.99 25.69
CA LEU B 30 11.71 0.35 25.44
C LEU B 30 12.87 1.12 26.06
N GLY B 31 12.85 2.45 25.90
CA GLY B 31 13.89 3.32 26.42
C GLY B 31 15.17 3.23 25.60
N ASN B 32 16.30 3.51 26.24
CA ASN B 32 17.57 3.57 25.53
C ASN B 32 18.13 2.20 25.14
N CYS B 33 18.49 2.08 23.86
CA CYS B 33 19.19 0.89 23.37
C CYS B 33 20.68 0.95 23.74
N THR B 34 21.17 -0.07 24.44
CA THR B 34 22.56 -0.08 24.93
C THR B 34 23.51 -0.97 24.13
N ALA B 35 22.94 -1.89 23.34
CA ALA B 35 23.71 -2.92 22.67
C ALA B 35 22.87 -3.62 21.61
N TYR B 36 23.56 -4.27 20.68
CA TYR B 36 22.93 -5.14 19.71
C TYR B 36 23.75 -6.41 19.51
N SER B 37 23.05 -7.42 19.00
CA SER B 37 23.60 -8.73 18.72
C SER B 37 23.05 -9.21 17.37
N VAL B 38 23.93 -9.56 16.43
CA VAL B 38 23.53 -10.20 15.17
C VAL B 38 23.69 -11.73 15.24
N LYS B 39 22.66 -12.46 14.83
CA LYS B 39 22.76 -13.90 14.56
C LYS B 39 22.03 -14.26 13.24
N GLY B 40 22.82 -14.52 12.21
CA GLY B 40 22.29 -14.82 10.89
C GLY B 40 21.46 -13.66 10.39
N ASN B 41 20.20 -13.96 10.06
CA ASN B 41 19.28 -12.96 9.53
C ASN B 41 18.53 -12.14 10.60
N LYS B 42 18.90 -12.32 11.88
CA LYS B 42 18.28 -11.63 13.00
C LYS B 42 19.25 -10.68 13.69
N VAL B 43 18.74 -9.50 14.08
CA VAL B 43 19.44 -8.62 15.00
C VAL B 43 18.54 -8.39 16.21
N VAL B 44 19.10 -8.42 17.42
CA VAL B 44 18.39 -8.16 18.67
C VAL B 44 18.97 -6.90 19.29
N PHE B 45 18.13 -5.89 19.51
CA PHE B 45 18.52 -4.67 20.21
C PHE B 45 18.07 -4.74 21.66
N SER B 46 19.03 -4.64 22.59
CA SER B 46 18.77 -4.64 24.04
C SER B 46 18.47 -3.26 24.54
N CYS B 47 17.33 -3.10 25.20
CA CYS B 47 16.88 -1.80 25.66
C CYS B 47 16.76 -1.80 27.22
N ALA B 48 15.88 -0.99 27.80
CA ALA B 48 15.83 -0.85 29.25
C ALA B 48 15.19 -2.05 29.94
N ASN B 49 15.61 -2.33 31.16
CA ASN B 49 14.96 -3.30 32.06
C ASN B 49 14.60 -4.63 31.39
N ASN B 50 15.62 -5.26 30.81
CA ASN B 50 15.48 -6.53 30.10
C ASN B 50 14.63 -6.53 28.83
N SER B 51 14.01 -5.40 28.47
CA SER B 51 13.23 -5.33 27.23
C SER B 51 14.18 -5.41 26.02
N LYS B 52 13.70 -6.04 24.95
CA LYS B 52 14.50 -6.19 23.73
C LYS B 52 13.60 -6.14 22.52
N ILE B 53 14.19 -5.86 21.37
CA ILE B 53 13.46 -5.90 20.13
C ILE B 53 14.33 -6.54 19.05
N MET B 54 13.73 -7.49 18.32
CA MET B 54 14.40 -8.19 17.26
C MET B 54 13.87 -7.73 15.91
N LEU B 55 14.78 -7.60 14.94
CA LEU B 55 14.44 -7.43 13.53
C LEU B 55 15.01 -8.61 12.78
N GLN B 56 14.17 -9.29 12.02
CA GLN B 56 14.58 -10.42 11.19
C GLN B 56 14.33 -10.08 9.73
N LEU B 57 15.39 -10.15 8.92
CA LEU B 57 15.27 -9.87 7.49
C LEU B 57 14.84 -11.14 6.78
N CYS B 58 13.54 -11.25 6.53
CA CYS B 58 13.00 -12.38 5.78
C CYS B 58 13.43 -12.29 4.31
N SER B 59 13.41 -11.06 3.79
CA SER B 59 13.98 -10.68 2.49
C SER B 59 14.41 -9.21 2.58
N GLY B 60 14.87 -8.66 1.46
CA GLY B 60 15.12 -7.22 1.38
C GLY B 60 13.90 -6.31 1.52
N GLU B 61 12.70 -6.88 1.40
CA GLU B 61 11.44 -6.13 1.50
C GLU B 61 10.57 -6.47 2.71
N VAL B 62 10.84 -7.60 3.37
CA VAL B 62 9.96 -8.07 4.41
C VAL B 62 10.77 -8.20 5.69
N VAL B 63 10.36 -7.45 6.71
CA VAL B 63 11.05 -7.41 7.99
C VAL B 63 10.11 -7.93 9.07
N LYS B 64 10.51 -9.00 9.76
CA LYS B 64 9.77 -9.50 10.91
C LYS B 64 10.29 -8.76 12.13
N ILE B 65 9.36 -8.23 12.92
CA ILE B 65 9.72 -7.40 14.07
C ILE B 65 9.02 -8.00 15.28
N TRP B 66 9.80 -8.23 16.34
CA TRP B 66 9.29 -8.81 17.57
C TRP B 66 9.79 -7.95 18.72
N ALA B 67 8.88 -7.27 19.40
CA ALA B 67 9.23 -6.43 20.55
C ALA B 67 8.81 -7.17 21.81
N SER B 68 9.71 -7.24 22.78
CA SER B 68 9.52 -8.06 23.98
C SER B 68 9.78 -7.25 25.24
N ALA B 69 8.78 -7.20 26.13
CA ALA B 69 8.91 -6.51 27.41
C ALA B 69 9.93 -7.16 28.33
N ASP B 70 10.07 -8.49 28.24
CA ASP B 70 10.97 -9.27 29.13
C ASP B 70 12.22 -9.87 28.45
N GLY B 71 12.35 -9.71 27.13
CA GLY B 71 13.50 -10.22 26.39
C GLY B 71 13.50 -11.70 26.03
N ASN B 72 12.36 -12.39 26.13
CA ASN B 72 12.34 -13.86 25.96
C ASN B 72 12.12 -14.43 24.55
N PHE B 73 11.31 -13.76 23.73
CA PHE B 73 11.01 -14.26 22.38
C PHE B 73 10.46 -15.68 22.33
N VAL B 74 9.46 -15.95 23.16
CA VAL B 74 8.71 -17.20 23.06
C VAL B 74 7.23 -16.86 23.00
N ARG B 75 6.45 -17.76 22.43
CA ARG B 75 5.02 -17.58 22.30
C ARG B 75 4.31 -18.90 22.56
N ASN B 76 3.15 -18.83 23.16
CA ASN B 76 2.38 -20.03 23.50
C ASN B 76 2.08 -20.91 22.28
N ASN B 77 1.77 -20.27 21.15
CA ASN B 77 1.58 -20.99 19.89
C ASN B 77 2.35 -20.28 18.81
N GLU B 78 3.09 -21.05 18.02
CA GLU B 78 3.71 -20.53 16.79
C GLU B 78 2.59 -20.05 15.85
N SER B 79 2.94 -19.23 14.88
CA SER B 79 1.93 -18.64 14.01
C SER B 79 1.05 -19.69 13.35
N PHE B 80 -0.27 -19.50 13.46
CA PHE B 80 -1.24 -20.25 12.65
C PHE B 80 -1.29 -19.78 11.19
N ALA B 81 -0.86 -18.54 10.93
CA ALA B 81 -0.98 -17.93 9.60
C ALA B 81 0.26 -18.06 8.74
N VAL B 82 1.43 -17.83 9.34
CA VAL B 82 2.70 -17.81 8.60
C VAL B 82 3.16 -19.25 8.35
N ILE B 83 3.32 -19.58 7.07
CA ILE B 83 3.86 -20.89 6.65
C ILE B 83 5.30 -20.84 6.13
N GLU B 84 5.87 -19.65 5.93
CA GLU B 84 7.27 -19.53 5.51
C GLU B 84 7.83 -18.18 5.91
N GLU B 85 8.91 -18.18 6.70
CA GLU B 85 9.65 -16.95 7.03
C GLU B 85 10.84 -16.64 6.12
N ASP B 86 11.37 -17.66 5.44
CA ASP B 86 12.49 -17.46 4.51
C ASP B 86 12.00 -17.04 3.13
N LEU B 87 12.05 -15.73 2.88
CA LEU B 87 11.69 -15.12 1.60
C LEU B 87 12.95 -14.72 0.78
N GLY B 88 14.07 -15.38 1.04
CA GLY B 88 15.26 -15.30 0.20
C GLY B 88 16.34 -14.33 0.63
N TRP B 89 16.25 -13.78 1.84
CA TRP B 89 17.33 -12.93 2.33
C TRP B 89 18.63 -13.73 2.29
N LYS B 90 19.69 -13.13 1.76
CA LYS B 90 21.01 -13.78 1.67
C LYS B 90 21.95 -13.17 2.72
N GLY B 91 22.64 -14.04 3.45
CA GLY B 91 23.69 -13.64 4.38
C GLY B 91 23.20 -13.17 5.73
N ASN B 92 24.14 -12.63 6.51
CA ASN B 92 23.81 -12.02 7.80
C ASN B 92 23.21 -10.62 7.61
N VAL B 93 22.53 -10.14 8.65
CA VAL B 93 22.16 -8.75 8.75
C VAL B 93 23.46 -8.01 9.02
N THR B 94 23.71 -6.95 8.25
CA THR B 94 24.87 -6.08 8.49
C THR B 94 24.36 -4.83 9.21
N VAL B 95 24.87 -4.61 10.41
CA VAL B 95 24.53 -3.44 11.23
C VAL B 95 25.72 -2.47 11.21
N LYS B 96 25.47 -1.22 10.81
CA LYS B 96 26.48 -0.15 10.85
C LYS B 96 26.16 0.70 12.08
N GLU B 97 27.09 0.81 13.01
CA GLU B 97 26.86 1.63 14.19
C GLU B 97 27.43 3.04 13.97
N GLU B 98 26.60 4.04 14.28
CA GLU B 98 26.98 5.44 14.25
C GLU B 98 26.91 5.93 15.70
N PRO B 99 27.37 7.17 15.97
CA PRO B 99 27.32 7.60 17.37
C PRO B 99 25.94 7.61 18.01
N SER B 100 24.91 8.00 17.26
CA SER B 100 23.56 8.12 17.82
C SER B 100 22.52 7.18 17.18
N THR B 101 22.94 6.40 16.21
CA THR B 101 22.04 5.52 15.47
C THR B 101 22.73 4.22 15.07
N TYR B 102 21.93 3.20 14.76
CA TYR B 102 22.39 2.09 13.93
C TYR B 102 21.72 2.19 12.55
N GLU B 103 22.38 1.65 11.52
CA GLU B 103 21.82 1.57 10.17
C GLU B 103 21.85 0.11 9.67
N ILE B 104 20.80 -0.28 8.95
CA ILE B 104 20.71 -1.56 8.26
C ILE B 104 20.15 -1.29 6.85
N PHE B 105 20.86 -1.69 5.81
CA PHE B 105 20.44 -1.45 4.42
C PHE B 105 20.05 -2.76 3.74
N THR B 106 19.02 -2.69 2.91
CA THR B 106 18.73 -3.72 1.94
C THR B 106 18.67 -3.06 0.57
N GLU B 107 18.52 -3.87 -0.46
CA GLU B 107 18.29 -3.37 -1.82
C GLU B 107 17.13 -2.35 -1.92
N GLN B 108 16.07 -2.54 -1.12
CA GLN B 108 14.89 -1.68 -1.14
C GLN B 108 14.64 -0.80 0.13
N LEU B 109 15.25 -1.14 1.27
CA LEU B 109 15.00 -0.39 2.50
C LEU B 109 16.29 0.24 3.04
N ARG B 110 16.10 1.34 3.77
CA ARG B 110 17.15 1.93 4.56
C ARG B 110 16.53 2.08 5.94
N ILE B 111 17.10 1.38 6.91
CA ILE B 111 16.56 1.31 8.23
C ILE B 111 17.48 2.08 9.15
N ARG B 112 16.91 3.03 9.88
CA ARG B 112 17.60 3.88 10.85
C ARG B 112 17.01 3.57 12.21
N VAL B 113 17.87 3.23 13.15
CA VAL B 113 17.50 2.87 14.51
C VAL B 113 18.09 3.91 15.44
N ASN B 114 17.26 4.76 16.02
CA ASN B 114 17.72 5.72 17.03
C ASN B 114 18.09 4.96 18.30
N LYS B 115 19.18 5.36 18.95
CA LYS B 115 19.65 4.65 20.14
C LYS B 115 18.91 5.09 21.39
N ALA B 116 18.83 6.41 21.58
CA ALA B 116 18.30 7.00 22.82
C ALA B 116 17.17 8.01 22.57
N PRO B 117 15.90 7.64 22.76
CA PRO B 117 15.42 6.28 23.02
C PRO B 117 15.36 5.44 21.76
N PHE B 118 15.14 4.13 21.91
CA PHE B 118 14.96 3.28 20.76
C PHE B 118 13.83 3.80 19.88
N GLN B 119 14.12 3.97 18.59
CA GLN B 119 13.11 4.24 17.56
C GLN B 119 13.50 3.53 16.28
N LEU B 120 12.58 2.76 15.73
CA LEU B 120 12.76 2.10 14.44
C LEU B 120 12.15 2.99 13.37
N GLN B 121 12.95 3.33 12.37
CA GLN B 121 12.51 4.13 11.23
C GLN B 121 12.91 3.39 9.97
N ILE B 122 11.93 3.12 9.11
CA ILE B 122 12.18 2.46 7.84
C ILE B 122 11.91 3.45 6.71
N PHE B 123 12.91 3.61 5.85
CA PHE B 123 12.85 4.49 4.71
C PHE B 123 12.93 3.65 3.46
N ASP B 124 12.48 4.20 2.34
CA ASP B 124 12.77 3.59 1.05
C ASP B 124 14.17 4.03 0.58
N LYS B 125 14.61 3.55 -0.59
CA LYS B 125 15.96 3.82 -1.08
C LYS B 125 16.16 5.27 -1.57
N TYR B 126 15.08 6.05 -1.68
CA TYR B 126 15.13 7.50 -1.97
C TYR B 126 15.14 8.32 -0.70
N GLN B 127 15.26 7.64 0.44
CA GLN B 127 15.36 8.25 1.75
C GLN B 127 14.06 8.94 2.17
N LYS B 128 12.93 8.46 1.62
CA LYS B 128 11.59 8.88 2.02
C LYS B 128 11.15 7.98 3.19
N LEU B 129 10.68 8.61 4.27
CA LEU B 129 10.26 7.87 5.46
C LEU B 129 8.94 7.15 5.21
N LEU B 130 8.94 5.84 5.43
CA LEU B 130 7.74 5.01 5.25
C LEU B 130 6.99 4.74 6.54
N PHE B 131 7.72 4.54 7.63
CA PHE B 131 7.23 3.83 8.80
C PHE B 131 8.17 4.11 9.96
N SER B 132 7.65 4.76 11.00
CA SER B 132 8.47 5.23 12.09
C SER B 132 7.74 5.12 13.40
N ASP B 133 8.47 4.71 14.43
CA ASP B 133 7.97 4.72 15.81
C ASP B 133 7.59 6.13 16.23
N TYR B 134 6.50 6.25 16.98
CA TYR B 134 6.08 7.53 17.55
C TYR B 134 6.84 7.84 18.85
N ALA B 135 7.64 8.91 18.78
CA ALA B 135 8.42 9.41 19.91
C ALA B 135 9.14 8.26 20.66
N GLU B 136 8.94 8.12 21.96
CA GLU B 136 9.57 7.03 22.73
C GLU B 136 8.60 5.87 22.97
N LYS B 137 7.43 5.91 22.33
CA LYS B 137 6.33 4.97 22.58
C LYS B 137 6.14 3.96 21.43
N GLY B 138 7.20 3.64 20.69
CA GLY B 138 7.15 2.63 19.63
C GLY B 138 6.61 1.28 20.11
N PHE B 139 7.04 0.85 21.30
CA PHE B 139 6.48 -0.32 21.96
C PHE B 139 6.07 0.06 23.37
N VAL B 140 4.85 -0.29 23.74
CA VAL B 140 4.35 -0.06 25.09
C VAL B 140 3.84 -1.38 25.64
N ASN B 141 4.30 -1.73 26.84
CA ASN B 141 3.79 -2.86 27.59
C ASN B 141 3.16 -2.34 28.90
N ASP B 142 1.94 -2.80 29.20
CA ASP B 142 1.22 -2.47 30.44
C ASP B 142 0.61 -3.76 30.96
N ASN B 143 1.40 -4.48 31.75
CA ASN B 143 0.98 -5.70 32.43
C ASN B 143 0.34 -6.71 31.47
N GLY B 144 1.04 -6.99 30.38
CA GLY B 144 0.53 -7.92 29.35
C GLY B 144 -0.07 -7.24 28.13
N LYS B 145 -0.71 -6.08 28.31
CA LYS B 145 -1.24 -5.30 27.18
C LYS B 145 -0.08 -4.74 26.37
N ILE B 146 -0.11 -5.03 25.07
CA ILE B 146 1.01 -4.68 24.18
C ILE B 146 0.47 -3.78 23.09
N ARG B 147 1.22 -2.71 22.82
CA ARG B 147 0.80 -1.70 21.85
C ARG B 147 2.01 -1.14 21.08
N THR B 148 1.78 -0.88 19.79
CA THR B 148 2.77 -0.27 18.95
C THR B 148 2.20 1.07 18.46
N ASN B 149 2.94 2.17 18.68
CA ASN B 149 2.55 3.50 18.21
C ASN B 149 3.49 3.95 17.10
N LYS B 150 2.91 4.36 15.97
CA LYS B 150 3.68 4.78 14.81
C LYS B 150 3.33 6.23 14.39
N VAL B 151 4.31 6.93 13.84
CA VAL B 151 4.08 8.28 13.32
C VAL B 151 2.99 8.25 12.23
N LEU B 152 2.06 9.19 12.31
CA LEU B 152 0.98 9.32 11.33
C LEU B 152 1.09 10.67 10.60
N ARG B 153 1.13 10.61 9.27
CA ARG B 153 1.22 11.80 8.43
C ARG B 153 -0.16 12.10 7.87
N ASN B 154 -0.39 13.37 7.57
CA ASN B 154 -1.68 13.87 7.10
C ASN B 154 -2.22 13.17 5.85
N ASP B 155 -1.31 12.82 4.95
CA ASP B 155 -1.67 12.18 3.68
C ASP B 155 -1.70 10.62 3.71
N GLU B 156 -1.44 10.00 4.86
CA GLU B 156 -1.41 8.54 4.94
C GLU B 156 -2.82 7.93 5.04
N GLN B 157 -3.14 7.08 4.06
CA GLN B 157 -4.42 6.39 4.01
C GLN B 157 -4.16 4.90 4.30
N PHE B 158 -5.21 4.16 4.66
CA PHE B 158 -5.09 2.76 5.06
C PHE B 158 -6.20 1.92 4.43
N PHE B 159 -5.89 0.68 4.07
CA PHE B 159 -6.86 -0.28 3.50
C PHE B 159 -6.69 -1.67 4.11
N GLY B 160 -7.78 -2.44 4.11
CA GLY B 160 -7.74 -3.84 4.50
C GLY B 160 -8.34 -4.17 5.85
N LEU B 161 -7.62 -4.99 6.62
CA LEU B 161 -8.12 -5.68 7.81
C LEU B 161 -9.26 -6.63 7.47
N GLY B 162 -9.26 -7.11 6.23
CA GLY B 162 -10.13 -8.18 5.84
C GLY B 162 -11.56 -7.80 5.65
N GLU B 163 -12.45 -8.73 5.99
CA GLU B 163 -13.86 -8.57 5.76
C GLU B 163 -14.44 -7.72 6.89
N LYS B 164 -14.44 -6.40 6.65
CA LYS B 164 -15.00 -5.42 7.54
C LYS B 164 -15.79 -4.39 6.75
N SER B 165 -16.70 -3.75 7.48
CA SER B 165 -17.67 -2.79 6.93
C SER B 165 -17.13 -1.36 6.82
N GLY B 166 -17.99 -0.43 6.39
CA GLY B 166 -17.66 0.97 6.25
C GLY B 166 -16.97 1.23 4.94
N ASN B 167 -16.39 2.43 4.82
CA ASN B 167 -15.68 2.80 3.62
C ASN B 167 -14.37 2.02 3.49
N LEU B 168 -13.95 1.80 2.24
CA LEU B 168 -12.65 1.20 1.91
C LEU B 168 -11.49 1.80 2.68
N ASN B 169 -11.43 3.13 2.71
CA ASN B 169 -10.34 3.84 3.40
C ASN B 169 -10.61 3.78 4.90
N ARG B 170 -9.67 3.16 5.62
CA ARG B 170 -9.79 2.96 7.05
C ARG B 170 -9.27 4.15 7.86
N ARG B 171 -8.60 5.11 7.20
CA ARG B 171 -8.03 6.29 7.87
C ARG B 171 -9.11 6.98 8.72
N GLY B 172 -8.78 7.22 9.99
CA GLY B 172 -9.66 7.94 10.91
C GLY B 172 -10.54 7.07 11.77
N SER B 173 -10.63 5.77 11.46
CA SER B 173 -11.45 4.85 12.23
C SER B 173 -10.62 3.84 12.99
N ALA B 174 -11.31 3.15 13.90
CA ALA B 174 -10.75 2.13 14.74
C ALA B 174 -11.49 0.84 14.46
N TYR B 175 -10.74 -0.28 14.53
CA TYR B 175 -11.27 -1.60 14.22
C TYR B 175 -10.73 -2.65 15.19
N LYS B 176 -11.51 -3.71 15.35
CA LYS B 176 -11.26 -4.72 16.36
C LYS B 176 -11.36 -6.10 15.75
N MET B 177 -10.50 -7.02 16.20
CA MET B 177 -10.52 -8.43 15.78
C MET B 177 -11.11 -9.30 16.87
N TRP B 178 -12.38 -9.64 16.72
CA TRP B 178 -13.03 -10.61 17.58
C TRP B 178 -14.16 -11.17 16.74
N ASN B 179 -13.99 -12.40 16.27
CA ASN B 179 -14.94 -12.98 15.34
C ASN B 179 -16.28 -12.96 16.01
N SER B 180 -17.21 -12.25 15.38
CA SER B 180 -18.51 -11.93 15.97
C SER B 180 -19.65 -12.35 15.04
N ASP B 181 -20.79 -12.59 15.68
CA ASP B 181 -22.02 -13.08 15.10
C ASP B 181 -23.04 -11.95 15.31
N GLN B 182 -23.19 -11.12 14.28
CA GLN B 182 -24.05 -9.94 14.34
C GLN B 182 -25.03 -10.02 13.17
N PRO B 183 -26.15 -10.73 13.35
CA PRO B 183 -27.11 -10.88 12.26
C PRO B 183 -27.65 -9.55 11.74
N CYS B 184 -27.84 -9.45 10.43
CA CYS B 184 -28.43 -8.24 9.83
C CYS B 184 -27.57 -7.01 10.10
N TYR B 185 -26.26 -7.17 9.97
CA TYR B 185 -25.31 -6.18 10.45
C TYR B 185 -25.39 -4.87 9.67
N GLY B 186 -25.14 -3.78 10.37
CA GLY B 186 -25.23 -2.46 9.76
C GLY B 186 -24.02 -2.09 8.93
N VAL B 187 -24.08 -0.90 8.35
CA VAL B 187 -23.12 -0.42 7.37
C VAL B 187 -21.75 -0.15 7.99
N ASN B 188 -21.68 0.04 9.32
CA ASN B 188 -20.44 0.30 10.04
C ASN B 188 -20.18 -0.68 11.17
N GLU B 189 -20.94 -1.76 11.25
CA GLU B 189 -20.77 -2.72 12.32
C GLU B 189 -19.39 -3.37 12.26
N ASP B 190 -18.74 -3.38 13.42
CA ASP B 190 -17.44 -3.99 13.60
C ASP B 190 -17.34 -4.35 15.08
N PRO B 191 -16.73 -5.48 15.47
CA PRO B 191 -16.17 -6.53 14.59
C PRO B 191 -17.21 -7.38 13.87
N LEU B 192 -16.84 -7.98 12.73
CA LEU B 192 -17.72 -8.96 12.07
C LEU B 192 -17.12 -10.37 12.21
N TYR B 193 -17.30 -11.25 11.22
CA TYR B 193 -17.09 -12.70 11.41
C TYR B 193 -15.63 -13.19 11.27
N LYS B 194 -14.82 -12.45 10.51
CA LYS B 194 -13.45 -12.85 10.21
C LYS B 194 -12.46 -11.84 10.77
N SER B 195 -11.29 -12.34 11.15
CA SER B 195 -10.23 -11.52 11.71
C SER B 195 -8.95 -11.70 10.89
N ILE B 196 -8.67 -10.78 9.99
CA ILE B 196 -7.48 -10.83 9.13
C ILE B 196 -6.63 -9.56 9.37
N PRO B 197 -5.72 -9.61 10.33
CA PRO B 197 -5.00 -8.40 10.72
C PRO B 197 -3.84 -8.04 9.76
N PHE B 198 -4.21 -7.80 8.50
CA PHE B 198 -3.30 -7.42 7.46
C PHE B 198 -3.88 -6.13 6.86
N PHE B 199 -3.13 -5.04 6.99
CA PHE B 199 -3.47 -3.75 6.35
C PHE B 199 -2.36 -3.24 5.49
N MET B 200 -2.74 -2.33 4.59
CA MET B 200 -1.79 -1.65 3.71
C MET B 200 -1.97 -0.14 3.84
N SER B 201 -0.84 0.56 3.81
CA SER B 201 -0.77 2.00 3.86
C SER B 201 -0.51 2.58 2.47
N SER B 202 -1.01 3.79 2.25
CA SER B 202 -0.70 4.52 1.00
C SER B 202 0.77 4.93 0.89
N TYR B 203 1.55 4.78 1.97
CA TYR B 203 3.02 4.84 1.82
C TYR B 203 3.65 3.57 1.22
N ARG B 204 2.81 2.60 0.85
CA ARG B 204 3.20 1.39 0.11
C ARG B 204 4.01 0.43 0.97
N TYR B 205 3.47 0.14 2.15
CA TYR B 205 3.89 -1.01 2.92
C TYR B 205 2.63 -1.65 3.49
N GLY B 206 2.76 -2.91 3.86
CA GLY B 206 1.71 -3.66 4.52
C GLY B 206 2.21 -4.02 5.90
N ILE B 207 1.29 -4.22 6.81
CA ILE B 207 1.60 -4.76 8.13
C ILE B 207 0.74 -5.98 8.32
N PHE B 208 1.35 -7.09 8.74
CA PHE B 208 0.60 -8.25 9.24
C PHE B 208 0.93 -8.42 10.72
N PHE B 209 -0.07 -8.24 11.59
CA PHE B 209 0.09 -8.33 13.04
C PHE B 209 -0.22 -9.77 13.42
N ASP B 210 0.82 -10.52 13.75
CA ASP B 210 0.80 -11.96 13.82
C ASP B 210 0.43 -12.36 15.25
N ASN B 211 -0.76 -11.90 15.65
CA ASN B 211 -1.30 -12.08 17.01
C ASN B 211 -2.78 -12.43 16.85
N THR B 212 -3.22 -13.45 17.56
CA THR B 212 -4.57 -13.99 17.47
C THR B 212 -5.54 -13.49 18.53
N TYR B 213 -5.08 -12.66 19.47
CA TYR B 213 -5.94 -12.11 20.52
C TYR B 213 -6.86 -11.01 19.96
N LYS B 214 -7.63 -10.37 20.85
CA LYS B 214 -8.54 -9.30 20.46
C LYS B 214 -7.76 -8.02 20.15
N THR B 215 -7.21 -7.99 18.94
CA THR B 215 -6.33 -6.92 18.52
C THR B 215 -7.16 -5.73 18.13
N GLU B 216 -6.58 -4.54 18.27
CA GLU B 216 -7.26 -3.31 17.86
C GLU B 216 -6.34 -2.43 17.10
N PHE B 217 -6.89 -1.80 16.08
CA PHE B 217 -6.16 -0.99 15.12
C PHE B 217 -6.82 0.38 15.12
N LYS B 218 -6.05 1.43 15.33
CA LYS B 218 -6.58 2.78 15.50
C LYS B 218 -5.83 3.68 14.53
N PHE B 219 -6.47 3.93 13.39
CA PHE B 219 -5.82 4.58 12.26
C PHE B 219 -5.98 6.10 12.37
N GLY B 220 -5.35 6.69 13.37
CA GLY B 220 -5.52 8.12 13.62
C GLY B 220 -6.86 8.47 14.21
N SER B 221 -7.52 7.49 14.84
CA SER B 221 -8.80 7.70 15.49
C SER B 221 -8.67 8.31 16.88
N GLU B 222 -7.49 8.21 17.50
CA GLU B 222 -7.19 8.88 18.78
C GLU B 222 -6.47 10.22 18.60
N SER B 223 -5.74 10.37 17.49
CA SER B 223 -4.90 11.54 17.28
C SER B 223 -4.44 11.60 15.82
N ASN B 224 -4.21 12.81 15.34
CA ASN B 224 -3.58 12.98 14.02
C ASN B 224 -2.08 12.71 14.01
N ASP B 225 -1.46 12.55 15.18
CA ASP B 225 -0.01 12.45 15.28
C ASP B 225 0.49 11.00 15.24
N TYR B 226 -0.38 10.05 15.57
CA TYR B 226 0.03 8.66 15.61
C TYR B 226 -1.11 7.72 15.23
N TYR B 227 -0.74 6.55 14.70
CA TYR B 227 -1.68 5.44 14.63
C TYR B 227 -1.13 4.33 15.47
N SER B 228 -1.98 3.34 15.75
CA SER B 228 -1.56 2.26 16.63
C SER B 228 -2.21 0.92 16.31
N PHE B 229 -1.51 -0.14 16.71
CA PHE B 229 -2.12 -1.46 16.81
C PHE B 229 -1.66 -2.14 18.10
N GLU B 230 -2.54 -2.98 18.65
CA GLU B 230 -2.38 -3.46 20.02
C GLU B 230 -3.11 -4.76 20.29
N ALA B 231 -2.74 -5.39 21.40
CA ALA B 231 -3.38 -6.62 21.87
C ALA B 231 -3.41 -6.64 23.41
N PRO B 232 -4.39 -7.36 24.00
CA PRO B 232 -4.48 -7.41 25.46
C PRO B 232 -3.56 -8.45 26.08
N ALA B 233 -2.97 -9.33 25.27
CA ALA B 233 -2.00 -10.33 25.71
C ALA B 233 -1.23 -10.86 24.48
N GLY B 234 -0.41 -11.88 24.70
CA GLY B 234 0.46 -12.45 23.67
C GLY B 234 1.64 -11.57 23.32
N GLN B 235 2.19 -11.77 22.13
CA GLN B 235 3.46 -11.19 21.74
C GLN B 235 3.31 -10.19 20.60
N MET B 236 4.11 -9.15 20.68
CA MET B 236 4.13 -8.10 19.67
C MET B 236 5.05 -8.52 18.50
N VAL B 237 4.47 -9.34 17.62
CA VAL B 237 5.14 -9.87 16.43
C VAL B 237 4.39 -9.33 15.23
N TYR B 238 5.08 -8.59 14.38
CA TYR B 238 4.46 -8.09 13.17
C TYR B 238 5.45 -8.10 12.01
N TYR B 239 4.91 -8.27 10.80
CA TYR B 239 5.70 -8.26 9.58
C TYR B 239 5.47 -6.95 8.83
N PHE B 240 6.55 -6.23 8.56
CA PHE B 240 6.54 -5.07 7.69
C PHE B 240 6.84 -5.60 6.29
N MET B 241 5.96 -5.30 5.33
CA MET B 241 6.08 -5.79 3.95
C MET B 241 6.12 -4.61 2.99
N PHE B 242 7.31 -4.27 2.53
CA PHE B 242 7.48 -3.20 1.57
C PHE B 242 6.93 -3.63 0.21
N GLY B 243 6.48 -2.65 -0.55
CA GLY B 243 6.28 -2.83 -2.00
C GLY B 243 6.36 -1.50 -2.70
N ASN B 244 6.73 -1.53 -3.99
CA ASN B 244 6.61 -0.36 -4.86
C ASN B 244 5.18 -0.08 -5.27
N ASP B 245 4.30 -1.04 -5.08
CA ASP B 245 2.86 -0.85 -5.25
C ASP B 245 2.11 -1.88 -4.41
N TYR B 246 0.78 -1.89 -4.50
CA TYR B 246 -0.01 -2.81 -3.67
C TYR B 246 0.16 -4.28 -4.09
N LYS B 247 0.33 -4.50 -5.39
CA LYS B 247 0.55 -5.84 -5.94
C LYS B 247 1.75 -6.52 -5.26
N GLU B 248 2.86 -5.80 -5.20
CA GLU B 248 4.07 -6.29 -4.59
C GLU B 248 3.90 -6.59 -3.11
N ILE B 249 3.14 -5.77 -2.38
CA ILE B 249 2.86 -6.04 -0.97
C ILE B 249 2.09 -7.37 -0.82
N ILE B 250 1.05 -7.53 -1.64
CA ILE B 250 0.21 -8.74 -1.58
C ILE B 250 1.01 -10.00 -1.92
N GLN B 251 1.91 -9.89 -2.91
CA GLN B 251 2.82 -10.98 -3.28
C GLN B 251 3.72 -11.37 -2.08
N ASN B 252 4.23 -10.37 -1.37
CA ASN B 252 4.96 -10.65 -0.14
C ASN B 252 4.10 -11.32 0.92
N TYR B 253 2.87 -10.86 1.06
CA TYR B 253 1.95 -11.44 2.05
C TYR B 253 1.64 -12.92 1.79
N ILE B 254 1.43 -13.28 0.52
CA ILE B 254 1.20 -14.69 0.18
C ILE B 254 2.46 -15.54 0.25
N ALA B 255 3.63 -14.93 0.09
CA ALA B 255 4.88 -15.63 0.37
C ALA B 255 4.91 -16.04 1.84
N LEU B 256 4.46 -15.16 2.74
CA LEU B 256 4.40 -15.49 4.18
C LEU B 256 3.29 -16.48 4.55
N THR B 257 2.09 -16.26 4.01
CA THR B 257 0.88 -16.93 4.51
C THR B 257 0.20 -17.86 3.52
N GLY B 258 0.77 -18.06 2.34
CA GLY B 258 0.34 -19.07 1.42
C GLY B 258 -0.44 -18.57 0.23
N LYS B 259 -0.35 -19.32 -0.86
CA LYS B 259 -1.11 -19.04 -2.08
C LYS B 259 -2.57 -19.47 -1.92
N PRO B 260 -3.51 -18.68 -2.46
CA PRO B 260 -4.89 -19.19 -2.46
C PRO B 260 -5.07 -20.46 -3.28
N ILE B 261 -5.75 -21.44 -2.70
CA ILE B 261 -6.24 -22.60 -3.48
C ILE B 261 -7.35 -22.10 -4.40
N MET B 262 -7.46 -22.73 -5.58
CA MET B 262 -8.49 -22.41 -6.56
C MET B 262 -9.70 -23.31 -6.31
N PRO B 263 -10.92 -22.78 -6.52
CA PRO B 263 -12.08 -23.68 -6.46
C PRO B 263 -12.16 -24.61 -7.65
N PRO B 264 -13.02 -25.63 -7.58
CA PRO B 264 -13.37 -26.29 -8.83
C PRO B 264 -13.91 -25.25 -9.80
N LYS B 265 -13.67 -25.45 -11.10
CA LYS B 265 -14.04 -24.47 -12.08
C LYS B 265 -15.51 -24.10 -12.10
N TRP B 266 -16.36 -25.08 -11.81
CA TRP B 266 -17.82 -24.90 -11.76
C TRP B 266 -18.34 -24.00 -10.62
N ALA B 267 -17.50 -23.67 -9.65
CA ALA B 267 -17.87 -22.73 -8.59
C ALA B 267 -17.99 -21.29 -9.06
N LEU B 268 -17.47 -20.98 -10.25
CA LEU B 268 -17.60 -19.64 -10.83
C LEU B 268 -18.88 -19.39 -11.62
N GLY B 269 -19.77 -20.38 -11.64
CA GLY B 269 -21.13 -20.18 -12.13
C GLY B 269 -22.02 -19.54 -11.07
N PHE B 270 -23.32 -19.81 -11.15
CA PHE B 270 -24.27 -19.25 -10.22
C PHE B 270 -24.67 -20.31 -9.18
N SER B 271 -24.88 -19.88 -7.93
CA SER B 271 -25.23 -20.76 -6.81
C SER B 271 -26.56 -20.32 -6.18
N GLN B 272 -27.32 -21.30 -5.67
CA GLN B 272 -28.63 -21.02 -5.06
C GLN B 272 -28.77 -21.75 -3.75
N CYS B 273 -29.31 -21.04 -2.77
CA CYS B 273 -29.54 -21.54 -1.44
C CYS B 273 -30.83 -20.95 -0.86
N ARG B 274 -31.24 -21.50 0.28
CA ARG B 274 -32.25 -20.91 1.15
C ARG B 274 -32.08 -21.56 2.51
N GLY B 275 -32.58 -20.92 3.55
CA GLY B 275 -32.57 -21.50 4.90
C GLY B 275 -33.23 -22.86 4.99
N ASP B 276 -34.27 -23.07 4.18
CA ASP B 276 -35.02 -24.31 4.20
C ASP B 276 -34.63 -25.28 3.09
N TYR B 277 -33.46 -25.07 2.45
CA TYR B 277 -32.94 -26.02 1.45
C TYR B 277 -32.36 -27.22 2.21
N THR B 278 -33.26 -28.13 2.59
CA THR B 278 -32.93 -29.23 3.49
C THR B 278 -33.75 -30.49 3.17
N ARG B 279 -34.21 -30.61 1.92
CA ARG B 279 -35.10 -31.68 1.51
C ARG B 279 -34.85 -32.06 0.07
N GLU B 280 -35.02 -33.34 -0.20
CA GLU B 280 -34.85 -33.89 -1.54
C GLU B 280 -35.91 -33.38 -2.51
N ASP B 281 -37.17 -33.36 -2.07
CA ASP B 281 -38.25 -32.96 -2.99
C ASP B 281 -38.01 -31.55 -3.48
N GLN B 282 -37.69 -30.64 -2.56
CA GLN B 282 -37.43 -29.24 -2.91
C GLN B 282 -36.18 -29.11 -3.80
N ALA B 283 -35.16 -29.91 -3.53
CA ALA B 283 -33.94 -29.90 -4.36
C ALA B 283 -34.26 -30.27 -5.81
N ARG B 284 -35.05 -31.33 -5.96
CA ARG B 284 -35.49 -31.78 -7.28
C ARG B 284 -36.34 -30.75 -7.98
N GLU B 285 -37.23 -30.11 -7.23
CA GLU B 285 -38.13 -29.09 -7.79
C GLU B 285 -37.32 -27.93 -8.32
N ILE B 286 -36.46 -27.39 -7.46
CA ILE B 286 -35.66 -26.20 -7.81
C ILE B 286 -34.73 -26.47 -9.00
N ALA B 287 -34.03 -27.61 -8.98
CA ALA B 287 -33.13 -27.95 -10.09
C ALA B 287 -33.88 -27.97 -11.42
N ALA B 288 -35.04 -28.65 -11.44
CA ALA B 288 -35.86 -28.71 -12.66
C ALA B 288 -36.27 -27.32 -13.16
N GLU B 289 -36.66 -26.44 -12.23
CA GLU B 289 -37.12 -25.10 -12.58
C GLU B 289 -36.03 -24.23 -13.20
N PHE B 290 -34.84 -24.25 -12.62
CA PHE B 290 -33.70 -23.52 -13.23
C PHE B 290 -33.54 -23.91 -14.70
N ARG B 291 -33.58 -25.20 -14.97
CA ARG B 291 -33.35 -25.68 -16.33
C ARG B 291 -34.54 -25.40 -17.26
N LYS B 292 -35.75 -25.52 -16.74
CA LYS B 292 -36.95 -25.20 -17.53
C LYS B 292 -36.91 -23.73 -17.96
N ARG B 293 -36.52 -22.87 -17.04
CA ARG B 293 -36.50 -21.43 -17.28
C ARG B 293 -35.22 -20.95 -17.94
N LYS B 294 -34.28 -21.86 -18.21
CA LYS B 294 -32.99 -21.52 -18.82
C LYS B 294 -32.24 -20.38 -18.07
N ILE B 295 -32.15 -20.54 -16.75
CA ILE B 295 -31.41 -19.60 -15.89
C ILE B 295 -30.20 -20.40 -15.43
N PRO B 296 -29.00 -20.02 -15.92
CA PRO B 296 -27.87 -20.89 -15.58
C PRO B 296 -27.60 -20.98 -14.10
N CYS B 297 -27.13 -22.14 -13.68
CA CYS B 297 -26.91 -22.45 -12.28
C CYS B 297 -26.12 -23.75 -12.17
N ASP B 298 -25.03 -23.71 -11.39
CA ASP B 298 -24.18 -24.87 -11.13
C ASP B 298 -24.36 -25.50 -9.77
N ILE B 299 -24.67 -24.70 -8.73
CA ILE B 299 -24.66 -25.23 -7.38
C ILE B 299 -25.99 -25.04 -6.68
N ILE B 300 -26.50 -26.14 -6.12
CA ILE B 300 -27.58 -26.11 -5.16
C ILE B 300 -26.97 -26.42 -3.81
N TYR B 301 -27.06 -25.45 -2.91
CA TYR B 301 -26.65 -25.64 -1.52
C TYR B 301 -27.73 -26.34 -0.72
N GLN B 302 -27.33 -26.96 0.38
CA GLN B 302 -28.24 -27.40 1.41
C GLN B 302 -27.78 -26.77 2.72
N ASP B 303 -28.72 -26.23 3.49
CA ASP B 303 -28.45 -25.56 4.76
C ASP B 303 -28.50 -26.61 5.87
N ILE B 304 -28.29 -26.16 7.10
CA ILE B 304 -27.92 -27.03 8.22
C ILE B 304 -28.98 -28.07 8.64
N GLY B 305 -30.24 -27.83 8.30
CA GLY B 305 -31.28 -28.82 8.52
C GLY B 305 -31.15 -30.09 7.70
N TRP B 306 -30.23 -30.14 6.74
CA TRP B 306 -30.00 -31.35 5.95
C TRP B 306 -29.57 -32.54 6.81
N THR B 307 -28.88 -32.27 7.91
CA THR B 307 -28.28 -33.31 8.75
C THR B 307 -29.24 -33.68 9.87
N GLU B 308 -29.28 -34.98 10.21
CA GLU B 308 -30.19 -35.51 11.26
C GLU B 308 -30.04 -34.77 12.57
N GLY B 309 -28.80 -34.47 12.92
CA GLY B 309 -28.49 -33.62 14.06
C GLY B 309 -27.12 -33.00 13.91
N LEU B 310 -26.84 -32.01 14.75
CA LEU B 310 -25.52 -31.41 14.82
C LEU B 310 -24.61 -32.34 15.63
N GLN B 311 -23.56 -32.91 15.04
CA GLN B 311 -23.17 -32.76 13.61
C GLN B 311 -22.71 -34.13 13.12
N ASP B 312 -23.71 -34.96 12.82
CA ASP B 312 -23.47 -36.35 12.46
C ASP B 312 -23.34 -36.59 10.96
N PHE B 313 -23.65 -35.60 10.14
CA PHE B 313 -23.53 -35.72 8.68
C PHE B 313 -24.36 -36.87 8.05
N ASP B 314 -25.47 -37.24 8.71
CA ASP B 314 -26.41 -38.21 8.16
C ASP B 314 -27.57 -37.46 7.53
N TRP B 315 -27.92 -37.81 6.31
CA TRP B 315 -29.07 -37.20 5.64
C TRP B 315 -30.31 -37.35 6.52
N ARG B 316 -30.99 -36.24 6.83
CA ARG B 316 -32.17 -36.27 7.73
C ARG B 316 -33.23 -37.20 7.12
N LYS B 317 -33.58 -38.28 7.85
CA LYS B 317 -34.38 -39.39 7.29
C LYS B 317 -35.68 -38.97 6.63
N ASN B 318 -36.49 -38.20 7.34
CA ASN B 318 -37.78 -37.71 6.78
C ASN B 318 -37.64 -36.71 5.61
N ASN B 319 -36.49 -36.04 5.52
CA ASN B 319 -36.26 -35.01 4.50
C ASN B 319 -35.72 -35.56 3.17
N TYR B 320 -35.06 -36.72 3.21
CA TYR B 320 -34.44 -37.32 2.03
C TYR B 320 -34.84 -38.81 1.90
N ASN B 321 -35.46 -39.16 0.77
CA ASN B 321 -35.87 -40.54 0.52
C ASN B 321 -34.73 -41.37 -0.05
N ASN B 322 -34.09 -40.79 -1.06
CA ASN B 322 -33.06 -41.45 -1.84
C ASN B 322 -31.94 -40.42 -2.06
N PRO B 323 -31.16 -40.11 -1.01
CA PRO B 323 -30.11 -39.08 -1.14
C PRO B 323 -29.07 -39.36 -2.24
N LYS B 324 -28.61 -40.60 -2.37
CA LYS B 324 -27.67 -41.00 -3.45
C LYS B 324 -28.25 -40.69 -4.83
N GLY B 325 -29.51 -41.10 -5.03
CA GLY B 325 -30.19 -40.84 -6.30
C GLY B 325 -30.44 -39.36 -6.57
N MET B 326 -30.77 -38.60 -5.52
CA MET B 326 -30.92 -37.14 -5.61
C MET B 326 -29.65 -36.50 -6.19
N VAL B 327 -28.53 -36.79 -5.55
CA VAL B 327 -27.23 -36.23 -5.95
C VAL B 327 -26.92 -36.58 -7.42
N LYS B 328 -27.12 -37.84 -7.76
CA LYS B 328 -26.87 -38.37 -9.11
C LYS B 328 -27.81 -37.74 -10.13
N ASP B 329 -29.11 -37.62 -9.79
CA ASP B 329 -30.09 -37.02 -10.69
C ASP B 329 -29.75 -35.56 -10.92
N LEU B 330 -29.42 -34.86 -9.85
CA LEU B 330 -28.97 -33.46 -9.96
C LEU B 330 -27.67 -33.34 -10.76
N SER B 331 -26.75 -34.26 -10.51
CA SER B 331 -25.47 -34.30 -11.25
C SER B 331 -25.68 -34.50 -12.75
N ASP B 332 -26.64 -35.35 -13.14
CA ASP B 332 -26.96 -35.55 -14.56
C ASP B 332 -27.51 -34.27 -15.19
N MET B 333 -28.13 -33.42 -14.40
CA MET B 333 -28.61 -32.12 -14.85
C MET B 333 -27.55 -31.01 -14.74
N GLY B 334 -26.31 -31.35 -14.32
CA GLY B 334 -25.23 -30.39 -14.24
C GLY B 334 -25.11 -29.69 -12.90
N PHE B 335 -25.90 -30.11 -11.90
CA PHE B 335 -25.84 -29.51 -10.57
C PHE B 335 -24.88 -30.27 -9.67
N LYS B 336 -24.07 -29.50 -8.93
CA LYS B 336 -23.23 -29.99 -7.85
C LYS B 336 -23.86 -29.56 -6.53
N MET B 337 -23.70 -30.36 -5.48
CA MET B 337 -24.30 -30.02 -4.19
C MET B 337 -23.23 -29.71 -3.15
N ILE B 338 -23.51 -28.73 -2.31
CA ILE B 338 -22.65 -28.28 -1.21
C ILE B 338 -23.51 -28.21 0.06
N VAL B 339 -23.04 -28.82 1.13
CA VAL B 339 -23.83 -28.94 2.35
C VAL B 339 -23.17 -28.26 3.52
N SER B 340 -23.99 -27.76 4.43
CA SER B 340 -23.51 -27.05 5.61
C SER B 340 -22.94 -28.00 6.66
N GLN B 341 -22.03 -27.47 7.46
CA GLN B 341 -21.68 -28.09 8.72
C GLN B 341 -21.44 -27.01 9.77
N ASP B 342 -21.88 -27.30 11.00
CA ASP B 342 -21.61 -26.50 12.18
C ASP B 342 -20.50 -27.19 12.96
N PRO B 343 -19.79 -26.44 13.81
CA PRO B 343 -18.67 -27.02 14.58
C PRO B 343 -19.03 -27.56 15.98
N VAL B 344 -20.31 -27.86 16.21
CA VAL B 344 -20.80 -28.27 17.53
C VAL B 344 -21.61 -29.56 17.46
N ILE B 345 -21.73 -30.20 18.62
CA ILE B 345 -22.54 -31.44 18.79
C ILE B 345 -23.66 -31.13 19.77
N SER B 346 -24.91 -31.22 19.33
CA SER B 346 -26.04 -30.97 20.25
C SER B 346 -26.02 -32.01 21.36
N GLN B 347 -26.22 -31.56 22.60
CA GLN B 347 -26.36 -32.48 23.73
C GLN B 347 -27.52 -33.48 23.49
N ALA B 348 -28.60 -33.00 22.86
CA ALA B 348 -29.73 -33.85 22.44
C ALA B 348 -29.39 -34.90 21.36
N ASN B 349 -28.31 -34.69 20.59
CA ASN B 349 -27.74 -35.75 19.73
C ASN B 349 -26.86 -36.60 20.66
N GLN B 350 -27.52 -37.38 21.52
CA GLN B 350 -26.85 -38.05 22.66
C GLN B 350 -25.76 -39.03 22.24
N GLN B 351 -25.99 -39.76 21.15
CA GLN B 351 -25.01 -40.73 20.63
C GLN B 351 -23.67 -40.03 20.34
N GLN B 352 -23.71 -39.01 19.50
CA GLN B 352 -22.49 -38.31 19.08
C GLN B 352 -21.90 -37.44 20.17
N TRP B 353 -22.74 -36.81 21.01
CA TRP B 353 -22.24 -35.99 22.11
C TRP B 353 -21.47 -36.83 23.14
N LYS B 354 -22.05 -37.95 23.56
CA LYS B 354 -21.41 -38.84 24.53
C LYS B 354 -20.12 -39.42 23.99
N GLU B 355 -20.10 -39.77 22.71
CA GLU B 355 -18.89 -40.21 22.01
C GLU B 355 -17.76 -39.16 22.06
N ALA B 356 -18.10 -37.92 21.70
CA ALA B 356 -17.15 -36.81 21.68
C ALA B 356 -16.64 -36.47 23.08
N ASP B 357 -17.57 -36.31 24.03
CA ASP B 357 -17.24 -36.02 25.42
C ASP B 357 -16.33 -37.09 26.06
N ALA B 358 -16.65 -38.37 25.82
CA ALA B 358 -15.88 -39.49 26.37
C ALA B 358 -14.47 -39.53 25.78
N LEU B 359 -14.38 -39.32 24.46
CA LEU B 359 -13.07 -39.17 23.78
C LEU B 359 -12.26 -37.91 24.16
N GLY B 360 -12.87 -36.97 24.88
CA GLY B 360 -12.22 -35.71 25.24
C GLY B 360 -12.07 -34.78 24.05
N HIS B 361 -13.03 -34.82 23.11
CA HIS B 361 -12.93 -34.10 21.84
C HIS B 361 -13.64 -32.75 21.87
N LEU B 362 -14.22 -32.39 23.01
CA LEU B 362 -14.91 -31.13 23.17
C LEU B 362 -14.05 -30.14 23.93
N VAL B 363 -14.23 -28.87 23.61
CA VAL B 363 -13.55 -27.78 24.31
C VAL B 363 -14.04 -27.81 25.74
N LYS B 364 -13.14 -27.58 26.69
CA LYS B 364 -13.45 -27.73 28.11
C LYS B 364 -13.79 -26.40 28.74
N ASP B 365 -14.33 -26.47 29.96
CA ASP B 365 -14.53 -25.31 30.79
C ASP B 365 -13.43 -25.36 31.83
N VAL B 366 -12.60 -24.32 31.87
CA VAL B 366 -11.51 -24.21 32.86
C VAL B 366 -11.97 -24.28 34.32
N ARG B 367 -13.21 -23.87 34.59
CA ARG B 367 -13.79 -23.92 35.93
C ARG B 367 -14.11 -25.33 36.43
N THR B 368 -14.43 -26.26 35.53
CA THR B 368 -14.87 -27.62 35.88
C THR B 368 -13.94 -28.76 35.45
N GLY B 369 -13.05 -28.50 34.50
CA GLY B 369 -12.33 -29.56 33.80
C GLY B 369 -13.16 -30.39 32.83
N LYS B 370 -14.46 -30.11 32.70
CA LYS B 370 -15.37 -30.89 31.87
C LYS B 370 -15.69 -30.13 30.58
N SER B 371 -16.40 -30.77 29.66
CA SER B 371 -16.80 -30.13 28.40
C SER B 371 -17.63 -28.89 28.67
N TYR B 372 -17.31 -27.81 27.94
CA TYR B 372 -17.98 -26.52 28.14
C TYR B 372 -19.43 -26.63 27.69
N ASP B 373 -20.31 -26.01 28.49
CA ASP B 373 -21.77 -26.08 28.27
C ASP B 373 -22.20 -24.86 27.44
N MET B 374 -22.32 -25.06 26.13
CA MET B 374 -22.47 -23.96 25.17
C MET B 374 -23.93 -23.85 24.72
N PRO B 375 -24.55 -22.68 24.91
CA PRO B 375 -25.87 -22.46 24.28
C PRO B 375 -25.76 -22.35 22.75
N TRP B 376 -26.83 -22.69 22.06
CA TRP B 376 -26.84 -22.67 20.60
C TRP B 376 -28.24 -22.27 20.15
N PRO B 377 -28.37 -21.54 19.02
CA PRO B 377 -29.70 -21.11 18.60
C PRO B 377 -30.70 -22.20 18.19
N TRP B 378 -30.23 -23.35 17.71
CA TRP B 378 -31.10 -24.50 17.46
C TRP B 378 -30.56 -25.76 18.13
N GLY B 379 -31.47 -26.68 18.44
CA GLY B 379 -31.10 -28.02 18.89
C GLY B 379 -30.71 -28.15 20.36
N GLY B 380 -30.88 -27.07 21.15
CA GLY B 380 -30.48 -27.04 22.55
C GLY B 380 -28.98 -26.84 22.74
N ASN B 381 -28.57 -26.77 24.01
CA ASN B 381 -27.16 -26.66 24.39
C ASN B 381 -26.27 -27.74 23.74
N CYS B 382 -25.01 -27.39 23.55
CA CYS B 382 -24.10 -28.21 22.75
C CYS B 382 -22.70 -28.27 23.33
N GLY B 383 -21.92 -29.19 22.77
CA GLY B 383 -20.47 -29.24 22.96
C GLY B 383 -19.79 -28.60 21.77
N VAL B 384 -18.75 -27.82 22.03
CA VAL B 384 -17.94 -27.19 20.99
C VAL B 384 -16.79 -28.13 20.66
N VAL B 385 -16.72 -28.58 19.40
CA VAL B 385 -15.70 -29.55 18.99
C VAL B 385 -14.32 -28.85 18.98
N ASP B 386 -13.33 -29.46 19.62
CA ASP B 386 -12.02 -28.81 19.80
C ASP B 386 -11.15 -29.19 18.62
N PHE B 387 -11.21 -28.39 17.56
CA PHE B 387 -10.42 -28.70 16.37
C PHE B 387 -8.92 -28.37 16.53
N THR B 388 -8.50 -27.87 17.69
CA THR B 388 -7.07 -27.73 17.99
C THR B 388 -6.47 -28.99 18.61
N LYS B 389 -7.30 -29.96 18.98
CA LYS B 389 -6.79 -31.24 19.47
C LYS B 389 -6.48 -32.13 18.27
N PRO B 390 -5.21 -32.64 18.14
CA PRO B 390 -4.85 -33.42 16.96
C PRO B 390 -5.78 -34.59 16.62
N GLU B 391 -6.20 -35.35 17.63
CA GLU B 391 -7.02 -36.55 17.41
C GLU B 391 -8.41 -36.24 16.82
N VAL B 392 -8.93 -35.04 17.06
CA VAL B 392 -10.22 -34.65 16.49
C VAL B 392 -10.21 -34.67 14.95
N ALA B 393 -9.06 -34.45 14.31
CA ALA B 393 -9.01 -34.29 12.86
C ALA B 393 -9.49 -35.53 12.10
N ASP B 394 -8.91 -36.70 12.40
CA ASP B 394 -9.31 -37.95 11.74
C ASP B 394 -10.75 -38.34 12.09
N TRP B 395 -11.13 -38.10 13.34
CA TRP B 395 -12.48 -38.35 13.83
C TRP B 395 -13.51 -37.53 13.04
N TRP B 396 -13.26 -36.23 12.92
CA TRP B 396 -14.16 -35.36 12.12
C TRP B 396 -14.17 -35.74 10.65
N GLY B 397 -12.99 -36.02 10.11
CA GLY B 397 -12.83 -36.35 8.70
C GLY B 397 -13.64 -37.55 8.26
N SER B 398 -13.76 -38.54 9.13
CA SER B 398 -14.58 -39.73 8.88
C SER B 398 -16.07 -39.39 8.88
N TYR B 399 -16.52 -38.62 9.87
CA TYR B 399 -17.89 -38.11 9.93
C TYR B 399 -18.26 -37.32 8.67
N GLN B 400 -17.44 -36.33 8.32
CA GLN B 400 -17.77 -35.42 7.22
C GLN B 400 -17.72 -36.10 5.85
N GLN B 401 -16.98 -37.21 5.75
CA GLN B 401 -16.86 -37.92 4.48
C GLN B 401 -18.18 -38.54 3.99
N LYS B 402 -19.13 -38.79 4.90
CA LYS B 402 -20.38 -39.50 4.52
C LYS B 402 -21.14 -38.87 3.35
N PRO B 403 -21.46 -37.54 3.42
CA PRO B 403 -22.12 -36.95 2.25
C PRO B 403 -21.26 -36.97 1.01
N LEU B 404 -19.94 -36.87 1.19
CA LEU B 404 -19.03 -36.87 0.04
C LEU B 404 -19.03 -38.24 -0.66
N ASN B 405 -19.14 -39.33 0.10
CA ASN B 405 -19.28 -40.67 -0.51
C ASN B 405 -20.54 -40.78 -1.39
N ASP B 406 -21.58 -39.98 -1.10
CA ASP B 406 -22.77 -39.90 -1.95
C ASP B 406 -22.67 -38.93 -3.14
N GLY B 407 -21.55 -38.22 -3.28
CA GLY B 407 -21.29 -37.37 -4.45
C GLY B 407 -21.46 -35.87 -4.20
N VAL B 408 -21.71 -35.48 -2.96
CA VAL B 408 -21.62 -34.09 -2.53
C VAL B 408 -20.16 -33.62 -2.73
N ARG B 409 -20.00 -32.38 -3.19
CA ARG B 409 -18.72 -31.87 -3.67
C ARG B 409 -17.98 -30.94 -2.71
N GLY B 410 -18.54 -30.71 -1.53
CA GLY B 410 -17.89 -29.85 -0.55
C GLY B 410 -18.85 -29.27 0.47
N PHE B 411 -18.39 -28.24 1.16
CA PHE B 411 -19.08 -27.71 2.32
C PHE B 411 -19.12 -26.20 2.36
N TRP B 412 -20.05 -25.71 3.18
CA TRP B 412 -19.93 -24.41 3.79
C TRP B 412 -19.90 -24.60 5.30
N THR B 413 -18.86 -24.02 5.89
CA THR B 413 -18.58 -24.11 7.31
C THR B 413 -19.08 -22.84 7.98
N ASP B 414 -20.18 -22.99 8.72
CA ASP B 414 -20.96 -21.89 9.25
C ASP B 414 -20.81 -21.85 10.77
N MET B 415 -21.05 -20.69 11.37
CA MET B 415 -21.17 -20.55 12.82
C MET B 415 -19.86 -20.73 13.56
N GLY B 416 -18.72 -20.57 12.88
CA GLY B 416 -17.43 -20.90 13.49
C GLY B 416 -16.75 -19.80 14.27
N GLU B 417 -17.50 -18.81 14.75
CA GLU B 417 -16.87 -17.67 15.41
C GLU B 417 -16.21 -17.97 16.79
N PRO B 418 -16.68 -18.95 17.57
CA PRO B 418 -17.99 -19.62 17.45
C PRO B 418 -19.14 -18.64 17.53
N ALA B 419 -20.24 -18.98 16.88
CA ALA B 419 -21.50 -18.22 16.99
C ALA B 419 -21.91 -17.99 18.46
N TRP B 420 -22.71 -16.95 18.70
CA TRP B 420 -23.21 -16.61 20.04
C TRP B 420 -22.07 -16.42 21.05
N SER B 421 -20.96 -15.84 20.57
CA SER B 421 -19.77 -15.63 21.41
C SER B 421 -19.14 -14.27 21.15
N ASN B 422 -19.99 -13.25 21.03
CA ASN B 422 -19.54 -11.87 20.89
C ASN B 422 -18.81 -11.40 22.16
N GLU B 423 -18.16 -10.24 22.08
CA GLU B 423 -17.35 -9.72 23.21
C GLU B 423 -18.06 -9.71 24.54
N ASP B 424 -19.32 -9.29 24.53
CA ASP B 424 -20.12 -9.20 25.76
C ASP B 424 -20.47 -10.55 26.39
N ALA B 425 -20.41 -11.64 25.62
CA ALA B 425 -20.61 -12.98 26.18
C ALA B 425 -19.33 -13.46 26.89
N VAL B 426 -19.05 -12.87 28.04
CA VAL B 426 -17.79 -13.13 28.76
C VAL B 426 -17.66 -14.54 29.33
N ASP B 427 -18.75 -15.31 29.39
CA ASP B 427 -18.66 -16.70 29.84
C ASP B 427 -17.83 -17.58 28.91
N ARG B 428 -17.75 -17.20 27.63
CA ARG B 428 -16.99 -17.97 26.64
C ARG B 428 -15.48 -17.94 26.95
N LEU B 429 -15.02 -16.90 27.63
CA LEU B 429 -13.61 -16.79 28.05
C LEU B 429 -13.16 -17.93 28.98
N ASN B 430 -14.10 -18.68 29.55
CA ASN B 430 -13.80 -19.91 30.30
C ASN B 430 -13.49 -21.15 29.44
N MET B 431 -13.71 -21.07 28.13
CA MET B 431 -13.38 -22.18 27.25
C MET B 431 -11.87 -22.38 27.23
N LYS B 432 -11.46 -23.64 27.32
CA LYS B 432 -10.08 -24.05 27.39
C LYS B 432 -9.92 -25.08 26.30
N HIS B 433 -9.18 -24.70 25.27
CA HIS B 433 -8.94 -25.56 24.10
C HIS B 433 -7.59 -26.22 24.29
N HIS B 434 -7.35 -27.31 23.56
CA HIS B 434 -6.06 -28.00 23.57
C HIS B 434 -4.87 -27.03 23.42
N LEU B 435 -4.95 -26.09 22.48
CA LEU B 435 -3.84 -25.14 22.23
C LEU B 435 -3.88 -23.83 23.02
N GLY B 436 -4.92 -23.59 23.81
CA GLY B 436 -4.93 -22.46 24.73
C GLY B 436 -6.29 -22.02 25.21
N MET B 437 -6.32 -20.93 25.97
CA MET B 437 -7.56 -20.34 26.45
C MET B 437 -8.27 -19.59 25.34
N HIS B 438 -9.56 -19.37 25.55
CA HIS B 438 -10.44 -18.87 24.52
C HIS B 438 -10.06 -17.45 24.10
N ASN B 439 -9.52 -16.65 25.03
CA ASN B 439 -9.05 -15.31 24.66
C ASN B 439 -7.98 -15.32 23.54
N GLU B 440 -7.16 -16.36 23.50
CA GLU B 440 -6.17 -16.60 22.42
C GLU B 440 -6.76 -17.30 21.19
N ILE B 441 -7.59 -18.31 21.43
CA ILE B 441 -7.99 -19.27 20.41
C ILE B 441 -9.26 -18.90 19.62
N HIS B 442 -10.14 -18.06 20.20
CA HIS B 442 -11.41 -17.63 19.59
C HIS B 442 -11.25 -17.21 18.12
N ASN B 443 -10.26 -16.36 17.85
CA ASN B 443 -10.06 -15.84 16.49
C ASN B 443 -9.49 -16.86 15.51
N VAL B 444 -8.96 -17.97 16.01
CA VAL B 444 -8.53 -19.09 15.17
C VAL B 444 -9.32 -20.39 15.44
N TYR B 445 -10.45 -20.28 16.13
CA TYR B 445 -11.31 -21.47 16.36
C TYR B 445 -11.82 -21.97 14.99
N GLY B 446 -12.42 -21.06 14.22
CA GLY B 446 -12.96 -21.38 12.90
C GLY B 446 -11.88 -21.69 11.89
N PHE B 447 -10.77 -20.96 11.98
CA PHE B 447 -9.62 -21.21 11.12
C PHE B 447 -9.11 -22.65 11.26
N THR B 448 -8.92 -23.10 12.50
CA THR B 448 -8.37 -24.45 12.74
C THR B 448 -9.40 -25.51 12.36
N TRP B 449 -10.67 -25.22 12.59
CA TRP B 449 -11.76 -26.08 12.09
C TRP B 449 -11.70 -26.22 10.56
N ASP B 450 -11.60 -25.10 9.86
CA ASP B 450 -11.60 -25.08 8.41
C ASP B 450 -10.40 -25.79 7.83
N LYS B 451 -9.28 -25.72 8.55
CA LYS B 451 -8.04 -26.38 8.14
C LYS B 451 -8.22 -27.90 8.22
N VAL B 452 -8.74 -28.36 9.35
CA VAL B 452 -9.12 -29.76 9.51
C VAL B 452 -10.06 -30.21 8.40
N VAL B 453 -11.08 -29.42 8.10
CA VAL B 453 -12.07 -29.82 7.08
C VAL B 453 -11.38 -30.07 5.75
N THR B 454 -10.48 -29.15 5.38
CA THR B 454 -9.76 -29.25 4.11
C THR B 454 -8.70 -30.36 4.10
N GLU B 455 -7.87 -30.44 5.14
CA GLU B 455 -6.85 -31.50 5.24
C GLU B 455 -7.48 -32.91 5.20
N GLN B 456 -8.61 -33.06 5.90
CA GLN B 456 -9.31 -34.35 5.93
C GLN B 456 -9.92 -34.66 4.59
N PHE B 457 -10.50 -33.64 3.95
CA PHE B 457 -10.97 -33.78 2.57
C PHE B 457 -9.87 -34.33 1.66
N TYR B 458 -8.67 -33.75 1.75
CA TYR B 458 -7.53 -34.17 0.95
C TYR B 458 -7.15 -35.64 1.20
N LYS B 459 -7.08 -36.01 2.47
CA LYS B 459 -6.72 -37.37 2.87
C LYS B 459 -7.71 -38.38 2.33
N HIS B 460 -9.01 -38.09 2.47
CA HIS B 460 -10.08 -38.98 2.03
C HIS B 460 -10.45 -38.90 0.53
N ASN B 461 -9.97 -37.88 -0.21
CA ASN B 461 -10.39 -37.69 -1.60
C ASN B 461 -9.19 -37.18 -2.40
N PRO B 462 -8.20 -38.05 -2.64
CA PRO B 462 -6.90 -37.58 -3.12
C PRO B 462 -6.92 -36.87 -4.47
N ASN B 463 -6.06 -35.86 -4.60
CA ASN B 463 -5.90 -35.07 -5.81
C ASN B 463 -7.19 -34.43 -6.33
N LYS B 464 -8.03 -33.93 -5.41
CA LYS B 464 -9.23 -33.18 -5.78
C LYS B 464 -9.24 -31.85 -5.03
N ARG B 465 -9.68 -30.81 -5.74
CA ARG B 465 -9.85 -29.49 -5.12
C ARG B 465 -11.05 -29.55 -4.20
N ILE B 466 -10.88 -29.06 -2.99
CA ILE B 466 -12.05 -28.88 -2.12
C ILE B 466 -12.87 -27.69 -2.58
N PHE B 467 -14.19 -27.77 -2.33
CA PHE B 467 -15.01 -26.56 -2.22
C PHE B 467 -15.35 -26.40 -0.75
N GLN B 468 -14.84 -25.35 -0.13
CA GLN B 468 -15.21 -24.92 1.22
C GLN B 468 -15.43 -23.41 1.21
N MET B 469 -16.59 -22.95 1.69
CA MET B 469 -16.87 -21.53 1.85
C MET B 469 -17.24 -21.28 3.30
N THR B 470 -16.51 -20.37 3.96
CA THR B 470 -16.60 -20.21 5.42
C THR B 470 -17.13 -18.86 5.86
N ARG B 471 -17.65 -18.83 7.08
CA ARG B 471 -18.10 -17.60 7.69
C ARG B 471 -17.02 -17.02 8.60
N ALA B 472 -16.54 -17.83 9.55
CA ALA B 472 -15.54 -17.39 10.52
C ALA B 472 -14.16 -17.81 10.04
N ALA B 473 -13.17 -16.93 10.17
CA ALA B 473 -11.81 -17.25 9.76
C ALA B 473 -10.76 -16.35 10.42
N TYR B 474 -9.51 -16.68 10.15
CA TYR B 474 -8.34 -15.87 10.48
C TYR B 474 -7.43 -15.75 9.24
N ALA B 475 -6.46 -14.83 9.32
CA ALA B 475 -5.40 -14.69 8.32
C ALA B 475 -4.77 -16.03 7.98
N GLY B 476 -4.54 -16.23 6.69
CA GLY B 476 -4.04 -17.49 6.16
C GLY B 476 -5.15 -18.40 5.62
N LEU B 477 -6.40 -18.02 5.84
CA LEU B 477 -7.53 -18.82 5.41
C LEU B 477 -7.48 -19.24 3.94
N GLN B 478 -6.84 -18.41 3.09
CA GLN B 478 -6.75 -18.72 1.66
C GLN B 478 -6.20 -20.12 1.33
N ARG B 479 -5.37 -20.66 2.20
CA ARG B 479 -4.85 -22.02 2.02
C ARG B 479 -5.92 -23.13 2.09
N TYR B 480 -7.02 -22.87 2.78
CA TYR B 480 -8.01 -23.90 3.08
C TYR B 480 -9.44 -23.66 2.63
N THR B 481 -9.83 -22.41 2.40
CA THR B 481 -11.26 -22.07 2.31
C THR B 481 -11.51 -20.74 1.61
N PHE B 482 -12.72 -20.65 1.05
CA PHE B 482 -13.21 -19.45 0.42
C PHE B 482 -14.10 -18.82 1.49
N GLY B 483 -14.75 -17.70 1.18
CA GLY B 483 -15.52 -16.96 2.17
C GLY B 483 -16.83 -16.41 1.67
N TRP B 484 -17.81 -16.27 2.56
CA TRP B 484 -18.94 -15.38 2.31
C TRP B 484 -19.18 -14.50 3.53
N SER B 485 -19.82 -13.37 3.28
CA SER B 485 -19.98 -12.29 4.28
C SER B 485 -21.13 -12.44 5.28
N GLY B 486 -21.66 -13.65 5.41
CA GLY B 486 -22.58 -13.95 6.50
C GLY B 486 -23.95 -13.35 6.36
N ASP B 487 -24.56 -13.01 7.48
CA ASP B 487 -25.98 -12.65 7.52
C ASP B 487 -26.20 -11.16 7.33
N SER B 488 -26.17 -10.74 6.06
CA SER B 488 -26.34 -9.33 5.70
C SER B 488 -27.80 -8.99 5.46
N GLY B 489 -28.07 -7.69 5.28
CA GLY B 489 -29.39 -7.22 4.94
C GLY B 489 -30.15 -6.72 6.16
N ASN B 490 -31.37 -6.23 5.93
CA ASN B 490 -32.16 -5.60 7.00
C ASN B 490 -33.22 -6.56 7.54
N GLY B 491 -33.15 -6.84 8.84
CA GLY B 491 -34.04 -7.76 9.50
C GLY B 491 -35.44 -7.22 9.75
N SER B 492 -35.52 -5.92 10.04
CA SER B 492 -36.80 -5.30 10.38
C SER B 492 -37.67 -5.07 9.15
N ASN B 493 -37.07 -4.67 8.05
CA ASN B 493 -37.79 -4.57 6.79
C ASN B 493 -36.80 -4.80 5.66
N VAL B 494 -36.98 -5.90 4.95
CA VAL B 494 -36.07 -6.31 3.86
C VAL B 494 -35.91 -5.20 2.82
N LEU B 495 -36.99 -4.45 2.59
CA LEU B 495 -37.03 -3.38 1.60
C LEU B 495 -36.11 -2.20 1.92
N ASP B 496 -35.66 -2.11 3.18
CA ASP B 496 -34.75 -1.06 3.65
C ASP B 496 -33.26 -1.42 3.61
N GLY B 497 -32.90 -2.52 2.97
CA GLY B 497 -31.52 -2.96 2.93
C GLY B 497 -30.60 -2.31 1.91
N TRP B 498 -31.03 -1.24 1.26
CA TRP B 498 -30.25 -0.65 0.16
C TRP B 498 -28.82 -0.29 0.53
N LYS B 499 -28.65 0.45 1.62
CA LYS B 499 -27.30 0.89 2.01
C LYS B 499 -26.45 -0.27 2.52
N GLN B 500 -27.09 -1.21 3.20
CA GLN B 500 -26.41 -2.44 3.62
C GLN B 500 -25.91 -3.25 2.41
N MET B 501 -26.78 -3.44 1.40
CA MET B 501 -26.34 -4.02 0.12
C MET B 501 -25.15 -3.25 -0.48
N ALA B 502 -25.28 -1.93 -0.60
CA ALA B 502 -24.22 -1.08 -1.15
C ALA B 502 -22.87 -1.31 -0.44
N ASN B 503 -22.90 -1.49 0.87
CA ASN B 503 -21.66 -1.69 1.64
C ASN B 503 -20.99 -3.05 1.41
N GLN B 504 -21.69 -3.99 0.78
CA GLN B 504 -21.07 -5.27 0.41
C GLN B 504 -20.00 -5.11 -0.67
N ILE B 505 -20.02 -3.98 -1.41
CA ILE B 505 -18.96 -3.68 -2.37
C ILE B 505 -17.61 -3.50 -1.62
N PRO B 506 -17.47 -2.50 -0.74
CA PRO B 506 -16.19 -2.42 0.00
C PRO B 506 -15.90 -3.60 0.96
N VAL B 507 -16.91 -4.28 1.47
CA VAL B 507 -16.71 -5.50 2.28
C VAL B 507 -16.02 -6.56 1.43
N GLY B 508 -16.56 -6.83 0.25
CA GLY B 508 -15.95 -7.76 -0.70
C GLY B 508 -14.57 -7.39 -1.24
N LEU B 509 -14.38 -6.10 -1.55
CA LEU B 509 -13.09 -5.61 -2.00
C LEU B 509 -12.04 -5.71 -0.89
N SER B 510 -12.46 -5.43 0.34
CA SER B 510 -11.57 -5.52 1.50
C SER B 510 -11.26 -6.97 1.83
N ALA B 511 -12.28 -7.85 1.73
CA ALA B 511 -12.08 -9.27 1.86
C ALA B 511 -11.03 -9.76 0.84
N GLY B 512 -11.13 -9.28 -0.40
CA GLY B 512 -10.19 -9.63 -1.46
C GLY B 512 -8.78 -9.21 -1.11
N MET B 513 -8.64 -7.99 -0.59
CA MET B 513 -7.34 -7.48 -0.13
C MET B 513 -6.80 -8.22 1.10
N GLY B 514 -7.68 -8.97 1.79
CA GLY B 514 -7.30 -9.85 2.91
C GLY B 514 -7.13 -11.31 2.56
N LEU B 515 -7.06 -11.57 1.26
CA LEU B 515 -6.86 -12.90 0.67
C LEU B 515 -8.07 -13.81 0.85
N ILE B 516 -9.22 -13.23 0.50
CA ILE B 516 -10.43 -13.96 0.18
C ILE B 516 -10.79 -13.64 -1.29
N PRO B 517 -9.98 -14.17 -2.24
CA PRO B 517 -10.27 -13.94 -3.65
C PRO B 517 -11.58 -14.58 -4.12
N PHE B 518 -11.88 -15.75 -3.56
CA PHE B 518 -13.11 -16.45 -3.87
C PHE B 518 -14.14 -16.12 -2.80
N TRP B 519 -14.92 -15.08 -3.11
CA TRP B 519 -15.84 -14.45 -2.16
C TRP B 519 -17.23 -14.29 -2.78
N THR B 520 -18.24 -14.20 -1.92
CA THR B 520 -19.55 -13.73 -2.31
C THR B 520 -20.29 -13.21 -1.06
N CYS B 521 -21.49 -12.67 -1.28
CA CYS B 521 -22.40 -12.28 -0.22
C CYS B 521 -23.71 -13.00 -0.48
N ASP B 522 -24.63 -12.93 0.46
CA ASP B 522 -25.97 -13.46 0.21
C ASP B 522 -26.68 -12.47 -0.69
N ILE B 523 -26.85 -12.86 -1.95
CA ILE B 523 -27.61 -12.07 -2.93
C ILE B 523 -29.08 -12.11 -2.46
N SER B 524 -29.70 -10.92 -2.43
CA SER B 524 -30.96 -10.57 -1.71
C SER B 524 -30.75 -10.31 -0.21
N GLY B 525 -29.53 -10.49 0.29
CA GLY B 525 -29.28 -10.48 1.73
C GLY B 525 -29.83 -11.71 2.43
N TYR B 526 -29.36 -11.93 3.66
CA TYR B 526 -29.88 -12.99 4.51
C TYR B 526 -31.17 -12.56 5.17
N CYS B 527 -31.18 -11.35 5.74
CA CYS B 527 -32.27 -10.93 6.65
C CYS B 527 -33.50 -10.38 5.95
N GLY B 528 -34.64 -10.48 6.63
CA GLY B 528 -35.87 -9.76 6.30
C GLY B 528 -36.89 -10.62 5.55
N ASP B 529 -38.07 -10.78 6.12
CA ASP B 529 -39.13 -11.54 5.46
C ASP B 529 -39.56 -10.84 4.18
N ILE B 530 -39.75 -11.60 3.11
CA ILE B 530 -40.17 -11.03 1.85
C ILE B 530 -41.70 -11.17 1.81
N LYS B 531 -42.38 -10.16 2.32
CA LYS B 531 -43.85 -10.11 2.33
C LYS B 531 -44.46 -9.60 1.02
N ASP B 532 -43.66 -8.92 0.21
CA ASP B 532 -44.14 -8.31 -1.01
C ASP B 532 -43.07 -8.48 -2.09
N TYR B 533 -43.29 -9.47 -2.96
CA TYR B 533 -42.31 -9.81 -4.01
C TYR B 533 -42.17 -8.71 -5.06
N ASP B 534 -43.29 -8.08 -5.46
CA ASP B 534 -43.23 -6.95 -6.40
C ASP B 534 -42.36 -5.79 -5.87
N ALA B 535 -42.58 -5.42 -4.61
CA ALA B 535 -41.84 -4.34 -3.96
C ALA B 535 -40.34 -4.64 -3.82
N MET B 536 -40.01 -5.92 -3.58
CA MET B 536 -38.62 -6.38 -3.41
C MET B 536 -37.90 -6.55 -4.74
N ALA B 537 -38.63 -6.58 -5.87
CA ALA B 537 -38.04 -6.86 -7.18
C ALA B 537 -36.84 -5.98 -7.49
N GLU B 538 -36.99 -4.67 -7.34
CA GLU B 538 -35.91 -3.76 -7.69
C GLU B 538 -34.65 -4.07 -6.90
N LEU B 539 -34.77 -4.16 -5.58
CA LEU B 539 -33.62 -4.38 -4.72
C LEU B 539 -32.94 -5.73 -5.06
N TYR B 540 -33.75 -6.76 -5.32
CA TYR B 540 -33.24 -8.08 -5.70
C TYR B 540 -32.41 -8.01 -6.99
N VAL B 541 -32.95 -7.36 -8.03
CA VAL B 541 -32.26 -7.23 -9.32
C VAL B 541 -30.92 -6.51 -9.14
N ARG B 542 -30.90 -5.40 -8.41
CA ARG B 542 -29.63 -4.67 -8.17
C ARG B 542 -28.65 -5.51 -7.36
N TRP B 543 -29.16 -6.25 -6.38
CA TRP B 543 -28.32 -7.14 -5.54
C TRP B 543 -27.69 -8.25 -6.39
N LEU B 544 -28.49 -8.82 -7.30
CA LEU B 544 -28.02 -9.86 -8.20
C LEU B 544 -27.08 -9.29 -9.26
N GLN B 545 -27.39 -8.12 -9.82
CA GLN B 545 -26.49 -7.45 -10.78
C GLN B 545 -25.07 -7.23 -10.22
N PHE B 546 -24.98 -6.83 -8.96
CA PHE B 546 -23.70 -6.80 -8.22
C PHE B 546 -23.17 -8.20 -8.00
N GLY B 547 -24.05 -9.06 -7.48
CA GLY B 547 -23.69 -10.40 -7.07
C GLY B 547 -23.07 -11.31 -8.10
N VAL B 548 -23.49 -11.17 -9.37
CA VAL B 548 -22.89 -11.97 -10.45
C VAL B 548 -21.45 -11.58 -10.78
N PHE B 549 -20.99 -10.43 -10.32
CA PHE B 549 -19.55 -10.09 -10.38
C PHE B 549 -18.80 -10.41 -9.10
N THR B 550 -19.37 -11.25 -8.24
CA THR B 550 -18.65 -11.85 -7.11
C THR B 550 -18.30 -13.28 -7.56
N PRO B 551 -17.07 -13.76 -7.30
CA PRO B 551 -16.70 -15.09 -7.80
C PRO B 551 -17.64 -16.23 -7.44
N LEU B 552 -18.16 -16.25 -6.21
CA LEU B 552 -18.97 -17.37 -5.73
C LEU B 552 -20.47 -17.07 -5.64
N SER B 553 -20.91 -16.07 -6.42
CA SER B 553 -22.29 -15.60 -6.54
C SER B 553 -23.35 -16.57 -6.07
N ARG B 554 -23.87 -16.31 -4.87
CA ARG B 554 -24.87 -17.15 -4.24
C ARG B 554 -26.08 -16.35 -3.73
N ALA B 555 -27.27 -16.63 -4.30
CA ALA B 555 -28.54 -16.18 -3.74
C ALA B 555 -28.92 -17.07 -2.56
N HIS B 556 -29.37 -16.41 -1.49
CA HIS B 556 -29.72 -17.05 -0.24
C HIS B 556 -30.65 -16.11 0.55
N HIS B 557 -31.47 -16.67 1.43
CA HIS B 557 -32.25 -15.85 2.36
C HIS B 557 -32.66 -16.70 3.55
N GLU B 558 -33.01 -16.04 4.66
CA GLU B 558 -33.46 -16.73 5.87
C GLU B 558 -34.72 -17.59 5.60
N GLY B 559 -34.77 -18.75 6.27
CA GLY B 559 -35.98 -19.59 6.36
C GLY B 559 -36.62 -19.94 5.03
N GLY B 560 -37.94 -19.73 4.95
CA GLY B 560 -38.71 -20.04 3.75
C GLY B 560 -38.87 -18.88 2.78
N ASN B 561 -38.02 -17.87 2.91
CA ASN B 561 -38.06 -16.71 2.04
C ASN B 561 -37.38 -17.05 0.71
N ALA B 562 -38.17 -17.55 -0.24
CA ALA B 562 -37.67 -17.92 -1.57
C ALA B 562 -37.08 -16.74 -2.34
N VAL B 563 -35.84 -16.90 -2.81
CA VAL B 563 -35.13 -15.83 -3.55
C VAL B 563 -34.49 -16.36 -4.84
N GLU B 564 -35.14 -17.32 -5.49
CA GLU B 564 -34.69 -17.76 -6.80
C GLU B 564 -35.01 -16.64 -7.79
N PRO B 565 -34.26 -16.54 -8.91
CA PRO B 565 -34.38 -15.37 -9.77
C PRO B 565 -35.66 -15.23 -10.60
N TRP B 566 -36.55 -16.20 -10.58
CA TRP B 566 -37.88 -16.08 -11.22
C TRP B 566 -39.00 -15.66 -10.24
N LYS B 567 -38.69 -15.44 -8.96
CA LYS B 567 -39.69 -15.19 -7.92
C LYS B 567 -40.20 -13.76 -7.82
N PHE B 568 -39.61 -12.84 -8.59
CA PHE B 568 -39.85 -11.41 -8.48
C PHE B 568 -40.55 -10.85 -9.72
N GLY B 569 -41.15 -11.72 -10.52
CA GLY B 569 -41.88 -11.33 -11.72
C GLY B 569 -41.03 -11.46 -12.95
N THR B 570 -41.71 -11.51 -14.09
CA THR B 570 -41.09 -11.75 -15.39
C THR B 570 -40.02 -10.72 -15.78
N GLU B 571 -40.23 -9.45 -15.45
CA GLU B 571 -39.25 -8.43 -15.78
C GLU B 571 -37.94 -8.73 -15.06
N ALA B 572 -38.01 -8.88 -13.73
CA ALA B 572 -36.82 -9.20 -12.93
C ALA B 572 -36.18 -10.54 -13.31
N GLU B 573 -36.98 -11.50 -13.76
CA GLU B 573 -36.47 -12.79 -14.22
C GLU B 573 -35.64 -12.64 -15.50
N ASN B 574 -36.14 -11.86 -16.46
CA ASN B 574 -35.44 -11.66 -17.74
C ASN B 574 -34.14 -10.86 -17.52
N ILE B 575 -34.19 -9.87 -16.63
CA ILE B 575 -32.99 -9.12 -16.28
C ILE B 575 -31.99 -10.01 -15.53
N SER B 576 -32.47 -10.80 -14.58
CA SER B 576 -31.59 -11.70 -13.82
C SER B 576 -30.97 -12.79 -14.68
N ARG B 577 -31.73 -13.35 -15.62
CA ARG B 577 -31.14 -14.32 -16.58
C ARG B 577 -29.95 -13.71 -17.31
N LYS B 578 -30.11 -12.48 -17.80
CA LYS B 578 -29.05 -11.79 -18.56
C LYS B 578 -27.84 -11.46 -17.69
N SER B 579 -28.09 -11.11 -16.43
CA SER B 579 -27.03 -10.89 -15.45
C SER B 579 -26.19 -12.14 -15.28
N ILE B 580 -26.85 -13.27 -15.08
CA ILE B 580 -26.17 -14.55 -14.89
C ILE B 580 -25.48 -15.00 -16.20
N GLU B 581 -26.15 -14.85 -17.34
CA GLU B 581 -25.57 -15.19 -18.64
C GLU B 581 -24.29 -14.44 -18.95
N LEU B 582 -24.21 -13.18 -18.54
CA LEU B 582 -22.99 -12.39 -18.67
C LEU B 582 -21.84 -13.03 -17.91
N LYS B 583 -22.10 -13.48 -16.68
CA LYS B 583 -21.05 -14.11 -15.88
C LYS B 583 -20.56 -15.41 -16.50
N TYR B 584 -21.49 -16.20 -17.03
CA TYR B 584 -21.13 -17.47 -17.69
C TYR B 584 -20.32 -17.25 -18.96
N LYS B 585 -20.75 -16.28 -19.76
CA LYS B 585 -20.01 -15.90 -20.96
C LYS B 585 -18.58 -15.49 -20.61
N LEU B 586 -18.43 -14.78 -19.50
CA LEU B 586 -17.12 -14.35 -19.03
C LEU B 586 -16.29 -15.42 -18.31
N PHE B 587 -16.80 -16.66 -18.21
CA PHE B 587 -16.08 -17.70 -17.46
C PHE B 587 -14.57 -17.83 -17.79
N PRO B 588 -14.18 -17.93 -19.09
CA PRO B 588 -12.75 -18.11 -19.37
C PRO B 588 -11.88 -16.92 -18.95
N TYR B 589 -12.46 -15.72 -18.98
CA TYR B 589 -11.84 -14.52 -18.46
C TYR B 589 -11.72 -14.58 -16.93
N LEU B 590 -12.82 -14.92 -16.24
CA LEU B 590 -12.84 -15.02 -14.76
C LEU B 590 -11.94 -16.12 -14.23
N TYR B 591 -11.93 -17.26 -14.92
CA TYR B 591 -11.11 -18.40 -14.54
C TYR B 591 -9.60 -18.11 -14.65
N THR B 592 -9.22 -17.35 -15.67
CA THR B 592 -7.84 -16.87 -15.79
C THR B 592 -7.44 -16.02 -14.58
N TYR B 593 -8.33 -15.11 -14.17
CA TYR B 593 -8.11 -14.35 -12.93
C TYR B 593 -8.18 -15.18 -11.65
N ALA B 594 -8.96 -16.26 -11.65
CA ALA B 594 -8.89 -17.23 -10.55
C ALA B 594 -7.48 -17.79 -10.40
N ARG B 595 -6.83 -18.13 -11.52
CA ARG B 595 -5.45 -18.62 -11.47
C ARG B 595 -4.50 -17.54 -11.00
N GLU B 596 -4.68 -16.32 -11.51
CA GLU B 596 -3.86 -15.19 -11.10
C GLU B 596 -3.94 -14.96 -9.59
N ALA B 597 -5.11 -15.20 -8.99
CA ALA B 597 -5.26 -15.10 -7.54
C ALA B 597 -4.33 -16.10 -6.84
N HIS B 598 -4.29 -17.33 -7.39
CA HIS B 598 -3.40 -18.37 -6.88
C HIS B 598 -1.92 -17.96 -6.97
N ASP B 599 -1.51 -17.42 -8.12
CA ASP B 599 -0.10 -17.08 -8.38
C ASP B 599 0.40 -15.81 -7.69
N THR B 600 -0.45 -14.79 -7.64
CA THR B 600 -0.07 -13.44 -7.16
C THR B 600 -0.77 -12.98 -5.88
N GLY B 601 -1.86 -13.65 -5.47
CA GLY B 601 -2.68 -13.22 -4.33
C GLY B 601 -3.75 -12.16 -4.62
N LEU B 602 -3.78 -11.63 -5.85
CA LEU B 602 -4.67 -10.53 -6.20
C LEU B 602 -6.07 -11.06 -6.34
N PRO B 603 -7.05 -10.42 -5.69
CA PRO B 603 -8.41 -10.88 -5.85
C PRO B 603 -8.94 -10.61 -7.26
N ILE B 604 -10.01 -11.30 -7.62
CA ILE B 604 -10.71 -11.08 -8.87
C ILE B 604 -11.41 -9.72 -8.83
N MET B 605 -12.09 -9.44 -7.71
CA MET B 605 -12.72 -8.14 -7.45
C MET B 605 -11.65 -7.23 -6.88
N ARG B 606 -11.30 -6.18 -7.64
CA ARG B 606 -10.16 -5.32 -7.30
C ARG B 606 -10.58 -3.88 -7.11
N ALA B 607 -10.42 -3.38 -5.88
CA ALA B 607 -10.46 -1.94 -5.64
C ALA B 607 -9.57 -1.27 -6.68
N LEU B 608 -10.02 -0.14 -7.25
CA LEU B 608 -9.25 0.52 -8.30
C LEU B 608 -7.83 0.90 -7.85
N LEU B 609 -7.67 1.24 -6.57
CA LEU B 609 -6.35 1.55 -6.00
C LEU B 609 -5.28 0.46 -6.26
N LEU B 610 -5.71 -0.80 -6.31
CA LEU B 610 -4.80 -1.92 -6.59
C LEU B 610 -4.13 -1.84 -7.95
N GLU B 611 -4.88 -1.34 -8.94
CA GLU B 611 -4.42 -1.20 -10.31
C GLU B 611 -3.97 0.22 -10.64
N TYR B 612 -4.54 1.22 -9.97
CA TYR B 612 -4.16 2.63 -10.19
C TYR B 612 -3.71 3.29 -8.88
N PRO B 613 -2.58 2.82 -8.29
CA PRO B 613 -2.16 3.34 -6.97
C PRO B 613 -1.73 4.81 -6.96
N ASN B 614 -1.34 5.34 -8.12
CA ASN B 614 -1.02 6.78 -8.27
C ASN B 614 -2.23 7.72 -8.22
N ASP B 615 -3.45 7.19 -8.34
CA ASP B 615 -4.64 8.00 -8.47
C ASP B 615 -5.40 8.00 -7.13
N LYS B 616 -5.18 9.06 -6.35
CA LYS B 616 -5.76 9.20 -5.01
C LYS B 616 -7.29 9.23 -4.97
N GLU B 617 -7.91 9.60 -6.08
CA GLU B 617 -9.35 9.55 -6.22
C GLU B 617 -9.86 8.12 -5.96
N THR B 618 -9.09 7.10 -6.34
CA THR B 618 -9.51 5.71 -6.16
C THR B 618 -9.70 5.33 -4.69
N PHE B 619 -9.09 6.05 -3.76
CA PHE B 619 -9.26 5.75 -2.33
C PHE B 619 -10.70 5.92 -1.82
N LYS B 620 -11.49 6.74 -2.51
CA LYS B 620 -12.85 7.08 -2.11
C LYS B 620 -13.90 6.18 -2.75
N LEU B 621 -13.50 5.34 -3.70
CA LEU B 621 -14.45 4.62 -4.53
C LEU B 621 -14.98 3.35 -3.83
N ASN B 622 -16.18 3.47 -3.28
CA ASN B 622 -16.92 2.36 -2.68
C ASN B 622 -18.10 1.87 -3.52
N GLY B 623 -18.38 2.49 -4.68
CA GLY B 623 -19.53 2.12 -5.53
C GLY B 623 -19.13 1.46 -6.84
N GLN B 624 -17.87 1.09 -6.96
CA GLN B 624 -17.38 0.47 -8.18
C GLN B 624 -16.10 -0.33 -7.92
N PHE B 625 -15.74 -1.16 -8.89
CA PHE B 625 -14.56 -1.98 -8.79
C PHE B 625 -14.17 -2.55 -10.14
N LEU B 626 -12.93 -3.04 -10.23
CA LEU B 626 -12.47 -3.79 -11.38
C LEU B 626 -12.69 -5.31 -11.17
N VAL B 627 -12.97 -6.02 -12.26
CA VAL B 627 -13.01 -7.47 -12.26
C VAL B 627 -11.88 -7.85 -13.21
N GLY B 628 -10.79 -8.36 -12.62
CA GLY B 628 -9.50 -8.38 -13.30
C GLY B 628 -9.02 -6.98 -13.57
N LYS B 629 -8.23 -6.78 -14.62
CA LYS B 629 -7.73 -5.46 -15.02
C LYS B 629 -8.56 -4.84 -16.14
N GLU B 630 -9.24 -5.67 -16.94
CA GLU B 630 -9.83 -5.21 -18.19
C GLU B 630 -11.25 -4.68 -18.04
N LEU B 631 -11.96 -5.10 -16.97
CA LEU B 631 -13.35 -4.70 -16.75
C LEU B 631 -13.54 -3.84 -15.48
N LEU B 632 -14.28 -2.75 -15.66
CA LEU B 632 -14.70 -1.86 -14.58
C LEU B 632 -16.22 -2.05 -14.45
N VAL B 633 -16.66 -2.36 -13.22
CA VAL B 633 -18.07 -2.63 -12.92
C VAL B 633 -18.53 -1.61 -11.90
N ALA B 634 -19.61 -0.91 -12.22
CA ALA B 634 -20.17 0.13 -11.35
C ALA B 634 -21.66 -0.13 -11.19
N PRO B 635 -22.02 -1.09 -10.30
CA PRO B 635 -23.43 -1.43 -10.10
C PRO B 635 -24.23 -0.31 -9.47
N VAL B 636 -25.48 -0.19 -9.90
CA VAL B 636 -26.41 0.72 -9.27
C VAL B 636 -26.82 0.11 -7.94
N VAL B 637 -26.55 0.83 -6.86
CA VAL B 637 -26.91 0.39 -5.53
C VAL B 637 -27.67 1.48 -4.74
N GLU B 638 -28.34 2.37 -5.48
CA GLU B 638 -29.22 3.38 -4.89
C GLU B 638 -30.66 3.07 -5.29
N GLN B 639 -31.58 3.18 -4.33
CA GLN B 639 -33.00 2.89 -4.57
C GLN B 639 -33.60 3.88 -5.58
N GLY B 640 -34.27 3.35 -6.60
CA GLY B 640 -34.92 4.17 -7.61
C GLY B 640 -34.03 4.86 -8.61
N ALA B 641 -32.72 4.66 -8.52
CA ALA B 641 -31.76 5.32 -9.39
C ALA B 641 -31.83 4.66 -10.76
N VAL B 642 -31.81 5.49 -11.79
CA VAL B 642 -31.76 5.02 -13.17
C VAL B 642 -30.52 5.60 -13.88
N THR B 643 -29.57 6.10 -13.08
CA THR B 643 -28.27 6.55 -13.57
C THR B 643 -27.20 6.12 -12.58
N LYS B 644 -25.94 6.18 -13.02
CA LYS B 644 -24.81 5.87 -12.15
C LYS B 644 -23.64 6.83 -12.39
N ASP B 645 -23.08 7.36 -11.29
CA ASP B 645 -21.83 8.11 -11.34
C ASP B 645 -20.65 7.13 -11.27
N VAL B 646 -19.78 7.22 -12.28
CA VAL B 646 -18.65 6.30 -12.48
C VAL B 646 -17.40 7.14 -12.59
N TYR B 647 -16.37 6.79 -11.82
CA TYR B 647 -15.04 7.37 -12.01
C TYR B 647 -14.26 6.48 -12.96
N LEU B 648 -13.83 7.04 -14.09
CA LEU B 648 -12.95 6.33 -15.00
C LEU B 648 -11.50 6.76 -14.68
N PRO B 649 -10.59 5.78 -14.47
CA PRO B 649 -9.18 6.10 -14.20
C PRO B 649 -8.39 6.24 -15.51
N GLU B 650 -7.07 6.28 -15.46
CA GLU B 650 -6.19 6.37 -16.65
C GLU B 650 -6.65 5.45 -17.79
N GLY B 651 -6.62 5.98 -19.00
CA GLY B 651 -6.87 5.19 -20.22
C GLY B 651 -8.15 5.65 -20.88
N GLU B 652 -8.56 4.93 -21.92
CA GLU B 652 -9.88 5.13 -22.52
C GLU B 652 -10.73 3.93 -22.21
N TRP B 653 -12.02 4.16 -22.03
CA TRP B 653 -12.94 3.16 -21.54
C TRP B 653 -14.13 3.08 -22.46
N ILE B 654 -14.52 1.85 -22.79
CA ILE B 654 -15.62 1.59 -23.72
C ILE B 654 -16.79 0.90 -22.98
N ASP B 655 -18.02 1.36 -23.24
CA ASP B 655 -19.23 0.73 -22.70
C ASP B 655 -19.30 -0.72 -23.16
N PHE B 656 -19.19 -1.65 -22.22
CA PHE B 656 -19.19 -3.08 -22.53
C PHE B 656 -20.56 -3.61 -22.96
N ASN B 657 -21.64 -2.89 -22.63
CA ASN B 657 -23.01 -3.29 -23.03
C ASN B 657 -23.27 -3.05 -24.52
N ASN B 658 -22.73 -1.97 -25.09
CA ASN B 658 -22.88 -1.70 -26.54
C ASN B 658 -21.60 -1.78 -27.39
N CYS B 659 -20.45 -1.42 -26.80
CA CYS B 659 -19.12 -1.35 -27.45
C CYS B 659 -18.90 -0.16 -28.39
N LYS B 660 -19.87 0.74 -28.47
CA LYS B 660 -19.81 1.89 -29.36
C LYS B 660 -19.32 3.14 -28.61
N THR B 661 -19.87 3.37 -27.42
CA THR B 661 -19.58 4.55 -26.64
C THR B 661 -18.22 4.46 -25.96
N LYS B 662 -17.34 5.39 -26.33
CA LYS B 662 -15.98 5.48 -25.83
C LYS B 662 -15.89 6.72 -24.95
N TYR B 663 -15.17 6.64 -23.84
CA TYR B 663 -14.93 7.78 -22.96
C TYR B 663 -13.44 7.96 -22.70
N LYS B 664 -13.03 9.21 -22.49
CA LYS B 664 -11.68 9.52 -22.00
C LYS B 664 -11.56 9.23 -20.49
N GLY B 665 -10.34 8.93 -20.05
CA GLY B 665 -10.07 8.59 -18.64
C GLY B 665 -9.81 9.76 -17.71
N GLU B 666 -9.66 9.41 -16.44
CA GLU B 666 -9.39 10.36 -15.36
C GLU B 666 -10.48 11.41 -15.23
N GLN B 667 -11.73 10.95 -15.16
CA GLN B 667 -12.88 11.83 -14.98
C GLN B 667 -14.08 11.11 -14.37
N TRP B 668 -14.96 11.89 -13.77
CA TRP B 668 -16.27 11.40 -13.36
C TRP B 668 -17.23 11.53 -14.54
N ILE B 669 -17.99 10.48 -14.79
CA ILE B 669 -19.11 10.54 -15.76
C ILE B 669 -20.39 10.06 -15.09
N THR B 670 -21.52 10.43 -15.68
CA THR B 670 -22.84 9.93 -15.29
C THR B 670 -23.42 9.23 -16.50
N VAL B 671 -23.79 7.96 -16.35
CA VAL B 671 -24.34 7.18 -17.45
C VAL B 671 -25.77 6.75 -17.15
N ASP B 672 -26.53 6.47 -18.19
CA ASP B 672 -27.85 5.87 -18.05
C ASP B 672 -27.68 4.43 -17.56
N ALA B 673 -28.49 4.07 -16.57
CA ALA B 673 -28.44 2.74 -15.94
C ALA B 673 -29.82 2.40 -15.39
N PRO B 674 -30.78 2.15 -16.29
CA PRO B 674 -32.09 1.72 -15.82
C PRO B 674 -32.02 0.31 -15.19
N LEU B 675 -33.15 -0.20 -14.73
CA LEU B 675 -33.19 -1.49 -14.03
C LEU B 675 -32.55 -2.66 -14.79
N ASN B 676 -32.65 -2.66 -16.12
CA ASN B 676 -32.10 -3.76 -16.94
C ASN B 676 -30.61 -3.65 -17.26
N THR B 677 -29.90 -2.73 -16.61
CA THR B 677 -28.54 -2.37 -17.02
C THR B 677 -27.57 -2.44 -15.85
N ILE B 678 -26.42 -3.07 -16.09
CA ILE B 678 -25.27 -2.99 -15.19
C ILE B 678 -24.22 -2.17 -15.94
N PRO B 679 -23.83 -1.00 -15.38
CA PRO B 679 -22.74 -0.27 -16.04
C PRO B 679 -21.43 -1.06 -15.94
N VAL B 680 -20.95 -1.50 -17.11
CA VAL B 680 -19.69 -2.21 -17.23
C VAL B 680 -18.90 -1.55 -18.36
N PHE B 681 -17.60 -1.38 -18.13
CA PHE B 681 -16.71 -0.74 -19.08
C PHE B 681 -15.50 -1.61 -19.31
N VAL B 682 -15.07 -1.70 -20.57
CA VAL B 682 -13.85 -2.40 -20.95
C VAL B 682 -12.79 -1.35 -21.30
N LYS B 683 -11.58 -1.56 -20.80
CA LYS B 683 -10.48 -0.66 -21.09
C LYS B 683 -10.01 -0.83 -22.54
N LYS B 684 -9.76 0.28 -23.22
CA LYS B 684 -9.16 0.25 -24.55
C LYS B 684 -7.81 -0.47 -24.47
N GLY B 685 -7.57 -1.38 -25.42
CA GLY B 685 -6.43 -2.29 -25.38
C GLY B 685 -6.78 -3.70 -24.89
N SER B 686 -7.95 -3.88 -24.29
CA SER B 686 -8.29 -5.16 -23.66
C SER B 686 -8.57 -6.27 -24.67
N ILE B 687 -8.28 -7.49 -24.24
CA ILE B 687 -8.65 -8.70 -24.96
C ILE B 687 -9.39 -9.61 -23.98
N ILE B 688 -10.67 -9.91 -24.26
CA ILE B 688 -11.55 -10.62 -23.32
C ILE B 688 -11.95 -11.98 -23.90
N PRO B 689 -11.43 -13.09 -23.34
CA PRO B 689 -11.93 -14.39 -23.76
C PRO B 689 -13.36 -14.62 -23.29
N GLN B 690 -14.21 -15.18 -24.15
CA GLN B 690 -15.58 -15.57 -23.78
C GLN B 690 -15.98 -16.92 -24.32
N MET B 691 -16.95 -17.55 -23.65
CA MET B 691 -17.57 -18.78 -24.12
C MET B 691 -19.06 -18.56 -24.42
N PRO B 692 -19.69 -19.49 -25.17
CA PRO B 692 -21.13 -19.39 -25.38
C PRO B 692 -21.91 -19.62 -24.09
N VAL B 693 -23.13 -19.10 -24.04
CA VAL B 693 -24.02 -19.34 -22.90
C VAL B 693 -24.23 -20.85 -22.74
N MET B 694 -24.10 -21.31 -21.51
CA MET B 694 -24.42 -22.67 -21.11
C MET B 694 -25.21 -22.55 -19.82
N GLN B 695 -25.94 -23.61 -19.49
CA GLN B 695 -26.74 -23.68 -18.26
C GLN B 695 -25.91 -24.07 -17.04
N TYR B 696 -24.75 -24.68 -17.29
CA TYR B 696 -23.78 -24.97 -16.23
C TYR B 696 -22.38 -25.04 -16.85
N ILE B 697 -21.35 -24.91 -16.02
CA ILE B 697 -19.98 -24.95 -16.51
C ILE B 697 -19.72 -26.37 -17.05
N ASP B 698 -19.16 -26.45 -18.25
CA ASP B 698 -18.91 -27.72 -18.95
C ASP B 698 -20.15 -28.45 -19.48
N GLU B 699 -21.28 -27.76 -19.62
CA GLU B 699 -22.43 -28.36 -20.29
C GLU B 699 -22.02 -28.80 -21.71
N LYS B 700 -21.32 -27.92 -22.43
CA LYS B 700 -20.53 -28.30 -23.59
C LYS B 700 -19.08 -28.46 -23.13
N LYS B 701 -18.54 -29.66 -23.26
CA LYS B 701 -17.15 -29.98 -22.87
C LYS B 701 -16.13 -29.24 -23.74
N VAL B 702 -16.52 -28.99 -24.99
CA VAL B 702 -15.69 -28.31 -25.98
C VAL B 702 -16.52 -27.19 -26.56
N TYR B 703 -15.91 -26.02 -26.75
CA TYR B 703 -16.62 -24.88 -27.29
C TYR B 703 -15.68 -23.96 -28.00
N PRO B 704 -16.18 -23.26 -29.03
CA PRO B 704 -15.39 -22.20 -29.64
C PRO B 704 -15.14 -21.09 -28.64
N VAL B 705 -13.91 -20.58 -28.58
CA VAL B 705 -13.56 -19.50 -27.66
C VAL B 705 -13.50 -18.23 -28.49
N THR B 706 -14.24 -17.22 -28.04
CA THR B 706 -14.25 -15.91 -28.66
C THR B 706 -13.27 -15.03 -27.90
N PHE B 707 -12.53 -14.19 -28.63
CA PHE B 707 -11.69 -13.16 -28.04
C PHE B 707 -12.14 -11.79 -28.51
N ASP B 708 -12.82 -11.05 -27.62
CA ASP B 708 -13.22 -9.66 -27.93
C ASP B 708 -12.05 -8.74 -27.71
N ILE B 709 -11.59 -8.11 -28.79
CA ILE B 709 -10.37 -7.31 -28.83
C ILE B 709 -10.74 -5.87 -29.13
N PHE B 710 -10.28 -4.96 -28.26
CA PHE B 710 -10.49 -3.51 -28.41
C PHE B 710 -9.10 -2.89 -28.56
N PRO B 711 -8.63 -2.68 -29.81
CA PRO B 711 -7.23 -2.27 -30.02
C PRO B 711 -6.82 -1.06 -29.20
N GLY B 712 -5.61 -1.13 -28.63
CA GLY B 712 -5.05 -0.01 -27.90
C GLY B 712 -4.61 1.13 -28.79
N ASN B 713 -3.94 2.12 -28.20
CA ASN B 713 -3.40 3.25 -28.95
C ASN B 713 -2.30 2.82 -29.91
N LEU B 714 -1.91 3.74 -30.79
CA LEU B 714 -0.90 3.46 -31.81
C LEU B 714 0.44 3.03 -31.19
N ASN B 715 1.01 1.95 -31.73
CA ASN B 715 2.31 1.41 -31.32
C ASN B 715 2.43 1.07 -29.82
N LYS B 716 1.33 0.61 -29.23
CA LYS B 716 1.36 0.05 -27.88
C LYS B 716 0.78 -1.37 -27.93
N GLU B 717 1.52 -2.31 -27.33
CA GLU B 717 1.19 -3.74 -27.35
C GLU B 717 0.43 -4.11 -26.08
N THR B 718 -0.74 -4.71 -26.28
CA THR B 718 -1.55 -5.26 -25.17
C THR B 718 -1.73 -6.74 -25.41
N SER B 719 -2.09 -7.45 -24.35
CA SER B 719 -2.28 -8.90 -24.43
C SER B 719 -3.22 -9.46 -23.36
N PHE B 720 -3.61 -10.71 -23.56
CA PHE B 720 -4.27 -11.51 -22.54
C PHE B 720 -3.72 -12.91 -22.64
N THR B 721 -3.43 -13.50 -21.48
CA THR B 721 -2.96 -14.87 -21.43
C THR B 721 -4.06 -15.81 -20.91
N PHE B 722 -4.73 -16.45 -21.87
CA PHE B 722 -5.84 -17.38 -21.62
C PHE B 722 -5.37 -18.69 -20.95
N TYR B 723 -5.69 -18.83 -19.67
CA TYR B 723 -5.27 -19.97 -18.86
C TYR B 723 -6.30 -21.09 -18.89
N GLU B 724 -5.85 -22.34 -19.03
CA GLU B 724 -6.75 -23.50 -18.88
C GLU B 724 -6.07 -24.62 -18.13
N ASP B 725 -6.89 -25.43 -17.48
CA ASP B 725 -6.43 -26.60 -16.77
C ASP B 725 -7.63 -27.56 -16.62
N ASP B 726 -7.47 -28.65 -15.90
CA ASP B 726 -8.56 -29.64 -15.79
C ASP B 726 -9.74 -29.20 -14.87
N GLY B 727 -9.53 -28.13 -14.08
CA GLY B 727 -10.60 -27.53 -13.26
C GLY B 727 -11.11 -28.33 -12.06
N GLU B 728 -10.54 -29.51 -11.81
CA GLU B 728 -11.02 -30.42 -10.79
C GLU B 728 -9.95 -30.92 -9.81
N SER B 729 -8.77 -31.26 -10.34
CA SER B 729 -7.71 -31.87 -9.56
C SER B 729 -6.82 -30.80 -8.93
N ARG B 730 -5.87 -31.25 -8.13
CA ARG B 730 -4.84 -30.37 -7.54
C ARG B 730 -3.58 -30.25 -8.40
N ASP B 731 -3.63 -30.76 -9.65
CA ASP B 731 -2.49 -30.72 -10.56
C ASP B 731 -2.01 -29.29 -10.80
N TYR B 732 -2.94 -28.33 -10.78
CA TYR B 732 -2.61 -26.91 -11.02
C TYR B 732 -1.61 -26.35 -9.99
N GLU B 733 -1.57 -26.97 -8.80
CA GLU B 733 -0.65 -26.56 -7.74
C GLU B 733 0.81 -26.92 -8.06
N ARG B 734 1.00 -27.94 -8.91
CA ARG B 734 2.30 -28.32 -9.50
C ARG B 734 2.43 -27.75 -10.91
N ASP B 735 1.65 -26.71 -11.24
CA ASP B 735 1.77 -26.01 -12.51
C ASP B 735 1.54 -26.89 -13.74
N VAL B 736 0.52 -27.74 -13.63
CA VAL B 736 0.02 -28.51 -14.75
C VAL B 736 -1.16 -27.75 -15.35
N PHE B 737 -0.92 -27.18 -16.52
CA PHE B 737 -1.88 -26.32 -17.18
C PHE B 737 -1.48 -26.07 -18.64
N CYS B 738 -2.25 -25.26 -19.35
CA CYS B 738 -1.74 -24.62 -20.56
C CYS B 738 -2.14 -23.18 -20.59
N LYS B 739 -1.41 -22.41 -21.40
CA LYS B 739 -1.68 -21.00 -21.60
C LYS B 739 -1.58 -20.65 -23.07
N THR B 740 -2.49 -19.80 -23.54
CA THR B 740 -2.46 -19.28 -24.91
C THR B 740 -2.48 -17.76 -24.83
N LYS B 741 -1.38 -17.12 -25.18
CA LYS B 741 -1.29 -15.67 -25.16
C LYS B 741 -1.80 -15.06 -26.47
N ILE B 742 -2.75 -14.14 -26.35
CA ILE B 742 -3.24 -13.36 -27.48
C ILE B 742 -2.68 -11.96 -27.36
N THR B 743 -2.07 -11.47 -28.43
CA THR B 743 -1.43 -10.16 -28.41
C THR B 743 -2.08 -9.29 -29.47
N SER B 744 -2.21 -7.99 -29.16
CA SER B 744 -2.72 -6.98 -30.11
C SER B 744 -1.80 -5.76 -30.14
N LYS B 745 -1.58 -5.23 -31.34
CA LYS B 745 -0.70 -4.07 -31.56
C LYS B 745 -1.16 -3.34 -32.81
N ALA B 746 -1.50 -2.05 -32.67
CA ALA B 746 -2.07 -1.25 -33.76
C ALA B 746 -1.06 -0.25 -34.29
N SER B 747 -0.68 -0.39 -35.56
CA SER B 747 0.22 0.54 -36.25
C SER B 747 -0.58 1.70 -36.84
N ASN B 748 0.09 2.52 -37.66
CA ASN B 748 -0.62 3.39 -38.60
C ASN B 748 -1.23 2.51 -39.69
N GLU B 749 -2.55 2.60 -39.84
CA GLU B 749 -3.34 1.79 -40.78
C GLU B 749 -2.96 0.29 -40.85
N GLU B 750 -2.84 -0.34 -39.68
CA GLU B 750 -2.60 -1.79 -39.56
C GLU B 750 -2.89 -2.29 -38.13
N ILE B 751 -3.51 -3.47 -37.99
CA ILE B 751 -3.72 -4.11 -36.68
C ILE B 751 -3.16 -5.54 -36.68
N LYS B 752 -2.22 -5.79 -35.78
CA LYS B 752 -1.52 -7.08 -35.68
C LYS B 752 -1.99 -7.87 -34.44
N ILE B 753 -2.77 -8.94 -34.67
CA ILE B 753 -3.20 -9.86 -33.64
C ILE B 753 -2.42 -11.16 -33.73
N THR B 754 -1.78 -11.57 -32.64
CA THR B 754 -0.97 -12.77 -32.61
C THR B 754 -1.59 -13.79 -31.66
N VAL B 755 -1.87 -15.00 -32.17
CA VAL B 755 -2.20 -16.14 -31.33
C VAL B 755 -0.89 -16.83 -31.03
N GLY B 756 -0.40 -16.67 -29.80
CA GLY B 756 0.87 -17.28 -29.38
C GLY B 756 0.80 -18.79 -29.48
N GLU B 757 1.96 -19.42 -29.67
CA GLU B 757 2.09 -20.87 -29.61
C GLU B 757 1.67 -21.36 -28.24
N ARG B 758 0.89 -22.43 -28.20
CA ARG B 758 0.39 -22.93 -26.93
C ARG B 758 1.52 -23.45 -26.04
N GLU B 759 1.59 -22.87 -24.86
CA GLU B 759 2.48 -23.30 -23.80
C GLU B 759 1.89 -24.57 -23.15
N TYR B 760 2.52 -25.73 -23.37
CA TYR B 760 2.08 -27.03 -22.81
C TYR B 760 2.87 -27.40 -21.54
N LYS B 761 2.18 -27.44 -20.40
CA LYS B 761 2.77 -27.85 -19.13
C LYS B 761 2.00 -29.05 -18.54
N GLY B 762 1.70 -30.03 -19.39
CA GLY B 762 1.11 -31.29 -18.93
C GLY B 762 -0.40 -31.39 -19.01
N TYR B 763 -1.04 -30.40 -19.64
CA TYR B 763 -2.50 -30.38 -19.82
C TYR B 763 -2.81 -29.98 -21.26
N SER B 764 -3.63 -30.78 -21.93
CA SER B 764 -4.06 -30.50 -23.32
C SER B 764 -5.49 -30.02 -23.20
N PRO B 765 -5.80 -28.87 -23.82
CA PRO B 765 -7.12 -28.27 -23.66
C PRO B 765 -8.20 -29.00 -24.43
N ALA B 766 -9.43 -28.61 -24.14
CA ALA B 766 -10.59 -29.07 -24.88
C ALA B 766 -10.37 -28.81 -26.37
N GLY B 767 -10.59 -29.83 -27.18
CA GLY B 767 -10.56 -29.66 -28.63
C GLY B 767 -11.06 -30.89 -29.35
N PRO B 768 -11.12 -30.87 -30.68
CA PRO B 768 -10.74 -29.71 -31.49
C PRO B 768 -11.75 -28.56 -31.38
N ARG B 769 -11.28 -27.35 -31.58
CA ARG B 769 -12.14 -26.17 -31.53
C ARG B 769 -11.59 -25.08 -32.41
N ASN B 770 -12.45 -24.11 -32.71
CA ASN B 770 -12.06 -22.89 -33.38
C ASN B 770 -11.96 -21.73 -32.38
N PHE B 771 -11.10 -20.77 -32.72
CA PHE B 771 -11.15 -19.46 -32.11
C PHE B 771 -11.84 -18.52 -33.07
N ILE B 772 -12.50 -17.52 -32.52
CA ILE B 772 -12.98 -16.39 -33.28
C ILE B 772 -12.40 -15.13 -32.65
N LEU B 773 -11.58 -14.43 -33.41
CA LEU B 773 -11.05 -13.16 -32.98
C LEU B 773 -12.06 -12.12 -33.42
N LYS B 774 -12.59 -11.36 -32.45
CA LYS B 774 -13.56 -10.31 -32.73
C LYS B 774 -12.90 -8.97 -32.42
N ILE B 775 -12.42 -8.32 -33.48
CA ILE B 775 -11.72 -7.05 -33.36
C ILE B 775 -12.76 -5.95 -33.53
N HIS B 776 -12.86 -5.06 -32.54
CA HIS B 776 -13.77 -3.91 -32.60
C HIS B 776 -13.08 -2.76 -33.33
N ALA B 777 -13.78 -2.20 -34.30
CA ALA B 777 -13.21 -1.23 -35.24
C ALA B 777 -14.35 -0.51 -35.92
N SER B 778 -14.17 0.77 -36.21
CA SER B 778 -15.25 1.58 -36.77
C SER B 778 -15.55 1.26 -38.25
N ASN B 779 -14.52 0.98 -39.05
CA ASN B 779 -14.67 0.73 -40.49
C ASN B 779 -14.17 -0.64 -40.93
N LYS B 780 -14.93 -1.28 -41.82
CA LYS B 780 -14.53 -2.54 -42.45
C LYS B 780 -13.16 -2.38 -43.07
N PRO B 781 -12.22 -3.31 -42.76
CA PRO B 781 -10.88 -3.21 -43.34
C PRO B 781 -10.89 -3.64 -44.81
N LYS B 782 -9.83 -3.28 -45.54
CA LYS B 782 -9.73 -3.61 -46.96
C LYS B 782 -9.45 -5.10 -47.12
N ASP B 783 -8.43 -5.59 -46.39
CA ASP B 783 -8.10 -7.02 -46.35
C ASP B 783 -7.54 -7.45 -45.00
N VAL B 784 -7.58 -8.77 -44.76
CA VAL B 784 -7.03 -9.41 -43.57
C VAL B 784 -6.13 -10.57 -44.00
N PHE B 785 -4.93 -10.65 -43.41
CA PHE B 785 -3.94 -11.69 -43.74
C PHE B 785 -3.66 -12.61 -42.55
N ALA B 786 -3.36 -13.87 -42.85
CA ALA B 786 -2.98 -14.88 -41.86
C ALA B 786 -1.62 -15.45 -42.23
N GLY B 787 -0.58 -14.98 -41.55
CA GLY B 787 0.81 -15.31 -41.91
C GLY B 787 1.16 -14.58 -43.20
N GLY B 788 1.47 -15.35 -44.24
CA GLY B 788 1.71 -14.81 -45.58
C GLY B 788 0.43 -14.56 -46.37
N GLU B 789 -0.52 -15.50 -46.28
CA GLU B 789 -1.67 -15.54 -47.18
C GLU B 789 -2.79 -14.55 -46.86
N LYS B 790 -3.37 -13.96 -47.91
CA LYS B 790 -4.64 -13.22 -47.83
C LYS B 790 -5.77 -14.17 -47.43
N LEU B 791 -6.77 -13.65 -46.71
CA LEU B 791 -7.90 -14.46 -46.24
C LEU B 791 -9.19 -14.17 -47.00
N LYS B 792 -10.04 -15.19 -47.05
CA LYS B 792 -11.30 -15.15 -47.78
C LYS B 792 -12.35 -14.37 -46.98
N ASN B 793 -12.77 -13.20 -47.49
CA ASN B 793 -13.85 -12.44 -46.86
C ASN B 793 -15.16 -13.14 -47.18
N VAL B 794 -15.97 -13.40 -46.16
CA VAL B 794 -17.24 -14.13 -46.29
C VAL B 794 -18.35 -13.47 -45.47
N LYS B 795 -19.57 -13.98 -45.65
CA LYS B 795 -20.74 -13.56 -44.88
C LYS B 795 -20.63 -14.02 -43.42
N PRO B 796 -21.18 -13.24 -42.45
CA PRO B 796 -21.23 -13.70 -41.05
C PRO B 796 -21.81 -15.10 -40.86
N HIS B 797 -22.86 -15.41 -41.60
CA HIS B 797 -23.52 -16.72 -41.54
C HIS B 797 -22.60 -17.86 -41.97
N VAL B 798 -21.75 -17.61 -42.97
CA VAL B 798 -20.80 -18.61 -43.46
C VAL B 798 -19.72 -18.87 -42.42
N LEU B 799 -19.16 -17.81 -41.86
CA LEU B 799 -18.12 -17.91 -40.81
C LEU B 799 -18.60 -18.69 -39.59
N GLU B 800 -19.87 -18.52 -39.23
CA GLU B 800 -20.52 -19.23 -38.12
C GLU B 800 -20.93 -20.67 -38.46
N LYS B 801 -21.02 -21.00 -39.75
CA LYS B 801 -21.49 -22.31 -40.19
C LYS B 801 -20.47 -23.41 -39.88
N ASN B 802 -20.91 -24.43 -39.16
CA ASN B 802 -20.04 -25.51 -38.69
C ASN B 802 -18.86 -25.00 -37.84
N ILE B 803 -19.15 -24.08 -36.91
CA ILE B 803 -18.14 -23.56 -35.97
C ILE B 803 -17.72 -24.62 -34.92
N GLU B 804 -18.59 -25.61 -34.65
CA GLU B 804 -18.26 -26.73 -33.76
C GLU B 804 -18.02 -28.06 -34.49
N ALA B 805 -17.83 -28.04 -35.81
CA ALA B 805 -17.77 -29.28 -36.62
C ALA B 805 -16.63 -29.32 -37.64
N ASP B 806 -16.46 -28.23 -38.38
CA ASP B 806 -15.34 -28.05 -39.30
C ASP B 806 -14.23 -27.28 -38.59
N PHE B 807 -13.01 -27.81 -38.64
CA PHE B 807 -11.84 -27.18 -38.04
C PHE B 807 -10.75 -26.93 -39.10
N THR B 808 -11.19 -26.63 -40.33
CA THR B 808 -10.27 -26.32 -41.44
C THR B 808 -10.37 -24.88 -41.98
N LYS B 809 -11.50 -24.20 -41.76
CA LYS B 809 -11.71 -22.87 -42.36
C LYS B 809 -10.97 -21.77 -41.63
N ILE B 810 -10.28 -20.91 -42.39
CA ILE B 810 -9.71 -19.68 -41.88
C ILE B 810 -10.26 -18.59 -42.80
N ASN B 811 -11.14 -17.75 -42.25
CA ASN B 811 -11.79 -16.68 -43.01
C ASN B 811 -12.14 -15.52 -42.09
N TRP B 812 -12.66 -14.43 -42.66
CA TRP B 812 -13.11 -13.30 -41.85
C TRP B 812 -14.41 -12.68 -42.36
N SER B 813 -15.19 -12.12 -41.45
CA SER B 813 -16.44 -11.42 -41.80
C SER B 813 -16.51 -10.04 -41.14
N TRP B 814 -17.42 -9.21 -41.65
CA TRP B 814 -17.67 -7.87 -41.11
C TRP B 814 -19.11 -7.80 -40.62
N ASN B 815 -19.30 -7.16 -39.47
CA ASN B 815 -20.62 -6.85 -38.95
C ASN B 815 -20.70 -5.33 -38.83
N GLU B 816 -21.53 -4.73 -39.68
CA GLU B 816 -21.70 -3.28 -39.75
C GLU B 816 -22.35 -2.70 -38.48
N ALA B 817 -23.46 -3.29 -38.06
CA ALA B 817 -24.20 -2.85 -36.89
C ALA B 817 -23.37 -2.89 -35.60
N GLU B 818 -22.69 -4.00 -35.36
CA GLU B 818 -21.85 -4.18 -34.16
C GLU B 818 -20.42 -3.64 -34.32
N ASN B 819 -20.01 -3.31 -35.56
CA ASN B 819 -18.69 -2.76 -35.86
C ASN B 819 -17.56 -3.72 -35.45
N VAL B 820 -17.68 -4.97 -35.90
CA VAL B 820 -16.77 -6.07 -35.51
C VAL B 820 -16.24 -6.91 -36.68
N ILE B 821 -14.93 -7.00 -36.76
CA ILE B 821 -14.22 -7.91 -37.67
C ILE B 821 -14.11 -9.25 -36.95
N SER B 822 -14.83 -10.26 -37.42
CA SER B 822 -14.67 -11.61 -36.89
C SER B 822 -13.66 -12.34 -37.76
N VAL B 823 -12.64 -12.92 -37.14
CA VAL B 823 -11.66 -13.75 -37.84
C VAL B 823 -11.69 -15.14 -37.22
N ARG B 824 -12.15 -16.11 -37.99
CA ARG B 824 -12.18 -17.51 -37.58
C ARG B 824 -10.82 -18.15 -37.85
N ILE B 825 -10.35 -18.95 -36.90
CA ILE B 825 -9.09 -19.67 -37.04
C ILE B 825 -9.13 -20.89 -36.12
N PRO B 826 -8.70 -22.07 -36.65
CA PRO B 826 -8.65 -23.25 -35.79
C PRO B 826 -7.63 -23.09 -34.67
N ASP B 827 -7.93 -23.68 -33.52
CA ASP B 827 -7.02 -23.67 -32.38
C ASP B 827 -6.07 -24.82 -32.57
N SER B 828 -5.05 -24.57 -33.38
CA SER B 828 -4.04 -25.59 -33.74
C SER B 828 -2.92 -25.71 -32.70
N GLY B 829 -2.79 -24.71 -31.82
CA GLY B 829 -1.71 -24.67 -30.84
C GLY B 829 -0.42 -24.08 -31.35
N LYS B 830 -0.42 -23.62 -32.61
CA LYS B 830 0.76 -23.05 -33.25
C LYS B 830 0.65 -21.54 -33.29
N ASN B 831 1.81 -20.88 -33.33
CA ASN B 831 1.86 -19.43 -33.50
C ASN B 831 1.18 -19.03 -34.81
N ALA B 832 0.40 -17.97 -34.77
CA ALA B 832 -0.30 -17.46 -35.94
C ALA B 832 -0.42 -15.96 -35.83
N VAL B 833 -0.04 -15.25 -36.89
CA VAL B 833 -0.03 -13.80 -36.91
C VAL B 833 -1.09 -13.32 -37.88
N ILE B 834 -2.07 -12.59 -37.35
CA ILE B 834 -3.19 -12.08 -38.12
C ILE B 834 -2.97 -10.60 -38.29
N THR B 835 -2.94 -10.14 -39.55
CA THR B 835 -2.69 -8.73 -39.86
C THR B 835 -3.91 -8.17 -40.57
N ILE B 836 -4.45 -7.08 -40.03
CA ILE B 836 -5.62 -6.42 -40.59
C ILE B 836 -5.18 -5.11 -41.25
N LYS B 837 -5.49 -4.93 -42.54
CA LYS B 837 -5.16 -3.70 -43.29
C LYS B 837 -6.31 -2.69 -43.22
N ASN B 838 -6.15 -1.62 -42.44
CA ASN B 838 -7.24 -0.67 -42.17
C ASN B 838 -7.57 0.20 -43.38
N GLU C 27 -35.99 -12.51 50.36
CA GLU C 27 -36.75 -12.38 49.07
C GLU C 27 -36.71 -13.66 48.24
N GLN C 28 -37.79 -13.91 47.50
CA GLN C 28 -38.05 -15.18 46.83
C GLN C 28 -37.89 -15.08 45.32
N TYR C 29 -37.10 -15.97 44.73
CA TYR C 29 -36.97 -16.12 43.26
C TYR C 29 -37.66 -17.38 42.80
N LEU C 30 -37.78 -17.53 41.49
CA LEU C 30 -38.36 -18.72 40.90
C LEU C 30 -37.50 -19.98 41.11
N GLY C 31 -36.18 -19.84 41.07
CA GLY C 31 -35.29 -21.01 41.20
C GLY C 31 -35.41 -21.90 39.99
N ASN C 32 -35.17 -23.21 40.16
CA ASN C 32 -35.11 -24.15 39.04
C ASN C 32 -36.51 -24.61 38.64
N CYS C 33 -36.70 -24.79 37.34
CA CYS C 33 -37.95 -25.26 36.78
C CYS C 33 -37.88 -26.79 36.68
N THR C 34 -38.79 -27.49 37.36
CA THR C 34 -38.83 -28.95 37.39
C THR C 34 -39.75 -29.57 36.34
N ALA C 35 -40.74 -28.83 35.87
CA ALA C 35 -41.71 -29.36 34.90
C ALA C 35 -42.43 -28.23 34.17
N TYR C 36 -43.10 -28.61 33.08
CA TYR C 36 -44.02 -27.72 32.40
C TYR C 36 -45.31 -28.46 32.09
N SER C 37 -46.34 -27.69 31.75
CA SER C 37 -47.67 -28.20 31.47
C SER C 37 -48.32 -27.33 30.39
N VAL C 38 -48.77 -27.93 29.29
CA VAL C 38 -49.43 -27.19 28.20
C VAL C 38 -50.96 -27.33 28.29
N LYS C 39 -51.65 -26.23 28.05
CA LYS C 39 -53.10 -26.13 28.15
C LYS C 39 -53.58 -25.15 27.07
N GLY C 40 -53.83 -25.66 25.87
CA GLY C 40 -54.16 -24.80 24.73
C GLY C 40 -52.99 -23.86 24.41
N ASN C 41 -53.26 -22.55 24.42
CA ASN C 41 -52.19 -21.56 24.14
C ASN C 41 -51.37 -21.15 25.36
N LYS C 42 -51.57 -21.81 26.51
CA LYS C 42 -50.87 -21.50 27.74
C LYS C 42 -49.87 -22.61 28.05
N VAL C 43 -48.69 -22.22 28.54
CA VAL C 43 -47.73 -23.17 29.13
C VAL C 43 -47.39 -22.65 30.52
N VAL C 44 -47.46 -23.52 31.52
CA VAL C 44 -47.11 -23.17 32.89
C VAL C 44 -45.84 -23.92 33.27
N PHE C 45 -44.81 -23.18 33.71
CA PHE C 45 -43.57 -23.75 34.22
C PHE C 45 -43.60 -23.75 35.73
N SER C 46 -43.48 -24.94 36.32
CA SER C 46 -43.45 -25.09 37.77
C SER C 46 -42.01 -24.97 38.23
N CYS C 47 -41.79 -24.12 39.23
CA CYS C 47 -40.46 -23.75 39.69
C CYS C 47 -40.35 -24.05 41.21
N ALA C 48 -39.49 -23.37 41.95
CA ALA C 48 -39.23 -23.72 43.35
C ALA C 48 -40.36 -23.31 44.29
N ASN C 49 -40.64 -24.13 45.30
CA ASN C 49 -41.55 -23.78 46.40
C ASN C 49 -42.94 -23.31 45.96
N ASN C 50 -43.57 -24.11 45.10
CA ASN C 50 -44.91 -23.83 44.55
C ASN C 50 -45.04 -22.63 43.61
N SER C 51 -43.95 -21.88 43.39
CA SER C 51 -43.96 -20.77 42.43
C SER C 51 -44.10 -21.33 41.01
N LYS C 52 -44.75 -20.56 40.16
CA LYS C 52 -44.99 -20.94 38.77
C LYS C 52 -44.98 -19.69 37.91
N ILE C 53 -44.80 -19.89 36.61
CA ILE C 53 -44.84 -18.80 35.65
C ILE C 53 -45.47 -19.30 34.37
N MET C 54 -46.41 -18.51 33.85
CA MET C 54 -47.17 -18.88 32.68
C MET C 54 -46.78 -18.01 31.52
N LEU C 55 -46.58 -18.61 30.35
CA LEU C 55 -46.51 -17.88 29.09
C LEU C 55 -47.73 -18.27 28.27
N GLN C 56 -48.40 -17.27 27.70
CA GLN C 56 -49.61 -17.47 26.92
C GLN C 56 -49.43 -16.80 25.58
N LEU C 57 -49.51 -17.59 24.51
CA LEU C 57 -49.37 -17.03 23.15
C LEU C 57 -50.69 -16.48 22.66
N CYS C 58 -50.88 -15.17 22.91
CA CYS C 58 -52.03 -14.45 22.37
C CYS C 58 -51.94 -14.38 20.86
N SER C 59 -50.73 -14.20 20.36
CA SER C 59 -50.39 -14.34 18.94
C SER C 59 -48.92 -14.81 18.86
N GLY C 60 -48.40 -14.92 17.64
CA GLY C 60 -46.97 -15.17 17.44
C GLY C 60 -46.07 -14.02 17.87
N GLU C 61 -46.64 -12.81 18.00
CA GLU C 61 -45.91 -11.61 18.40
C GLU C 61 -46.23 -11.15 19.82
N VAL C 62 -47.30 -11.66 20.43
CA VAL C 62 -47.77 -11.14 21.72
C VAL C 62 -47.87 -12.25 22.76
N VAL C 63 -47.05 -12.13 23.81
CA VAL C 63 -46.98 -13.13 24.86
C VAL C 63 -47.42 -12.50 26.18
N LYS C 64 -48.41 -13.10 26.82
CA LYS C 64 -48.82 -12.73 28.16
C LYS C 64 -48.03 -13.59 29.12
N ILE C 65 -47.48 -12.94 30.13
CA ILE C 65 -46.57 -13.55 31.08
C ILE C 65 -47.12 -13.28 32.46
N TRP C 66 -47.26 -14.33 33.25
CA TRP C 66 -47.79 -14.21 34.60
C TRP C 66 -46.88 -14.99 35.52
N ALA C 67 -46.10 -14.27 36.32
CA ALA C 67 -45.23 -14.86 37.32
C ALA C 67 -45.98 -14.87 38.63
N SER C 68 -46.03 -16.03 39.31
CA SER C 68 -46.80 -16.19 40.55
C SER C 68 -45.93 -16.76 41.67
N ALA C 69 -45.91 -16.08 42.82
CA ALA C 69 -45.13 -16.56 43.98
C ALA C 69 -45.66 -17.89 44.52
N ASP C 70 -46.97 -18.09 44.48
CA ASP C 70 -47.65 -19.25 45.11
C ASP C 70 -48.32 -20.24 44.15
N GLY C 71 -48.36 -19.90 42.86
CA GLY C 71 -48.87 -20.80 41.82
C GLY C 71 -50.34 -20.69 41.50
N ASN C 72 -51.04 -19.73 42.10
CA ASN C 72 -52.52 -19.69 42.00
C ASN C 72 -53.14 -19.06 40.74
N PHE C 73 -52.50 -18.03 40.19
CA PHE C 73 -53.04 -17.31 39.01
C PHE C 73 -54.46 -16.75 39.19
N VAL C 74 -54.68 -16.12 40.35
CA VAL C 74 -55.89 -15.33 40.61
C VAL C 74 -55.51 -13.87 40.87
N ARG C 75 -56.42 -12.97 40.57
CA ARG C 75 -56.26 -11.55 40.82
C ARG C 75 -57.56 -10.98 41.34
N ASN C 76 -57.48 -10.02 42.25
CA ASN C 76 -58.69 -9.44 42.86
C ASN C 76 -59.65 -8.85 41.80
N ASN C 77 -59.09 -8.23 40.77
CA ASN C 77 -59.88 -7.72 39.64
C ASN C 77 -59.26 -8.16 38.33
N GLU C 78 -60.11 -8.62 37.39
CA GLU C 78 -59.64 -8.84 36.03
C GLU C 78 -59.20 -7.49 35.43
N SER C 79 -58.38 -7.55 34.37
CA SER C 79 -57.84 -6.34 33.75
C SER C 79 -58.93 -5.31 33.41
N PHE C 80 -58.72 -4.07 33.83
CA PHE C 80 -59.55 -2.95 33.39
C PHE C 80 -59.15 -2.48 31.98
N ALA C 81 -57.92 -2.81 31.57
CA ALA C 81 -57.36 -2.32 30.31
C ALA C 81 -57.53 -3.28 29.14
N VAL C 82 -57.24 -4.56 29.35
CA VAL C 82 -57.24 -5.53 28.26
C VAL C 82 -58.68 -5.92 27.94
N ILE C 83 -59.06 -5.80 26.67
CA ILE C 83 -60.39 -6.24 26.21
C ILE C 83 -60.36 -7.47 25.30
N GLU C 84 -59.18 -7.91 24.88
CA GLU C 84 -59.07 -9.08 24.03
C GLU C 84 -57.70 -9.75 24.22
N GLU C 85 -57.71 -11.01 24.65
CA GLU C 85 -56.48 -11.81 24.78
C GLU C 85 -56.22 -12.72 23.57
N ASP C 86 -57.25 -12.94 22.74
CA ASP C 86 -57.14 -13.79 21.56
C ASP C 86 -56.76 -12.93 20.37
N LEU C 87 -55.46 -12.85 20.08
CA LEU C 87 -54.95 -12.10 18.92
C LEU C 87 -54.59 -13.04 17.74
N GLY C 88 -55.27 -14.18 17.64
CA GLY C 88 -55.22 -15.03 16.46
C GLY C 88 -54.27 -16.23 16.51
N TRP C 89 -53.72 -16.54 17.68
CA TRP C 89 -52.88 -17.73 17.82
C TRP C 89 -53.75 -18.97 17.58
N LYS C 90 -53.25 -19.88 16.73
CA LYS C 90 -53.96 -21.12 16.37
C LYS C 90 -53.30 -22.34 16.99
N GLY C 91 -54.07 -23.14 17.71
CA GLY C 91 -53.60 -24.43 18.22
C GLY C 91 -52.93 -24.33 19.58
N ASN C 92 -52.21 -25.38 19.94
CA ASN C 92 -51.48 -25.42 21.19
C ASN C 92 -50.16 -24.68 21.06
N VAL C 93 -49.57 -24.34 22.19
CA VAL C 93 -48.17 -23.96 22.25
C VAL C 93 -47.37 -25.26 22.15
N THR C 94 -46.43 -25.31 21.22
CA THR C 94 -45.53 -26.45 21.07
C THR C 94 -44.28 -26.16 21.91
N VAL C 95 -44.01 -27.03 22.87
CA VAL C 95 -42.82 -26.90 23.72
C VAL C 95 -41.86 -28.00 23.30
N LYS C 96 -40.61 -27.62 23.07
CA LYS C 96 -39.55 -28.55 22.70
C LYS C 96 -38.63 -28.59 23.90
N GLU C 97 -38.51 -29.75 24.55
CA GLU C 97 -37.62 -29.88 25.70
C GLU C 97 -36.23 -30.31 25.23
N GLU C 98 -35.21 -29.65 25.77
CA GLU C 98 -33.81 -29.98 25.54
C GLU C 98 -33.22 -30.35 26.92
N PRO C 99 -31.98 -30.87 26.96
CA PRO C 99 -31.39 -31.27 28.25
C PRO C 99 -31.38 -30.20 29.35
N SER C 100 -31.06 -28.95 29.00
CA SER C 100 -31.01 -27.83 29.94
C SER C 100 -31.94 -26.63 29.62
N THR C 101 -32.74 -26.73 28.55
CA THR C 101 -33.65 -25.65 28.14
C THR C 101 -34.98 -26.20 27.61
N TYR C 102 -35.98 -25.30 27.53
CA TYR C 102 -37.14 -25.49 26.66
C TYR C 102 -37.08 -24.46 25.54
N GLU C 103 -37.65 -24.83 24.39
CA GLU C 103 -37.73 -23.92 23.25
C GLU C 103 -39.19 -23.77 22.86
N ILE C 104 -39.63 -22.53 22.63
CA ILE C 104 -40.94 -22.25 22.08
C ILE C 104 -40.73 -21.33 20.89
N PHE C 105 -41.25 -21.71 19.73
CA PHE C 105 -41.06 -20.97 18.50
C PHE C 105 -42.38 -20.41 17.98
N THR C 106 -42.30 -19.19 17.44
CA THR C 106 -43.36 -18.62 16.62
C THR C 106 -42.74 -18.14 15.31
N GLU C 107 -43.57 -17.69 14.40
CA GLU C 107 -43.11 -17.11 13.15
C GLU C 107 -42.07 -15.98 13.40
N GLN C 108 -42.30 -15.17 14.43
CA GLN C 108 -41.45 -14.02 14.73
C GLN C 108 -40.51 -14.20 15.92
N LEU C 109 -40.81 -15.12 16.84
CA LEU C 109 -40.07 -15.24 18.09
C LEU C 109 -39.39 -16.59 18.24
N ARG C 110 -38.24 -16.58 18.90
CA ARG C 110 -37.56 -17.80 19.32
C ARG C 110 -37.40 -17.62 20.82
N ILE C 111 -38.12 -18.42 21.58
CA ILE C 111 -38.10 -18.30 23.03
C ILE C 111 -37.29 -19.43 23.62
N ARG C 112 -36.36 -19.05 24.49
CA ARG C 112 -35.46 -19.96 25.16
C ARG C 112 -35.73 -19.85 26.64
N VAL C 113 -36.03 -20.97 27.28
CA VAL C 113 -36.25 -21.01 28.72
C VAL C 113 -35.15 -21.86 29.36
N ASN C 114 -34.27 -21.22 30.12
CA ASN C 114 -33.27 -21.94 30.89
C ASN C 114 -33.95 -22.65 32.07
N LYS C 115 -33.59 -23.92 32.29
CA LYS C 115 -34.20 -24.74 33.35
C LYS C 115 -33.72 -24.38 34.75
N ALA C 116 -32.40 -24.22 34.90
CA ALA C 116 -31.77 -24.13 36.22
C ALA C 116 -30.75 -22.99 36.30
N PRO C 117 -31.10 -21.84 36.87
CA PRO C 117 -32.46 -21.48 37.31
C PRO C 117 -33.37 -21.08 36.13
N PHE C 118 -34.65 -20.84 36.42
CA PHE C 118 -35.60 -20.36 35.38
C PHE C 118 -35.14 -19.00 34.85
N GLN C 119 -35.05 -18.89 33.53
CA GLN C 119 -34.76 -17.63 32.83
C GLN C 119 -35.51 -17.61 31.52
N LEU C 120 -36.38 -16.62 31.35
CA LEU C 120 -37.06 -16.37 30.08
C LEU C 120 -36.17 -15.51 29.20
N GLN C 121 -35.95 -15.95 27.97
CA GLN C 121 -35.21 -15.19 26.99
C GLN C 121 -35.99 -15.22 25.68
N ILE C 122 -36.26 -14.06 25.12
CA ILE C 122 -36.97 -13.98 23.85
C ILE C 122 -36.02 -13.39 22.84
N PHE C 123 -35.87 -14.11 21.72
CA PHE C 123 -35.04 -13.72 20.60
C PHE C 123 -35.94 -13.50 19.40
N ASP C 124 -35.45 -12.74 18.43
CA ASP C 124 -36.12 -12.66 17.14
C ASP C 124 -35.67 -13.87 16.30
N LYS C 125 -36.16 -13.97 15.06
CA LYS C 125 -35.85 -15.11 14.20
C LYS C 125 -34.41 -15.14 13.68
N TYR C 126 -33.64 -14.08 13.90
CA TYR C 126 -32.21 -14.03 13.53
C TYR C 126 -31.33 -14.33 14.74
N GLN C 127 -31.95 -14.77 15.84
CA GLN C 127 -31.26 -15.16 17.06
C GLN C 127 -30.55 -14.00 17.77
N LYS C 128 -31.05 -12.78 17.54
CA LYS C 128 -30.65 -11.59 18.28
C LYS C 128 -31.54 -11.58 19.55
N LEU C 129 -30.94 -11.36 20.70
CA LEU C 129 -31.65 -11.34 21.98
C LEU C 129 -32.41 -10.01 22.16
N LEU C 130 -33.73 -10.09 22.34
CA LEU C 130 -34.56 -8.91 22.59
C LEU C 130 -34.77 -8.59 24.07
N PHE C 131 -34.97 -9.60 24.90
CA PHE C 131 -35.63 -9.43 26.18
C PHE C 131 -35.26 -10.63 27.04
N SER C 132 -34.59 -10.40 28.17
CA SER C 132 -34.02 -11.49 28.95
C SER C 132 -34.11 -11.22 30.44
N ASP C 133 -34.47 -12.25 31.20
CA ASP C 133 -34.39 -12.17 32.66
C ASP C 133 -32.95 -11.91 33.06
N TYR C 134 -32.77 -11.09 34.08
CA TYR C 134 -31.48 -10.84 34.66
C TYR C 134 -31.13 -11.91 35.69
N ALA C 135 -30.05 -12.65 35.42
CA ALA C 135 -29.51 -13.65 36.35
C ALA C 135 -30.63 -14.62 36.81
N GLU C 136 -30.72 -14.90 38.11
CA GLU C 136 -31.80 -15.70 38.69
C GLU C 136 -32.97 -14.84 39.18
N LYS C 137 -32.89 -13.52 38.97
CA LYS C 137 -33.81 -12.56 39.56
C LYS C 137 -34.87 -12.06 38.56
N GLY C 138 -35.22 -12.88 37.58
CA GLY C 138 -36.25 -12.51 36.59
C GLY C 138 -37.54 -12.10 37.27
N PHE C 139 -37.95 -12.87 38.26
CA PHE C 139 -39.07 -12.54 39.13
C PHE C 139 -38.62 -12.59 40.60
N VAL C 140 -39.01 -11.58 41.36
CA VAL C 140 -38.66 -11.46 42.76
C VAL C 140 -39.93 -11.15 43.53
N ASN C 141 -40.25 -11.98 44.51
CA ASN C 141 -41.33 -11.71 45.44
C ASN C 141 -40.75 -11.40 46.82
N ASP C 142 -41.26 -10.36 47.46
CA ASP C 142 -40.85 -9.97 48.80
C ASP C 142 -42.12 -9.61 49.57
N ASN C 143 -42.74 -10.63 50.16
CA ASN C 143 -43.90 -10.46 51.02
C ASN C 143 -45.05 -9.72 50.29
N GLY C 144 -45.29 -10.10 49.03
CA GLY C 144 -46.32 -9.44 48.20
C GLY C 144 -45.78 -8.36 47.26
N LYS C 145 -44.65 -7.75 47.60
CA LYS C 145 -43.95 -6.84 46.67
C LYS C 145 -43.41 -7.66 45.51
N ILE C 146 -43.81 -7.30 44.29
CA ILE C 146 -43.46 -8.07 43.09
C ILE C 146 -42.61 -7.22 42.13
N ARG C 147 -41.56 -7.83 41.59
CA ARG C 147 -40.57 -7.13 40.80
C ARG C 147 -40.03 -8.04 39.71
N THR C 148 -39.90 -7.47 38.52
CA THR C 148 -39.31 -8.12 37.37
C THR C 148 -37.99 -7.42 37.04
N ASN C 149 -36.90 -8.19 36.87
CA ASN C 149 -35.59 -7.63 36.50
C ASN C 149 -35.17 -8.21 35.16
N LYS C 150 -34.84 -7.33 34.22
CA LYS C 150 -34.43 -7.75 32.88
C LYS C 150 -33.04 -7.21 32.55
N VAL C 151 -32.29 -7.98 31.76
CA VAL C 151 -30.95 -7.56 31.29
C VAL C 151 -31.07 -6.22 30.55
N LEU C 152 -30.14 -5.31 30.82
CA LEU C 152 -30.10 -4.00 30.16
C LEU C 152 -28.85 -3.84 29.31
N ARG C 153 -29.01 -3.73 27.99
CA ARG C 153 -27.89 -3.45 27.09
C ARG C 153 -27.59 -1.94 27.04
N ASN C 154 -26.34 -1.59 26.74
CA ASN C 154 -25.90 -0.19 26.76
C ASN C 154 -26.52 0.67 25.68
N ASP C 155 -26.96 0.06 24.58
CA ASP C 155 -27.64 0.82 23.52
C ASP C 155 -29.17 0.70 23.58
N GLU C 156 -29.74 0.23 24.69
CA GLU C 156 -31.19 0.06 24.79
C GLU C 156 -31.82 1.34 25.31
N GLN C 157 -32.69 1.94 24.50
CA GLN C 157 -33.40 3.17 24.88
C GLN C 157 -34.87 2.81 25.17
N PHE C 158 -35.59 3.72 25.83
CA PHE C 158 -36.98 3.50 26.22
C PHE C 158 -37.87 4.73 26.02
N PHE C 159 -39.10 4.47 25.59
CA PHE C 159 -40.09 5.51 25.34
C PHE C 159 -41.43 5.10 25.94
N GLY C 160 -42.23 6.10 26.31
CA GLY C 160 -43.62 5.88 26.68
C GLY C 160 -43.92 6.09 28.15
N LEU C 161 -44.65 5.14 28.74
CA LEU C 161 -45.31 5.33 30.05
C LEU C 161 -46.31 6.48 30.08
N GLY C 162 -46.84 6.85 28.91
CA GLY C 162 -47.97 7.73 28.82
C GLY C 162 -47.65 9.19 29.02
N GLU C 163 -48.58 9.89 29.67
CA GLU C 163 -48.47 11.31 29.87
C GLU C 163 -47.56 11.61 31.06
N LYS C 164 -46.28 11.74 30.75
CA LYS C 164 -45.23 12.04 31.72
C LYS C 164 -44.25 13.06 31.17
N SER C 165 -43.58 13.74 32.09
CA SER C 165 -42.71 14.88 31.78
C SER C 165 -41.29 14.42 31.46
N GLY C 166 -40.38 15.39 31.28
CA GLY C 166 -38.99 15.14 30.96
C GLY C 166 -38.78 14.84 29.50
N ASN C 167 -37.60 14.33 29.16
CA ASN C 167 -37.26 13.98 27.77
C ASN C 167 -37.98 12.73 27.31
N LEU C 168 -38.24 12.65 26.00
CA LEU C 168 -38.89 11.50 25.38
C LEU C 168 -38.25 10.20 25.78
N ASN C 169 -36.92 10.14 25.65
CA ASN C 169 -36.11 8.98 26.03
C ASN C 169 -36.06 8.80 27.55
N ARG C 170 -36.63 7.70 28.02
CA ARG C 170 -36.77 7.39 29.44
C ARG C 170 -35.55 6.72 30.05
N ARG C 171 -34.59 6.32 29.21
CA ARG C 171 -33.38 5.65 29.66
C ARG C 171 -32.64 6.46 30.74
N GLY C 172 -32.26 5.79 31.81
CA GLY C 172 -31.53 6.43 32.90
C GLY C 172 -32.38 6.94 34.04
N SER C 173 -33.70 6.99 33.86
CA SER C 173 -34.61 7.58 34.84
C SER C 173 -35.63 6.57 35.39
N ALA C 174 -36.25 6.96 36.49
CA ALA C 174 -37.26 6.15 37.16
C ALA C 174 -38.58 6.90 37.10
N TYR C 175 -39.67 6.15 36.95
CA TYR C 175 -41.00 6.71 36.83
C TYR C 175 -41.96 5.88 37.67
N LYS C 176 -42.97 6.57 38.18
CA LYS C 176 -43.91 6.02 39.13
C LYS C 176 -45.33 6.26 38.63
N MET C 177 -46.22 5.29 38.88
CA MET C 177 -47.64 5.39 38.56
C MET C 177 -48.50 5.59 39.81
N TRP C 178 -48.88 6.84 40.04
CA TRP C 178 -49.82 7.18 41.10
C TRP C 178 -50.49 8.46 40.64
N ASN C 179 -51.73 8.36 40.16
CA ASN C 179 -52.40 9.53 39.61
C ASN C 179 -52.31 10.68 40.64
N SER C 180 -51.71 11.78 40.23
CA SER C 180 -51.33 12.87 41.11
C SER C 180 -51.82 14.20 40.60
N ASP C 181 -52.02 15.11 41.56
CA ASP C 181 -52.54 16.44 41.34
C ASP C 181 -51.44 17.39 41.80
N GLN C 182 -50.61 17.80 40.85
CA GLN C 182 -49.46 18.71 41.07
C GLN C 182 -49.58 19.95 40.18
N PRO C 183 -50.37 20.96 40.60
CA PRO C 183 -50.55 22.13 39.75
C PRO C 183 -49.24 22.87 39.48
N CYS C 184 -49.17 23.45 38.29
CA CYS C 184 -48.03 24.25 37.87
C CYS C 184 -46.76 23.41 37.88
N TYR C 185 -46.92 22.17 37.39
CA TYR C 185 -45.89 21.15 37.50
C TYR C 185 -44.66 21.48 36.67
N GLY C 186 -43.50 21.07 37.18
CA GLY C 186 -42.22 21.34 36.56
C GLY C 186 -41.91 20.41 35.39
N VAL C 187 -40.73 20.65 34.81
CA VAL C 187 -40.25 19.99 33.59
C VAL C 187 -39.94 18.51 33.81
N ASN C 188 -39.67 18.10 35.04
CA ASN C 188 -39.39 16.67 35.37
C ASN C 188 -40.32 16.07 36.43
N GLU C 189 -41.41 16.76 36.78
CA GLU C 189 -42.32 16.30 37.82
C GLU C 189 -42.98 14.97 37.43
N ASP C 190 -42.94 14.03 38.37
CA ASP C 190 -43.50 12.70 38.19
C ASP C 190 -43.76 12.15 39.58
N PRO C 191 -44.91 11.54 39.86
CA PRO C 191 -45.97 11.25 38.88
C PRO C 191 -46.86 12.42 38.56
N LEU C 192 -47.54 12.36 37.41
CA LEU C 192 -48.57 13.33 37.05
C LEU C 192 -49.94 12.64 37.08
N TYR C 193 -50.86 13.07 36.23
CA TYR C 193 -52.28 12.76 36.38
C TYR C 193 -52.72 11.38 35.89
N LYS C 194 -52.00 10.84 34.91
CA LYS C 194 -52.38 9.61 34.24
C LYS C 194 -51.33 8.51 34.40
N SER C 195 -51.82 7.27 34.54
CA SER C 195 -50.97 6.10 34.67
C SER C 195 -51.24 5.09 33.53
N ILE C 196 -50.36 5.10 32.52
CA ILE C 196 -50.45 4.20 31.36
C ILE C 196 -49.16 3.39 31.27
N PRO C 197 -49.11 2.21 31.92
CA PRO C 197 -47.87 1.45 32.04
C PRO C 197 -47.55 0.56 30.82
N PHE C 198 -47.35 1.26 29.72
CA PHE C 198 -47.01 0.70 28.43
C PHE C 198 -45.76 1.47 28.00
N PHE C 199 -44.66 0.76 27.76
CA PHE C 199 -43.43 1.37 27.29
C PHE C 199 -42.90 0.58 26.12
N MET C 200 -42.03 1.22 25.35
CA MET C 200 -41.40 0.59 24.20
C MET C 200 -39.89 0.72 24.30
N SER C 201 -39.19 -0.34 23.88
CA SER C 201 -37.73 -0.38 23.85
C SER C 201 -37.26 -0.27 22.41
N SER C 202 -36.06 0.31 22.24
CA SER C 202 -35.43 0.40 20.92
C SER C 202 -34.91 -0.94 20.37
N TYR C 203 -34.95 -1.99 21.20
CA TYR C 203 -34.87 -3.36 20.73
C TYR C 203 -36.19 -3.85 20.09
N ARG C 204 -37.17 -2.96 19.94
CA ARG C 204 -38.38 -3.21 19.17
C ARG C 204 -39.34 -4.22 19.79
N TYR C 205 -39.59 -4.02 21.07
CA TYR C 205 -40.69 -4.69 21.76
C TYR C 205 -41.37 -3.67 22.70
N GLY C 206 -42.66 -3.87 22.91
CA GLY C 206 -43.40 -3.15 23.94
C GLY C 206 -43.67 -4.04 25.12
N ILE C 207 -43.84 -3.40 26.30
CA ILE C 207 -44.27 -4.09 27.51
C ILE C 207 -45.48 -3.34 28.05
N PHE C 208 -46.57 -4.06 28.31
CA PHE C 208 -47.69 -3.49 29.06
C PHE C 208 -47.74 -4.22 30.40
N PHE C 209 -47.59 -3.47 31.50
CA PHE C 209 -47.60 -4.03 32.84
C PHE C 209 -49.02 -3.89 33.39
N ASP C 210 -49.72 -5.02 33.44
CA ASP C 210 -51.20 -5.08 33.65
C ASP C 210 -51.55 -5.12 35.15
N ASN C 211 -51.08 -4.10 35.86
CA ASN C 211 -51.20 -3.98 37.31
C ASN C 211 -51.58 -2.54 37.62
N THR C 212 -52.56 -2.34 38.51
CA THR C 212 -53.08 -1.00 38.76
C THR C 212 -52.54 -0.37 40.03
N TYR C 213 -51.67 -1.08 40.76
CA TYR C 213 -51.11 -0.53 42.00
C TYR C 213 -50.06 0.55 41.66
N LYS C 214 -49.40 1.07 42.68
CA LYS C 214 -48.37 2.09 42.50
C LYS C 214 -47.11 1.49 41.88
N THR C 215 -47.14 1.29 40.57
CA THR C 215 -46.05 0.64 39.86
C THR C 215 -44.86 1.59 39.70
N GLU C 216 -43.66 1.02 39.60
CA GLU C 216 -42.44 1.79 39.38
C GLU C 216 -41.58 1.14 38.32
N PHE C 217 -41.09 1.98 37.40
CA PHE C 217 -40.27 1.57 36.28
C PHE C 217 -38.92 2.24 36.43
N LYS C 218 -37.85 1.44 36.38
CA LYS C 218 -36.49 1.92 36.61
C LYS C 218 -35.64 1.49 35.42
N PHE C 219 -35.45 2.42 34.47
CA PHE C 219 -34.83 2.09 33.18
C PHE C 219 -33.31 2.30 33.25
N GLY C 220 -32.62 1.41 33.95
CA GLY C 220 -31.21 1.60 34.23
C GLY C 220 -30.90 2.73 35.19
N SER C 221 -31.86 3.08 36.05
CA SER C 221 -31.66 4.13 37.06
C SER C 221 -30.97 3.63 38.33
N GLU C 222 -30.98 2.31 38.57
CA GLU C 222 -30.23 1.67 39.68
C GLU C 222 -28.90 1.08 39.22
N SER C 223 -28.84 0.58 37.98
CA SER C 223 -27.65 -0.06 37.43
C SER C 223 -27.66 -0.04 35.91
N ASN C 224 -26.47 -0.18 35.30
CA ASN C 224 -26.35 -0.35 33.84
C ASN C 224 -26.61 -1.78 33.39
N ASP C 225 -26.66 -2.72 34.32
CA ASP C 225 -26.75 -4.13 33.95
C ASP C 225 -28.20 -4.64 33.89
N TYR C 226 -29.14 -3.95 34.55
CA TYR C 226 -30.55 -4.33 34.48
C TYR C 226 -31.51 -3.15 34.58
N TYR C 227 -32.73 -3.39 34.08
CA TYR C 227 -33.85 -2.50 34.33
C TYR C 227 -34.95 -3.31 34.98
N SER C 228 -35.90 -2.62 35.57
CA SER C 228 -36.96 -3.29 36.29
C SER C 228 -38.29 -2.57 36.25
N PHE C 229 -39.36 -3.35 36.37
CA PHE C 229 -40.67 -2.83 36.74
C PHE C 229 -41.24 -3.63 37.91
N GLU C 230 -41.98 -2.94 38.78
CA GLU C 230 -42.41 -3.48 40.06
C GLU C 230 -43.73 -2.92 40.54
N ALA C 231 -44.32 -3.60 41.51
CA ALA C 231 -45.55 -3.18 42.20
C ALA C 231 -45.44 -3.56 43.69
N PRO C 232 -46.10 -2.80 44.58
CA PRO C 232 -46.09 -3.15 46.01
C PRO C 232 -47.05 -4.29 46.39
N ALA C 233 -47.98 -4.63 45.50
CA ALA C 233 -48.99 -5.68 45.71
C ALA C 233 -49.61 -6.08 44.37
N GLY C 234 -50.54 -7.03 44.40
CA GLY C 234 -51.18 -7.55 43.20
C GLY C 234 -50.29 -8.54 42.46
N GLN C 235 -50.55 -8.72 41.16
CA GLN C 235 -49.98 -9.79 40.38
C GLN C 235 -49.05 -9.30 39.26
N MET C 236 -48.00 -10.07 39.05
CA MET C 236 -47.01 -9.79 38.05
C MET C 236 -47.50 -10.36 36.72
N VAL C 237 -48.35 -9.57 36.07
CA VAL C 237 -48.90 -9.89 34.77
C VAL C 237 -48.42 -8.83 33.82
N TYR C 238 -47.77 -9.22 32.73
CA TYR C 238 -47.39 -8.24 31.71
C TYR C 238 -47.44 -8.84 30.32
N TYR C 239 -47.53 -7.99 29.33
CA TYR C 239 -47.57 -8.40 27.95
C TYR C 239 -46.32 -7.95 27.20
N PHE C 240 -45.59 -8.93 26.66
CA PHE C 240 -44.50 -8.69 25.73
C PHE C 240 -45.13 -8.61 24.33
N MET C 241 -44.90 -7.50 23.64
CA MET C 241 -45.47 -7.22 22.32
C MET C 241 -44.34 -6.95 21.33
N PHE C 242 -44.09 -7.90 20.46
CA PHE C 242 -43.05 -7.77 19.45
C PHE C 242 -43.52 -6.88 18.32
N GLY C 243 -42.58 -6.15 17.74
CA GLY C 243 -42.78 -5.57 16.42
C GLY C 243 -41.47 -5.50 15.67
N ASN C 244 -41.56 -5.46 14.35
CA ASN C 244 -40.42 -5.05 13.52
C ASN C 244 -40.18 -3.55 13.53
N ASP C 245 -41.16 -2.77 14.01
CA ASP C 245 -40.99 -1.35 14.25
C ASP C 245 -41.96 -0.90 15.35
N TYR C 246 -42.03 0.40 15.63
CA TYR C 246 -42.89 0.87 16.72
C TYR C 246 -44.37 0.82 16.34
N LYS C 247 -44.65 1.05 15.05
CA LYS C 247 -46.00 0.98 14.53
C LYS C 247 -46.64 -0.36 14.82
N GLU C 248 -45.88 -1.44 14.57
CA GLU C 248 -46.34 -2.80 14.81
C GLU C 248 -46.57 -3.07 16.30
N ILE C 249 -45.72 -2.53 17.17
CA ILE C 249 -45.95 -2.66 18.62
C ILE C 249 -47.27 -2.01 19.06
N ILE C 250 -47.47 -0.77 18.64
CA ILE C 250 -48.70 -0.02 18.91
C ILE C 250 -49.96 -0.70 18.33
N GLN C 251 -49.84 -1.27 17.14
CA GLN C 251 -50.94 -2.06 16.56
C GLN C 251 -51.28 -3.24 17.47
N ASN C 252 -50.27 -3.92 18.01
CA ASN C 252 -50.52 -5.03 18.94
C ASN C 252 -51.15 -4.52 20.26
N TYR C 253 -50.72 -3.36 20.73
CA TYR C 253 -51.25 -2.80 21.98
C TYR C 253 -52.75 -2.47 21.88
N ILE C 254 -53.20 -1.94 20.73
CA ILE C 254 -54.63 -1.67 20.54
C ILE C 254 -55.46 -2.94 20.26
N ALA C 255 -54.85 -3.99 19.72
CA ALA C 255 -55.47 -5.32 19.72
C ALA C 255 -55.80 -5.79 21.14
N LEU C 256 -54.89 -5.58 22.06
CA LEU C 256 -55.11 -5.90 23.47
C LEU C 256 -56.08 -4.96 24.19
N THR C 257 -55.88 -3.65 24.01
CA THR C 257 -56.53 -2.62 24.84
C THR C 257 -57.60 -1.75 24.16
N GLY C 258 -57.79 -1.92 22.85
CA GLY C 258 -58.93 -1.35 22.14
C GLY C 258 -58.53 -0.25 21.17
N LYS C 259 -59.29 -0.14 20.09
CA LYS C 259 -59.15 0.96 19.14
C LYS C 259 -59.60 2.30 19.75
N PRO C 260 -58.82 3.38 19.53
CA PRO C 260 -59.31 4.71 19.96
C PRO C 260 -60.62 5.13 19.29
N ILE C 261 -61.56 5.60 20.10
CA ILE C 261 -62.74 6.28 19.54
C ILE C 261 -62.30 7.60 18.94
N MET C 262 -62.96 8.01 17.86
CA MET C 262 -62.74 9.29 17.24
C MET C 262 -63.70 10.32 17.85
N PRO C 263 -63.22 11.55 18.01
CA PRO C 263 -64.13 12.60 18.46
C PRO C 263 -65.10 12.99 17.33
N PRO C 264 -66.16 13.72 17.68
CA PRO C 264 -66.92 14.36 16.62
C PRO C 264 -65.99 15.26 15.83
N LYS C 265 -66.21 15.36 14.53
CA LYS C 265 -65.25 16.06 13.67
C LYS C 265 -64.95 17.51 14.08
N TRP C 266 -65.96 18.19 14.62
CA TRP C 266 -65.80 19.58 15.05
C TRP C 266 -64.78 19.77 16.20
N ALA C 267 -64.43 18.70 16.91
CA ALA C 267 -63.41 18.73 17.95
C ALA C 267 -62.01 19.10 17.46
N LEU C 268 -61.75 18.99 16.15
CA LEU C 268 -60.45 19.27 15.58
C LEU C 268 -60.24 20.74 15.21
N GLY C 269 -61.24 21.59 15.52
CA GLY C 269 -61.11 23.03 15.40
C GLY C 269 -60.41 23.58 16.63
N PHE C 270 -60.71 24.84 16.93
CA PHE C 270 -60.14 25.53 18.09
C PHE C 270 -61.19 25.60 19.18
N SER C 271 -60.72 25.49 20.43
CA SER C 271 -61.54 25.46 21.63
C SER C 271 -61.09 26.57 22.59
N GLN C 272 -62.04 27.13 23.35
CA GLN C 272 -61.75 28.21 24.28
C GLN C 272 -62.38 27.96 25.63
N CYS C 273 -61.62 28.28 26.67
CA CYS C 273 -62.07 28.11 28.03
C CYS C 273 -61.46 29.20 28.93
N ARG C 274 -61.93 29.25 30.16
CA ARG C 274 -61.27 30.00 31.22
C ARG C 274 -61.82 29.45 32.51
N GLY C 275 -61.07 29.59 33.59
CA GLY C 275 -61.51 29.18 34.91
C GLY C 275 -62.89 29.69 35.29
N ASP C 276 -63.22 30.90 34.85
CA ASP C 276 -64.49 31.55 35.20
C ASP C 276 -65.57 31.50 34.09
N TYR C 277 -65.36 30.68 33.04
CA TYR C 277 -66.40 30.46 32.00
C TYR C 277 -67.55 29.66 32.64
N THR C 278 -68.42 30.37 33.35
CA THR C 278 -69.45 29.73 34.17
C THR C 278 -70.78 30.47 34.10
N ARG C 279 -71.02 31.25 33.04
CA ARG C 279 -72.28 32.02 32.95
C ARG C 279 -72.68 32.39 31.54
N GLU C 280 -73.99 32.54 31.36
CA GLU C 280 -74.62 32.73 30.06
C GLU C 280 -74.21 34.00 29.32
N ASP C 281 -74.32 35.13 30.01
CA ASP C 281 -74.00 36.42 29.35
C ASP C 281 -72.56 36.46 28.79
N GLN C 282 -71.60 35.94 29.57
CA GLN C 282 -70.21 35.84 29.11
C GLN C 282 -70.06 34.89 27.91
N ALA C 283 -70.68 33.72 27.99
CA ALA C 283 -70.63 32.73 26.89
C ALA C 283 -71.14 33.35 25.59
N ARG C 284 -72.29 34.00 25.68
CA ARG C 284 -72.88 34.69 24.53
C ARG C 284 -71.96 35.78 23.98
N GLU C 285 -71.36 36.54 24.89
CA GLU C 285 -70.43 37.61 24.50
C GLU C 285 -69.16 37.08 23.83
N ILE C 286 -68.58 36.01 24.41
CA ILE C 286 -67.36 35.41 23.85
C ILE C 286 -67.65 34.84 22.46
N ALA C 287 -68.76 34.13 22.33
CA ALA C 287 -69.18 33.56 21.03
C ALA C 287 -69.25 34.66 19.95
N ALA C 288 -69.87 35.78 20.31
CA ALA C 288 -69.99 36.94 19.41
C ALA C 288 -68.66 37.57 19.06
N GLU C 289 -67.75 37.67 20.02
CA GLU C 289 -66.41 38.24 19.76
C GLU C 289 -65.65 37.45 18.73
N PHE C 290 -65.57 36.12 18.93
CA PHE C 290 -64.85 35.23 18.00
C PHE C 290 -65.32 35.48 16.55
N ARG C 291 -66.63 35.44 16.32
CA ARG C 291 -67.20 35.60 14.97
C ARG C 291 -66.97 36.98 14.37
N LYS C 292 -67.11 38.03 15.20
CA LYS C 292 -66.83 39.41 14.79
C LYS C 292 -65.35 39.62 14.40
N ARG C 293 -64.43 39.05 15.15
CA ARG C 293 -62.99 39.16 14.85
C ARG C 293 -62.49 38.15 13.81
N LYS C 294 -63.38 37.31 13.30
CA LYS C 294 -63.04 36.29 12.30
C LYS C 294 -61.87 35.41 12.76
N ILE C 295 -61.95 34.97 14.02
CA ILE C 295 -61.01 34.03 14.61
C ILE C 295 -61.79 32.71 14.73
N PRO C 296 -61.43 31.71 13.89
CA PRO C 296 -62.22 30.46 13.92
C PRO C 296 -62.25 29.78 15.31
N CYS C 297 -63.42 29.25 15.67
CA CYS C 297 -63.60 28.60 16.95
C CYS C 297 -64.84 27.73 16.91
N ASP C 298 -64.71 26.50 17.43
CA ASP C 298 -65.80 25.51 17.45
C ASP C 298 -66.40 25.25 18.83
N ILE C 299 -65.58 25.31 19.87
CA ILE C 299 -66.03 24.89 21.19
C ILE C 299 -65.84 25.95 22.24
N ILE C 300 -66.91 26.22 22.98
CA ILE C 300 -66.85 27.01 24.21
C ILE C 300 -67.04 26.05 25.34
N TYR C 301 -66.02 25.92 26.16
CA TYR C 301 -66.09 25.13 27.37
C TYR C 301 -66.78 25.94 28.47
N GLN C 302 -67.31 25.23 29.47
CA GLN C 302 -67.73 25.86 30.73
C GLN C 302 -67.05 25.08 31.83
N ASP C 303 -66.41 25.80 32.74
CA ASP C 303 -65.72 25.21 33.86
C ASP C 303 -66.73 24.91 34.98
N ILE C 304 -66.21 24.33 36.07
CA ILE C 304 -67.01 23.62 37.09
C ILE C 304 -67.99 24.51 37.88
N GLY C 305 -67.76 25.82 37.90
CA GLY C 305 -68.73 26.74 38.49
C GLY C 305 -70.06 26.79 37.77
N TRP C 306 -70.14 26.21 36.56
CA TRP C 306 -71.41 26.12 35.82
C TRP C 306 -72.53 25.39 36.57
N THR C 307 -72.20 24.37 37.36
CA THR C 307 -73.20 23.56 38.05
C THR C 307 -73.51 24.17 39.42
N GLU C 308 -74.78 24.09 39.84
CA GLU C 308 -75.24 24.67 41.10
C GLU C 308 -74.44 24.17 42.30
N GLY C 309 -74.23 22.86 42.35
CA GLY C 309 -73.36 22.23 43.36
C GLY C 309 -72.67 21.02 42.74
N LEU C 310 -71.58 20.56 43.37
CA LEU C 310 -70.96 19.30 43.00
C LEU C 310 -71.89 18.18 43.51
N GLN C 311 -72.46 17.37 42.62
CA GLN C 311 -72.35 17.42 41.16
C GLN C 311 -73.73 17.08 40.61
N ASP C 312 -74.62 18.07 40.67
CA ASP C 312 -76.05 17.89 40.37
C ASP C 312 -76.39 18.15 38.90
N PHE C 313 -75.44 18.73 38.17
CA PHE C 313 -75.60 19.05 36.75
C PHE C 313 -76.77 19.99 36.51
N ASP C 314 -77.05 20.86 37.48
CA ASP C 314 -78.05 21.92 37.33
C ASP C 314 -77.36 23.22 37.02
N TRP C 315 -77.79 23.90 35.97
CA TRP C 315 -77.20 25.18 35.60
C TRP C 315 -77.39 26.16 36.77
N ARG C 316 -76.28 26.72 37.23
CA ARG C 316 -76.26 27.64 38.38
C ARG C 316 -77.26 28.79 38.17
N LYS C 317 -78.20 28.91 39.10
CA LYS C 317 -79.29 29.91 38.99
C LYS C 317 -78.81 31.34 38.78
N ASN C 318 -77.81 31.77 39.54
CA ASN C 318 -77.35 33.17 39.44
C ASN C 318 -76.66 33.47 38.09
N ASN C 319 -76.20 32.43 37.40
CA ASN C 319 -75.35 32.55 36.22
C ASN C 319 -76.03 32.25 34.86
N TYR C 320 -77.09 31.44 34.87
CA TYR C 320 -77.79 31.08 33.64
C TYR C 320 -79.28 31.38 33.81
N ASN C 321 -79.80 32.20 32.90
CA ASN C 321 -81.19 32.57 32.88
C ASN C 321 -81.97 31.62 31.97
N ASN C 322 -81.45 31.42 30.75
CA ASN C 322 -82.11 30.58 29.75
C ASN C 322 -81.07 29.61 29.12
N PRO C 323 -80.71 28.51 29.82
CA PRO C 323 -79.74 27.51 29.34
C PRO C 323 -80.02 26.99 27.94
N LYS C 324 -81.25 26.55 27.68
CA LYS C 324 -81.63 26.00 26.38
C LYS C 324 -81.41 26.98 25.26
N GLY C 325 -81.88 28.22 25.46
CA GLY C 325 -81.71 29.27 24.48
C GLY C 325 -80.25 29.63 24.24
N MET C 326 -79.45 29.67 25.32
CA MET C 326 -78.01 29.89 25.21
C MET C 326 -77.36 28.85 24.27
N VAL C 327 -77.58 27.57 24.57
CA VAL C 327 -76.95 26.48 23.83
C VAL C 327 -77.43 26.48 22.37
N LYS C 328 -78.74 26.64 22.20
CA LYS C 328 -79.32 26.76 20.87
C LYS C 328 -78.75 27.96 20.10
N ASP C 329 -78.67 29.12 20.76
CA ASP C 329 -78.14 30.31 20.10
C ASP C 329 -76.67 30.17 19.70
N LEU C 330 -75.87 29.64 20.62
CA LEU C 330 -74.45 29.32 20.31
C LEU C 330 -74.33 28.31 19.17
N SER C 331 -75.15 27.27 19.20
CA SER C 331 -75.19 26.27 18.12
C SER C 331 -75.51 26.87 16.74
N ASP C 332 -76.48 27.78 16.67
CA ASP C 332 -76.78 28.47 15.39
C ASP C 332 -75.59 29.30 14.92
N MET C 333 -74.74 29.74 15.85
CA MET C 333 -73.48 30.39 15.49
C MET C 333 -72.31 29.40 15.24
N GLY C 334 -72.58 28.09 15.24
CA GLY C 334 -71.54 27.08 15.02
C GLY C 334 -70.68 26.71 16.22
N PHE C 335 -71.08 27.13 17.43
CA PHE C 335 -70.38 26.74 18.66
C PHE C 335 -71.03 25.53 19.33
N LYS C 336 -70.19 24.58 19.73
CA LYS C 336 -70.60 23.48 20.59
C LYS C 336 -70.10 23.79 22.00
N MET C 337 -70.85 23.35 23.01
CA MET C 337 -70.47 23.55 24.41
C MET C 337 -70.12 22.22 25.05
N ILE C 338 -69.07 22.25 25.87
CA ILE C 338 -68.61 21.11 26.65
C ILE C 338 -68.49 21.57 28.12
N VAL C 339 -69.09 20.84 29.04
CA VAL C 339 -69.12 21.29 30.44
C VAL C 339 -68.37 20.33 31.36
N SER C 340 -67.85 20.88 32.45
CA SER C 340 -67.06 20.13 33.39
C SER C 340 -67.93 19.25 34.28
N GLN C 341 -67.32 18.17 34.76
CA GLN C 341 -67.85 17.45 35.90
C GLN C 341 -66.70 16.99 36.79
N ASP C 342 -66.93 17.09 38.11
CA ASP C 342 -66.10 16.45 39.11
C ASP C 342 -66.75 15.14 39.54
N PRO C 343 -65.98 14.24 40.18
CA PRO C 343 -66.51 12.94 40.59
C PRO C 343 -66.98 12.90 42.05
N VAL C 344 -67.27 14.06 42.64
CA VAL C 344 -67.65 14.12 44.06
C VAL C 344 -68.97 14.85 44.27
N ILE C 345 -69.51 14.65 45.47
CA ILE C 345 -70.73 15.32 45.90
C ILE C 345 -70.39 16.12 47.15
N SER C 346 -70.53 17.44 47.07
CA SER C 346 -70.24 18.29 48.20
C SER C 346 -71.25 17.99 49.31
N GLN C 347 -70.77 17.83 50.55
CA GLN C 347 -71.66 17.69 51.71
C GLN C 347 -72.61 18.86 51.85
N ALA C 348 -72.16 20.06 51.44
CA ALA C 348 -73.04 21.25 51.38
C ALA C 348 -74.17 21.12 50.37
N ASN C 349 -73.99 20.30 49.33
CA ASN C 349 -75.08 19.95 48.41
C ASN C 349 -75.89 18.84 49.12
N GLN C 350 -76.70 19.27 50.10
CA GLN C 350 -77.31 18.37 51.10
C GLN C 350 -78.25 17.31 50.51
N GLN C 351 -79.04 17.70 49.51
CA GLN C 351 -80.02 16.78 48.91
C GLN C 351 -79.30 15.63 48.20
N GLN C 352 -78.28 15.96 47.41
CA GLN C 352 -77.54 14.96 46.61
C GLN C 352 -76.61 14.15 47.48
N TRP C 353 -75.93 14.78 48.43
CA TRP C 353 -75.05 14.03 49.32
C TRP C 353 -75.83 12.99 50.12
N LYS C 354 -76.97 13.39 50.70
CA LYS C 354 -77.81 12.46 51.49
C LYS C 354 -78.37 11.34 50.62
N GLU C 355 -78.79 11.68 49.41
CA GLU C 355 -79.24 10.68 48.45
C GLU C 355 -78.15 9.65 48.15
N ALA C 356 -76.98 10.14 47.77
CA ALA C 356 -75.87 9.23 47.39
C ALA C 356 -75.43 8.38 48.56
N ASP C 357 -75.34 9.00 49.73
CA ASP C 357 -74.93 8.32 50.96
C ASP C 357 -75.89 7.21 51.36
N ALA C 358 -77.19 7.51 51.34
CA ALA C 358 -78.23 6.54 51.72
C ALA C 358 -78.23 5.34 50.76
N LEU C 359 -78.11 5.61 49.46
CA LEU C 359 -77.98 4.55 48.44
C LEU C 359 -76.70 3.69 48.51
N GLY C 360 -75.67 4.15 49.23
CA GLY C 360 -74.39 3.43 49.34
C GLY C 360 -73.47 3.69 48.15
N HIS C 361 -73.60 4.88 47.56
CA HIS C 361 -72.99 5.20 46.27
C HIS C 361 -71.67 5.94 46.44
N LEU C 362 -71.28 6.19 47.67
CA LEU C 362 -70.04 6.91 47.95
C LEU C 362 -69.01 5.91 48.40
N VAL C 363 -67.75 6.21 48.10
CA VAL C 363 -66.64 5.40 48.56
C VAL C 363 -66.62 5.47 50.09
N LYS C 364 -66.29 4.34 50.71
CA LYS C 364 -66.38 4.18 52.15
C LYS C 364 -65.03 4.38 52.78
N ASP C 365 -65.02 4.52 54.09
CA ASP C 365 -63.79 4.56 54.90
C ASP C 365 -63.74 3.21 55.59
N VAL C 366 -62.67 2.46 55.36
CA VAL C 366 -62.52 1.13 55.95
C VAL C 366 -62.52 1.16 57.49
N ARG C 367 -62.16 2.29 58.08
CA ARG C 367 -62.13 2.44 59.54
C ARG C 367 -63.51 2.59 60.20
N THR C 368 -64.48 3.17 59.47
CA THR C 368 -65.83 3.40 60.00
C THR C 368 -66.94 2.52 59.42
N GLY C 369 -66.79 2.07 58.17
CA GLY C 369 -67.90 1.47 57.42
C GLY C 369 -68.84 2.48 56.76
N LYS C 370 -68.55 3.77 56.91
CA LYS C 370 -69.40 4.86 56.39
C LYS C 370 -68.69 5.57 55.23
N SER C 371 -69.40 6.46 54.56
CA SER C 371 -68.86 7.21 53.44
C SER C 371 -67.60 7.96 53.90
N TYR C 372 -66.54 7.86 53.08
CA TYR C 372 -65.29 8.55 53.34
C TYR C 372 -65.47 10.07 53.29
N ASP C 373 -64.88 10.76 54.27
CA ASP C 373 -65.05 12.21 54.44
C ASP C 373 -63.88 12.91 53.75
N MET C 374 -64.13 13.42 52.55
CA MET C 374 -63.05 13.85 51.64
C MET C 374 -62.98 15.38 51.56
N PRO C 375 -61.82 15.97 51.91
CA PRO C 375 -61.65 17.40 51.67
C PRO C 375 -61.56 17.70 50.16
N TRP C 376 -62.05 18.88 49.76
CA TRP C 376 -62.07 19.30 48.36
C TRP C 376 -61.76 20.80 48.26
N PRO C 377 -61.08 21.25 47.17
CA PRO C 377 -60.75 22.70 47.09
C PRO C 377 -61.91 23.71 47.01
N TRP C 378 -63.07 23.32 46.51
CA TRP C 378 -64.24 24.20 46.49
C TRP C 378 -65.46 23.44 46.96
N GLY C 379 -66.36 24.16 47.63
CA GLY C 379 -67.65 23.61 48.05
C GLY C 379 -67.63 22.77 49.32
N GLY C 380 -66.52 22.82 50.08
CA GLY C 380 -66.42 22.11 51.34
C GLY C 380 -66.13 20.63 51.18
N ASN C 381 -66.08 19.91 52.30
CA ASN C 381 -65.89 18.46 52.28
C ASN C 381 -66.97 17.73 51.43
N CYS C 382 -66.56 16.61 50.85
CA CYS C 382 -67.38 15.88 49.89
C CYS C 382 -67.38 14.37 50.12
N GLY C 383 -68.31 13.71 49.45
CA GLY C 383 -68.29 12.26 49.28
C GLY C 383 -67.71 11.96 47.90
N VAL C 384 -66.86 10.95 47.82
CA VAL C 384 -66.28 10.50 46.54
C VAL C 384 -67.22 9.46 45.93
N VAL C 385 -67.77 9.74 44.76
CA VAL C 385 -68.71 8.81 44.11
C VAL C 385 -67.99 7.54 43.66
N ASP C 386 -68.59 6.39 43.98
CA ASP C 386 -67.95 5.12 43.73
C ASP C 386 -68.34 4.55 42.37
N PHE C 387 -67.58 4.92 41.35
CA PHE C 387 -67.88 4.48 39.97
C PHE C 387 -67.54 3.03 39.68
N THR C 388 -66.94 2.34 40.66
CA THR C 388 -66.79 0.88 40.60
C THR C 388 -68.03 0.10 41.08
N LYS C 389 -68.98 0.76 41.73
CA LYS C 389 -70.23 0.11 42.14
C LYS C 389 -71.19 0.11 40.95
N PRO C 390 -71.65 -1.08 40.50
CA PRO C 390 -72.49 -1.16 39.29
C PRO C 390 -73.70 -0.21 39.24
N GLU C 391 -74.41 -0.10 40.36
CA GLU C 391 -75.67 0.66 40.41
C GLU C 391 -75.45 2.18 40.23
N VAL C 392 -74.25 2.65 40.56
CA VAL C 392 -73.87 4.05 40.37
C VAL C 392 -73.96 4.47 38.90
N ALA C 393 -73.66 3.56 37.98
CA ALA C 393 -73.63 3.92 36.55
C ALA C 393 -74.94 4.54 36.04
N ASP C 394 -76.06 3.84 36.17
CA ASP C 394 -77.37 4.41 35.78
C ASP C 394 -77.73 5.69 36.58
N TRP C 395 -77.40 5.72 37.86
CA TRP C 395 -77.67 6.88 38.72
C TRP C 395 -76.94 8.15 38.21
N TRP C 396 -75.63 8.02 37.98
CA TRP C 396 -74.85 9.10 37.39
C TRP C 396 -75.33 9.45 35.99
N GLY C 397 -75.67 8.44 35.20
CA GLY C 397 -76.11 8.64 33.81
C GLY C 397 -77.31 9.56 33.71
N SER C 398 -78.28 9.33 34.60
CA SER C 398 -79.46 10.18 34.69
C SER C 398 -79.14 11.63 35.07
N TYR C 399 -78.28 11.80 36.07
CA TYR C 399 -77.82 13.13 36.47
C TYR C 399 -77.10 13.87 35.34
N GLN C 400 -76.09 13.21 34.74
CA GLN C 400 -75.25 13.90 33.72
C GLN C 400 -76.02 14.18 32.43
N GLN C 401 -77.10 13.44 32.17
CA GLN C 401 -77.88 13.64 30.95
C GLN C 401 -78.55 15.00 30.88
N LYS C 402 -78.78 15.66 32.04
CA LYS C 402 -79.53 16.92 32.06
C LYS C 402 -78.98 18.02 31.13
N PRO C 403 -77.69 18.37 31.24
CA PRO C 403 -77.12 19.35 30.29
C PRO C 403 -77.15 18.86 28.84
N LEU C 404 -77.02 17.56 28.62
CA LEU C 404 -77.07 16.99 27.27
C LEU C 404 -78.47 17.15 26.65
N ASN C 405 -79.51 17.00 27.49
CA ASN C 405 -80.89 17.27 27.04
C ASN C 405 -81.09 18.72 26.62
N ASP C 406 -80.29 19.65 27.14
CA ASP C 406 -80.27 21.05 26.68
C ASP C 406 -79.41 21.30 25.45
N GLY C 407 -78.71 20.27 24.93
CA GLY C 407 -77.92 20.38 23.71
C GLY C 407 -76.40 20.53 23.88
N VAL C 408 -75.94 20.42 25.13
CA VAL C 408 -74.52 20.31 25.43
C VAL C 408 -74.00 19.01 24.79
N ARG C 409 -72.79 19.06 24.23
CA ARG C 409 -72.28 17.98 23.38
C ARG C 409 -71.30 17.03 24.04
N GLY C 410 -70.98 17.26 25.31
CA GLY C 410 -70.16 16.33 26.09
C GLY C 410 -69.51 16.99 27.30
N PHE C 411 -68.40 16.40 27.77
CA PHE C 411 -67.82 16.75 29.05
C PHE C 411 -66.30 16.86 29.04
N TRP C 412 -65.81 17.51 30.09
CA TRP C 412 -64.46 17.29 30.54
C TRP C 412 -64.56 16.80 31.96
N THR C 413 -63.90 15.67 32.19
CA THR C 413 -63.89 15.01 33.47
C THR C 413 -62.59 15.40 34.17
N ASP C 414 -62.74 16.25 35.18
CA ASP C 414 -61.62 16.87 35.86
C ASP C 414 -61.54 16.28 37.27
N MET C 415 -60.36 16.35 37.88
CA MET C 415 -60.17 16.05 39.31
C MET C 415 -60.30 14.56 39.65
N GLY C 416 -60.09 13.69 38.67
CA GLY C 416 -60.36 12.27 38.81
C GLY C 416 -59.25 11.39 39.36
N GLU C 417 -58.23 12.00 39.99
CA GLU C 417 -57.06 11.24 40.42
C GLU C 417 -57.29 10.24 41.59
N PRO C 418 -58.23 10.47 42.53
CA PRO C 418 -58.91 11.75 42.81
C PRO C 418 -57.95 12.87 43.13
N ALA C 419 -58.37 14.10 42.89
CA ALA C 419 -57.60 15.27 43.31
C ALA C 419 -57.27 15.22 44.81
N TRP C 420 -56.25 15.97 45.21
CA TRP C 420 -55.87 16.08 46.63
C TRP C 420 -55.63 14.71 47.28
N SER C 421 -55.10 13.77 46.49
CA SER C 421 -54.82 12.42 46.94
C SER C 421 -53.46 11.96 46.44
N ASN C 422 -52.46 12.83 46.57
CA ASN C 422 -51.09 12.48 46.18
C ASN C 422 -50.54 11.43 47.15
N GLU C 423 -49.40 10.81 46.78
CA GLU C 423 -48.73 9.79 47.61
C GLU C 423 -48.67 10.09 49.10
N ASP C 424 -48.37 11.33 49.43
CA ASP C 424 -48.17 11.73 50.84
C ASP C 424 -49.48 11.93 51.62
N ALA C 425 -50.62 12.00 50.92
CA ALA C 425 -51.92 12.05 51.58
C ALA C 425 -52.35 10.61 51.92
N VAL C 426 -51.67 10.04 52.91
CA VAL C 426 -51.82 8.61 53.26
C VAL C 426 -53.19 8.23 53.81
N ASP C 427 -53.93 9.22 54.33
CA ASP C 427 -55.30 8.97 54.79
C ASP C 427 -56.23 8.41 53.70
N ARG C 428 -55.97 8.78 52.45
CA ARG C 428 -56.75 8.29 51.30
C ARG C 428 -56.68 6.77 51.13
N LEU C 429 -55.65 6.13 51.70
CA LEU C 429 -55.50 4.65 51.63
C LEU C 429 -56.55 3.88 52.41
N ASN C 430 -57.25 4.57 53.31
CA ASN C 430 -58.42 4.02 53.99
C ASN C 430 -59.66 3.93 53.11
N MET C 431 -59.66 4.55 51.91
CA MET C 431 -60.81 4.49 51.01
C MET C 431 -61.07 3.07 50.55
N LYS C 432 -62.30 2.62 50.74
CA LYS C 432 -62.72 1.29 50.36
C LYS C 432 -63.79 1.45 49.29
N HIS C 433 -63.47 0.99 48.07
CA HIS C 433 -64.35 1.06 46.92
C HIS C 433 -65.01 -0.30 46.75
N HIS C 434 -66.08 -0.37 45.96
CA HIS C 434 -66.77 -1.63 45.70
C HIS C 434 -65.78 -2.69 45.18
N LEU C 435 -64.88 -2.31 44.27
CA LEU C 435 -63.98 -3.31 43.67
C LEU C 435 -62.64 -3.48 44.38
N GLY C 436 -62.38 -2.68 45.41
CA GLY C 436 -61.18 -2.89 46.23
C GLY C 436 -60.71 -1.69 47.03
N MET C 437 -59.58 -1.84 47.69
CA MET C 437 -59.00 -0.77 48.47
C MET C 437 -58.33 0.27 47.58
N HIS C 438 -58.13 1.45 48.16
CA HIS C 438 -57.61 2.59 47.42
C HIS C 438 -56.22 2.33 46.83
N ASN C 439 -55.38 1.53 47.49
CA ASN C 439 -54.04 1.25 46.95
C ASN C 439 -54.10 0.55 45.57
N GLU C 440 -55.14 -0.25 45.34
CA GLU C 440 -55.41 -0.90 44.04
C GLU C 440 -56.17 -0.01 43.06
N ILE C 441 -57.15 0.70 43.59
CA ILE C 441 -58.19 1.35 42.79
C ILE C 441 -57.86 2.81 42.43
N HIS C 442 -57.04 3.47 43.24
CA HIS C 442 -56.61 4.85 42.95
C HIS C 442 -56.32 5.09 41.47
N ASN C 443 -55.43 4.27 40.88
CA ASN C 443 -55.06 4.45 39.47
C ASN C 443 -56.14 4.14 38.45
N VAL C 444 -57.21 3.47 38.86
CA VAL C 444 -58.35 3.30 37.96
C VAL C 444 -59.60 3.99 38.48
N TYR C 445 -59.44 4.91 39.44
CA TYR C 445 -60.60 5.60 39.97
C TYR C 445 -61.25 6.45 38.84
N GLY C 446 -60.44 7.32 38.24
CA GLY C 446 -60.89 8.16 37.14
C GLY C 446 -61.17 7.40 35.86
N PHE C 447 -60.43 6.29 35.65
CA PHE C 447 -60.69 5.40 34.53
C PHE C 447 -62.11 4.85 34.58
N THR C 448 -62.48 4.28 35.73
CA THR C 448 -63.81 3.69 35.91
C THR C 448 -64.89 4.76 35.87
N TRP C 449 -64.61 5.94 36.43
CA TRP C 449 -65.48 7.10 36.24
C TRP C 449 -65.72 7.42 34.77
N ASP C 450 -64.63 7.57 34.01
CA ASP C 450 -64.70 7.99 32.61
C ASP C 450 -65.44 6.98 31.76
N LYS C 451 -65.29 5.69 32.13
CA LYS C 451 -65.97 4.59 31.47
C LYS C 451 -67.49 4.72 31.68
N VAL C 452 -67.89 4.96 32.93
CA VAL C 452 -69.29 5.22 33.25
C VAL C 452 -69.83 6.37 32.43
N VAL C 453 -69.10 7.49 32.41
CA VAL C 453 -69.53 8.68 31.66
C VAL C 453 -69.84 8.35 30.19
N THR C 454 -68.91 7.66 29.53
CA THR C 454 -69.10 7.27 28.12
C THR C 454 -70.19 6.20 27.91
N GLU C 455 -70.20 5.15 28.74
CA GLU C 455 -71.22 4.08 28.66
C GLU C 455 -72.62 4.68 28.80
N GLN C 456 -72.78 5.54 29.81
CA GLN C 456 -74.05 6.20 30.05
C GLN C 456 -74.43 7.16 28.93
N PHE C 457 -73.46 7.90 28.39
CA PHE C 457 -73.71 8.73 27.22
C PHE C 457 -74.27 7.90 26.07
N TYR C 458 -73.63 6.75 25.80
CA TYR C 458 -74.05 5.82 24.75
C TYR C 458 -75.50 5.36 24.92
N LYS C 459 -75.81 4.91 26.13
CA LYS C 459 -77.13 4.43 26.51
C LYS C 459 -78.22 5.49 26.29
N HIS C 460 -77.95 6.73 26.66
CA HIS C 460 -78.93 7.81 26.60
C HIS C 460 -78.93 8.58 25.30
N ASN C 461 -77.89 8.45 24.48
CA ASN C 461 -77.78 9.24 23.24
C ASN C 461 -77.26 8.29 22.12
N PRO C 462 -78.10 7.35 21.68
CA PRO C 462 -77.61 6.23 20.84
C PRO C 462 -76.99 6.62 19.51
N ASN C 463 -75.95 5.88 19.12
CA ASN C 463 -75.24 6.07 17.85
C ASN C 463 -74.66 7.48 17.69
N LYS C 464 -74.18 8.05 18.79
CA LYS C 464 -73.47 9.33 18.73
C LYS C 464 -72.10 9.23 19.38
N ARG C 465 -71.12 9.92 18.79
CA ARG C 465 -69.79 10.04 19.34
C ARG C 465 -69.85 10.89 20.58
N ILE C 466 -69.34 10.40 21.71
CA ILE C 466 -69.13 11.27 22.88
C ILE C 466 -67.95 12.24 22.60
N PHE C 467 -68.04 13.44 23.18
CA PHE C 467 -66.84 14.22 23.48
C PHE C 467 -66.57 14.13 24.97
N GLN C 468 -65.48 13.49 25.35
CA GLN C 468 -65.00 13.48 26.75
C GLN C 468 -63.48 13.73 26.69
N MET C 469 -63.02 14.69 27.49
CA MET C 469 -61.58 14.98 27.62
C MET C 469 -61.29 14.95 29.12
N THR C 470 -60.35 14.10 29.52
CA THR C 470 -60.15 13.79 30.92
C THR C 470 -58.75 14.16 31.40
N ARG C 471 -58.63 14.30 32.73
CA ARG C 471 -57.38 14.61 33.37
C ARG C 471 -56.75 13.34 33.91
N ALA C 472 -57.49 12.57 34.68
CA ALA C 472 -56.98 11.31 35.25
C ALA C 472 -57.45 10.10 34.46
N ALA C 473 -56.55 9.14 34.31
CA ALA C 473 -56.83 7.97 33.50
C ALA C 473 -55.87 6.83 33.80
N TYR C 474 -56.19 5.67 33.23
CA TYR C 474 -55.35 4.49 33.21
C TYR C 474 -55.30 3.97 31.76
N ALA C 475 -54.36 3.06 31.49
CA ALA C 475 -54.27 2.38 30.18
C ALA C 475 -55.63 1.83 29.74
N GLY C 476 -55.90 1.93 28.45
CA GLY C 476 -57.19 1.58 27.90
C GLY C 476 -58.15 2.74 27.75
N LEU C 477 -57.76 3.93 28.22
CA LEU C 477 -58.64 5.10 28.20
C LEU C 477 -59.13 5.49 26.81
N GLN C 478 -58.37 5.15 25.77
CA GLN C 478 -58.74 5.47 24.39
C GLN C 478 -60.11 4.95 23.96
N ARG C 479 -60.61 3.91 24.62
CA ARG C 479 -61.96 3.39 24.33
C ARG C 479 -63.05 4.38 24.73
N TYR C 480 -62.78 5.21 25.74
CA TYR C 480 -63.80 6.03 26.40
C TYR C 480 -63.60 7.55 26.34
N THR C 481 -62.36 8.01 26.19
CA THR C 481 -62.04 9.41 26.45
C THR C 481 -60.76 9.85 25.79
N PHE C 482 -60.70 11.17 25.57
CA PHE C 482 -59.53 11.91 25.12
C PHE C 482 -58.90 12.52 26.37
N GLY C 483 -57.83 13.31 26.21
CA GLY C 483 -57.03 13.78 27.36
C GLY C 483 -56.49 15.20 27.19
N TRP C 484 -56.33 15.92 28.31
CA TRP C 484 -55.46 17.08 28.33
C TRP C 484 -54.51 16.98 29.49
N SER C 485 -53.37 17.68 29.40
CA SER C 485 -52.29 17.54 30.37
C SER C 485 -52.42 18.32 31.68
N GLY C 486 -53.63 18.71 32.05
CA GLY C 486 -53.90 19.38 33.34
C GLY C 486 -53.33 20.79 33.52
N ASP C 487 -52.94 21.09 34.77
CA ASP C 487 -52.62 22.45 35.19
C ASP C 487 -51.13 22.77 35.01
N SER C 488 -50.76 23.07 33.76
CA SER C 488 -49.40 23.35 33.38
C SER C 488 -49.08 24.85 33.50
N GLY C 489 -47.80 25.16 33.37
CA GLY C 489 -47.29 26.54 33.37
C GLY C 489 -46.77 26.98 34.74
N ASN C 490 -46.27 28.22 34.79
CA ASN C 490 -45.60 28.73 35.99
C ASN C 490 -46.56 29.53 36.89
N GLY C 491 -46.80 29.01 38.08
CA GLY C 491 -47.67 29.69 39.08
C GLY C 491 -47.08 30.91 39.78
N SER C 492 -45.77 30.90 40.01
CA SER C 492 -45.09 32.05 40.64
C SER C 492 -44.99 33.28 39.74
N ASN C 493 -44.71 33.04 38.46
CA ASN C 493 -44.59 34.10 37.48
C ASN C 493 -44.95 33.53 36.09
N VAL C 494 -46.13 33.87 35.57
CA VAL C 494 -46.61 33.35 34.29
C VAL C 494 -45.60 33.52 33.16
N LEU C 495 -44.86 34.63 33.21
CA LEU C 495 -43.90 34.99 32.18
C LEU C 495 -42.70 34.07 32.11
N ASP C 496 -42.41 33.36 33.19
CA ASP C 496 -41.30 32.46 33.27
C ASP C 496 -41.68 31.00 32.98
N GLY C 497 -42.62 30.78 32.08
CA GLY C 497 -43.15 29.44 31.81
C GLY C 497 -42.62 28.80 30.54
N TRP C 498 -41.57 29.39 29.94
CA TRP C 498 -41.04 28.93 28.64
C TRP C 498 -40.66 27.45 28.60
N LYS C 499 -39.93 27.00 29.61
CA LYS C 499 -39.47 25.61 29.64
C LYS C 499 -40.58 24.60 29.94
N GLN C 500 -41.56 25.02 30.75
CA GLN C 500 -42.72 24.23 31.04
C GLN C 500 -43.56 24.09 29.78
N MET C 501 -43.75 25.18 29.05
CA MET C 501 -44.37 25.12 27.73
C MET C 501 -43.62 24.17 26.81
N ALA C 502 -42.30 24.30 26.77
CA ALA C 502 -41.50 23.50 25.84
C ALA C 502 -41.65 22.02 26.13
N ASN C 503 -41.75 21.67 27.42
CA ASN C 503 -41.89 20.28 27.80
C ASN C 503 -43.27 19.67 27.44
N GLN C 504 -44.25 20.50 27.11
CA GLN C 504 -45.54 19.98 26.64
C GLN C 504 -45.42 19.25 25.30
N ILE C 505 -44.33 19.48 24.54
CA ILE C 505 -44.09 18.72 23.32
C ILE C 505 -43.90 17.23 23.66
N PRO C 506 -42.81 16.88 24.39
CA PRO C 506 -42.65 15.46 24.73
C PRO C 506 -43.76 14.85 25.61
N VAL C 507 -44.39 15.65 26.47
CA VAL C 507 -45.57 15.20 27.22
C VAL C 507 -46.67 14.78 26.22
N GLY C 508 -46.94 15.62 25.25
CA GLY C 508 -47.90 15.32 24.21
C GLY C 508 -47.56 14.16 23.31
N LEU C 509 -46.28 14.06 22.93
CA LEU C 509 -45.83 12.95 22.11
C LEU C 509 -45.88 11.63 22.87
N SER C 510 -45.55 11.66 24.17
CA SER C 510 -45.58 10.48 25.02
C SER C 510 -47.02 10.05 25.30
N ALA C 511 -47.89 11.03 25.52
CA ALA C 511 -49.31 10.76 25.66
C ALA C 511 -49.84 10.04 24.41
N GLY C 512 -49.43 10.51 23.24
CA GLY C 512 -49.76 9.86 21.96
C GLY C 512 -49.31 8.41 21.90
N MET C 513 -48.08 8.16 22.36
CA MET C 513 -47.53 6.80 22.40
C MET C 513 -48.19 5.90 23.45
N GLY C 514 -48.89 6.51 24.42
CA GLY C 514 -49.71 5.83 25.39
C GLY C 514 -51.19 5.78 25.06
N LEU C 515 -51.52 5.97 23.78
CA LEU C 515 -52.88 5.94 23.26
C LEU C 515 -53.77 7.07 23.77
N ILE C 516 -53.22 8.28 23.73
CA ILE C 516 -54.02 9.49 23.81
C ILE C 516 -53.79 10.24 22.49
N PRO C 517 -54.32 9.70 21.37
CA PRO C 517 -54.16 10.42 20.10
C PRO C 517 -54.88 11.77 20.07
N PHE C 518 -56.02 11.88 20.76
CA PHE C 518 -56.79 13.12 20.85
C PHE C 518 -56.43 13.82 22.15
N TRP C 519 -55.47 14.74 22.01
CA TRP C 519 -54.76 15.36 23.12
C TRP C 519 -54.65 16.87 22.92
N THR C 520 -54.63 17.59 24.04
CA THR C 520 -54.17 18.96 24.05
C THR C 520 -53.57 19.33 25.40
N CYS C 521 -53.04 20.54 25.48
CA CYS C 521 -52.62 21.14 26.74
C CYS C 521 -53.35 22.47 26.88
N ASP C 522 -53.31 23.05 28.06
CA ASP C 522 -53.86 24.40 28.26
C ASP C 522 -52.96 25.39 27.54
N ILE C 523 -53.44 25.96 26.44
CA ILE C 523 -52.69 26.97 25.70
C ILE C 523 -52.65 28.25 26.55
N SER C 524 -51.44 28.78 26.74
CA SER C 524 -51.08 29.81 27.77
C SER C 524 -50.70 29.22 29.15
N GLY C 525 -50.87 27.89 29.31
CA GLY C 525 -50.80 27.25 30.61
C GLY C 525 -52.04 27.52 31.44
N TYR C 526 -52.20 26.73 32.49
CA TYR C 526 -53.22 26.99 33.47
C TYR C 526 -52.76 28.06 34.46
N CYS C 527 -51.51 27.96 34.90
CA CYS C 527 -51.05 28.71 36.06
C CYS C 527 -50.52 30.10 35.72
N GLY C 528 -50.60 30.98 36.71
CA GLY C 528 -49.91 32.28 36.68
C GLY C 528 -50.82 33.42 36.29
N ASP C 529 -50.97 34.38 37.19
CA ASP C 529 -51.74 35.57 36.89
C ASP C 529 -51.07 36.38 35.82
N ILE C 530 -51.87 36.78 34.83
CA ILE C 530 -51.40 37.59 33.73
C ILE C 530 -51.60 39.05 34.15
N LYS C 531 -50.59 39.58 34.84
CA LYS C 531 -50.62 40.96 35.31
C LYS C 531 -50.31 41.97 34.20
N ASP C 532 -49.64 41.51 33.14
CA ASP C 532 -49.19 42.36 32.04
C ASP C 532 -49.35 41.61 30.70
N TYR C 533 -50.41 41.95 29.97
CA TYR C 533 -50.73 41.29 28.71
C TYR C 533 -49.70 41.52 27.59
N ASP C 534 -49.12 42.73 27.53
CA ASP C 534 -48.07 43.01 26.54
C ASP C 534 -46.86 42.12 26.77
N ALA C 535 -46.43 41.99 28.04
CA ALA C 535 -45.31 41.15 28.40
C ALA C 535 -45.55 39.63 28.14
N MET C 536 -46.79 39.19 28.30
CA MET C 536 -47.18 37.79 28.07
C MET C 536 -47.37 37.48 26.57
N ALA C 537 -47.54 38.50 25.74
CA ALA C 537 -47.93 38.30 24.32
C ALA C 537 -47.07 37.27 23.62
N GLU C 538 -45.75 37.40 23.77
CA GLU C 538 -44.82 36.53 23.06
C GLU C 538 -45.01 35.07 23.48
N LEU C 539 -45.05 34.81 24.79
CA LEU C 539 -45.21 33.44 25.29
C LEU C 539 -46.55 32.86 24.84
N TYR C 540 -47.61 33.67 24.86
CA TYR C 540 -48.94 33.24 24.39
C TYR C 540 -48.96 32.83 22.92
N VAL C 541 -48.37 33.66 22.07
CA VAL C 541 -48.31 33.40 20.63
C VAL C 541 -47.60 32.07 20.37
N ARG C 542 -46.44 31.86 21.01
CA ARG C 542 -45.66 30.65 20.81
C ARG C 542 -46.42 29.43 21.33
N TRP C 543 -47.14 29.60 22.44
CA TRP C 543 -47.94 28.52 23.02
C TRP C 543 -49.08 28.10 22.10
N LEU C 544 -49.71 29.06 21.44
CA LEU C 544 -50.80 28.81 20.50
C LEU C 544 -50.28 28.29 19.17
N GLN C 545 -49.09 28.72 18.76
CA GLN C 545 -48.47 28.18 17.54
C GLN C 545 -48.19 26.69 17.66
N PHE C 546 -47.68 26.29 18.82
CA PHE C 546 -47.57 24.88 19.18
C PHE C 546 -48.94 24.24 19.30
N GLY C 547 -49.80 24.89 20.08
CA GLY C 547 -51.08 24.35 20.49
C GLY C 547 -52.06 24.03 19.38
N VAL C 548 -52.02 24.80 18.29
CA VAL C 548 -52.88 24.50 17.12
C VAL C 548 -52.49 23.24 16.37
N PHE C 549 -51.30 22.70 16.63
CA PHE C 549 -50.92 21.38 16.12
C PHE C 549 -51.16 20.25 17.14
N THR C 550 -51.95 20.51 18.18
CA THR C 550 -52.45 19.48 19.05
C THR C 550 -53.90 19.27 18.60
N PRO C 551 -54.38 18.01 18.62
CA PRO C 551 -55.69 17.76 18.02
C PRO C 551 -56.86 18.50 18.67
N LEU C 552 -56.84 18.62 19.99
CA LEU C 552 -57.93 19.27 20.73
C LEU C 552 -57.60 20.70 21.23
N SER C 553 -56.61 21.33 20.58
CA SER C 553 -56.23 22.75 20.82
C SER C 553 -57.24 23.60 21.63
N ARG C 554 -56.93 23.81 22.91
CA ARG C 554 -57.77 24.56 23.83
C ARG C 554 -56.94 25.59 24.60
N ALA C 555 -57.27 26.86 24.43
CA ALA C 555 -56.79 27.93 25.31
C ALA C 555 -57.60 27.94 26.60
N HIS C 556 -56.91 28.15 27.71
CA HIS C 556 -57.49 28.02 29.06
C HIS C 556 -56.53 28.66 30.02
N HIS C 557 -57.04 29.17 31.13
CA HIS C 557 -56.19 29.69 32.20
C HIS C 557 -56.97 29.76 33.49
N GLU C 558 -56.26 29.76 34.61
CA GLU C 558 -56.90 29.86 35.93
C GLU C 558 -57.76 31.11 36.12
N GLY C 559 -58.89 30.94 36.81
CA GLY C 559 -59.74 32.03 37.28
C GLY C 559 -60.17 33.00 36.20
N GLY C 560 -59.95 34.28 36.44
CA GLY C 560 -60.36 35.37 35.55
C GLY C 560 -59.27 35.87 34.64
N ASN C 561 -58.22 35.07 34.48
CA ASN C 561 -57.12 35.40 33.59
C ASN C 561 -57.54 35.13 32.15
N ALA C 562 -58.14 36.12 31.50
CA ALA C 562 -58.64 35.98 30.13
C ALA C 562 -57.53 35.68 29.13
N VAL C 563 -57.69 34.62 28.35
CA VAL C 563 -56.68 34.20 27.35
C VAL C 563 -57.24 33.91 25.95
N GLU C 564 -58.27 34.65 25.57
CA GLU C 564 -58.78 34.54 24.21
C GLU C 564 -57.73 35.16 23.31
N PRO C 565 -57.70 34.79 22.01
CA PRO C 565 -56.56 35.18 21.15
C PRO C 565 -56.45 36.68 20.79
N TRP C 566 -57.42 37.49 21.17
CA TRP C 566 -57.38 38.96 20.97
C TRP C 566 -56.91 39.75 22.20
N LYS C 567 -56.62 39.07 23.31
CA LYS C 567 -56.34 39.75 24.58
C LYS C 567 -54.91 40.31 24.73
N PHE C 568 -54.03 40.06 23.76
CA PHE C 568 -52.61 40.41 23.87
C PHE C 568 -52.15 41.40 22.80
N GLY C 569 -53.08 42.18 22.25
CA GLY C 569 -52.77 43.19 21.25
C GLY C 569 -52.92 42.68 19.83
N THR C 570 -53.00 43.63 18.92
CA THR C 570 -53.35 43.38 17.52
C THR C 570 -52.36 42.46 16.79
N GLU C 571 -51.07 42.65 17.04
CA GLU C 571 -50.06 41.82 16.38
C GLU C 571 -50.24 40.33 16.76
N ALA C 572 -50.35 40.06 18.06
CA ALA C 572 -50.57 38.70 18.54
C ALA C 572 -51.90 38.13 18.04
N GLU C 573 -52.92 38.98 17.96
CA GLU C 573 -54.23 38.58 17.45
C GLU C 573 -54.16 38.11 16.00
N ASN C 574 -53.46 38.88 15.16
CA ASN C 574 -53.33 38.55 13.75
C ASN C 574 -52.50 37.28 13.52
N ILE C 575 -51.42 37.12 14.30
CA ILE C 575 -50.62 35.90 14.25
C ILE C 575 -51.45 34.68 14.71
N SER C 576 -52.18 34.83 15.81
CA SER C 576 -53.00 33.77 16.37
C SER C 576 -54.12 33.37 15.42
N ARG C 577 -54.73 34.36 14.75
CA ARG C 577 -55.73 34.07 13.71
C ARG C 577 -55.12 33.19 12.59
N LYS C 578 -53.93 33.54 12.12
CA LYS C 578 -53.26 32.76 11.07
C LYS C 578 -52.87 31.35 11.53
N SER C 579 -52.45 31.23 12.78
CA SER C 579 -52.13 29.93 13.38
C SER C 579 -53.37 29.04 13.41
N ILE C 580 -54.48 29.61 13.88
CA ILE C 580 -55.75 28.91 13.94
C ILE C 580 -56.25 28.59 12.53
N GLU C 581 -56.27 29.59 11.65
CA GLU C 581 -56.66 29.38 10.25
C GLU C 581 -55.89 28.24 9.55
N LEU C 582 -54.61 28.05 9.90
CA LEU C 582 -53.81 26.94 9.35
C LEU C 582 -54.37 25.57 9.75
N LYS C 583 -54.71 25.41 11.03
CA LYS C 583 -55.29 24.16 11.51
C LYS C 583 -56.62 23.84 10.80
N TYR C 584 -57.46 24.87 10.61
CA TYR C 584 -58.76 24.70 9.93
C TYR C 584 -58.56 24.30 8.47
N LYS C 585 -57.63 24.95 7.77
CA LYS C 585 -57.28 24.60 6.39
C LYS C 585 -56.85 23.15 6.28
N LEU C 586 -56.09 22.68 7.27
CA LEU C 586 -55.63 21.31 7.32
C LEU C 586 -56.64 20.28 7.80
N PHE C 587 -57.86 20.68 8.17
CA PHE C 587 -58.83 19.75 8.70
C PHE C 587 -58.96 18.40 7.92
N PRO C 588 -59.08 18.43 6.58
CA PRO C 588 -59.21 17.16 5.84
C PRO C 588 -58.03 16.21 6.04
N TYR C 589 -56.83 16.79 6.11
CA TYR C 589 -55.61 16.09 6.45
C TYR C 589 -55.66 15.56 7.88
N LEU C 590 -55.97 16.43 8.84
CA LEU C 590 -55.93 16.01 10.26
C LEU C 590 -56.99 14.95 10.54
N TYR C 591 -58.18 15.13 9.94
CA TYR C 591 -59.25 14.16 10.10
C TYR C 591 -58.87 12.77 9.55
N THR C 592 -58.10 12.75 8.46
CA THR C 592 -57.64 11.49 7.90
C THR C 592 -56.74 10.81 8.91
N TYR C 593 -55.89 11.58 9.59
CA TYR C 593 -55.05 11.01 10.64
C TYR C 593 -55.80 10.70 11.91
N ALA C 594 -56.87 11.42 12.21
CA ALA C 594 -57.79 11.01 13.28
C ALA C 594 -58.32 9.58 13.07
N ARG C 595 -58.77 9.30 11.84
CA ARG C 595 -59.18 7.95 11.47
C ARG C 595 -58.05 6.93 11.57
N GLU C 596 -56.87 7.28 11.08
CA GLU C 596 -55.69 6.43 11.22
C GLU C 596 -55.42 6.08 12.68
N ALA C 597 -55.65 7.00 13.61
CA ALA C 597 -55.49 6.67 15.03
C ALA C 597 -56.47 5.58 15.50
N HIS C 598 -57.72 5.63 15.02
CA HIS C 598 -58.71 4.58 15.30
C HIS C 598 -58.25 3.21 14.78
N ASP C 599 -57.80 3.18 13.54
CA ASP C 599 -57.38 1.96 12.85
C ASP C 599 -56.07 1.35 13.34
N THR C 600 -55.05 2.19 13.59
CA THR C 600 -53.69 1.73 13.90
C THR C 600 -53.20 2.00 15.30
N GLY C 601 -53.86 2.92 16.02
CA GLY C 601 -53.40 3.36 17.33
C GLY C 601 -52.34 4.46 17.29
N LEU C 602 -51.92 4.86 16.08
CA LEU C 602 -50.86 5.88 15.95
C LEU C 602 -51.43 7.25 16.28
N PRO C 603 -50.70 8.02 17.11
CA PRO C 603 -51.18 9.37 17.39
C PRO C 603 -51.07 10.26 16.16
N ILE C 604 -51.83 11.36 16.16
CA ILE C 604 -51.70 12.40 15.14
C ILE C 604 -50.32 13.09 15.30
N MET C 605 -50.00 13.49 16.53
CA MET C 605 -48.69 14.05 16.88
C MET C 605 -47.72 12.90 17.09
N ARG C 606 -46.74 12.77 16.19
CA ARG C 606 -45.82 11.63 16.19
C ARG C 606 -44.38 12.05 16.43
N ALA C 607 -43.79 11.52 17.50
CA ALA C 607 -42.36 11.60 17.68
C ALA C 607 -41.73 11.06 16.37
N LEU C 608 -40.66 11.68 15.92
CA LEU C 608 -40.02 11.25 14.66
C LEU C 608 -39.57 9.80 14.70
N LEU C 609 -39.24 9.30 15.89
CA LEU C 609 -38.85 7.91 16.05
C LEU C 609 -39.88 6.90 15.57
N LEU C 610 -41.17 7.27 15.62
CA LEU C 610 -42.22 6.39 15.17
C LEU C 610 -42.18 6.17 13.65
N GLU C 611 -41.79 7.18 12.90
CA GLU C 611 -41.69 7.09 11.44
C GLU C 611 -40.28 6.81 10.92
N TYR C 612 -39.26 7.09 11.75
CA TYR C 612 -37.87 6.91 11.34
C TYR C 612 -37.13 6.14 12.42
N PRO C 613 -37.59 4.90 12.71
CA PRO C 613 -37.00 4.13 13.81
C PRO C 613 -35.52 3.80 13.63
N ASN C 614 -35.04 3.76 12.38
CA ASN C 614 -33.62 3.50 12.09
C ASN C 614 -32.70 4.68 12.35
N ASP C 615 -33.25 5.88 12.58
CA ASP C 615 -32.46 7.09 12.72
C ASP C 615 -32.40 7.41 14.21
N LYS C 616 -31.28 7.06 14.84
CA LYS C 616 -31.10 7.22 16.28
C LYS C 616 -31.08 8.69 16.74
N GLU C 617 -30.84 9.62 15.83
CA GLU C 617 -30.93 11.04 16.17
C GLU C 617 -32.32 11.42 16.66
N THR C 618 -33.34 10.72 16.18
CA THR C 618 -34.72 11.01 16.55
C THR C 618 -35.03 10.79 18.03
N PHE C 619 -34.27 9.91 18.68
CA PHE C 619 -34.44 9.65 20.11
C PHE C 619 -34.27 10.89 20.99
N LYS C 620 -33.47 11.85 20.53
CA LYS C 620 -33.17 13.08 21.26
C LYS C 620 -34.11 14.27 20.99
N LEU C 621 -35.05 14.13 20.05
CA LEU C 621 -35.80 15.28 19.52
C LEU C 621 -37.05 15.60 20.37
N ASN C 622 -36.90 16.56 21.26
CA ASN C 622 -37.97 17.02 22.14
C ASN C 622 -38.56 18.37 21.76
N GLY C 623 -38.04 18.97 20.70
CA GLY C 623 -38.49 20.29 20.26
C GLY C 623 -39.17 20.29 18.90
N GLN C 624 -39.53 19.11 18.39
CA GLN C 624 -40.21 18.99 17.10
C GLN C 624 -40.95 17.65 17.01
N PHE C 625 -41.86 17.56 16.04
CA PHE C 625 -42.63 16.35 15.84
C PHE C 625 -43.24 16.32 14.45
N LEU C 626 -43.77 15.16 14.09
CA LEU C 626 -44.53 15.04 12.86
C LEU C 626 -46.01 15.17 13.18
N VAL C 627 -46.77 15.67 12.22
CA VAL C 627 -48.24 15.66 12.29
C VAL C 627 -48.67 14.82 11.10
N GLY C 628 -49.13 13.61 11.37
CA GLY C 628 -49.21 12.57 10.36
C GLY C 628 -47.81 12.24 9.85
N LYS C 629 -47.71 11.81 8.60
CA LYS C 629 -46.42 11.47 7.99
C LYS C 629 -45.85 12.63 7.19
N GLU C 630 -46.72 13.44 6.61
CA GLU C 630 -46.30 14.43 5.61
C GLU C 630 -45.72 15.74 6.18
N LEU C 631 -46.09 16.12 7.41
CA LEU C 631 -45.71 17.41 7.95
C LEU C 631 -44.82 17.28 9.19
N LEU C 632 -43.72 18.03 9.20
CA LEU C 632 -42.84 18.17 10.34
C LEU C 632 -43.03 19.57 10.92
N VAL C 633 -43.33 19.64 12.21
CA VAL C 633 -43.62 20.88 12.90
C VAL C 633 -42.54 21.03 13.96
N ALA C 634 -41.91 22.21 13.97
CA ALA C 634 -40.81 22.51 14.88
C ALA C 634 -41.08 23.87 15.52
N PRO C 635 -42.00 23.92 16.49
CA PRO C 635 -42.36 25.21 17.07
C PRO C 635 -41.22 25.85 17.86
N VAL C 636 -41.15 27.18 17.82
CA VAL C 636 -40.18 27.92 18.62
C VAL C 636 -40.70 27.91 20.03
N VAL C 637 -39.88 27.46 20.97
CA VAL C 637 -40.25 27.41 22.39
C VAL C 637 -39.18 28.02 23.30
N GLU C 638 -38.44 28.99 22.78
CA GLU C 638 -37.45 29.75 23.56
C GLU C 638 -37.74 31.24 23.49
N GLN C 639 -37.62 31.92 24.63
CA GLN C 639 -37.89 33.36 24.71
C GLN C 639 -36.90 34.16 23.88
N GLY C 640 -37.41 35.14 23.14
CA GLY C 640 -36.59 36.01 22.30
C GLY C 640 -36.07 35.38 21.03
N ALA C 641 -36.34 34.08 20.80
CA ALA C 641 -35.72 33.39 19.68
C ALA C 641 -36.48 33.78 18.40
N VAL C 642 -35.71 34.03 17.35
CA VAL C 642 -36.24 34.36 16.02
C VAL C 642 -35.71 33.36 14.98
N THR C 643 -35.13 32.25 15.44
CA THR C 643 -34.70 31.15 14.59
C THR C 643 -35.03 29.85 15.33
N LYS C 644 -34.90 28.74 14.61
CA LYS C 644 -35.18 27.41 15.14
C LYS C 644 -34.22 26.42 14.53
N ASP C 645 -33.61 25.60 15.37
CA ASP C 645 -32.86 24.44 14.92
C ASP C 645 -33.82 23.24 14.69
N VAL C 646 -33.78 22.70 13.47
CA VAL C 646 -34.70 21.65 13.03
C VAL C 646 -33.86 20.49 12.54
N TYR C 647 -34.15 19.28 13.02
CA TYR C 647 -33.56 18.09 12.45
C TYR C 647 -34.48 17.53 11.36
N LEU C 648 -33.95 17.41 10.14
CA LEU C 648 -34.67 16.79 9.03
C LEU C 648 -34.19 15.36 8.93
N PRO C 649 -35.11 14.39 8.94
CA PRO C 649 -34.76 12.98 8.73
C PRO C 649 -34.68 12.68 7.22
N GLU C 650 -34.59 11.40 6.87
CA GLU C 650 -34.56 10.92 5.47
C GLU C 650 -35.57 11.64 4.56
N GLY C 651 -35.14 11.89 3.33
CA GLY C 651 -35.99 12.43 2.28
C GLY C 651 -35.58 13.86 2.00
N GLU C 652 -36.38 14.55 1.20
CA GLU C 652 -36.22 15.98 0.99
C GLU C 652 -37.41 16.68 1.61
N TRP C 653 -37.18 17.90 2.06
CA TRP C 653 -38.16 18.63 2.89
C TRP C 653 -38.31 20.05 2.40
N ILE C 654 -39.56 20.48 2.27
CA ILE C 654 -39.90 21.75 1.67
C ILE C 654 -40.60 22.60 2.72
N ASP C 655 -40.19 23.87 2.82
CA ASP C 655 -40.83 24.85 3.70
C ASP C 655 -42.31 24.99 3.35
N PHE C 656 -43.19 24.50 4.22
CA PHE C 656 -44.64 24.53 3.96
C PHE C 656 -45.19 25.97 3.94
N ASN C 657 -44.49 26.91 4.60
CA ASN C 657 -44.94 28.30 4.66
C ASN C 657 -44.83 28.99 3.30
N ASN C 658 -43.72 28.78 2.59
CA ASN C 658 -43.54 29.39 1.24
C ASN C 658 -43.61 28.41 0.05
N CYS C 659 -43.36 27.12 0.30
CA CYS C 659 -43.33 26.04 -0.72
C CYS C 659 -42.28 26.19 -1.81
N LYS C 660 -41.24 26.98 -1.55
CA LYS C 660 -40.17 27.20 -2.52
C LYS C 660 -38.85 26.60 -2.02
N THR C 661 -38.47 26.94 -0.79
CA THR C 661 -37.20 26.48 -0.20
C THR C 661 -37.22 24.97 0.06
N LYS C 662 -36.27 24.26 -0.54
CA LYS C 662 -36.12 22.82 -0.36
C LYS C 662 -34.85 22.53 0.44
N TYR C 663 -34.87 21.47 1.25
CA TYR C 663 -33.70 21.04 2.02
C TYR C 663 -33.49 19.54 1.85
N LYS C 664 -32.22 19.12 1.88
CA LYS C 664 -31.86 17.70 1.94
C LYS C 664 -32.13 17.15 3.33
N GLY C 665 -32.36 15.84 3.40
CA GLY C 665 -32.63 15.14 4.64
C GLY C 665 -31.40 14.76 5.40
N GLU C 666 -31.62 14.21 6.60
CA GLU C 666 -30.57 13.74 7.50
C GLU C 666 -29.53 14.83 7.80
N GLN C 667 -30.03 15.97 8.27
CA GLN C 667 -29.15 17.06 8.71
C GLN C 667 -29.87 17.98 9.67
N TRP C 668 -29.10 18.66 10.50
CA TRP C 668 -29.62 19.76 11.28
C TRP C 668 -29.54 21.04 10.44
N ILE C 669 -30.62 21.82 10.44
CA ILE C 669 -30.64 23.14 9.83
C ILE C 669 -31.08 24.18 10.88
N THR C 670 -30.81 25.44 10.56
CA THR C 670 -31.32 26.57 11.30
C THR C 670 -32.08 27.42 10.30
N VAL C 671 -33.35 27.69 10.61
CA VAL C 671 -34.23 28.50 9.77
C VAL C 671 -34.66 29.76 10.51
N ASP C 672 -35.04 30.79 9.76
CA ASP C 672 -35.60 32.00 10.34
C ASP C 672 -37.00 31.65 10.84
N ALA C 673 -37.35 32.21 11.99
CA ALA C 673 -38.63 31.92 12.62
C ALA C 673 -38.95 33.06 13.56
N PRO C 674 -39.32 34.23 12.98
CA PRO C 674 -39.73 35.33 13.83
C PRO C 674 -41.10 35.04 14.47
N LEU C 675 -41.56 35.97 15.28
CA LEU C 675 -42.74 35.72 16.12
C LEU C 675 -43.94 35.29 15.31
N ASN C 676 -44.06 35.80 14.08
CA ASN C 676 -45.17 35.46 13.20
C ASN C 676 -45.06 34.14 12.45
N THR C 677 -44.04 33.34 12.75
CA THR C 677 -43.72 32.16 11.94
C THR C 677 -43.63 30.90 12.80
N ILE C 678 -44.32 29.84 12.33
CA ILE C 678 -44.15 28.48 12.83
C ILE C 678 -43.34 27.72 11.79
N PRO C 679 -42.19 27.14 12.17
CA PRO C 679 -41.49 26.29 11.20
C PRO C 679 -42.27 24.99 10.94
N VAL C 680 -42.73 24.86 9.69
CA VAL C 680 -43.47 23.69 9.22
C VAL C 680 -42.86 23.28 7.87
N PHE C 681 -42.58 21.98 7.72
CA PHE C 681 -41.99 21.43 6.50
C PHE C 681 -42.90 20.32 5.99
N VAL C 682 -42.97 20.20 4.67
CA VAL C 682 -43.73 19.15 3.98
C VAL C 682 -42.72 18.24 3.29
N LYS C 683 -42.89 16.93 3.44
CA LYS C 683 -41.97 15.99 2.84
C LYS C 683 -42.16 15.96 1.33
N LYS C 684 -41.07 15.97 0.57
CA LYS C 684 -41.15 15.81 -0.88
C LYS C 684 -41.78 14.46 -1.20
N GLY C 685 -42.78 14.47 -2.09
CA GLY C 685 -43.67 13.34 -2.28
C GLY C 685 -45.08 13.53 -1.74
N SER C 686 -45.26 14.43 -0.76
CA SER C 686 -46.54 14.53 -0.05
C SER C 686 -47.69 15.07 -0.91
N ILE C 687 -48.90 14.60 -0.59
CA ILE C 687 -50.13 15.17 -1.09
C ILE C 687 -50.95 15.54 0.15
N ILE C 688 -51.33 16.83 0.26
CA ILE C 688 -52.01 17.36 1.45
C ILE C 688 -53.40 17.88 1.09
N PRO C 689 -54.46 17.21 1.62
CA PRO C 689 -55.79 17.75 1.40
C PRO C 689 -56.08 18.95 2.30
N GLN C 690 -56.68 19.99 1.75
CA GLN C 690 -57.04 21.18 2.50
C GLN C 690 -58.42 21.69 2.14
N MET C 691 -59.06 22.35 3.12
CA MET C 691 -60.33 23.04 2.90
C MET C 691 -60.13 24.57 2.98
N PRO C 692 -61.12 25.34 2.47
CA PRO C 692 -61.06 26.80 2.63
C PRO C 692 -61.21 27.23 4.07
N VAL C 693 -60.68 28.41 4.38
CA VAL C 693 -60.89 29.00 5.70
C VAL C 693 -62.40 29.07 5.94
N MET C 694 -62.82 28.62 7.12
CA MET C 694 -64.13 28.93 7.65
C MET C 694 -64.00 29.11 9.17
N GLN C 695 -65.06 29.60 9.79
CA GLN C 695 -65.07 30.00 11.19
C GLN C 695 -65.33 28.85 12.15
N TYR C 696 -65.94 27.80 11.61
CA TYR C 696 -66.14 26.55 12.35
C TYR C 696 -66.26 25.41 11.35
N ILE C 697 -66.05 24.20 11.88
CA ILE C 697 -66.07 22.99 11.08
C ILE C 697 -67.52 22.79 10.63
N ASP C 698 -67.70 22.67 9.31
CA ASP C 698 -69.02 22.61 8.65
C ASP C 698 -69.79 23.92 8.58
N GLU C 699 -69.14 25.07 8.79
CA GLU C 699 -69.76 26.34 8.43
C GLU C 699 -70.26 26.25 6.99
N LYS C 700 -69.40 25.79 6.07
CA LYS C 700 -69.86 25.29 4.76
C LYS C 700 -69.99 23.76 4.87
N LYS C 701 -71.20 23.26 4.65
CA LYS C 701 -71.47 21.81 4.69
C LYS C 701 -70.86 21.09 3.47
N VAL C 702 -70.70 21.82 2.36
CA VAL C 702 -70.02 21.34 1.16
C VAL C 702 -68.97 22.38 0.78
N TYR C 703 -67.77 21.92 0.43
CA TYR C 703 -66.71 22.81 0.02
C TYR C 703 -65.77 22.14 -0.97
N PRO C 704 -65.11 22.94 -1.80
CA PRO C 704 -64.07 22.39 -2.67
C PRO C 704 -62.87 21.93 -1.85
N VAL C 705 -62.27 20.82 -2.26
CA VAL C 705 -61.09 20.28 -1.57
C VAL C 705 -59.87 20.52 -2.47
N THR C 706 -58.86 21.13 -1.88
CA THR C 706 -57.61 21.39 -2.54
C THR C 706 -56.64 20.28 -2.12
N PHE C 707 -55.84 19.80 -3.07
CA PHE C 707 -54.85 18.77 -2.82
C PHE C 707 -53.51 19.35 -3.22
N ASP C 708 -52.70 19.73 -2.22
CA ASP C 708 -51.39 20.30 -2.50
C ASP C 708 -50.39 19.18 -2.72
N ILE C 709 -49.89 19.07 -3.96
CA ILE C 709 -49.05 17.96 -4.39
C ILE C 709 -47.62 18.46 -4.58
N PHE C 710 -46.67 17.79 -3.92
CA PHE C 710 -45.24 18.08 -4.05
C PHE C 710 -44.57 16.83 -4.64
N PRO C 711 -44.45 16.77 -5.99
CA PRO C 711 -44.02 15.52 -6.62
C PRO C 711 -42.73 14.91 -6.07
N GLY C 712 -42.73 13.60 -5.87
CA GLY C 712 -41.53 12.87 -5.48
C GLY C 712 -40.50 12.78 -6.59
N ASN C 713 -39.41 12.06 -6.33
CA ASN C 713 -38.34 11.87 -7.33
C ASN C 713 -38.85 11.10 -8.53
N LEU C 714 -38.08 11.15 -9.60
CA LEU C 714 -38.37 10.45 -10.86
C LEU C 714 -38.85 9.01 -10.63
N ASN C 715 -40.03 8.68 -11.15
CA ASN C 715 -40.59 7.33 -11.12
C ASN C 715 -41.06 6.80 -9.74
N LYS C 716 -40.96 7.60 -8.67
CA LYS C 716 -41.46 7.17 -7.36
C LYS C 716 -42.94 7.56 -7.22
N GLU C 717 -43.78 6.55 -7.06
CA GLU C 717 -45.19 6.75 -6.81
C GLU C 717 -45.46 7.12 -5.33
N THR C 718 -46.17 8.24 -5.11
CA THR C 718 -46.62 8.63 -3.76
C THR C 718 -48.13 8.84 -3.76
N SER C 719 -48.73 8.91 -2.57
CA SER C 719 -50.17 9.03 -2.46
C SER C 719 -50.66 9.52 -1.09
N PHE C 720 -51.91 9.96 -1.09
CA PHE C 720 -52.68 10.21 0.14
C PHE C 720 -54.09 9.65 -0.04
N THR C 721 -54.60 8.97 0.98
CA THR C 721 -55.98 8.42 0.95
C THR C 721 -56.89 9.30 1.83
N PHE C 722 -57.64 10.18 1.17
CA PHE C 722 -58.54 11.15 1.77
C PHE C 722 -59.76 10.44 2.34
N TYR C 723 -59.83 10.39 3.68
CA TYR C 723 -60.92 9.73 4.43
C TYR C 723 -62.07 10.69 4.75
N GLU C 724 -63.29 10.23 4.54
CA GLU C 724 -64.47 10.99 4.92
C GLU C 724 -65.52 10.11 5.53
N ASP C 725 -66.29 10.67 6.44
CA ASP C 725 -67.40 9.97 7.07
C ASP C 725 -68.40 11.02 7.59
N ASP C 726 -69.42 10.61 8.33
CA ASP C 726 -70.47 11.56 8.72
C ASP C 726 -70.07 12.44 9.93
N GLY C 727 -68.93 12.14 10.56
CA GLY C 727 -68.35 13.03 11.57
C GLY C 727 -69.03 13.12 12.91
N GLU C 728 -70.16 12.44 13.09
CA GLU C 728 -71.00 12.56 14.30
C GLU C 728 -71.44 11.22 14.90
N SER C 729 -71.80 10.26 14.06
CA SER C 729 -72.33 8.97 14.53
C SER C 729 -71.22 7.98 14.85
N ARG C 730 -71.63 6.84 15.41
CA ARG C 730 -70.72 5.73 15.64
C ARG C 730 -70.63 4.77 14.44
N ASP C 731 -71.14 5.16 13.27
CA ASP C 731 -71.10 4.32 12.07
C ASP C 731 -69.67 4.00 11.63
N TYR C 732 -68.75 4.95 11.81
CA TYR C 732 -67.33 4.73 11.48
C TYR C 732 -66.74 3.51 12.22
N GLU C 733 -67.25 3.20 13.41
CA GLU C 733 -66.78 2.00 14.14
C GLU C 733 -67.15 0.69 13.44
N ARG C 734 -68.21 0.70 12.63
CA ARG C 734 -68.60 -0.41 11.76
C ARG C 734 -68.08 -0.23 10.30
N ASP C 735 -67.03 0.59 10.14
CA ASP C 735 -66.38 0.82 8.86
C ASP C 735 -67.32 1.38 7.78
N VAL C 736 -68.13 2.34 8.19
CA VAL C 736 -69.00 3.09 7.30
C VAL C 736 -68.33 4.43 7.00
N PHE C 737 -67.87 4.59 5.76
CA PHE C 737 -67.09 5.76 5.34
C PHE C 737 -66.94 5.77 3.81
N CYS C 738 -66.20 6.75 3.32
CA CYS C 738 -65.65 6.67 1.98
C CYS C 738 -64.21 7.13 1.96
N LYS C 739 -63.50 6.78 0.90
CA LYS C 739 -62.07 7.10 0.76
C LYS C 739 -61.77 7.44 -0.69
N THR C 740 -60.92 8.44 -0.90
CA THR C 740 -60.52 8.88 -2.23
C THR C 740 -59.00 8.97 -2.24
N LYS C 741 -58.38 8.09 -3.02
CA LYS C 741 -56.93 8.02 -3.12
C LYS C 741 -56.45 8.89 -4.26
N ILE C 742 -55.56 9.83 -3.94
CA ILE C 742 -54.86 10.64 -4.93
C ILE C 742 -53.44 10.12 -5.05
N THR C 743 -52.96 9.92 -6.28
CA THR C 743 -51.62 9.38 -6.54
C THR C 743 -50.82 10.35 -7.42
N SER C 744 -49.52 10.41 -7.16
CA SER C 744 -48.59 11.22 -7.94
C SER C 744 -47.37 10.40 -8.34
N LYS C 745 -47.00 10.50 -9.62
CA LYS C 745 -45.82 9.80 -10.16
C LYS C 745 -45.23 10.68 -11.25
N ALA C 746 -44.03 11.20 -11.01
CA ALA C 746 -43.29 11.98 -12.02
C ALA C 746 -42.45 11.06 -12.90
N SER C 747 -42.30 11.46 -14.17
CA SER C 747 -41.43 10.79 -15.15
C SER C 747 -40.54 11.86 -15.77
N ASN C 748 -39.78 11.47 -16.80
CA ASN C 748 -39.06 12.44 -17.64
C ASN C 748 -40.06 13.34 -18.34
N GLU C 749 -40.04 14.62 -17.98
CA GLU C 749 -40.95 15.66 -18.48
C GLU C 749 -42.43 15.19 -18.58
N GLU C 750 -42.92 14.62 -17.49
CA GLU C 750 -44.33 14.23 -17.35
C GLU C 750 -44.69 13.97 -15.89
N ILE C 751 -45.73 14.63 -15.39
CA ILE C 751 -46.27 14.34 -14.06
C ILE C 751 -47.65 13.72 -14.25
N LYS C 752 -47.86 12.53 -13.67
CA LYS C 752 -49.15 11.87 -13.69
C LYS C 752 -49.82 11.91 -12.30
N ILE C 753 -50.95 12.59 -12.21
CA ILE C 753 -51.76 12.65 -10.99
C ILE C 753 -53.04 11.85 -11.17
N THR C 754 -53.26 10.86 -10.32
CA THR C 754 -54.45 10.03 -10.44
C THR C 754 -55.43 10.29 -9.30
N VAL C 755 -56.65 10.66 -9.66
CA VAL C 755 -57.75 10.75 -8.72
C VAL C 755 -58.47 9.41 -8.77
N GLY C 756 -58.24 8.60 -7.75
CA GLY C 756 -58.78 7.24 -7.72
C GLY C 756 -60.28 7.24 -7.64
N GLU C 757 -60.88 6.17 -8.14
CA GLU C 757 -62.32 5.98 -8.02
C GLU C 757 -62.69 5.94 -6.54
N ARG C 758 -63.77 6.63 -6.18
CA ARG C 758 -64.14 6.73 -4.78
C ARG C 758 -64.49 5.35 -4.22
N GLU C 759 -63.94 5.06 -3.04
CA GLU C 759 -64.24 3.83 -2.33
C GLU C 759 -65.44 4.08 -1.43
N TYR C 760 -66.61 3.57 -1.85
CA TYR C 760 -67.84 3.71 -1.11
C TYR C 760 -68.01 2.55 -0.15
N LYS C 761 -68.03 2.85 1.15
CA LYS C 761 -68.34 1.84 2.17
C LYS C 761 -69.51 2.32 3.04
N GLY C 762 -70.58 2.75 2.37
CA GLY C 762 -71.83 3.07 3.04
C GLY C 762 -72.05 4.55 3.36
N TYR C 763 -71.10 5.40 2.99
CA TYR C 763 -71.21 6.85 3.21
C TYR C 763 -70.75 7.53 1.96
N SER C 764 -71.49 8.54 1.50
CA SER C 764 -71.01 9.37 0.39
C SER C 764 -70.76 10.78 0.87
N PRO C 765 -69.74 11.43 0.29
CA PRO C 765 -69.33 12.72 0.77
C PRO C 765 -70.32 13.81 0.39
N ALA C 766 -70.14 14.97 1.03
CA ALA C 766 -70.87 16.18 0.69
C ALA C 766 -70.60 16.52 -0.77
N GLY C 767 -71.66 16.92 -1.48
CA GLY C 767 -71.51 17.27 -2.88
C GLY C 767 -72.78 17.92 -3.40
N PRO C 768 -72.76 18.44 -4.63
CA PRO C 768 -71.61 18.33 -5.52
C PRO C 768 -70.50 19.33 -5.16
N ARG C 769 -69.26 18.98 -5.49
CA ARG C 769 -68.10 19.84 -5.26
C ARG C 769 -67.04 19.67 -6.34
N ASN C 770 -66.10 20.61 -6.38
CA ASN C 770 -64.91 20.50 -7.21
C ASN C 770 -63.67 20.14 -6.36
N PHE C 771 -62.72 19.50 -7.03
CA PHE C 771 -61.39 19.29 -6.50
C PHE C 771 -60.48 20.24 -7.23
N ILE C 772 -59.44 20.70 -6.54
CA ILE C 772 -58.39 21.46 -7.19
C ILE C 772 -57.08 20.78 -6.85
N LEU C 773 -56.45 20.25 -7.89
CA LEU C 773 -55.14 19.64 -7.76
C LEU C 773 -54.11 20.76 -7.93
N LYS C 774 -53.32 21.01 -6.88
CA LYS C 774 -52.32 22.07 -6.89
C LYS C 774 -50.97 21.41 -6.86
N ILE C 775 -50.35 21.31 -8.05
CA ILE C 775 -49.06 20.66 -8.22
C ILE C 775 -47.98 21.74 -8.17
N HIS C 776 -47.04 21.57 -7.25
CA HIS C 776 -45.93 22.51 -7.12
C HIS C 776 -44.84 22.14 -8.12
N ALA C 777 -44.54 23.07 -9.02
CA ALA C 777 -43.59 22.84 -10.12
C ALA C 777 -42.81 24.11 -10.41
N SER C 778 -41.62 23.95 -10.96
CA SER C 778 -40.71 25.08 -11.19
C SER C 778 -41.06 25.90 -12.45
N ASN C 779 -41.61 25.25 -13.47
CA ASN C 779 -42.00 25.91 -14.72
C ASN C 779 -43.41 25.55 -15.14
N LYS C 780 -44.11 26.52 -15.72
CA LYS C 780 -45.37 26.28 -16.40
C LYS C 780 -45.21 25.09 -17.36
N PRO C 781 -46.17 24.13 -17.35
CA PRO C 781 -46.08 23.02 -18.30
C PRO C 781 -46.50 23.42 -19.71
N LYS C 782 -46.23 22.54 -20.68
CA LYS C 782 -46.64 22.74 -22.08
C LYS C 782 -48.16 22.53 -22.19
N ASP C 783 -48.63 21.37 -21.73
CA ASP C 783 -50.05 21.01 -21.75
C ASP C 783 -50.46 20.26 -20.47
N VAL C 784 -51.76 20.15 -20.26
CA VAL C 784 -52.34 19.27 -19.24
C VAL C 784 -53.48 18.50 -19.89
N PHE C 785 -53.52 17.19 -19.65
CA PHE C 785 -54.55 16.30 -20.18
C PHE C 785 -55.30 15.63 -19.04
N ALA C 786 -56.59 15.41 -19.25
CA ALA C 786 -57.39 14.55 -18.39
C ALA C 786 -57.84 13.40 -19.27
N GLY C 787 -57.35 12.20 -18.98
CA GLY C 787 -57.57 11.03 -19.83
C GLY C 787 -56.98 11.30 -21.21
N GLY C 788 -57.78 11.05 -22.25
CA GLY C 788 -57.33 11.25 -23.62
C GLY C 788 -57.19 12.72 -24.01
N GLU C 789 -58.10 13.56 -23.52
CA GLU C 789 -58.28 14.92 -24.07
C GLU C 789 -57.47 16.00 -23.40
N LYS C 790 -57.02 16.96 -24.21
CA LYS C 790 -56.31 18.14 -23.76
C LYS C 790 -57.28 19.08 -23.05
N LEU C 791 -56.75 19.81 -22.07
CA LEU C 791 -57.53 20.74 -21.25
C LEU C 791 -57.20 22.18 -21.60
N LYS C 792 -58.18 23.05 -21.44
CA LYS C 792 -58.04 24.45 -21.73
C LYS C 792 -57.24 25.12 -20.61
N ASN C 793 -56.17 25.82 -20.98
CA ASN C 793 -55.47 26.69 -20.03
C ASN C 793 -56.27 27.97 -19.83
N VAL C 794 -56.36 28.44 -18.58
CA VAL C 794 -57.12 29.64 -18.22
C VAL C 794 -56.38 30.40 -17.12
N LYS C 795 -56.71 31.68 -16.95
CA LYS C 795 -56.13 32.48 -15.87
C LYS C 795 -56.70 32.00 -14.52
N PRO C 796 -55.91 32.12 -13.42
CA PRO C 796 -56.35 31.78 -12.06
C PRO C 796 -57.77 32.24 -11.71
N HIS C 797 -58.11 33.49 -12.02
CA HIS C 797 -59.44 34.05 -11.76
C HIS C 797 -60.59 33.25 -12.43
N VAL C 798 -60.33 32.73 -13.63
CA VAL C 798 -61.34 31.95 -14.37
C VAL C 798 -61.52 30.56 -13.76
N LEU C 799 -60.40 29.91 -13.45
CA LEU C 799 -60.42 28.60 -12.77
C LEU C 799 -61.13 28.68 -11.42
N GLU C 800 -60.96 29.79 -10.70
CA GLU C 800 -61.60 30.00 -9.40
C GLU C 800 -63.07 30.43 -9.46
N LYS C 801 -63.54 30.89 -10.61
CA LYS C 801 -64.90 31.45 -10.73
C LYS C 801 -65.97 30.36 -10.62
N ASN C 802 -66.93 30.58 -9.72
CA ASN C 802 -68.02 29.63 -9.47
C ASN C 802 -67.51 28.24 -9.07
N ILE C 803 -66.47 28.23 -8.25
CA ILE C 803 -65.90 26.98 -7.73
C ILE C 803 -66.91 26.23 -6.82
N GLU C 804 -67.86 26.95 -6.22
CA GLU C 804 -68.91 26.38 -5.37
C GLU C 804 -70.29 26.30 -6.03
N ALA C 805 -70.40 26.71 -7.30
CA ALA C 805 -71.67 26.76 -8.04
C ALA C 805 -71.69 25.98 -9.39
N ASP C 806 -70.56 25.96 -10.10
CA ASP C 806 -70.43 25.26 -11.39
C ASP C 806 -69.56 24.01 -11.21
N PHE C 807 -70.10 22.85 -11.57
CA PHE C 807 -69.41 21.57 -11.41
C PHE C 807 -69.27 20.82 -12.72
N THR C 808 -69.15 21.56 -13.82
CA THR C 808 -68.95 20.98 -15.15
C THR C 808 -67.66 21.43 -15.83
N LYS C 809 -66.84 22.25 -15.15
CA LYS C 809 -65.61 22.78 -15.76
C LYS C 809 -64.38 21.93 -15.37
N ILE C 810 -63.59 21.56 -16.38
CA ILE C 810 -62.31 20.91 -16.20
C ILE C 810 -61.28 21.76 -16.94
N ASN C 811 -60.37 22.39 -16.20
CA ASN C 811 -59.37 23.27 -16.81
C ASN C 811 -58.15 23.39 -15.89
N TRP C 812 -57.17 24.21 -16.28
CA TRP C 812 -55.98 24.41 -15.48
C TRP C 812 -55.40 25.80 -15.61
N SER C 813 -54.68 26.22 -14.58
CA SER C 813 -54.07 27.54 -14.53
C SER C 813 -52.65 27.43 -14.02
N TRP C 814 -51.88 28.46 -14.28
CA TRP C 814 -50.52 28.58 -13.80
C TRP C 814 -50.41 29.84 -12.97
N ASN C 815 -49.60 29.75 -11.92
CA ASN C 815 -49.30 30.86 -11.03
C ASN C 815 -47.76 30.92 -10.95
N GLU C 816 -47.16 31.88 -11.68
CA GLU C 816 -45.70 32.04 -11.72
C GLU C 816 -45.13 32.43 -10.35
N ALA C 817 -45.86 33.23 -9.58
CA ALA C 817 -45.42 33.65 -8.25
C ALA C 817 -45.31 32.44 -7.30
N GLU C 818 -46.42 31.76 -7.07
CA GLU C 818 -46.47 30.60 -6.17
C GLU C 818 -45.81 29.32 -6.72
N ASN C 819 -45.54 29.26 -8.02
CA ASN C 819 -44.97 28.07 -8.68
C ASN C 819 -45.91 26.86 -8.58
N VAL C 820 -47.18 27.10 -8.90
CA VAL C 820 -48.25 26.10 -8.75
C VAL C 820 -49.08 25.96 -10.03
N ILE C 821 -49.20 24.72 -10.50
CA ILE C 821 -50.18 24.35 -11.52
C ILE C 821 -51.46 23.94 -10.79
N SER C 822 -52.56 24.64 -11.04
CA SER C 822 -53.86 24.27 -10.48
C SER C 822 -54.69 23.59 -11.58
N VAL C 823 -55.26 22.42 -11.28
CA VAL C 823 -56.16 21.70 -12.19
C VAL C 823 -57.51 21.50 -11.51
N ARG C 824 -58.54 22.12 -12.08
CA ARG C 824 -59.91 22.04 -11.54
C ARG C 824 -60.61 20.84 -12.16
N ILE C 825 -61.19 19.99 -11.32
CA ILE C 825 -61.95 18.83 -11.79
C ILE C 825 -63.10 18.53 -10.84
N PRO C 826 -64.32 18.31 -11.37
CA PRO C 826 -65.44 17.91 -10.50
C PRO C 826 -65.16 16.61 -9.75
N ASP C 827 -65.66 16.53 -8.52
CA ASP C 827 -65.54 15.33 -7.72
C ASP C 827 -66.71 14.41 -8.12
N SER C 828 -66.53 13.71 -9.23
CA SER C 828 -67.55 12.77 -9.73
C SER C 828 -67.53 11.43 -8.99
N GLY C 829 -66.39 11.11 -8.36
CA GLY C 829 -66.17 9.79 -7.78
C GLY C 829 -65.65 8.76 -8.78
N LYS C 830 -65.37 9.17 -10.02
CA LYS C 830 -64.84 8.28 -11.04
C LYS C 830 -63.33 8.41 -11.04
N ASN C 831 -62.65 7.39 -11.57
CA ASN C 831 -61.22 7.45 -11.77
C ASN C 831 -60.88 8.48 -12.84
N ALA C 832 -59.83 9.26 -12.61
CA ALA C 832 -59.36 10.21 -13.61
C ALA C 832 -57.85 10.29 -13.53
N VAL C 833 -57.19 10.27 -14.68
CA VAL C 833 -55.73 10.36 -14.76
C VAL C 833 -55.40 11.69 -15.40
N ILE C 834 -54.66 12.51 -14.66
CA ILE C 834 -54.26 13.82 -15.12
C ILE C 834 -52.81 13.72 -15.50
N THR C 835 -52.50 14.11 -16.74
CA THR C 835 -51.14 14.03 -17.26
C THR C 835 -50.62 15.43 -17.59
N ILE C 836 -49.62 15.86 -16.85
CA ILE C 836 -49.01 17.18 -17.02
C ILE C 836 -47.73 16.98 -17.84
N LYS C 837 -47.71 17.54 -19.05
CA LYS C 837 -46.54 17.47 -19.95
C LYS C 837 -45.67 18.72 -19.75
N ASN C 838 -44.44 18.55 -19.28
CA ASN C 838 -43.54 19.68 -19.01
C ASN C 838 -42.92 20.25 -20.29
N GLU D 27 -5.00 43.32 11.05
CA GLU D 27 -3.96 43.66 10.03
C GLU D 27 -3.90 45.16 9.72
N GLN D 28 -2.71 45.62 9.34
CA GLN D 28 -2.35 47.03 9.23
C GLN D 28 -2.03 47.36 7.77
N TYR D 29 -2.64 48.43 7.24
CA TYR D 29 -2.36 48.95 5.89
C TYR D 29 -1.63 50.27 6.01
N LEU D 30 -1.12 50.81 4.91
CA LEU D 30 -0.41 52.10 4.96
C LEU D 30 -1.35 53.26 5.30
N GLY D 31 -2.56 53.25 4.74
CA GLY D 31 -3.52 54.32 4.91
C GLY D 31 -3.07 55.58 4.20
N ASN D 32 -3.53 56.73 4.69
CA ASN D 32 -3.27 58.02 4.05
C ASN D 32 -1.82 58.44 4.14
N CYS D 33 -1.31 58.96 3.02
CA CYS D 33 0.00 59.55 2.97
C CYS D 33 -0.15 61.03 3.26
N THR D 34 0.63 61.50 4.24
CA THR D 34 0.58 62.88 4.74
C THR D 34 1.79 63.72 4.29
N ALA D 35 2.88 63.07 3.88
CA ALA D 35 4.09 63.79 3.47
C ALA D 35 5.04 62.91 2.68
N TYR D 36 5.99 63.55 2.00
CA TYR D 36 7.08 62.88 1.34
C TYR D 36 8.38 63.64 1.54
N SER D 37 9.47 62.95 1.25
CA SER D 37 10.82 63.44 1.45
C SER D 37 11.73 62.82 0.38
N VAL D 38 12.56 63.63 -0.26
CA VAL D 38 13.49 63.16 -1.30
C VAL D 38 14.92 63.24 -0.80
N LYS D 39 15.68 62.18 -1.02
CA LYS D 39 17.10 62.17 -0.72
C LYS D 39 17.80 61.46 -1.89
N GLY D 40 18.35 62.23 -2.82
CA GLY D 40 18.93 61.69 -4.06
C GLY D 40 17.88 60.91 -4.85
N ASN D 41 18.22 59.67 -5.19
CA ASN D 41 17.32 58.82 -5.97
C ASN D 41 16.21 58.10 -5.17
N LYS D 42 16.06 58.43 -3.88
CA LYS D 42 15.01 57.84 -3.02
C LYS D 42 13.96 58.87 -2.63
N VAL D 43 12.70 58.43 -2.62
CA VAL D 43 11.61 59.21 -2.02
C VAL D 43 10.93 58.32 -1.00
N VAL D 44 10.65 58.89 0.17
CA VAL D 44 9.95 58.19 1.25
C VAL D 44 8.60 58.87 1.48
N PHE D 45 7.53 58.08 1.41
CA PHE D 45 6.17 58.55 1.69
C PHE D 45 5.80 58.11 3.09
N SER D 46 5.45 59.07 3.96
CA SER D 46 5.02 58.78 5.33
C SER D 46 3.53 58.58 5.31
N CYS D 47 3.07 57.47 5.89
CA CYS D 47 1.66 57.08 5.88
C CYS D 47 1.16 56.92 7.34
N ALA D 48 0.18 56.07 7.61
CA ALA D 48 -0.42 55.97 8.95
C ALA D 48 0.47 55.26 9.97
N ASN D 49 0.36 55.69 11.23
CA ASN D 49 0.93 54.97 12.39
C ASN D 49 2.39 54.59 12.22
N ASN D 50 3.22 55.57 11.88
CA ASN D 50 4.67 55.39 11.64
C ASN D 50 5.07 54.63 10.36
N SER D 51 4.12 54.07 9.62
CA SER D 51 4.44 53.29 8.42
C SER D 51 4.95 54.21 7.33
N LYS D 52 5.86 53.70 6.51
CA LYS D 52 6.44 54.45 5.39
C LYS D 52 6.70 53.51 4.22
N ILE D 53 6.82 54.08 3.03
CA ILE D 53 7.17 53.32 1.85
C ILE D 53 8.15 54.13 1.04
N MET D 54 9.25 53.47 0.65
CA MET D 54 10.28 54.10 -0.15
C MET D 54 10.20 53.61 -1.60
N LEU D 55 10.35 54.54 -2.54
CA LEU D 55 10.66 54.23 -3.93
C LEU D 55 12.04 54.76 -4.22
N GLN D 56 12.86 53.96 -4.89
CA GLN D 56 14.22 54.32 -5.24
C GLN D 56 14.40 54.04 -6.71
N LEU D 57 14.76 55.08 -7.47
CA LEU D 57 15.00 54.92 -8.89
C LEU D 57 16.42 54.46 -9.13
N CYS D 58 16.59 53.14 -9.27
CA CYS D 58 17.86 52.55 -9.68
C CYS D 58 18.20 52.94 -11.12
N SER D 59 17.20 52.90 -11.97
CA SER D 59 17.26 53.51 -13.31
C SER D 59 15.86 54.02 -13.67
N GLY D 60 15.70 54.51 -14.89
CA GLY D 60 14.40 54.84 -15.45
C GLY D 60 13.46 53.65 -15.63
N GLU D 61 14.02 52.44 -15.66
CA GLU D 61 13.25 51.20 -15.79
C GLU D 61 13.16 50.35 -14.52
N VAL D 62 14.04 50.57 -13.54
CA VAL D 62 14.10 49.72 -12.35
C VAL D 62 13.85 50.50 -11.07
N VAL D 63 12.75 50.14 -10.40
CA VAL D 63 12.35 50.81 -9.17
C VAL D 63 12.46 49.84 -8.02
N LYS D 64 13.28 50.19 -7.02
CA LYS D 64 13.31 49.42 -5.78
C LYS D 64 12.25 50.02 -4.87
N ILE D 65 11.39 49.16 -4.33
CA ILE D 65 10.26 49.54 -3.50
C ILE D 65 10.40 48.85 -2.15
N TRP D 66 10.31 49.60 -1.06
CA TRP D 66 10.46 49.05 0.29
C TRP D 66 9.34 49.59 1.15
N ALA D 67 8.38 48.75 1.50
CA ALA D 67 7.30 49.11 2.41
C ALA D 67 7.63 48.66 3.84
N SER D 68 7.45 49.57 4.82
CA SER D 68 7.81 49.31 6.22
C SER D 68 6.67 49.66 7.16
N ALA D 69 6.24 48.68 7.96
CA ALA D 69 5.17 48.89 8.95
C ALA D 69 5.56 49.90 10.06
N ASP D 70 6.84 49.98 10.40
CA ASP D 70 7.33 50.84 11.50
C ASP D 70 8.15 52.04 11.04
N GLY D 71 8.46 52.13 9.75
CA GLY D 71 9.22 53.25 9.19
C GLY D 71 10.73 53.20 9.30
N ASN D 72 11.31 52.09 9.77
CA ASN D 72 12.76 52.03 10.07
C ASN D 72 13.73 51.77 8.91
N PHE D 73 13.29 51.01 7.91
CA PHE D 73 14.16 50.62 6.77
C PHE D 73 15.49 49.93 7.16
N VAL D 74 15.41 48.91 8.00
CA VAL D 74 16.58 48.08 8.30
C VAL D 74 16.24 46.62 8.06
N ARG D 75 17.25 45.83 7.73
CA ARG D 75 17.07 44.39 7.54
C ARG D 75 18.21 43.68 8.24
N ASN D 76 17.94 42.47 8.73
CA ASN D 76 18.96 41.67 9.42
C ASN D 76 20.19 41.40 8.55
N ASN D 77 19.94 41.08 7.27
CA ASN D 77 21.01 40.88 6.29
C ASN D 77 20.73 41.68 5.06
N GLU D 78 21.75 42.34 4.55
CA GLU D 78 21.69 42.95 3.22
C GLU D 78 21.45 41.84 2.19
N SER D 79 20.95 42.23 1.04
CA SER D 79 20.59 41.27 0.01
C SER D 79 21.77 40.35 -0.34
N PHE D 80 21.51 39.05 -0.31
CA PHE D 80 22.44 38.04 -0.82
C PHE D 80 22.46 38.01 -2.36
N ALA D 81 21.37 38.47 -3.00
CA ALA D 81 21.20 38.34 -4.46
C ALA D 81 21.63 39.59 -5.23
N VAL D 82 21.25 40.75 -4.73
CA VAL D 82 21.54 42.02 -5.40
C VAL D 82 22.99 42.44 -5.18
N ILE D 83 23.72 42.60 -6.28
CA ILE D 83 25.13 43.08 -6.24
C ILE D 83 25.31 44.52 -6.77
N GLU D 84 24.23 45.16 -7.20
CA GLU D 84 24.32 46.52 -7.76
C GLU D 84 22.94 47.16 -7.79
N GLU D 85 22.76 48.25 -7.03
CA GLU D 85 21.52 49.04 -7.09
C GLU D 85 21.64 50.27 -8.01
N ASP D 86 22.87 50.66 -8.39
CA ASP D 86 23.05 51.78 -9.32
C ASP D 86 23.00 51.29 -10.77
N LEU D 87 21.83 51.43 -11.39
CA LEU D 87 21.64 51.04 -12.79
C LEU D 87 21.61 52.25 -13.74
N GLY D 88 22.22 53.36 -13.32
CA GLY D 88 22.44 54.52 -14.19
C GLY D 88 21.54 55.74 -14.00
N TRP D 89 20.63 55.73 -13.01
CA TRP D 89 19.80 56.89 -12.74
C TRP D 89 20.68 58.09 -12.39
N LYS D 90 20.42 59.24 -13.01
CA LYS D 90 21.16 60.49 -12.75
C LYS D 90 20.29 61.49 -12.02
N GLY D 91 20.85 62.07 -10.96
CA GLY D 91 20.21 63.19 -10.25
C GLY D 91 19.23 62.71 -9.20
N ASN D 92 18.40 63.61 -8.71
CA ASN D 92 17.38 63.26 -7.74
C ASN D 92 16.15 62.72 -8.43
N VAL D 93 15.30 62.06 -7.64
CA VAL D 93 13.92 61.80 -8.06
C VAL D 93 13.24 63.15 -8.05
N THR D 94 12.42 63.42 -9.06
CA THR D 94 11.61 64.62 -9.08
C THR D 94 10.19 64.19 -8.77
N VAL D 95 9.65 64.72 -7.68
CA VAL D 95 8.27 64.48 -7.29
C VAL D 95 7.45 65.74 -7.58
N LYS D 96 6.30 65.52 -8.22
CA LYS D 96 5.37 66.58 -8.57
C LYS D 96 4.16 66.37 -7.68
N GLU D 97 3.82 67.35 -6.84
CA GLU D 97 2.63 67.22 -5.98
C GLU D 97 1.41 67.85 -6.65
N GLU D 98 0.30 67.10 -6.58
CA GLU D 98 -1.01 67.53 -7.03
C GLU D 98 -1.90 67.47 -5.79
N PRO D 99 -3.12 68.02 -5.86
CA PRO D 99 -4.03 67.96 -4.72
C PRO D 99 -4.32 66.56 -4.15
N SER D 100 -4.53 65.55 -5.01
CA SER D 100 -4.85 64.20 -4.52
C SER D 100 -3.81 63.12 -4.87
N THR D 101 -2.71 63.50 -5.51
CA THR D 101 -1.68 62.56 -5.97
C THR D 101 -0.29 63.17 -5.96
N TYR D 102 0.71 62.30 -6.08
CA TYR D 102 2.04 62.70 -6.52
C TYR D 102 2.30 62.03 -7.85
N GLU D 103 3.20 62.60 -8.63
CA GLU D 103 3.62 62.00 -9.90
C GLU D 103 5.14 61.96 -9.97
N ILE D 104 5.68 60.83 -10.44
CA ILE D 104 7.10 60.70 -10.70
C ILE D 104 7.23 60.11 -12.10
N PHE D 105 8.00 60.77 -12.95
CA PHE D 105 8.18 60.33 -14.33
C PHE D 105 9.62 59.92 -14.59
N THR D 106 9.78 58.94 -15.47
CA THR D 106 11.07 58.61 -16.08
C THR D 106 10.83 58.53 -17.57
N GLU D 107 11.89 58.26 -18.31
CA GLU D 107 11.82 58.09 -19.76
C GLU D 107 10.81 57.03 -20.16
N GLN D 108 10.70 55.94 -19.38
CA GLN D 108 9.78 54.83 -19.67
C GLN D 108 8.56 54.66 -18.76
N LEU D 109 8.56 55.26 -17.57
CA LEU D 109 7.50 55.03 -16.59
C LEU D 109 6.78 56.33 -16.23
N ARG D 110 5.47 56.23 -15.96
CA ARG D 110 4.72 57.34 -15.39
C ARG D 110 4.15 56.79 -14.10
N ILE D 111 4.61 57.31 -12.98
CA ILE D 111 4.22 56.77 -11.67
C ILE D 111 3.22 57.72 -11.01
N ARG D 112 2.05 57.17 -10.67
CA ARG D 112 0.99 57.91 -10.02
C ARG D 112 0.84 57.36 -8.62
N VAL D 113 1.02 58.22 -7.63
CA VAL D 113 0.85 57.85 -6.23
C VAL D 113 -0.39 58.54 -5.67
N ASN D 114 -1.42 57.76 -5.34
CA ASN D 114 -2.62 58.30 -4.71
C ASN D 114 -2.32 58.66 -3.25
N LYS D 115 -2.80 59.82 -2.79
CA LYS D 115 -2.53 60.26 -1.43
C LYS D 115 -3.34 59.49 -0.39
N ALA D 116 -4.64 59.39 -0.61
CA ALA D 116 -5.58 58.93 0.42
C ALA D 116 -6.55 57.91 -0.13
N PRO D 117 -6.37 56.61 0.14
CA PRO D 117 -5.21 56.01 0.83
C PRO D 117 -3.99 55.88 -0.09
N PHE D 118 -2.83 55.54 0.48
CA PHE D 118 -1.65 55.33 -0.35
C PHE D 118 -1.92 54.24 -1.40
N GLN D 119 -1.63 54.57 -2.65
CA GLN D 119 -1.67 53.59 -3.76
C GLN D 119 -0.57 53.88 -4.76
N LEU D 120 0.32 52.92 -4.94
CA LEU D 120 1.33 52.97 -6.01
C LEU D 120 0.74 52.44 -7.33
N GLN D 121 0.79 53.26 -8.38
CA GLN D 121 0.35 52.84 -9.72
C GLN D 121 1.45 53.18 -10.70
N ILE D 122 1.98 52.18 -11.40
CA ILE D 122 2.99 52.43 -12.44
C ILE D 122 2.39 52.19 -13.83
N PHE D 123 2.52 53.20 -14.68
CA PHE D 123 2.03 53.19 -16.04
C PHE D 123 3.22 53.23 -17.00
N ASP D 124 3.01 52.82 -18.24
CA ASP D 124 4.03 53.05 -19.27
C ASP D 124 3.85 54.46 -19.85
N LYS D 125 4.67 54.83 -20.82
CA LYS D 125 4.59 56.18 -21.40
C LYS D 125 3.34 56.43 -22.29
N TYR D 126 2.55 55.38 -22.57
CA TYR D 126 1.28 55.52 -23.29
C TYR D 126 0.10 55.54 -22.33
N GLN D 127 0.40 55.72 -21.03
CA GLN D 127 -0.59 55.82 -19.97
C GLN D 127 -1.42 54.55 -19.76
N LYS D 128 -0.88 53.39 -20.16
CA LYS D 128 -1.49 52.07 -19.91
C LYS D 128 -1.00 51.62 -18.53
N LEU D 129 -1.90 51.13 -17.70
CA LEU D 129 -1.57 50.73 -16.35
C LEU D 129 -0.82 49.37 -16.36
N LEU D 130 0.37 49.32 -15.76
CA LEU D 130 1.17 48.09 -15.70
C LEU D 130 1.01 47.32 -14.41
N PHE D 131 0.96 48.04 -13.28
CA PHE D 131 1.26 47.46 -11.98
C PHE D 131 0.68 48.38 -10.91
N SER D 132 -0.30 47.90 -10.18
CA SER D 132 -1.09 48.77 -9.32
C SER D 132 -1.47 48.11 -8.02
N ASP D 133 -1.33 48.85 -6.92
CA ASP D 133 -1.81 48.38 -5.61
C ASP D 133 -3.30 48.07 -5.67
N TYR D 134 -3.71 46.98 -5.03
CA TYR D 134 -5.12 46.64 -4.94
C TYR D 134 -5.79 47.42 -3.77
N ALA D 135 -6.70 48.31 -4.15
CA ALA D 135 -7.49 49.11 -3.21
C ALA D 135 -6.56 49.77 -2.18
N GLU D 136 -6.84 49.62 -0.88
CA GLU D 136 -5.99 50.19 0.17
C GLU D 136 -5.02 49.16 0.75
N LYS D 137 -5.00 47.95 0.15
CA LYS D 137 -4.22 46.83 0.66
C LYS D 137 -2.92 46.56 -0.14
N GLY D 138 -2.36 47.60 -0.74
CA GLY D 138 -1.09 47.49 -1.43
C GLY D 138 -0.01 46.87 -0.56
N PHE D 139 0.02 47.27 0.71
CA PHE D 139 0.93 46.69 1.70
C PHE D 139 0.15 46.31 2.93
N VAL D 140 0.32 45.06 3.39
CA VAL D 140 -0.34 44.56 4.59
C VAL D 140 0.72 44.00 5.53
N ASN D 141 0.68 44.45 6.77
CA ASN D 141 1.49 43.89 7.84
C ASN D 141 0.54 43.28 8.85
N ASP D 142 0.82 42.06 9.28
CA ASP D 142 0.09 41.46 10.39
C ASP D 142 1.07 40.75 11.31
N ASN D 143 1.57 41.49 12.30
CA ASN D 143 2.42 40.92 13.34
C ASN D 143 3.70 40.30 12.75
N GLY D 144 4.32 41.00 11.80
CA GLY D 144 5.52 40.53 11.11
C GLY D 144 5.27 39.89 9.76
N LYS D 145 4.08 39.29 9.55
CA LYS D 145 3.70 38.78 8.23
C LYS D 145 3.49 39.95 7.31
N ILE D 146 4.15 39.93 6.17
CA ILE D 146 4.12 41.04 5.22
C ILE D 146 3.59 40.53 3.90
N ARG D 147 2.70 41.30 3.26
CA ARG D 147 2.05 40.90 2.02
C ARG D 147 1.84 42.13 1.14
N THR D 148 2.01 41.96 -0.17
CA THR D 148 1.74 43.00 -1.15
C THR D 148 0.63 42.51 -2.06
N ASN D 149 -0.44 43.29 -2.23
CA ASN D 149 -1.57 42.90 -3.11
C ASN D 149 -1.64 43.82 -4.31
N LYS D 150 -1.75 43.24 -5.50
CA LYS D 150 -1.76 44.00 -6.74
C LYS D 150 -2.99 43.69 -7.55
N VAL D 151 -3.51 44.70 -8.26
CA VAL D 151 -4.65 44.54 -9.17
C VAL D 151 -4.28 43.47 -10.22
N LEU D 152 -5.15 42.49 -10.38
CA LEU D 152 -4.98 41.45 -11.38
C LEU D 152 -5.98 41.65 -12.49
N ARG D 153 -5.50 41.65 -13.73
CA ARG D 153 -6.33 41.78 -14.93
C ARG D 153 -6.56 40.40 -15.55
N ASN D 154 -7.68 40.27 -16.26
CA ASN D 154 -8.09 38.98 -16.84
C ASN D 154 -7.10 38.41 -17.86
N ASP D 155 -6.41 39.28 -18.59
CA ASP D 155 -5.42 38.83 -19.58
C ASP D 155 -3.97 38.77 -19.07
N GLU D 156 -3.73 39.01 -17.78
CA GLU D 156 -2.39 39.01 -17.23
C GLU D 156 -1.89 37.58 -16.96
N GLN D 157 -0.82 37.19 -17.65
CA GLN D 157 -0.17 35.89 -17.41
C GLN D 157 1.16 36.10 -16.68
N PHE D 158 1.67 35.03 -16.06
CA PHE D 158 2.89 35.07 -15.27
C PHE D 158 3.84 33.91 -15.60
N PHE D 159 5.14 34.20 -15.65
CA PHE D 159 6.17 33.20 -15.90
C PHE D 159 7.27 33.31 -14.86
N GLY D 160 7.98 32.20 -14.62
CA GLY D 160 9.20 32.25 -13.83
C GLY D 160 9.07 31.61 -12.47
N LEU D 161 9.64 32.29 -11.47
CA LEU D 161 9.88 31.75 -10.13
C LEU D 161 10.87 30.60 -10.13
N GLY D 162 11.76 30.59 -11.12
CA GLY D 162 12.87 29.66 -11.18
C GLY D 162 12.48 28.22 -11.47
N GLU D 163 13.20 27.32 -10.80
CA GLU D 163 13.13 25.90 -11.09
C GLU D 163 11.93 25.31 -10.37
N LYS D 164 10.80 25.37 -11.07
CA LYS D 164 9.53 24.89 -10.54
C LYS D 164 8.76 24.11 -11.59
N SER D 165 7.90 23.22 -11.08
CA SER D 165 7.15 22.27 -11.89
C SER D 165 5.84 22.86 -12.44
N GLY D 166 5.06 22.03 -13.13
CA GLY D 166 3.81 22.43 -13.78
C GLY D 166 4.05 23.16 -15.09
N ASN D 167 2.97 23.76 -15.61
CA ASN D 167 3.03 24.49 -16.86
C ASN D 167 3.84 25.79 -16.70
N LEU D 168 4.49 26.19 -17.78
CA LEU D 168 5.20 27.49 -17.87
C LEU D 168 4.43 28.68 -17.31
N ASN D 169 3.18 28.81 -17.73
CA ASN D 169 2.29 29.87 -17.29
C ASN D 169 1.85 29.61 -15.85
N ARG D 170 2.24 30.49 -14.95
CA ARG D 170 1.92 30.37 -13.51
C ARG D 170 0.55 30.93 -13.15
N ARG D 171 -0.11 31.63 -14.08
CA ARG D 171 -1.42 32.23 -13.81
C ARG D 171 -2.42 31.20 -13.28
N GLY D 172 -3.09 31.56 -12.18
CA GLY D 172 -4.10 30.72 -11.56
C GLY D 172 -3.57 29.86 -10.42
N SER D 173 -2.25 29.85 -10.20
CA SER D 173 -1.65 28.91 -9.27
C SER D 173 -0.87 29.65 -8.17
N ALA D 174 -0.61 28.93 -7.08
CA ALA D 174 0.21 29.44 -5.97
C ALA D 174 1.51 28.64 -5.85
N TYR D 175 2.58 29.33 -5.47
CA TYR D 175 3.92 28.73 -5.39
C TYR D 175 4.62 29.25 -4.15
N LYS D 176 5.49 28.42 -3.61
CA LYS D 176 6.16 28.68 -2.34
C LYS D 176 7.68 28.54 -2.47
N MET D 177 8.41 29.34 -1.71
CA MET D 177 9.88 29.27 -1.65
C MET D 177 10.35 28.66 -0.33
N TRP D 178 10.62 27.37 -0.38
CA TRP D 178 11.23 26.65 0.74
C TRP D 178 11.98 25.50 0.11
N ASN D 179 13.29 25.65 0.02
CA ASN D 179 14.17 24.70 -0.65
C ASN D 179 13.90 23.34 -0.03
N SER D 180 13.43 22.42 -0.86
CA SER D 180 12.89 21.15 -0.39
C SER D 180 13.55 19.99 -1.11
N ASP D 181 13.52 18.85 -0.43
CA ASP D 181 14.12 17.60 -0.85
C ASP D 181 12.98 16.60 -1.00
N GLN D 182 12.46 16.50 -2.23
CA GLN D 182 11.29 15.69 -2.58
C GLN D 182 11.68 14.73 -3.69
N PRO D 183 12.28 13.58 -3.33
CA PRO D 183 12.74 12.66 -4.36
C PRO D 183 11.60 12.13 -5.24
N CYS D 184 11.90 11.89 -6.51
CA CYS D 184 10.91 11.35 -7.46
C CYS D 184 9.65 12.23 -7.56
N TYR D 185 9.89 13.53 -7.59
CA TYR D 185 8.80 14.52 -7.51
C TYR D 185 7.86 14.48 -8.72
N GLY D 186 6.59 14.79 -8.44
CA GLY D 186 5.54 14.73 -9.45
C GLY D 186 5.52 15.95 -10.33
N VAL D 187 4.60 15.91 -11.29
CA VAL D 187 4.47 16.93 -12.34
C VAL D 187 4.11 18.33 -11.83
N ASN D 188 3.49 18.43 -10.66
CA ASN D 188 3.11 19.71 -10.06
C ASN D 188 3.68 19.94 -8.66
N GLU D 189 4.61 19.10 -8.22
CA GLU D 189 5.16 19.22 -6.87
C GLU D 189 5.84 20.58 -6.66
N ASP D 190 5.52 21.22 -5.53
CA ASP D 190 6.08 22.49 -5.14
C ASP D 190 5.97 22.62 -3.63
N PRO D 191 6.98 23.17 -2.94
CA PRO D 191 8.25 23.67 -3.48
C PRO D 191 9.25 22.58 -3.87
N LEU D 192 10.20 22.93 -4.72
CA LEU D 192 11.32 22.03 -5.06
C LEU D 192 12.61 22.59 -4.45
N TYR D 193 13.74 22.38 -5.13
CA TYR D 193 15.06 22.50 -4.52
C TYR D 193 15.56 23.92 -4.44
N LYS D 194 15.16 24.74 -5.41
CA LYS D 194 15.70 26.11 -5.57
C LYS D 194 14.63 27.19 -5.36
N SER D 195 15.06 28.34 -4.86
CA SER D 195 14.16 29.45 -4.59
C SER D 195 14.68 30.72 -5.24
N ILE D 196 14.11 31.05 -6.40
CA ILE D 196 14.49 32.22 -7.19
C ILE D 196 13.22 33.08 -7.32
N PRO D 197 13.01 34.01 -6.36
CA PRO D 197 11.77 34.80 -6.39
C PRO D 197 11.75 35.95 -7.42
N PHE D 198 11.89 35.57 -8.70
CA PHE D 198 11.90 36.47 -9.83
C PHE D 198 10.83 35.95 -10.79
N PHE D 199 9.77 36.74 -10.98
CA PHE D 199 8.74 36.38 -11.96
C PHE D 199 8.56 37.49 -12.98
N MET D 200 7.99 37.17 -14.12
CA MET D 200 7.67 38.14 -15.17
C MET D 200 6.18 38.07 -15.48
N SER D 201 5.58 39.24 -15.72
CA SER D 201 4.18 39.37 -16.13
C SER D 201 4.10 39.66 -17.64
N SER D 202 2.99 39.22 -18.25
CA SER D 202 2.72 39.49 -19.67
C SER D 202 2.36 40.96 -19.95
N TYR D 203 2.19 41.78 -18.90
CA TYR D 203 2.18 43.24 -19.02
C TYR D 203 3.60 43.83 -19.14
N ARG D 204 4.60 42.96 -19.15
CA ARG D 204 5.99 43.27 -19.51
C ARG D 204 6.67 44.04 -18.41
N TYR D 205 6.63 43.47 -17.22
CA TYR D 205 7.49 43.89 -16.11
C TYR D 205 7.90 42.63 -15.33
N GLY D 206 9.04 42.71 -14.67
CA GLY D 206 9.45 41.68 -13.75
C GLY D 206 9.39 42.19 -12.32
N ILE D 207 9.32 41.24 -11.39
CA ILE D 207 9.37 41.53 -9.98
C ILE D 207 10.39 40.58 -9.37
N PHE D 208 11.35 41.14 -8.65
CA PHE D 208 12.23 40.36 -7.81
C PHE D 208 11.93 40.67 -6.35
N PHE D 209 11.40 39.69 -5.65
CA PHE D 209 11.07 39.84 -4.23
C PHE D 209 12.32 39.51 -3.40
N ASP D 210 12.99 40.56 -2.93
CA ASP D 210 14.31 40.49 -2.27
C ASP D 210 14.18 40.06 -0.79
N ASN D 211 13.63 38.88 -0.57
CA ASN D 211 13.34 38.36 0.76
C ASN D 211 13.63 36.85 0.71
N THR D 212 14.27 36.33 1.76
CA THR D 212 14.79 34.96 1.80
C THR D 212 13.97 34.03 2.67
N TYR D 213 12.90 34.54 3.28
CA TYR D 213 12.03 33.73 4.12
C TYR D 213 11.16 32.84 3.21
N LYS D 214 10.23 32.11 3.82
CA LYS D 214 9.32 31.25 3.09
C LYS D 214 8.25 32.05 2.34
N THR D 215 8.66 32.65 1.24
CA THR D 215 7.78 33.54 0.49
C THR D 215 6.70 32.75 -0.27
N GLU D 216 5.54 33.37 -0.49
CA GLU D 216 4.46 32.74 -1.25
C GLU D 216 3.93 33.69 -2.31
N PHE D 217 3.72 33.15 -3.52
CA PHE D 217 3.24 33.91 -4.68
C PHE D 217 1.91 33.30 -5.09
N LYS D 218 0.88 34.14 -5.23
CA LYS D 218 -0.47 33.67 -5.54
C LYS D 218 -0.96 34.47 -6.75
N PHE D 219 -0.86 33.86 -7.93
CA PHE D 219 -1.13 34.52 -9.21
C PHE D 219 -2.59 34.38 -9.59
N GLY D 220 -3.48 34.95 -8.78
CA GLY D 220 -4.91 34.78 -9.01
C GLY D 220 -5.48 33.45 -8.52
N SER D 221 -4.76 32.77 -7.65
CA SER D 221 -5.23 31.54 -7.01
C SER D 221 -6.28 31.77 -5.90
N GLU D 222 -6.31 32.97 -5.32
CA GLU D 222 -7.32 33.32 -4.29
C GLU D 222 -8.52 34.05 -4.90
N SER D 223 -8.27 34.93 -5.86
CA SER D 223 -9.29 35.76 -6.46
C SER D 223 -8.84 36.21 -7.86
N ASN D 224 -9.81 36.46 -8.74
CA ASN D 224 -9.54 37.08 -10.04
C ASN D 224 -9.22 38.56 -9.94
N ASP D 225 -9.46 39.18 -8.79
CA ASP D 225 -9.33 40.63 -8.64
C ASP D 225 -7.93 41.05 -8.25
N TYR D 226 -7.17 40.15 -7.64
CA TYR D 226 -5.82 40.49 -7.20
C TYR D 226 -4.86 39.31 -7.22
N TYR D 227 -3.59 39.65 -7.22
CA TYR D 227 -2.54 38.66 -7.00
C TYR D 227 -1.67 39.24 -5.90
N SER D 228 -0.89 38.37 -5.28
CA SER D 228 -0.07 38.78 -4.14
C SER D 228 1.26 38.05 -4.05
N PHE D 229 2.22 38.70 -3.40
CA PHE D 229 3.38 37.98 -2.85
C PHE D 229 3.56 38.35 -1.37
N GLU D 230 4.05 37.39 -0.57
CA GLU D 230 4.09 37.58 0.88
C GLU D 230 5.21 36.81 1.53
N ALA D 231 5.43 37.09 2.80
CA ALA D 231 6.45 36.42 3.60
C ALA D 231 6.03 36.43 5.05
N PRO D 232 6.47 35.45 5.82
CA PRO D 232 6.06 35.38 7.20
C PRO D 232 6.86 36.29 8.12
N ALA D 233 7.98 36.82 7.63
CA ALA D 233 8.83 37.70 8.41
C ALA D 233 9.74 38.48 7.45
N GLY D 234 10.64 39.28 7.99
CA GLY D 234 11.60 40.04 7.19
C GLY D 234 10.97 41.30 6.61
N GLN D 235 11.62 41.87 5.60
CA GLN D 235 11.23 43.15 5.01
C GLN D 235 10.61 43.03 3.62
N MET D 236 9.62 43.88 3.34
CA MET D 236 8.92 43.87 2.07
C MET D 236 9.71 44.75 1.14
N VAL D 237 10.74 44.16 0.55
CA VAL D 237 11.62 44.84 -0.41
C VAL D 237 11.51 44.10 -1.72
N TYR D 238 11.16 44.83 -2.77
CA TYR D 238 11.03 44.26 -4.11
C TYR D 238 11.40 45.23 -5.19
N TYR D 239 11.81 44.66 -6.32
CA TYR D 239 12.29 45.41 -7.45
C TYR D 239 11.30 45.20 -8.58
N PHE D 240 10.80 46.32 -9.07
CA PHE D 240 9.97 46.39 -10.26
C PHE D 240 10.94 46.64 -11.41
N MET D 241 10.91 45.77 -12.42
CA MET D 241 11.80 45.86 -13.57
C MET D 241 10.97 45.95 -14.87
N PHE D 242 10.88 47.15 -15.42
CA PHE D 242 10.21 47.38 -16.69
C PHE D 242 10.99 46.79 -17.85
N GLY D 243 10.27 46.40 -18.89
CA GLY D 243 10.88 46.18 -20.20
C GLY D 243 9.83 46.35 -21.29
N ASN D 244 10.26 46.64 -22.50
CA ASN D 244 9.35 46.58 -23.65
C ASN D 244 9.19 45.16 -24.16
N ASP D 245 9.99 44.24 -23.61
CA ASP D 245 9.85 42.82 -23.85
C ASP D 245 10.52 42.04 -22.71
N TYR D 246 10.51 40.72 -22.75
CA TYR D 246 11.11 39.88 -21.70
C TYR D 246 12.63 39.97 -21.67
N LYS D 247 13.24 40.15 -22.83
CA LYS D 247 14.71 40.26 -22.90
C LYS D 247 15.21 41.43 -22.10
N GLU D 248 14.52 42.58 -22.22
CA GLU D 248 14.89 43.80 -21.51
C GLU D 248 14.69 43.64 -20.00
N ILE D 249 13.63 42.93 -19.60
CA ILE D 249 13.40 42.60 -18.17
C ILE D 249 14.55 41.76 -17.59
N ILE D 250 14.98 40.75 -18.36
CA ILE D 250 16.06 39.85 -17.93
C ILE D 250 17.39 40.63 -17.89
N GLN D 251 17.62 41.49 -18.86
CA GLN D 251 18.82 42.34 -18.85
C GLN D 251 18.87 43.22 -17.59
N ASN D 252 17.73 43.80 -17.20
CA ASN D 252 17.63 44.53 -15.94
C ASN D 252 17.88 43.62 -14.72
N TYR D 253 17.37 42.40 -14.75
CA TYR D 253 17.59 41.45 -13.66
C TYR D 253 19.07 41.10 -13.43
N ILE D 254 19.82 40.85 -14.50
CA ILE D 254 21.26 40.58 -14.34
C ILE D 254 22.08 41.84 -14.02
N ALA D 255 21.56 43.04 -14.35
CA ALA D 255 22.18 44.26 -13.86
C ALA D 255 22.10 44.30 -12.33
N LEU D 256 20.98 43.84 -11.77
CA LEU D 256 20.81 43.79 -10.31
C LEU D 256 21.56 42.64 -9.65
N THR D 257 21.50 41.45 -10.26
CA THR D 257 21.95 40.19 -9.59
C THR D 257 23.17 39.52 -10.21
N GLY D 258 23.66 40.05 -11.33
CA GLY D 258 24.95 39.63 -11.91
C GLY D 258 24.85 38.82 -13.18
N LYS D 259 25.89 38.97 -14.00
CA LYS D 259 26.06 38.20 -15.23
C LYS D 259 26.34 36.73 -14.92
N PRO D 260 25.67 35.81 -15.62
CA PRO D 260 26.08 34.38 -15.47
C PRO D 260 27.53 34.12 -15.85
N ILE D 261 28.27 33.45 -14.96
CA ILE D 261 29.56 32.87 -15.35
C ILE D 261 29.37 31.77 -16.41
N MET D 262 30.32 31.70 -17.34
CA MET D 262 30.36 30.63 -18.33
C MET D 262 31.07 29.40 -17.75
N PRO D 263 30.61 28.21 -18.15
CA PRO D 263 31.38 27.02 -17.79
C PRO D 263 32.64 26.91 -18.64
N PRO D 264 33.57 26.03 -18.22
CA PRO D 264 34.61 25.64 -19.19
C PRO D 264 33.95 25.08 -20.44
N LYS D 265 34.56 25.32 -21.60
CA LYS D 265 33.91 24.97 -22.88
C LYS D 265 33.51 23.50 -23.03
N TRP D 266 34.34 22.62 -22.48
CA TRP D 266 34.09 21.17 -22.45
C TRP D 266 32.84 20.71 -21.67
N ALA D 267 32.27 21.56 -20.81
CA ALA D 267 30.98 21.28 -20.16
C ALA D 267 29.80 21.18 -21.11
N LEU D 268 29.92 21.73 -22.33
CA LEU D 268 28.83 21.64 -23.32
C LEU D 268 28.81 20.33 -24.09
N GLY D 269 29.70 19.40 -23.76
CA GLY D 269 29.64 18.04 -24.32
C GLY D 269 28.63 17.20 -23.56
N PHE D 270 28.87 15.88 -23.53
CA PHE D 270 27.99 14.94 -22.85
C PHE D 270 28.67 14.49 -21.56
N SER D 271 27.87 14.27 -20.52
CA SER D 271 28.36 13.93 -19.19
C SER D 271 27.69 12.64 -18.73
N GLN D 272 28.40 11.83 -17.96
CA GLN D 272 27.86 10.55 -17.47
C GLN D 272 28.10 10.41 -15.98
N CYS D 273 27.07 9.95 -15.29
CA CYS D 273 27.12 9.69 -13.87
C CYS D 273 26.34 8.40 -13.57
N ARG D 274 26.48 7.93 -12.33
CA ARG D 274 25.60 6.98 -11.69
C ARG D 274 25.77 7.14 -10.17
N GLY D 275 24.76 6.71 -9.42
CA GLY D 275 24.83 6.74 -7.96
C GLY D 275 26.06 6.05 -7.38
N ASP D 276 26.48 4.95 -8.03
CA ASP D 276 27.66 4.18 -7.60
C ASP D 276 28.98 4.53 -8.35
N TYR D 277 29.02 5.65 -9.09
CA TYR D 277 30.26 6.11 -9.70
C TYR D 277 31.16 6.62 -8.59
N THR D 278 31.78 5.67 -7.91
CA THR D 278 32.55 5.93 -6.72
C THR D 278 33.84 5.10 -6.63
N ARG D 279 34.35 4.59 -7.76
CA ARG D 279 35.59 3.82 -7.71
C ARG D 279 36.42 3.85 -8.98
N GLU D 280 37.72 3.65 -8.77
CA GLU D 280 38.74 3.79 -9.80
C GLU D 280 38.58 2.87 -10.99
N ASP D 281 38.40 1.57 -10.71
CA ASP D 281 38.27 0.58 -11.79
C ASP D 281 37.08 0.86 -12.70
N GLN D 282 35.97 1.28 -12.10
CA GLN D 282 34.76 1.61 -12.83
C GLN D 282 34.94 2.86 -13.71
N ALA D 283 35.54 3.90 -13.16
CA ALA D 283 35.88 5.11 -13.92
C ALA D 283 36.74 4.78 -15.13
N ARG D 284 37.80 3.99 -14.91
CA ARG D 284 38.68 3.53 -16.02
C ARG D 284 37.90 2.75 -17.07
N GLU D 285 37.05 1.84 -16.60
CA GLU D 285 36.29 0.97 -17.50
C GLU D 285 35.28 1.75 -18.34
N ILE D 286 34.51 2.62 -17.68
CA ILE D 286 33.54 3.48 -18.35
C ILE D 286 34.19 4.42 -19.38
N ALA D 287 35.27 5.07 -18.98
CA ALA D 287 36.04 5.89 -19.90
C ALA D 287 36.45 5.09 -21.16
N ALA D 288 36.97 3.87 -20.97
CA ALA D 288 37.40 3.05 -22.12
C ALA D 288 36.22 2.64 -22.99
N GLU D 289 35.08 2.34 -22.36
CA GLU D 289 33.87 1.95 -23.11
C GLU D 289 33.32 3.07 -24.03
N PHE D 290 33.30 4.30 -23.53
CA PHE D 290 32.81 5.42 -24.34
C PHE D 290 33.67 5.56 -25.59
N ARG D 291 34.99 5.65 -25.40
CA ARG D 291 35.91 5.81 -26.52
C ARG D 291 35.87 4.66 -27.51
N LYS D 292 35.76 3.42 -27.01
CA LYS D 292 35.73 2.25 -27.87
C LYS D 292 34.47 2.21 -28.71
N ARG D 293 33.34 2.60 -28.14
CA ARG D 293 32.06 2.61 -28.85
C ARG D 293 31.82 3.91 -29.65
N LYS D 294 32.76 4.86 -29.59
CA LYS D 294 32.67 6.13 -30.30
C LYS D 294 31.38 6.89 -29.98
N ILE D 295 31.16 7.04 -28.69
CA ILE D 295 30.03 7.79 -28.15
C ILE D 295 30.70 8.96 -27.47
N PRO D 296 30.58 10.18 -28.05
CA PRO D 296 31.29 11.31 -27.48
C PRO D 296 30.88 11.57 -26.02
N CYS D 297 31.86 11.99 -25.21
CA CYS D 297 31.64 12.19 -23.79
C CYS D 297 32.83 12.96 -23.26
N ASP D 298 32.55 14.02 -22.50
CA ASP D 298 33.61 14.84 -21.89
C ASP D 298 33.78 14.64 -20.39
N ILE D 299 32.69 14.39 -19.67
CA ILE D 299 32.74 14.42 -18.20
C ILE D 299 32.32 13.07 -17.63
N ILE D 300 33.16 12.55 -16.73
CA ILE D 300 32.77 11.45 -15.85
C ILE D 300 32.62 12.05 -14.47
N TYR D 301 31.40 11.98 -13.93
CA TYR D 301 31.13 12.44 -12.58
C TYR D 301 31.49 11.33 -11.60
N GLN D 302 31.70 11.71 -10.33
CA GLN D 302 31.75 10.76 -9.25
C GLN D 302 30.77 11.21 -8.17
N ASP D 303 29.95 10.26 -7.68
CA ASP D 303 28.93 10.58 -6.68
C ASP D 303 29.57 10.51 -5.28
N ILE D 304 28.78 10.82 -4.27
CA ILE D 304 29.26 11.16 -2.94
C ILE D 304 30.01 10.03 -2.22
N GLY D 305 29.75 8.78 -2.58
CA GLY D 305 30.56 7.65 -2.10
C GLY D 305 32.06 7.75 -2.40
N TRP D 306 32.49 8.67 -3.28
CA TRP D 306 33.91 8.82 -3.56
C TRP D 306 34.79 9.19 -2.35
N THR D 307 34.22 9.96 -1.42
CA THR D 307 34.95 10.55 -0.31
C THR D 307 34.92 9.59 0.87
N GLU D 308 36.02 9.53 1.62
CA GLU D 308 36.18 8.58 2.73
C GLU D 308 35.05 8.78 3.71
N GLY D 309 34.81 10.03 4.06
CA GLY D 309 33.69 10.41 4.89
C GLY D 309 33.17 11.79 4.50
N LEU D 310 31.95 12.10 4.92
CA LEU D 310 31.40 13.46 4.82
C LEU D 310 32.12 14.33 5.85
N GLN D 311 32.81 15.42 5.45
CA GLN D 311 33.14 15.75 4.06
C GLN D 311 34.61 16.12 4.01
N ASP D 312 35.44 15.07 4.00
CA ASP D 312 36.90 15.23 4.09
C ASP D 312 37.62 15.38 2.76
N PHE D 313 36.93 15.05 1.66
CA PHE D 313 37.50 15.13 0.32
C PHE D 313 38.74 14.24 0.13
N ASP D 314 38.82 13.13 0.86
CA ASP D 314 39.90 12.14 0.70
C ASP D 314 39.33 11.01 -0.12
N TRP D 315 40.04 10.60 -1.16
CA TRP D 315 39.53 9.50 -2.00
C TRP D 315 39.43 8.25 -1.14
N ARG D 316 38.25 7.63 -1.13
CA ARG D 316 37.97 6.47 -0.28
C ARG D 316 38.97 5.34 -0.59
N LYS D 317 39.72 4.92 0.43
CA LYS D 317 40.85 3.99 0.25
C LYS D 317 40.40 2.66 -0.35
N ASN D 318 39.24 2.17 0.09
CA ASN D 318 38.65 0.93 -0.43
C ASN D 318 38.30 1.00 -1.93
N ASN D 319 38.15 2.22 -2.47
CA ASN D 319 37.59 2.45 -3.81
C ASN D 319 38.56 3.01 -4.84
N TYR D 320 39.64 3.65 -4.39
CA TYR D 320 40.66 4.19 -5.28
C TYR D 320 42.04 3.78 -4.77
N ASN D 321 42.83 3.24 -5.68
CA ASN D 321 44.20 2.84 -5.40
C ASN D 321 45.17 3.95 -5.73
N ASN D 322 45.04 4.49 -6.94
CA ASN D 322 45.93 5.54 -7.45
C ASN D 322 45.10 6.69 -8.06
N PRO D 323 44.51 7.53 -7.18
CA PRO D 323 43.59 8.56 -7.67
C PRO D 323 44.23 9.56 -8.65
N LYS D 324 45.42 10.08 -8.33
CA LYS D 324 46.15 10.97 -9.27
C LYS D 324 46.32 10.33 -10.63
N GLY D 325 46.76 9.07 -10.65
CA GLY D 325 46.96 8.35 -11.91
C GLY D 325 45.68 8.15 -12.71
N MET D 326 44.59 7.84 -11.99
CA MET D 326 43.25 7.68 -12.60
C MET D 326 42.83 8.97 -13.31
N VAL D 327 42.96 10.08 -12.62
CA VAL D 327 42.55 11.38 -13.16
C VAL D 327 43.37 11.73 -14.40
N LYS D 328 44.67 11.56 -14.29
CA LYS D 328 45.62 11.76 -15.40
C LYS D 328 45.31 10.88 -16.61
N ASP D 329 45.09 9.58 -16.37
CA ASP D 329 44.78 8.66 -17.48
C ASP D 329 43.47 9.02 -18.17
N LEU D 330 42.46 9.37 -17.38
CA LEU D 330 41.20 9.82 -17.95
C LEU D 330 41.41 11.14 -18.71
N SER D 331 42.23 12.03 -18.17
CA SER D 331 42.53 13.31 -18.83
C SER D 331 43.24 13.13 -20.19
N ASP D 332 44.12 12.14 -20.29
CA ASP D 332 44.81 11.83 -21.54
C ASP D 332 43.84 11.27 -22.56
N MET D 333 42.75 10.63 -22.12
CA MET D 333 41.67 10.19 -23.02
C MET D 333 40.58 11.24 -23.24
N GLY D 334 40.79 12.47 -22.76
CA GLY D 334 39.86 13.56 -23.02
C GLY D 334 38.73 13.73 -22.02
N PHE D 335 38.80 13.01 -20.90
CA PHE D 335 37.76 13.07 -19.86
C PHE D 335 38.17 14.01 -18.73
N LYS D 336 37.20 14.79 -18.29
CA LYS D 336 37.35 15.66 -17.13
C LYS D 336 36.50 15.07 -16.02
N MET D 337 36.99 15.13 -14.78
CA MET D 337 36.21 14.58 -13.65
C MET D 337 35.64 15.66 -12.74
N ILE D 338 34.41 15.42 -12.27
CA ILE D 338 33.65 16.30 -11.42
C ILE D 338 33.15 15.47 -10.23
N VAL D 339 33.47 15.89 -9.01
CA VAL D 339 33.14 15.11 -7.82
C VAL D 339 32.11 15.83 -6.94
N SER D 340 31.27 15.04 -6.27
CA SER D 340 30.22 15.53 -5.40
C SER D 340 30.79 16.03 -4.08
N GLN D 341 30.06 16.95 -3.45
CA GLN D 341 30.29 17.30 -2.06
C GLN D 341 28.95 17.62 -1.42
N ASP D 342 28.85 17.26 -0.13
CA ASP D 342 27.72 17.55 0.71
C ASP D 342 28.17 18.62 1.71
N PRO D 343 27.21 19.32 2.33
CA PRO D 343 27.54 20.46 3.19
C PRO D 343 27.62 20.11 4.69
N VAL D 344 27.83 18.82 5.01
CA VAL D 344 27.78 18.33 6.38
C VAL D 344 28.98 17.45 6.73
N ILE D 345 29.27 17.37 8.04
CA ILE D 345 30.33 16.51 8.56
C ILE D 345 29.69 15.42 9.39
N SER D 346 29.86 14.15 9.00
CA SER D 346 29.31 13.05 9.79
C SER D 346 29.93 13.03 11.17
N GLN D 347 29.13 12.88 12.21
CA GLN D 347 29.69 12.72 13.58
C GLN D 347 30.63 11.51 13.67
N ALA D 348 30.31 10.45 12.93
CA ALA D 348 31.19 9.28 12.82
C ALA D 348 32.56 9.59 12.22
N ASN D 349 32.64 10.64 11.41
CA ASN D 349 33.92 11.18 10.92
C ASN D 349 34.50 12.04 12.04
N GLN D 350 34.95 11.37 13.11
CA GLN D 350 35.27 12.02 14.39
C GLN D 350 36.33 13.11 14.30
N GLN D 351 37.35 12.92 13.45
CA GLN D 351 38.45 13.87 13.35
C GLN D 351 37.97 15.23 12.81
N GLN D 352 37.22 15.18 11.71
CA GLN D 352 36.71 16.41 11.07
C GLN D 352 35.57 17.05 11.85
N TRP D 353 34.62 16.26 12.35
CA TRP D 353 33.52 16.79 13.17
C TRP D 353 34.06 17.53 14.40
N LYS D 354 34.98 16.89 15.14
CA LYS D 354 35.62 17.52 16.32
C LYS D 354 36.31 18.84 16.00
N GLU D 355 37.05 18.85 14.89
CA GLU D 355 37.74 20.04 14.43
C GLU D 355 36.76 21.17 14.09
N ALA D 356 35.70 20.85 13.34
CA ALA D 356 34.66 21.82 12.98
C ALA D 356 33.92 22.32 14.21
N ASP D 357 33.57 21.39 15.10
CA ASP D 357 32.84 21.73 16.30
C ASP D 357 33.68 22.66 17.19
N ALA D 358 34.95 22.32 17.40
CA ALA D 358 35.85 23.11 18.27
C ALA D 358 36.09 24.52 17.74
N LEU D 359 36.15 24.65 16.42
CA LEU D 359 36.32 25.95 15.79
C LEU D 359 35.04 26.78 15.72
N GLY D 360 33.91 26.24 16.18
CA GLY D 360 32.61 26.93 16.07
C GLY D 360 32.11 27.05 14.62
N HIS D 361 32.53 26.11 13.77
CA HIS D 361 32.21 26.13 12.34
C HIS D 361 30.88 25.44 11.98
N LEU D 362 30.20 24.87 12.97
CA LEU D 362 28.93 24.17 12.71
C LEU D 362 27.74 25.04 13.11
N VAL D 363 26.66 24.92 12.35
CA VAL D 363 25.41 25.61 12.64
C VAL D 363 24.94 25.14 14.01
N LYS D 364 24.46 26.07 14.82
CA LYS D 364 24.11 25.79 16.22
C LYS D 364 22.63 25.51 16.40
N ASP D 365 22.28 25.01 17.58
CA ASP D 365 20.91 24.82 18.00
C ASP D 365 20.66 25.88 19.05
N VAL D 366 19.64 26.72 18.81
CA VAL D 366 19.31 27.84 19.67
C VAL D 366 18.90 27.40 21.08
N ARG D 367 18.40 26.18 21.20
CA ARG D 367 18.00 25.62 22.48
C ARG D 367 19.17 25.26 23.40
N THR D 368 20.30 24.87 22.82
CA THR D 368 21.47 24.45 23.61
C THR D 368 22.69 25.38 23.52
N GLY D 369 22.78 26.18 22.48
CA GLY D 369 24.02 26.87 22.15
C GLY D 369 25.10 25.97 21.56
N LYS D 370 24.85 24.67 21.37
CA LYS D 370 25.85 23.75 20.86
C LYS D 370 25.55 23.44 19.40
N SER D 371 26.45 22.71 18.76
CA SER D 371 26.25 22.31 17.39
C SER D 371 24.92 21.56 17.21
N TYR D 372 24.15 21.97 16.21
CA TYR D 372 22.88 21.32 15.88
C TYR D 372 23.11 19.86 15.50
N ASP D 373 22.26 18.97 16.01
CA ASP D 373 22.41 17.53 15.82
C ASP D 373 21.50 17.08 14.67
N MET D 374 22.07 17.00 13.48
CA MET D 374 21.29 16.85 12.25
C MET D 374 21.29 15.40 11.78
N PRO D 375 20.09 14.78 11.62
CA PRO D 375 20.08 13.47 10.96
C PRO D 375 20.43 13.59 9.47
N TRP D 376 20.97 12.52 8.88
CA TRP D 376 21.39 12.50 7.48
C TRP D 376 21.09 11.13 6.88
N PRO D 377 20.77 11.07 5.57
CA PRO D 377 20.38 9.78 4.96
C PRO D 377 21.40 8.66 4.95
N TRP D 378 22.69 9.01 4.92
CA TRP D 378 23.79 8.06 5.10
C TRP D 378 24.77 8.61 6.14
N GLY D 379 25.45 7.69 6.81
CA GLY D 379 26.62 8.02 7.60
C GLY D 379 26.34 8.47 9.02
N GLY D 380 25.10 8.35 9.49
CA GLY D 380 24.71 8.80 10.83
C GLY D 380 24.44 10.29 10.91
N ASN D 381 24.19 10.77 12.14
CA ASN D 381 23.94 12.17 12.39
C ASN D 381 25.22 12.99 12.13
N CYS D 382 25.01 14.27 11.80
CA CYS D 382 26.05 15.14 11.26
C CYS D 382 25.96 16.53 11.84
N GLY D 383 27.03 17.30 11.65
CA GLY D 383 27.03 18.74 11.89
C GLY D 383 26.78 19.41 10.56
N VAL D 384 25.93 20.44 10.56
CA VAL D 384 25.68 21.24 9.35
C VAL D 384 26.75 22.34 9.32
N VAL D 385 27.54 22.39 8.24
CA VAL D 385 28.66 23.37 8.15
C VAL D 385 28.08 24.77 7.92
N ASP D 386 28.49 25.74 8.74
CA ASP D 386 27.90 27.08 8.66
C ASP D 386 28.63 27.94 7.66
N PHE D 387 28.19 27.88 6.40
CA PHE D 387 28.82 28.66 5.32
C PHE D 387 28.51 30.18 5.37
N THR D 388 27.62 30.61 6.26
CA THR D 388 27.43 32.03 6.54
C THR D 388 28.48 32.61 7.50
N LYS D 389 29.24 31.77 8.20
CA LYS D 389 30.34 32.24 9.07
C LYS D 389 31.58 32.50 8.23
N PRO D 390 32.07 33.77 8.18
CA PRO D 390 33.16 34.11 7.25
C PRO D 390 34.38 33.17 7.27
N GLU D 391 34.80 32.77 8.47
CA GLU D 391 36.03 31.99 8.66
C GLU D 391 35.91 30.54 8.13
N VAL D 392 34.69 30.05 8.01
CA VAL D 392 34.44 28.77 7.37
C VAL D 392 34.91 28.71 5.91
N ALA D 393 34.91 29.83 5.19
CA ALA D 393 35.21 29.79 3.76
C ALA D 393 36.61 29.21 3.49
N ASP D 394 37.63 29.77 4.14
CA ASP D 394 39.03 29.33 3.93
C ASP D 394 39.25 27.92 4.45
N TRP D 395 38.61 27.61 5.56
CA TRP D 395 38.64 26.27 6.13
C TRP D 395 38.12 25.23 5.14
N TRP D 396 36.95 25.47 4.58
CA TRP D 396 36.39 24.57 3.57
C TRP D 396 37.22 24.57 2.29
N GLY D 397 37.72 25.74 1.90
CA GLY D 397 38.58 25.85 0.73
C GLY D 397 39.80 24.94 0.72
N SER D 398 40.46 24.80 1.88
CA SER D 398 41.60 23.90 2.02
C SER D 398 41.21 22.42 1.84
N TYR D 399 40.12 22.02 2.48
CA TYR D 399 39.60 20.66 2.30
C TYR D 399 39.22 20.35 0.86
N GLN D 400 38.42 21.21 0.24
CA GLN D 400 37.94 20.93 -1.13
C GLN D 400 39.01 20.96 -2.20
N GLN D 401 40.10 21.69 -1.96
CA GLN D 401 41.21 21.78 -2.91
C GLN D 401 41.92 20.45 -3.18
N LYS D 402 41.90 19.53 -2.21
CA LYS D 402 42.58 18.23 -2.35
C LYS D 402 42.32 17.49 -3.67
N PRO D 403 41.04 17.18 -4.01
CA PRO D 403 40.80 16.52 -5.29
C PRO D 403 41.19 17.39 -6.50
N LEU D 404 41.10 18.70 -6.35
CA LEU D 404 41.49 19.62 -7.42
C LEU D 404 43.01 19.56 -7.69
N ASN D 405 43.79 19.37 -6.63
CA ASN D 405 45.26 19.17 -6.77
C ASN D 405 45.60 17.88 -7.52
N ASP D 406 44.70 16.89 -7.47
CA ASP D 406 44.85 15.67 -8.26
C ASP D 406 44.32 15.78 -9.70
N GLY D 407 43.83 16.96 -10.10
CA GLY D 407 43.36 17.18 -11.49
C GLY D 407 41.84 17.12 -11.69
N VAL D 408 41.09 16.98 -10.59
CA VAL D 408 39.62 17.07 -10.67
C VAL D 408 39.29 18.53 -11.12
N ARG D 409 38.26 18.71 -11.96
CA ARG D 409 37.97 20.03 -12.55
C ARG D 409 36.85 20.82 -11.90
N GLY D 410 36.18 20.24 -10.91
CA GLY D 410 35.10 20.92 -10.22
C GLY D 410 34.16 20.00 -9.49
N PHE D 411 32.99 20.53 -9.15
CA PHE D 411 32.11 19.92 -8.16
C PHE D 411 30.64 19.89 -8.57
N TRP D 412 29.91 18.95 -7.99
CA TRP D 412 28.48 19.10 -7.85
C TRP D 412 28.12 19.17 -6.38
N THR D 413 27.46 20.28 -6.02
CA THR D 413 27.07 20.60 -4.66
C THR D 413 25.66 20.09 -4.44
N ASP D 414 25.57 18.97 -3.72
CA ASP D 414 24.33 18.25 -3.54
C ASP D 414 23.85 18.44 -2.10
N MET D 415 22.54 18.30 -1.90
CA MET D 415 21.94 18.21 -0.55
C MET D 415 21.97 19.50 0.22
N GLY D 416 22.01 20.63 -0.49
CA GLY D 416 22.18 21.93 0.14
C GLY D 416 20.91 22.66 0.54
N GLU D 417 19.78 21.96 0.63
CA GLU D 417 18.52 22.63 0.94
C GLU D 417 18.39 23.24 2.35
N PRO D 418 19.02 22.68 3.40
CA PRO D 418 19.67 21.36 3.47
C PRO D 418 18.70 20.23 3.21
N ALA D 419 19.19 19.09 2.75
CA ALA D 419 18.35 17.87 2.63
C ALA D 419 17.69 17.53 3.95
N TRP D 420 16.60 16.76 3.86
CA TRP D 420 15.86 16.31 5.03
C TRP D 420 15.39 17.45 5.95
N SER D 421 15.00 18.56 5.31
CA SER D 421 14.61 19.77 6.01
C SER D 421 13.44 20.45 5.28
N ASN D 422 12.45 19.64 4.88
CA ASN D 422 11.24 20.17 4.30
C ASN D 422 10.42 20.91 5.36
N GLU D 423 9.35 21.56 4.91
CA GLU D 423 8.48 22.38 5.79
C GLU D 423 8.04 21.73 7.07
N ASP D 424 7.64 20.47 6.95
CA ASP D 424 7.14 19.71 8.09
C ASP D 424 8.23 19.28 9.10
N ALA D 425 9.51 19.36 8.74
CA ALA D 425 10.60 19.07 9.68
C ALA D 425 10.89 20.33 10.52
N VAL D 426 9.96 20.64 11.42
CA VAL D 426 9.96 21.90 12.15
C VAL D 426 11.11 22.00 13.14
N ASP D 427 11.68 20.87 13.56
CA ASP D 427 12.87 20.91 14.39
C ASP D 427 14.03 21.76 13.84
N ARG D 428 14.19 21.74 12.50
CA ARG D 428 15.25 22.50 11.81
C ARG D 428 15.17 24.01 12.06
N LEU D 429 13.99 24.50 12.43
CA LEU D 429 13.81 25.93 12.71
C LEU D 429 14.61 26.39 13.93
N ASN D 430 15.05 25.43 14.75
CA ASN D 430 16.00 25.70 15.85
C ASN D 430 17.43 26.00 15.40
N MET D 431 17.77 25.73 14.13
CA MET D 431 19.12 26.04 13.66
C MET D 431 19.36 27.53 13.69
N LYS D 432 20.53 27.88 14.22
CA LYS D 432 20.99 29.24 14.39
C LYS D 432 22.31 29.31 13.67
N HIS D 433 22.31 30.07 12.58
CA HIS D 433 23.48 30.25 11.73
C HIS D 433 24.15 31.55 12.15
N HIS D 434 25.39 31.74 11.74
CA HIS D 434 26.09 32.97 12.06
C HIS D 434 25.26 34.20 11.62
N LEU D 435 24.70 34.18 10.40
CA LEU D 435 23.93 35.33 9.90
C LEU D 435 22.44 35.32 10.24
N GLY D 436 21.93 34.31 10.93
CA GLY D 436 20.52 34.32 11.31
C GLY D 436 19.89 32.96 11.58
N MET D 437 18.63 33.00 11.99
CA MET D 437 17.86 31.80 12.27
C MET D 437 17.46 31.11 10.98
N HIS D 438 17.16 29.82 11.10
CA HIS D 438 16.90 28.96 9.96
C HIS D 438 15.74 29.43 9.09
N ASN D 439 14.70 30.01 9.70
CA ASN D 439 13.55 30.51 8.94
C ASN D 439 13.98 31.57 7.90
N GLU D 440 15.00 32.35 8.23
CA GLU D 440 15.62 33.33 7.30
C GLU D 440 16.66 32.71 6.37
N ILE D 441 17.49 31.83 6.92
CA ILE D 441 18.72 31.36 6.27
C ILE D 441 18.53 30.11 5.41
N HIS D 442 17.49 29.32 5.68
CA HIS D 442 17.21 28.09 4.93
C HIS D 442 17.36 28.26 3.43
N ASN D 443 16.67 29.26 2.87
CA ASN D 443 16.63 29.44 1.41
C ASN D 443 17.95 29.98 0.84
N VAL D 444 18.84 30.50 1.69
CA VAL D 444 20.20 30.89 1.27
C VAL D 444 21.29 29.99 1.86
N TYR D 445 20.93 28.87 2.51
CA TYR D 445 21.93 27.96 3.08
C TYR D 445 22.80 27.37 1.97
N GLY D 446 22.15 26.75 1.00
CA GLY D 446 22.86 26.25 -0.18
C GLY D 446 23.56 27.32 -1.00
N PHE D 447 22.93 28.49 -1.14
CA PHE D 447 23.50 29.62 -1.89
C PHE D 447 24.83 30.09 -1.28
N THR D 448 24.87 30.27 0.03
CA THR D 448 26.10 30.77 0.69
C THR D 448 27.19 29.71 0.68
N TRP D 449 26.80 28.44 0.74
CA TRP D 449 27.72 27.33 0.51
C TRP D 449 28.29 27.37 -0.90
N ASP D 450 27.41 27.49 -1.91
CA ASP D 450 27.86 27.50 -3.30
C ASP D 450 28.78 28.68 -3.60
N LYS D 451 28.49 29.84 -3.01
CA LYS D 451 29.35 31.03 -3.09
C LYS D 451 30.76 30.75 -2.50
N VAL D 452 30.80 30.17 -1.30
CA VAL D 452 32.07 29.74 -0.68
C VAL D 452 32.88 28.82 -1.61
N VAL D 453 32.19 27.83 -2.19
CA VAL D 453 32.85 26.83 -3.05
C VAL D 453 33.52 27.54 -4.24
N THR D 454 32.79 28.47 -4.87
CA THR D 454 33.33 29.18 -6.02
C THR D 454 34.42 30.19 -5.60
N GLU D 455 34.20 30.91 -4.52
CA GLU D 455 35.20 31.87 -4.01
C GLU D 455 36.52 31.19 -3.71
N GLN D 456 36.43 30.02 -3.07
CA GLN D 456 37.63 29.26 -2.70
C GLN D 456 38.30 28.62 -3.89
N PHE D 457 37.52 28.12 -4.85
CA PHE D 457 38.08 27.69 -6.12
C PHE D 457 38.91 28.80 -6.75
N TYR D 458 38.34 30.01 -6.81
CA TYR D 458 39.04 31.16 -7.40
C TYR D 458 40.35 31.49 -6.67
N LYS D 459 40.30 31.50 -5.34
CA LYS D 459 41.49 31.78 -4.54
C LYS D 459 42.60 30.76 -4.79
N HIS D 460 42.25 29.48 -4.80
CA HIS D 460 43.24 28.42 -4.91
C HIS D 460 43.65 28.09 -6.35
N ASN D 461 42.85 28.52 -7.33
CA ASN D 461 43.09 28.17 -8.74
C ASN D 461 42.88 29.40 -9.62
N PRO D 462 43.80 30.39 -9.53
CA PRO D 462 43.50 31.70 -10.09
C PRO D 462 43.26 31.69 -11.61
N ASN D 463 42.40 32.59 -12.05
CA ASN D 463 42.07 32.77 -13.47
C ASN D 463 41.64 31.50 -14.22
N LYS D 464 40.84 30.67 -13.54
CA LYS D 464 40.25 29.48 -14.11
C LYS D 464 38.76 29.50 -13.88
N ARG D 465 37.99 29.13 -14.91
CA ARG D 465 36.55 28.94 -14.76
C ARG D 465 36.27 27.77 -13.85
N ILE D 466 35.40 27.95 -12.86
CA ILE D 466 34.89 26.82 -12.08
C ILE D 466 33.87 26.04 -12.89
N PHE D 467 33.81 24.73 -12.63
CA PHE D 467 32.61 23.96 -12.90
C PHE D 467 31.99 23.65 -11.56
N GLN D 468 30.79 24.20 -11.35
CA GLN D 468 29.96 23.85 -10.19
C GLN D 468 28.54 23.69 -10.70
N MET D 469 27.90 22.58 -10.33
CA MET D 469 26.50 22.35 -10.65
C MET D 469 25.81 21.99 -9.36
N THR D 470 24.75 22.73 -9.02
CA THR D 470 24.12 22.62 -7.70
C THR D 470 22.67 22.18 -7.72
N ARG D 471 22.21 21.75 -6.56
CA ARG D 471 20.81 21.34 -6.38
C ARG D 471 20.01 22.42 -5.70
N ALA D 472 20.46 22.83 -4.53
CA ALA D 472 19.79 23.88 -3.76
C ALA D 472 20.44 25.23 -4.09
N ALA D 473 19.62 26.27 -4.23
CA ALA D 473 20.13 27.61 -4.54
C ALA D 473 19.11 28.70 -4.23
N TYR D 474 19.54 29.94 -4.41
CA TYR D 474 18.68 31.13 -4.28
C TYR D 474 18.98 32.04 -5.48
N ALA D 475 18.11 33.02 -5.73
CA ALA D 475 18.35 34.06 -6.73
C ALA D 475 19.77 34.63 -6.66
N GLY D 476 20.40 34.83 -7.82
CA GLY D 476 21.78 35.30 -7.87
C GLY D 476 22.79 34.19 -8.01
N LEU D 477 22.32 32.93 -7.98
CA LEU D 477 23.21 31.78 -8.10
C LEU D 477 24.08 31.80 -9.35
N GLN D 478 23.62 32.46 -10.42
CA GLN D 478 24.30 32.48 -11.69
C GLN D 478 25.75 33.02 -11.61
N ARG D 479 26.04 33.80 -10.56
CA ARG D 479 27.39 34.29 -10.29
C ARG D 479 28.38 33.19 -9.88
N TYR D 480 27.88 32.09 -9.33
CA TYR D 480 28.74 31.07 -8.72
C TYR D 480 28.59 29.65 -9.27
N THR D 481 27.46 29.32 -9.88
CA THR D 481 27.11 27.92 -10.10
C THR D 481 26.06 27.70 -11.17
N PHE D 482 26.10 26.50 -11.71
CA PHE D 482 25.11 26.01 -12.65
C PHE D 482 24.12 25.14 -11.85
N GLY D 483 23.13 24.57 -12.52
CA GLY D 483 22.10 23.81 -11.82
C GLY D 483 21.65 22.56 -12.54
N TRP D 484 21.30 21.54 -11.76
CA TRP D 484 20.47 20.45 -12.28
C TRP D 484 19.23 20.29 -11.41
N SER D 485 18.19 19.72 -12.01
CA SER D 485 16.87 19.65 -11.39
C SER D 485 16.67 18.50 -10.38
N GLY D 486 17.75 17.98 -9.82
CA GLY D 486 17.67 16.96 -8.77
C GLY D 486 17.10 15.58 -9.15
N ASP D 487 16.42 14.98 -8.19
CA ASP D 487 16.00 13.56 -8.28
C ASP D 487 14.63 13.44 -8.93
N SER D 488 14.60 13.42 -10.25
CA SER D 488 13.36 13.37 -11.01
C SER D 488 13.03 11.94 -11.38
N GLY D 489 11.84 11.72 -11.88
CA GLY D 489 11.44 10.40 -12.37
C GLY D 489 10.60 9.62 -11.38
N ASN D 490 10.15 8.45 -11.81
CA ASN D 490 9.18 7.68 -11.02
C ASN D 490 9.91 6.60 -10.24
N GLY D 491 9.79 6.68 -8.92
CA GLY D 491 10.47 5.75 -8.00
C GLY D 491 9.79 4.40 -7.92
N SER D 492 8.47 4.37 -8.05
CA SER D 492 7.71 3.12 -7.92
C SER D 492 7.84 2.21 -9.15
N ASN D 493 7.86 2.81 -10.33
CA ASN D 493 8.10 2.08 -11.58
C ASN D 493 8.73 3.04 -12.56
N VAL D 494 9.99 2.81 -12.89
CA VAL D 494 10.77 3.68 -13.77
C VAL D 494 10.09 3.91 -15.13
N LEU D 495 9.36 2.89 -15.61
CA LEU D 495 8.70 2.91 -16.93
C LEU D 495 7.50 3.84 -17.01
N ASP D 496 6.97 4.23 -15.84
CA ASP D 496 5.85 5.14 -15.73
C ASP D 496 6.30 6.61 -15.51
N GLY D 497 7.53 6.93 -15.93
CA GLY D 497 8.06 8.28 -15.85
C GLY D 497 7.82 9.23 -17.02
N TRP D 498 6.95 8.90 -17.96
CA TRP D 498 6.83 9.70 -19.20
C TRP D 498 6.44 11.16 -18.91
N LYS D 499 5.37 11.37 -18.13
CA LYS D 499 4.90 12.72 -17.83
C LYS D 499 5.88 13.48 -16.95
N GLN D 500 6.55 12.77 -16.04
CA GLN D 500 7.64 13.37 -15.27
C GLN D 500 8.78 13.89 -16.16
N MET D 501 9.22 13.06 -17.13
CA MET D 501 10.22 13.49 -18.12
C MET D 501 9.73 14.70 -18.89
N ALA D 502 8.49 14.65 -19.37
CA ALA D 502 7.93 15.75 -20.17
C ALA D 502 7.92 17.08 -19.41
N ASN D 503 7.66 17.02 -18.11
CA ASN D 503 7.66 18.24 -17.32
C ASN D 503 9.04 18.88 -17.14
N GLN D 504 10.12 18.12 -17.38
CA GLN D 504 11.46 18.71 -17.34
C GLN D 504 11.69 19.79 -18.41
N ILE D 505 10.85 19.80 -19.47
CA ILE D 505 10.94 20.88 -20.46
C ILE D 505 10.60 22.23 -19.81
N PRO D 506 9.37 22.41 -19.29
CA PRO D 506 9.07 23.67 -18.62
C PRO D 506 9.86 23.92 -17.34
N VAL D 507 10.23 22.88 -16.58
CA VAL D 507 11.17 23.08 -15.44
C VAL D 507 12.48 23.70 -15.91
N GLY D 508 13.05 23.18 -16.99
CA GLY D 508 14.28 23.71 -17.55
C GLY D 508 14.17 25.10 -18.16
N LEU D 509 13.07 25.34 -18.86
CA LEU D 509 12.80 26.66 -19.42
C LEU D 509 12.60 27.68 -18.31
N SER D 510 11.86 27.29 -17.27
CA SER D 510 11.64 28.15 -16.13
C SER D 510 12.93 28.43 -15.39
N ALA D 511 13.74 27.38 -15.19
CA ALA D 511 15.08 27.54 -14.63
C ALA D 511 15.93 28.55 -15.43
N GLY D 512 15.86 28.47 -16.75
CA GLY D 512 16.54 29.43 -17.62
C GLY D 512 16.13 30.86 -17.37
N MET D 513 14.81 31.09 -17.31
CA MET D 513 14.25 32.42 -17.01
C MET D 513 14.52 32.89 -15.59
N GLY D 514 14.85 31.97 -14.68
CA GLY D 514 15.38 32.30 -13.34
C GLY D 514 16.91 32.44 -13.26
N LEU D 515 17.57 32.52 -14.42
CA LEU D 515 19.04 32.68 -14.52
C LEU D 515 19.81 31.41 -14.07
N ILE D 516 19.33 30.28 -14.55
CA ILE D 516 20.13 29.05 -14.62
C ILE D 516 20.30 28.71 -16.13
N PRO D 517 21.13 29.49 -16.84
CA PRO D 517 21.35 29.22 -18.26
C PRO D 517 22.06 27.90 -18.53
N PHE D 518 22.92 27.48 -17.61
CA PHE D 518 23.66 26.24 -17.71
C PHE D 518 22.99 25.21 -16.82
N TRP D 519 22.08 24.49 -17.46
CA TRP D 519 21.14 23.62 -16.77
C TRP D 519 21.14 22.24 -17.41
N THR D 520 20.80 21.23 -16.60
CA THR D 520 20.40 19.94 -17.12
C THR D 520 19.48 19.23 -16.16
N CYS D 521 19.00 18.07 -16.58
CA CYS D 521 18.25 17.16 -15.71
C CYS D 521 18.96 15.83 -15.77
N ASP D 522 18.60 14.92 -14.87
CA ASP D 522 19.13 13.56 -14.89
C ASP D 522 18.51 12.86 -16.08
N ILE D 523 19.30 12.65 -17.14
CA ILE D 523 18.79 11.91 -18.29
C ILE D 523 18.57 10.44 -17.85
N SER D 524 17.37 9.94 -18.12
CA SER D 524 16.79 8.68 -17.58
C SER D 524 16.00 8.87 -16.26
N GLY D 525 16.05 10.09 -15.71
CA GLY D 525 15.60 10.40 -14.36
C GLY D 525 16.58 9.86 -13.33
N TYR D 526 16.46 10.30 -12.08
CA TYR D 526 17.13 9.66 -10.96
C TYR D 526 16.46 8.36 -10.54
N CYS D 527 15.13 8.37 -10.49
CA CYS D 527 14.35 7.40 -9.75
C CYS D 527 13.96 6.17 -10.55
N GLY D 528 13.77 5.06 -9.83
CA GLY D 528 13.23 3.81 -10.38
C GLY D 528 14.27 2.80 -10.80
N ASP D 529 14.16 1.59 -10.25
CA ASP D 529 15.03 0.50 -10.65
C ASP D 529 14.74 0.06 -12.09
N ILE D 530 15.80 -0.11 -12.87
CA ILE D 530 15.66 -0.54 -14.25
C ILE D 530 15.75 -2.07 -14.27
N LYS D 531 14.60 -2.70 -14.10
CA LYS D 531 14.49 -4.16 -14.07
C LYS D 531 14.41 -4.76 -15.47
N ASP D 532 14.14 -3.94 -16.48
CA ASP D 532 13.98 -4.43 -17.85
C ASP D 532 14.47 -3.37 -18.83
N TYR D 533 15.72 -3.54 -19.26
CA TYR D 533 16.39 -2.60 -20.15
C TYR D 533 15.75 -2.48 -21.54
N ASP D 534 15.17 -3.57 -22.05
CA ASP D 534 14.43 -3.51 -23.33
C ASP D 534 13.18 -2.63 -23.19
N ALA D 535 12.45 -2.79 -22.09
CA ALA D 535 11.23 -2.00 -21.88
C ALA D 535 11.55 -0.52 -21.60
N MET D 536 12.71 -0.25 -21.02
CA MET D 536 13.14 1.11 -20.73
C MET D 536 13.74 1.84 -21.93
N ALA D 537 14.09 1.12 -23.00
CA ALA D 537 14.86 1.68 -24.10
C ALA D 537 14.22 2.92 -24.72
N GLU D 538 12.90 2.89 -24.94
CA GLU D 538 12.21 4.00 -25.60
C GLU D 538 12.25 5.27 -24.75
N LEU D 539 11.87 5.15 -23.48
CA LEU D 539 11.90 6.26 -22.54
C LEU D 539 13.34 6.82 -22.40
N TYR D 540 14.34 5.96 -22.33
CA TYR D 540 15.75 6.43 -22.30
C TYR D 540 16.12 7.24 -23.54
N VAL D 541 15.78 6.73 -24.72
CA VAL D 541 16.12 7.42 -25.99
C VAL D 541 15.47 8.81 -26.07
N ARG D 542 14.19 8.87 -25.75
CA ARG D 542 13.46 10.14 -25.74
C ARG D 542 13.99 11.08 -24.66
N TRP D 543 14.36 10.53 -23.51
CA TRP D 543 14.92 11.36 -22.44
C TRP D 543 16.25 11.96 -22.88
N LEU D 544 17.07 11.14 -23.54
CA LEU D 544 18.36 11.59 -24.06
C LEU D 544 18.21 12.59 -25.24
N GLN D 545 17.24 12.33 -26.13
CA GLN D 545 16.95 13.22 -27.26
C GLN D 545 16.62 14.64 -26.77
N PHE D 546 15.76 14.75 -25.75
CA PHE D 546 15.57 16.02 -25.04
C PHE D 546 16.85 16.50 -24.38
N GLY D 547 17.48 15.60 -23.63
CA GLY D 547 18.64 15.93 -22.80
C GLY D 547 19.89 16.49 -23.46
N VAL D 548 20.17 16.05 -24.70
CA VAL D 548 21.29 16.56 -25.50
C VAL D 548 21.11 18.03 -25.92
N PHE D 549 19.90 18.56 -25.81
CA PHE D 549 19.63 19.99 -25.97
C PHE D 549 19.47 20.75 -24.63
N THR D 550 19.90 20.14 -23.52
CA THR D 550 20.16 20.86 -22.28
C THR D 550 21.67 21.14 -22.27
N PRO D 551 22.06 22.34 -21.84
CA PRO D 551 23.50 22.68 -21.90
C PRO D 551 24.47 21.71 -21.20
N LEU D 552 24.10 21.18 -20.04
CA LEU D 552 24.98 20.32 -19.23
C LEU D 552 24.57 18.82 -19.24
N SER D 553 23.91 18.42 -20.32
CA SER D 553 23.37 17.08 -20.56
C SER D 553 24.14 15.98 -19.82
N ARG D 554 23.51 15.45 -18.77
CA ARG D 554 24.09 14.43 -17.92
C ARG D 554 23.13 13.28 -17.75
N ALA D 555 23.53 12.10 -18.17
CA ALA D 555 22.86 10.85 -17.79
C ALA D 555 23.29 10.44 -16.38
N HIS D 556 22.31 10.02 -15.59
CA HIS D 556 22.49 9.70 -14.20
C HIS D 556 21.30 8.82 -13.78
N HIS D 557 21.50 7.97 -12.77
CA HIS D 557 20.42 7.21 -12.15
C HIS D 557 20.83 6.76 -10.75
N GLU D 558 19.84 6.45 -9.93
CA GLU D 558 20.09 6.01 -8.56
C GLU D 558 20.92 4.73 -8.51
N GLY D 559 21.82 4.68 -7.53
CA GLY D 559 22.50 3.43 -7.13
C GLY D 559 23.26 2.74 -8.25
N GLY D 560 22.96 1.46 -8.44
CA GLY D 560 23.64 0.63 -9.44
C GLY D 560 22.93 0.54 -10.78
N ASN D 561 21.94 1.38 -11.01
CA ASN D 561 21.15 1.33 -12.24
C ASN D 561 21.95 1.96 -13.37
N ALA D 562 22.67 1.13 -14.13
CA ALA D 562 23.52 1.61 -15.21
C ALA D 562 22.67 2.26 -16.30
N VAL D 563 23.06 3.45 -16.74
CA VAL D 563 22.29 4.24 -17.73
C VAL D 563 23.20 4.95 -18.76
N GLU D 564 24.32 4.29 -19.09
CA GLU D 564 25.18 4.73 -20.21
C GLU D 564 24.43 4.42 -21.52
N PRO D 565 24.73 5.17 -22.61
CA PRO D 565 23.91 5.05 -23.84
C PRO D 565 23.92 3.71 -24.60
N TRP D 566 24.77 2.77 -24.17
CA TRP D 566 24.83 1.42 -24.77
C TRP D 566 24.10 0.32 -23.97
N LYS D 567 23.42 0.70 -22.89
CA LYS D 567 22.84 -0.27 -21.98
C LYS D 567 21.45 -0.74 -22.41
N PHE D 568 20.88 -0.11 -23.44
CA PHE D 568 19.50 -0.35 -23.83
C PHE D 568 19.42 -1.02 -25.20
N GLY D 569 20.54 -1.60 -25.65
CA GLY D 569 20.58 -2.34 -26.91
C GLY D 569 21.04 -1.50 -28.08
N THR D 570 21.28 -2.18 -29.21
CA THR D 570 22.02 -1.60 -30.34
C THR D 570 21.27 -0.46 -31.03
N GLU D 571 19.96 -0.62 -31.24
CA GLU D 571 19.12 0.43 -31.82
C GLU D 571 19.21 1.71 -30.98
N ALA D 572 19.00 1.55 -29.69
CA ALA D 572 19.04 2.67 -28.76
C ALA D 572 20.44 3.27 -28.68
N GLU D 573 21.47 2.44 -28.77
CA GLU D 573 22.85 2.94 -28.74
C GLU D 573 23.14 3.82 -29.95
N ASN D 574 22.74 3.35 -31.13
CA ASN D 574 23.00 4.06 -32.37
C ASN D 574 22.23 5.36 -32.45
N ILE D 575 20.95 5.35 -32.04
CA ILE D 575 20.16 6.57 -31.95
C ILE D 575 20.78 7.58 -30.95
N SER D 576 21.21 7.07 -29.79
CA SER D 576 21.81 7.90 -28.75
C SER D 576 23.15 8.48 -29.17
N ARG D 577 23.97 7.71 -29.88
CA ARG D 577 25.23 8.23 -30.46
C ARG D 577 24.97 9.43 -31.40
N LYS D 578 23.94 9.32 -32.23
CA LYS D 578 23.56 10.38 -33.17
C LYS D 578 23.06 11.64 -32.46
N SER D 579 22.18 11.44 -31.47
CA SER D 579 21.69 12.55 -30.64
C SER D 579 22.85 13.31 -30.03
N ILE D 580 23.78 12.57 -29.42
CA ILE D 580 24.96 13.18 -28.82
C ILE D 580 25.86 13.84 -29.87
N GLU D 581 26.12 13.16 -30.99
CA GLU D 581 26.92 13.74 -32.10
C GLU D 581 26.35 15.07 -32.59
N LEU D 582 25.03 15.16 -32.67
CA LEU D 582 24.35 16.41 -33.06
C LEU D 582 24.72 17.58 -32.13
N LYS D 583 24.72 17.35 -30.82
CA LYS D 583 25.09 18.41 -29.87
C LYS D 583 26.57 18.80 -30.04
N TYR D 584 27.43 17.82 -30.26
CA TYR D 584 28.85 18.09 -30.50
C TYR D 584 29.03 18.90 -31.79
N LYS D 585 28.37 18.50 -32.87
CA LYS D 585 28.41 19.26 -34.12
C LYS D 585 27.97 20.71 -33.93
N LEU D 586 26.94 20.92 -33.12
CA LEU D 586 26.45 22.26 -32.80
C LEU D 586 27.29 23.04 -31.77
N PHE D 587 28.39 22.50 -31.26
CA PHE D 587 29.17 23.20 -30.22
C PHE D 587 29.44 24.71 -30.49
N PRO D 588 29.89 25.06 -31.70
CA PRO D 588 30.20 26.48 -31.91
C PRO D 588 28.97 27.40 -31.85
N TYR D 589 27.83 26.89 -32.32
CA TYR D 589 26.51 27.53 -32.18
C TYR D 589 26.13 27.64 -30.70
N LEU D 590 26.17 26.51 -29.99
CA LEU D 590 25.82 26.49 -28.56
C LEU D 590 26.73 27.38 -27.72
N TYR D 591 28.03 27.35 -28.00
CA TYR D 591 29.01 28.15 -27.25
C TYR D 591 28.79 29.66 -27.45
N THR D 592 28.46 30.05 -28.68
CA THR D 592 28.07 31.44 -28.93
C THR D 592 26.90 31.86 -28.00
N TYR D 593 25.89 30.97 -27.84
CA TYR D 593 24.74 31.27 -26.98
C TYR D 593 25.07 31.19 -25.50
N ALA D 594 26.04 30.37 -25.13
CA ALA D 594 26.57 30.39 -23.77
C ALA D 594 27.13 31.76 -23.45
N ARG D 595 27.87 32.35 -24.41
CA ARG D 595 28.37 33.71 -24.24
C ARG D 595 27.25 34.73 -24.13
N GLU D 596 26.23 34.59 -24.97
CA GLU D 596 25.07 35.48 -24.91
C GLU D 596 24.38 35.42 -23.54
N ALA D 597 24.39 34.26 -22.91
CA ALA D 597 23.85 34.13 -21.55
C ALA D 597 24.60 35.01 -20.59
N HIS D 598 25.93 35.02 -20.71
CA HIS D 598 26.78 35.86 -19.88
C HIS D 598 26.47 37.37 -20.11
N ASP D 599 26.30 37.76 -21.37
CA ASP D 599 26.11 39.19 -21.73
C ASP D 599 24.71 39.75 -21.48
N THR D 600 23.68 38.92 -21.68
CA THR D 600 22.29 39.36 -21.67
C THR D 600 21.42 38.73 -20.60
N GLY D 601 21.90 37.63 -20.00
CA GLY D 601 21.08 36.81 -19.10
C GLY D 601 20.15 35.80 -19.75
N LEU D 602 19.99 35.86 -21.08
CA LEU D 602 19.09 34.93 -21.76
C LEU D 602 19.60 33.50 -21.70
N PRO D 603 18.73 32.55 -21.31
CA PRO D 603 19.16 31.16 -21.34
C PRO D 603 19.37 30.65 -22.78
N ILE D 604 20.06 29.53 -22.88
CA ILE D 604 20.27 28.84 -24.17
C ILE D 604 18.95 28.17 -24.58
N MET D 605 18.34 27.48 -23.61
CA MET D 605 17.00 26.90 -23.81
C MET D 605 15.97 28.00 -23.54
N ARG D 606 15.28 28.40 -24.60
CA ARG D 606 14.38 29.55 -24.52
C ARG D 606 12.93 29.18 -24.75
N ALA D 607 12.08 29.47 -23.77
CA ALA D 607 10.64 29.43 -23.99
C ALA D 607 10.36 30.36 -25.18
N LEU D 608 9.54 29.90 -26.12
CA LEU D 608 9.25 30.70 -27.34
C LEU D 608 8.77 32.12 -27.02
N LEU D 609 8.03 32.27 -25.92
CA LEU D 609 7.58 33.58 -25.46
C LEU D 609 8.69 34.63 -25.34
N LEU D 610 9.91 34.19 -25.02
CA LEU D 610 11.05 35.09 -24.93
C LEU D 610 11.42 35.70 -26.28
N GLU D 611 11.22 34.96 -27.36
CA GLU D 611 11.53 35.44 -28.72
C GLU D 611 10.31 35.98 -29.46
N TYR D 612 9.12 35.51 -29.09
CA TYR D 612 7.87 35.88 -29.77
C TYR D 612 6.83 36.36 -28.74
N PRO D 613 7.14 37.43 -28.00
CA PRO D 613 6.22 37.90 -26.95
C PRO D 613 4.84 38.38 -27.43
N ASN D 614 4.73 38.78 -28.69
CA ASN D 614 3.43 39.17 -29.26
C ASN D 614 2.51 37.99 -29.57
N ASP D 615 3.04 36.77 -29.55
CA ASP D 615 2.29 35.58 -29.90
C ASP D 615 1.84 34.84 -28.63
N LYS D 616 0.57 35.05 -28.27
CA LYS D 616 -0.01 34.54 -27.04
C LYS D 616 -0.09 33.02 -27.02
N GLU D 617 -0.12 32.40 -28.20
CA GLU D 617 -0.04 30.95 -28.30
C GLU D 617 1.21 30.38 -27.61
N THR D 618 2.30 31.14 -27.60
CA THR D 618 3.55 30.67 -26.98
C THR D 618 3.44 30.43 -25.47
N PHE D 619 2.51 31.11 -24.80
CA PHE D 619 2.32 30.97 -23.36
C PHE D 619 1.92 29.55 -22.93
N LYS D 620 1.34 28.80 -23.89
CA LYS D 620 0.85 27.44 -23.67
C LYS D 620 1.89 26.34 -23.97
N LEU D 621 3.04 26.70 -24.52
CA LEU D 621 3.94 25.71 -25.13
C LEU D 621 4.86 25.07 -24.08
N ASN D 622 4.46 23.90 -23.60
CA ASN D 622 5.27 23.12 -22.66
C ASN D 622 6.00 21.94 -23.29
N GLY D 623 5.86 21.76 -24.61
CA GLY D 623 6.40 20.62 -25.33
C GLY D 623 7.48 20.93 -26.33
N GLN D 624 8.00 22.16 -26.30
CA GLN D 624 8.98 22.59 -27.29
C GLN D 624 9.65 23.85 -26.80
N PHE D 625 10.78 24.17 -27.43
CA PHE D 625 11.54 25.34 -27.08
C PHE D 625 12.54 25.69 -28.18
N LEU D 626 13.07 26.89 -28.09
CA LEU D 626 14.14 27.34 -28.93
C LEU D 626 15.46 27.07 -28.23
N VAL D 627 16.46 26.76 -29.04
CA VAL D 627 17.84 26.67 -28.58
C VAL D 627 18.53 27.79 -29.31
N GLY D 628 18.83 28.86 -28.57
CA GLY D 628 19.23 30.13 -29.18
C GLY D 628 18.01 30.66 -29.94
N LYS D 629 18.24 31.43 -31.00
CA LYS D 629 17.13 31.96 -31.81
C LYS D 629 16.83 31.13 -33.05
N GLU D 630 17.84 30.48 -33.61
CA GLU D 630 17.75 29.86 -34.94
C GLU D 630 17.12 28.46 -34.94
N LEU D 631 17.19 27.74 -33.82
CA LEU D 631 16.72 26.35 -33.75
C LEU D 631 15.51 26.21 -32.84
N LEU D 632 14.49 25.52 -33.33
CA LEU D 632 13.31 25.13 -32.57
C LEU D 632 13.36 23.62 -32.42
N VAL D 633 13.36 23.16 -31.17
CA VAL D 633 13.42 21.73 -30.83
C VAL D 633 12.09 21.33 -30.21
N ALA D 634 11.51 20.24 -30.70
CA ALA D 634 10.22 19.76 -30.23
C ALA D 634 10.34 18.27 -29.92
N PRO D 635 10.90 17.92 -28.75
CA PRO D 635 11.16 16.52 -28.45
C PRO D 635 9.86 15.73 -28.24
N VAL D 636 9.84 14.49 -28.73
CA VAL D 636 8.75 13.58 -28.44
C VAL D 636 8.88 13.11 -26.99
N VAL D 637 7.83 13.36 -26.21
CA VAL D 637 7.80 13.01 -24.79
C VAL D 637 6.51 12.26 -24.43
N GLU D 638 5.93 11.58 -25.43
CA GLU D 638 4.75 10.72 -25.27
C GLU D 638 5.15 9.28 -25.60
N GLN D 639 4.79 8.34 -24.72
CA GLN D 639 5.08 6.92 -24.95
C GLN D 639 4.35 6.40 -26.19
N GLY D 640 5.10 5.70 -27.04
CA GLY D 640 4.58 5.12 -28.28
C GLY D 640 4.37 6.09 -29.44
N ALA D 641 4.62 7.39 -29.23
CA ALA D 641 4.39 8.39 -30.26
C ALA D 641 5.48 8.32 -31.32
N VAL D 642 5.03 8.32 -32.57
CA VAL D 642 5.91 8.40 -33.74
C VAL D 642 5.58 9.64 -34.58
N THR D 643 4.80 10.56 -33.99
CA THR D 643 4.58 11.90 -34.52
C THR D 643 4.74 12.94 -33.40
N LYS D 644 4.81 14.22 -33.79
CA LYS D 644 4.91 15.34 -32.86
C LYS D 644 4.14 16.53 -33.42
N ASP D 645 3.27 17.10 -32.59
CA ASP D 645 2.59 18.36 -32.88
C ASP D 645 3.51 19.52 -32.52
N VAL D 646 3.75 20.43 -33.47
CA VAL D 646 4.73 21.49 -33.32
C VAL D 646 4.04 22.80 -33.67
N TYR D 647 4.18 23.81 -32.80
CA TYR D 647 3.76 25.16 -33.12
C TYR D 647 4.95 25.89 -33.73
N LEU D 648 4.77 26.39 -34.94
CA LEU D 648 5.77 27.23 -35.59
C LEU D 648 5.37 28.68 -35.42
N PRO D 649 6.25 29.51 -34.86
CA PRO D 649 5.93 30.93 -34.71
C PRO D 649 6.15 31.69 -36.03
N GLU D 650 6.07 33.02 -35.97
CA GLU D 650 6.39 33.92 -37.11
C GLU D 650 7.63 33.47 -37.89
N GLY D 651 7.54 33.53 -39.22
CA GLY D 651 8.66 33.19 -40.11
C GLY D 651 8.44 31.92 -40.89
N GLU D 652 9.47 31.50 -41.61
CA GLU D 652 9.44 30.22 -42.32
C GLU D 652 10.43 29.31 -41.66
N TRP D 653 10.11 28.01 -41.61
CA TRP D 653 10.87 27.04 -40.84
C TRP D 653 11.21 25.81 -41.66
N ILE D 654 12.47 25.39 -41.57
CA ILE D 654 12.99 24.30 -42.36
C ILE D 654 13.31 23.13 -41.41
N ASP D 655 12.95 21.91 -41.81
CA ASP D 655 13.36 20.69 -41.10
C ASP D 655 14.89 20.63 -41.06
N PHE D 656 15.46 20.66 -39.87
CA PHE D 656 16.93 20.67 -39.72
C PHE D 656 17.56 19.29 -39.97
N ASN D 657 16.76 18.22 -39.86
CA ASN D 657 17.26 16.86 -40.10
C ASN D 657 17.51 16.62 -41.60
N ASN D 658 16.58 17.03 -42.48
CA ASN D 658 16.74 16.84 -43.95
C ASN D 658 17.07 18.10 -44.77
N CYS D 659 16.63 19.27 -44.28
CA CYS D 659 16.89 20.60 -44.89
C CYS D 659 16.11 20.93 -46.16
N LYS D 660 15.34 19.99 -46.68
CA LYS D 660 14.53 20.27 -47.87
C LYS D 660 13.15 20.77 -47.46
N THR D 661 12.50 20.08 -46.51
CA THR D 661 11.11 20.40 -46.14
C THR D 661 10.99 21.76 -45.44
N LYS D 662 10.07 22.59 -45.94
CA LYS D 662 9.87 23.95 -45.47
C LYS D 662 8.38 24.17 -45.14
N TYR D 663 8.12 25.01 -44.15
CA TYR D 663 6.79 25.23 -43.59
C TYR D 663 6.58 26.71 -43.34
N LYS D 664 5.37 27.21 -43.60
CA LYS D 664 4.97 28.57 -43.18
C LYS D 664 4.83 28.64 -41.66
N GLY D 665 5.00 29.85 -41.13
CA GLY D 665 4.90 30.11 -39.70
C GLY D 665 3.50 30.38 -39.21
N GLU D 666 3.40 30.54 -37.89
CA GLU D 666 2.15 30.82 -37.19
C GLU D 666 1.07 29.76 -37.47
N GLN D 667 1.46 28.50 -37.29
CA GLN D 667 0.55 27.38 -37.44
C GLN D 667 1.03 26.18 -36.63
N TRP D 668 0.07 25.34 -36.24
CA TRP D 668 0.35 24.04 -35.67
C TRP D 668 0.51 23.08 -36.83
N ILE D 669 1.58 22.29 -36.80
CA ILE D 669 1.78 21.19 -37.72
C ILE D 669 1.97 19.90 -36.94
N THR D 670 1.77 18.79 -37.64
CA THR D 670 2.11 17.45 -37.16
C THR D 670 3.17 16.85 -38.09
N VAL D 671 4.31 16.45 -37.53
CA VAL D 671 5.42 15.87 -38.28
C VAL D 671 5.67 14.42 -37.87
N ASP D 672 6.27 13.64 -38.76
CA ASP D 672 6.74 12.28 -38.44
C ASP D 672 7.92 12.39 -37.50
N ALA D 673 7.97 11.50 -36.51
CA ALA D 673 8.99 11.58 -35.47
C ALA D 673 9.10 10.20 -34.84
N PRO D 674 9.65 9.23 -35.60
CA PRO D 674 9.86 7.90 -35.05
C PRO D 674 10.98 7.91 -34.02
N LEU D 675 11.25 6.76 -33.41
CA LEU D 675 12.17 6.72 -32.27
C LEU D 675 13.53 7.32 -32.59
N ASN D 676 14.00 7.15 -33.84
CA ASN D 676 15.32 7.61 -34.23
C ASN D 676 15.41 9.12 -34.58
N THR D 677 14.35 9.88 -34.36
CA THR D 677 14.25 11.27 -34.81
C THR D 677 13.88 12.23 -33.67
N ILE D 678 14.57 13.38 -33.65
CA ILE D 678 14.19 14.55 -32.86
C ILE D 678 13.70 15.62 -33.82
N PRO D 679 12.44 16.06 -33.70
CA PRO D 679 12.01 17.23 -34.48
C PRO D 679 12.79 18.49 -34.10
N VAL D 680 13.64 18.93 -35.04
CA VAL D 680 14.41 20.15 -34.94
C VAL D 680 14.15 20.95 -36.22
N PHE D 681 13.85 22.24 -36.07
CA PHE D 681 13.59 23.12 -37.19
C PHE D 681 14.55 24.29 -37.13
N VAL D 682 14.97 24.75 -38.30
CA VAL D 682 15.87 25.91 -38.41
C VAL D 682 15.07 27.02 -39.09
N LYS D 683 15.19 28.24 -38.58
CA LYS D 683 14.44 29.37 -39.13
C LYS D 683 15.08 29.82 -40.44
N LYS D 684 14.24 30.10 -41.44
CA LYS D 684 14.73 30.68 -42.70
C LYS D 684 15.40 32.02 -42.42
N GLY D 685 16.60 32.21 -42.98
CA GLY D 685 17.48 33.33 -42.63
C GLY D 685 18.67 32.93 -41.75
N SER D 686 18.63 31.74 -41.15
CA SER D 686 19.62 31.35 -40.14
C SER D 686 20.98 31.02 -40.73
N ILE D 687 22.03 31.31 -39.97
CA ILE D 687 23.36 30.83 -40.26
C ILE D 687 23.85 30.07 -39.02
N ILE D 688 24.16 28.78 -39.20
CA ILE D 688 24.53 27.89 -38.09
C ILE D 688 25.98 27.43 -38.19
N PRO D 689 26.88 27.93 -37.31
CA PRO D 689 28.22 27.36 -37.26
C PRO D 689 28.23 25.93 -36.70
N GLN D 690 29.06 25.07 -37.28
CA GLN D 690 29.19 23.69 -36.84
C GLN D 690 30.65 23.23 -36.91
N MET D 691 30.96 22.22 -36.11
CA MET D 691 32.28 21.62 -36.08
C MET D 691 32.16 20.14 -36.43
N PRO D 692 33.26 19.52 -36.90
CA PRO D 692 33.18 18.07 -37.16
C PRO D 692 32.94 17.27 -35.88
N VAL D 693 32.42 16.04 -36.05
CA VAL D 693 32.24 15.12 -34.94
C VAL D 693 33.60 14.87 -34.26
N MET D 694 33.62 14.97 -32.94
CA MET D 694 34.77 14.62 -32.09
C MET D 694 34.26 13.85 -30.90
N GLN D 695 35.16 13.13 -30.25
CA GLN D 695 34.81 12.29 -29.11
C GLN D 695 34.79 13.09 -27.83
N TYR D 696 35.48 14.23 -27.84
CA TYR D 696 35.38 15.19 -26.77
C TYR D 696 35.71 16.58 -27.32
N ILE D 697 35.35 17.61 -26.57
CA ILE D 697 35.58 18.99 -26.97
C ILE D 697 37.10 19.20 -26.95
N ASP D 698 37.62 19.76 -28.04
CA ASP D 698 39.07 19.95 -28.25
C ASP D 698 39.89 18.65 -28.43
N GLU D 699 39.25 17.55 -28.85
CA GLU D 699 40.00 16.39 -29.31
C GLU D 699 40.86 16.83 -30.50
N LYS D 700 40.27 17.60 -31.41
CA LYS D 700 41.02 18.37 -32.39
C LYS D 700 41.09 19.81 -31.87
N LYS D 701 42.30 20.34 -31.71
CA LYS D 701 42.52 21.67 -31.15
C LYS D 701 42.18 22.74 -32.20
N VAL D 702 42.38 22.40 -33.48
CA VAL D 702 42.07 23.23 -34.63
C VAL D 702 41.13 22.42 -35.50
N TYR D 703 40.16 23.07 -36.14
CA TYR D 703 39.23 22.37 -37.03
C TYR D 703 38.56 23.32 -38.01
N PRO D 704 38.13 22.79 -39.18
CA PRO D 704 37.35 23.60 -40.10
C PRO D 704 35.96 23.88 -39.52
N VAL D 705 35.48 25.10 -39.69
CA VAL D 705 34.15 25.48 -39.24
C VAL D 705 33.24 25.61 -40.45
N THR D 706 32.14 24.87 -40.39
CA THR D 706 31.10 24.88 -41.40
C THR D 706 30.02 25.87 -40.98
N PHE D 707 29.47 26.61 -41.94
CA PHE D 707 28.37 27.52 -41.70
C PHE D 707 27.22 27.12 -42.61
N ASP D 708 26.19 26.50 -42.03
CA ASP D 708 25.00 26.18 -42.79
C ASP D 708 24.12 27.40 -42.87
N ILE D 709 23.90 27.86 -44.12
CA ILE D 709 23.24 29.12 -44.41
C ILE D 709 21.94 28.81 -45.13
N PHE D 710 20.84 29.29 -44.56
CA PHE D 710 19.52 29.18 -45.15
C PHE D 710 19.07 30.62 -45.46
N PRO D 711 19.26 31.06 -46.71
CA PRO D 711 18.94 32.44 -47.10
C PRO D 711 17.53 32.92 -46.75
N GLY D 712 17.46 34.14 -46.22
CA GLY D 712 16.20 34.79 -45.91
C GLY D 712 15.50 35.23 -47.18
N ASN D 713 14.35 35.88 -47.02
CA ASN D 713 13.61 36.43 -48.17
C ASN D 713 14.42 37.47 -48.94
N LEU D 714 13.98 37.73 -50.17
CA LEU D 714 14.53 38.78 -51.03
C LEU D 714 14.83 40.07 -50.24
N ASN D 715 16.08 40.52 -50.33
CA ASN D 715 16.58 41.75 -49.70
C ASN D 715 16.75 41.71 -48.18
N LYS D 716 16.39 40.62 -47.51
CA LYS D 716 16.50 40.61 -46.05
C LYS D 716 17.88 40.12 -45.64
N GLU D 717 18.57 40.99 -44.93
CA GLU D 717 19.89 40.71 -44.40
C GLU D 717 19.76 39.96 -43.08
N THR D 718 20.43 38.81 -42.98
CA THR D 718 20.51 38.06 -41.73
C THR D 718 21.96 37.76 -41.43
N SER D 719 22.25 37.47 -40.17
CA SER D 719 23.62 37.16 -39.76
C SER D 719 23.70 36.21 -38.57
N PHE D 720 24.92 35.73 -38.35
CA PHE D 720 25.32 35.07 -37.11
C PHE D 720 26.71 35.56 -36.75
N THR D 721 26.91 35.88 -35.48
CA THR D 721 28.19 36.33 -34.96
C THR D 721 28.81 35.22 -34.10
N PHE D 722 29.70 34.48 -34.75
CA PHE D 722 30.49 33.37 -34.19
C PHE D 722 31.50 33.81 -33.13
N TYR D 723 31.20 33.50 -31.87
CA TYR D 723 32.04 33.88 -30.72
C TYR D 723 33.05 32.80 -30.36
N GLU D 724 34.30 33.21 -30.09
CA GLU D 724 35.35 32.30 -29.64
C GLU D 724 36.19 32.93 -28.56
N ASP D 725 36.70 32.08 -27.67
CA ASP D 725 37.60 32.51 -26.61
C ASP D 725 38.43 31.28 -26.15
N ASP D 726 39.21 31.42 -25.08
CA ASP D 726 40.14 30.35 -24.73
C ASP D 726 39.44 29.18 -24.01
N GLY D 727 38.18 29.39 -23.58
CA GLY D 727 37.33 28.31 -23.08
C GLY D 727 37.59 27.81 -21.65
N GLU D 728 38.61 28.37 -21.00
CA GLU D 728 39.12 27.85 -19.73
C GLU D 728 39.36 28.91 -18.66
N SER D 729 39.88 30.08 -19.06
CA SER D 729 40.25 31.13 -18.14
C SER D 729 39.08 32.08 -17.93
N ARG D 730 39.23 33.00 -16.99
CA ARG D 730 38.21 34.00 -16.74
C ARG D 730 38.41 35.28 -17.57
N ASP D 731 39.32 35.24 -18.55
CA ASP D 731 39.58 36.40 -19.41
C ASP D 731 38.31 36.87 -20.14
N TYR D 732 37.44 35.93 -20.50
CA TYR D 732 36.15 36.31 -21.14
C TYR D 732 35.39 37.34 -20.28
N GLU D 733 35.53 37.29 -18.96
CA GLU D 733 34.86 38.24 -18.05
C GLU D 733 35.35 39.69 -18.24
N ARG D 734 36.61 39.83 -18.63
CA ARG D 734 37.19 41.11 -19.03
C ARG D 734 37.08 41.31 -20.55
N ASP D 735 36.18 40.59 -21.21
CA ASP D 735 35.89 40.77 -22.64
C ASP D 735 37.13 40.56 -23.53
N VAL D 736 37.85 39.49 -23.23
CA VAL D 736 38.94 39.01 -24.06
C VAL D 736 38.43 37.82 -24.87
N PHE D 737 38.26 38.05 -26.18
CA PHE D 737 37.68 37.07 -27.09
C PHE D 737 37.92 37.47 -28.55
N CYS D 738 37.41 36.69 -29.48
CA CYS D 738 37.16 37.18 -30.84
C CYS D 738 35.78 36.80 -31.34
N LYS D 739 35.33 37.52 -32.36
CA LYS D 739 34.06 37.29 -33.05
C LYS D 739 34.29 37.37 -34.56
N THR D 740 33.51 36.60 -35.31
CA THR D 740 33.52 36.61 -36.75
C THR D 740 32.05 36.63 -37.19
N LYS D 741 31.62 37.74 -37.78
CA LYS D 741 30.24 37.91 -38.25
C LYS D 741 30.09 37.38 -39.66
N ILE D 742 29.19 36.42 -39.86
CA ILE D 742 28.81 35.95 -41.20
C ILE D 742 27.48 36.59 -41.55
N THR D 743 27.35 37.17 -42.73
CA THR D 743 26.12 37.86 -43.16
C THR D 743 25.59 37.23 -44.44
N SER D 744 24.27 37.11 -44.54
CA SER D 744 23.59 36.61 -45.73
C SER D 744 22.54 37.62 -46.19
N LYS D 745 22.45 37.82 -47.51
CA LYS D 745 21.46 38.71 -48.12
C LYS D 745 21.24 38.25 -49.55
N ALA D 746 20.02 37.81 -49.84
CA ALA D 746 19.65 37.36 -51.19
C ALA D 746 19.05 38.55 -51.97
N SER D 747 19.57 38.79 -53.17
CA SER D 747 18.98 39.72 -54.14
C SER D 747 18.22 38.92 -55.19
N ASN D 748 17.64 39.61 -56.16
CA ASN D 748 17.15 38.96 -57.38
C ASN D 748 18.34 38.31 -58.09
N GLU D 749 18.20 37.01 -58.36
CA GLU D 749 19.20 36.19 -59.06
C GLU D 749 20.65 36.28 -58.51
N GLU D 750 20.78 36.50 -57.20
CA GLU D 750 22.10 36.66 -56.56
C GLU D 750 22.04 36.45 -55.03
N ILE D 751 23.06 35.79 -54.47
CA ILE D 751 23.20 35.59 -53.02
C ILE D 751 24.55 36.12 -52.57
N LYS D 752 24.55 37.01 -51.58
CA LYS D 752 25.76 37.65 -51.08
C LYS D 752 26.08 37.21 -49.64
N ILE D 753 27.11 36.38 -49.50
CA ILE D 753 27.57 35.97 -48.18
C ILE D 753 28.84 36.71 -47.82
N THR D 754 28.79 37.43 -46.70
CA THR D 754 29.93 38.16 -46.21
C THR D 754 30.50 37.48 -44.99
N VAL D 755 31.79 37.15 -45.08
CA VAL D 755 32.61 36.79 -43.94
C VAL D 755 33.25 38.08 -43.48
N GLY D 756 32.74 38.64 -42.38
CA GLY D 756 33.23 39.90 -41.87
C GLY D 756 34.65 39.79 -41.32
N GLU D 757 35.37 40.91 -41.29
CA GLU D 757 36.68 40.98 -40.67
C GLU D 757 36.60 40.55 -39.22
N ARG D 758 37.58 39.76 -38.79
CA ARG D 758 37.57 39.24 -37.44
C ARG D 758 37.70 40.40 -36.49
N GLU D 759 36.79 40.46 -35.52
CA GLU D 759 36.86 41.38 -34.40
C GLU D 759 37.81 40.78 -33.37
N TYR D 760 38.98 41.40 -33.22
CA TYR D 760 40.00 40.95 -32.32
C TYR D 760 39.87 41.71 -31.03
N LYS D 761 39.57 41.02 -29.93
CA LYS D 761 39.58 41.66 -28.59
C LYS D 761 40.51 40.90 -27.63
N GLY D 762 41.70 40.58 -28.11
CA GLY D 762 42.79 40.06 -27.27
C GLY D 762 42.92 38.54 -27.23
N TYR D 763 42.18 37.85 -28.09
CA TYR D 763 42.29 36.40 -28.24
C TYR D 763 42.28 36.09 -29.73
N SER D 764 43.20 35.21 -30.17
CA SER D 764 43.26 34.75 -31.56
C SER D 764 42.75 33.33 -31.61
N PRO D 765 41.96 32.99 -32.64
CA PRO D 765 41.39 31.66 -32.67
C PRO D 765 42.42 30.63 -33.04
N ALA D 766 42.02 29.37 -32.87
CA ALA D 766 42.81 28.26 -33.34
C ALA D 766 42.95 28.41 -34.86
N GLY D 767 44.18 28.22 -35.35
CA GLY D 767 44.45 28.25 -36.77
C GLY D 767 45.83 27.66 -37.07
N PRO D 768 46.18 27.48 -38.34
CA PRO D 768 45.33 27.82 -39.48
C PRO D 768 44.14 26.87 -39.68
N ARG D 769 43.08 27.38 -40.28
CA ARG D 769 41.90 26.56 -40.59
C ARG D 769 41.16 27.12 -41.78
N ASN D 770 40.30 26.30 -42.37
CA ASN D 770 39.39 26.71 -43.43
C ASN D 770 37.94 26.85 -42.93
N PHE D 771 37.24 27.84 -43.46
CA PHE D 771 35.79 27.88 -43.38
C PHE D 771 35.19 27.18 -44.59
N ILE D 772 34.03 26.55 -44.37
CA ILE D 772 33.20 26.05 -45.45
C ILE D 772 31.82 26.68 -45.30
N LEU D 773 31.50 27.62 -46.20
CA LEU D 773 30.15 28.17 -46.27
C LEU D 773 29.28 27.17 -47.01
N LYS D 774 28.13 26.81 -46.44
CA LYS D 774 27.18 25.88 -47.06
C LYS D 774 25.82 26.53 -47.24
N ILE D 775 25.56 26.98 -48.47
CA ILE D 775 24.36 27.73 -48.80
C ILE D 775 23.34 26.74 -49.37
N HIS D 776 22.22 26.58 -48.67
CA HIS D 776 21.15 25.70 -49.08
C HIS D 776 20.34 26.43 -50.14
N ALA D 777 20.37 25.91 -51.36
CA ALA D 777 19.70 26.53 -52.51
C ALA D 777 19.12 25.42 -53.35
N SER D 778 17.99 25.69 -54.00
CA SER D 778 17.32 24.64 -54.80
C SER D 778 18.04 24.30 -56.13
N ASN D 779 18.76 25.28 -56.71
CA ASN D 779 19.44 25.08 -58.01
C ASN D 779 20.92 25.35 -57.95
N LYS D 780 21.68 24.60 -58.75
CA LYS D 780 23.11 24.87 -58.94
C LYS D 780 23.27 26.30 -59.51
N PRO D 781 24.12 27.12 -58.88
CA PRO D 781 24.32 28.46 -59.38
C PRO D 781 25.22 28.46 -60.62
N LYS D 782 25.17 29.55 -61.38
CA LYS D 782 25.89 29.65 -62.64
C LYS D 782 27.39 29.87 -62.36
N ASP D 783 27.69 30.78 -61.43
CA ASP D 783 29.05 31.00 -60.93
C ASP D 783 29.05 31.47 -59.47
N VAL D 784 30.21 31.35 -58.83
CA VAL D 784 30.47 31.97 -57.53
C VAL D 784 31.76 32.79 -57.61
N PHE D 785 31.74 34.00 -57.05
CA PHE D 785 32.87 34.93 -57.04
C PHE D 785 33.27 35.25 -55.61
N ALA D 786 34.55 35.56 -55.41
CA ALA D 786 35.09 36.00 -54.13
C ALA D 786 35.83 37.30 -54.36
N GLY D 787 35.29 38.40 -53.80
CA GLY D 787 35.74 39.73 -54.17
C GLY D 787 35.47 39.95 -55.66
N GLY D 788 36.49 40.40 -56.38
CA GLY D 788 36.40 40.55 -57.82
C GLY D 788 36.35 39.25 -58.61
N GLU D 789 37.15 38.27 -58.21
CA GLU D 789 37.48 37.12 -59.07
C GLU D 789 36.51 35.93 -59.02
N LYS D 790 36.28 35.34 -60.19
CA LYS D 790 35.44 34.15 -60.35
C LYS D 790 36.14 32.93 -59.77
N LEU D 791 35.44 32.19 -58.90
CA LEU D 791 36.03 31.02 -58.25
C LEU D 791 35.90 29.81 -59.14
N LYS D 792 36.83 28.88 -58.96
CA LYS D 792 36.83 27.65 -59.71
C LYS D 792 35.83 26.66 -59.11
N ASN D 793 34.96 26.10 -59.96
CA ASN D 793 34.02 25.04 -59.58
C ASN D 793 34.73 23.68 -59.56
N VAL D 794 34.63 22.97 -58.45
CA VAL D 794 35.28 21.65 -58.31
C VAL D 794 34.29 20.62 -57.79
N LYS D 795 34.70 19.35 -57.82
CA LYS D 795 33.90 18.24 -57.31
C LYS D 795 33.90 18.25 -55.76
N PRO D 796 32.81 17.75 -55.12
CA PRO D 796 32.77 17.65 -53.66
C PRO D 796 33.99 17.00 -53.01
N HIS D 797 34.49 15.92 -53.61
CA HIS D 797 35.73 15.25 -53.17
C HIS D 797 36.95 16.21 -53.19
N VAL D 798 37.03 17.07 -54.22
CA VAL D 798 38.16 18.00 -54.36
C VAL D 798 38.12 19.10 -53.29
N LEU D 799 36.94 19.71 -53.12
CA LEU D 799 36.72 20.72 -52.07
C LEU D 799 37.04 20.18 -50.65
N GLU D 800 36.72 18.91 -50.41
CA GLU D 800 36.98 18.27 -49.12
C GLU D 800 38.43 17.84 -48.86
N LYS D 801 39.22 17.58 -49.90
CA LYS D 801 40.56 16.97 -49.70
C LYS D 801 41.55 17.99 -49.15
N ASN D 802 42.27 17.58 -48.09
CA ASN D 802 43.21 18.41 -47.34
C ASN D 802 42.57 19.64 -46.68
N ILE D 803 41.36 19.45 -46.16
CA ILE D 803 40.60 20.52 -45.49
C ILE D 803 41.27 20.98 -44.19
N GLU D 804 42.06 20.09 -43.55
CA GLU D 804 42.79 20.42 -42.33
C GLU D 804 44.31 20.57 -42.53
N ALA D 805 44.76 20.64 -43.79
CA ALA D 805 46.18 20.69 -44.15
C ALA D 805 46.55 21.83 -45.13
N ASP D 806 45.73 22.03 -46.16
CA ASP D 806 45.96 23.07 -47.15
C ASP D 806 45.05 24.29 -46.86
N PHE D 807 45.65 25.46 -46.65
CA PHE D 807 44.92 26.70 -46.35
C PHE D 807 45.15 27.81 -47.39
N THR D 808 45.34 27.41 -48.64
CA THR D 808 45.52 28.34 -49.78
C THR D 808 44.43 28.23 -50.85
N LYS D 809 43.55 27.22 -50.76
CA LYS D 809 42.55 26.96 -51.79
C LYS D 809 41.25 27.70 -51.51
N ILE D 810 40.68 28.29 -52.56
CA ILE D 810 39.37 28.95 -52.51
C ILE D 810 38.59 28.44 -53.71
N ASN D 811 37.58 27.62 -53.48
CA ASN D 811 36.79 27.02 -54.56
C ASN D 811 35.36 26.78 -54.10
N TRP D 812 34.54 26.18 -54.95
CA TRP D 812 33.17 25.82 -54.58
C TRP D 812 32.66 24.59 -55.30
N SER D 813 31.73 23.88 -54.65
CA SER D 813 31.12 22.69 -55.21
C SER D 813 29.61 22.68 -54.99
N TRP D 814 28.96 21.77 -55.70
CA TRP D 814 27.52 21.59 -55.65
C TRP D 814 27.22 20.14 -55.26
N ASN D 815 26.12 19.94 -54.55
CA ASN D 815 25.66 18.61 -54.13
C ASN D 815 24.17 18.54 -54.41
N GLU D 816 23.80 17.92 -55.53
CA GLU D 816 22.42 17.93 -56.02
C GLU D 816 21.43 17.28 -55.04
N ALA D 817 21.85 16.18 -54.42
CA ALA D 817 21.01 15.46 -53.46
C ALA D 817 20.63 16.34 -52.28
N GLU D 818 21.64 16.96 -51.67
CA GLU D 818 21.46 17.80 -50.47
C GLU D 818 21.03 19.26 -50.74
N ASN D 819 21.04 19.68 -52.01
CA ASN D 819 20.71 21.06 -52.37
C ASN D 819 21.61 22.06 -51.62
N VAL D 820 22.93 21.82 -51.66
CA VAL D 820 23.94 22.65 -50.98
C VAL D 820 25.08 23.10 -51.91
N ILE D 821 25.29 24.41 -51.92
CA ILE D 821 26.48 25.05 -52.48
C ILE D 821 27.50 25.15 -51.35
N SER D 822 28.61 24.44 -51.48
CA SER D 822 29.72 24.56 -50.53
C SER D 822 30.81 25.49 -51.09
N VAL D 823 31.29 26.42 -50.28
CA VAL D 823 32.34 27.36 -50.68
C VAL D 823 33.48 27.30 -49.67
N ARG D 824 34.64 26.84 -50.12
CA ARG D 824 35.82 26.75 -49.26
C ARG D 824 36.62 28.03 -49.36
N ILE D 825 36.94 28.60 -48.20
CA ILE D 825 37.75 29.81 -48.10
C ILE D 825 38.55 29.75 -46.79
N PRO D 826 39.87 30.04 -46.85
CA PRO D 826 40.67 30.07 -45.62
C PRO D 826 40.19 31.12 -44.64
N ASP D 827 40.32 30.82 -43.36
CA ASP D 827 39.98 31.75 -42.33
C ASP D 827 41.19 32.67 -42.15
N SER D 828 41.24 33.70 -43.00
CA SER D 828 42.32 34.70 -42.96
C SER D 828 42.10 35.79 -41.91
N GLY D 829 40.89 35.90 -41.38
CA GLY D 829 40.51 37.03 -40.52
C GLY D 829 40.20 38.32 -41.26
N LYS D 830 40.16 38.27 -42.59
CA LYS D 830 39.87 39.45 -43.42
C LYS D 830 38.42 39.40 -43.89
N ASN D 831 37.90 40.58 -44.23
CA ASN D 831 36.59 40.70 -44.87
C ASN D 831 36.65 40.03 -46.26
N ALA D 832 35.68 39.16 -46.55
CA ALA D 832 35.49 38.60 -47.89
C ALA D 832 34.00 38.63 -48.24
N VAL D 833 33.70 38.92 -49.51
CA VAL D 833 32.34 39.02 -50.00
C VAL D 833 32.24 38.00 -51.11
N ILE D 834 31.38 36.99 -50.86
CA ILE D 834 31.18 35.87 -51.72
C ILE D 834 29.83 36.10 -52.39
N THR D 835 29.85 36.16 -53.72
CA THR D 835 28.66 36.45 -54.51
C THR D 835 28.34 35.20 -55.32
N ILE D 836 27.11 34.70 -55.17
CA ILE D 836 26.64 33.51 -55.87
C ILE D 836 25.64 34.03 -56.92
N LYS D 837 25.89 33.72 -58.19
CA LYS D 837 25.05 34.15 -59.30
C LYS D 837 24.16 32.98 -59.70
N ASN D 838 22.84 33.18 -59.66
CA ASN D 838 21.88 32.11 -59.96
C ASN D 838 21.52 32.13 -61.45
C ACT E . 54.39 -28.56 17.50
O ACT E . 53.93 -29.13 18.53
OXT ACT E . 53.67 -28.29 16.51
CH3 ACT E . 55.86 -28.23 17.49
C1 MPD F . 50.40 -32.57 25.11
C2 MPD F . 51.67 -33.32 25.44
O2 MPD F . 51.34 -34.54 26.11
CM MPD F . 52.42 -33.68 24.16
C3 MPD F . 52.57 -32.51 26.37
C4 MPD F . 51.89 -31.86 27.58
O4 MPD F . 50.99 -32.78 28.23
C5 MPD F . 52.90 -31.39 28.60
C1 MPD G . 11.34 -28.16 7.92
C2 MPD G . 11.62 -27.81 9.39
O2 MPD G . 11.24 -26.43 9.61
CM MPD G . 10.81 -28.69 10.32
C3 MPD G . 13.10 -27.96 9.72
C4 MPD G . 14.05 -27.04 8.94
O4 MPD G . 13.79 -25.67 9.22
C5 MPD G . 15.49 -27.33 9.30
C ACT H . -26.64 -16.99 14.10
O ACT H . -26.40 -16.72 15.30
OXT ACT H . -25.77 -16.93 13.19
CH3 ACT H . -28.03 -17.41 13.76
C1 MPD I . -25.03 -15.24 23.62
C2 MPD I . -26.50 -14.89 23.72
O2 MPD I . -26.69 -13.84 24.67
CM MPD I . -27.00 -14.36 22.38
C3 MPD I . -27.32 -16.10 24.16
C4 MPD I . -27.18 -16.49 25.63
O4 MPD I . -27.57 -15.43 26.52
C5 MPD I . -28.05 -17.70 25.96
C1 MPD J . 17.23 -15.78 18.01
C2 MPD J . 16.29 -15.41 19.15
O2 MPD J . 16.30 -16.45 20.13
CM MPD J . 16.80 -14.14 19.83
C3 MPD J . 14.83 -15.19 18.72
C4 MPD J . 14.23 -16.19 17.73
O4 MPD J . 14.43 -17.54 18.16
C5 MPD J . 12.73 -15.98 17.56
C ACT K . -56.56 20.98 41.76
O ACT K . -56.44 20.44 42.90
OXT ACT K . -56.48 20.35 40.66
CH3 ACT K . -56.81 22.47 41.69
C1 MPD L . -54.37 16.77 50.39
C2 MPD L . -54.08 18.20 50.85
O2 MPD L . -53.03 18.15 51.81
CM MPD L . -53.59 19.00 49.65
C3 MPD L . -55.35 18.84 51.43
C4 MPD L . -55.75 18.42 52.84
O4 MPD L . -54.73 18.74 53.80
C5 MPD L . -57.01 19.14 53.30
C1 MPD M . -53.12 -22.20 33.09
C2 MPD M . -53.82 -21.71 34.36
O2 MPD M . -55.14 -22.26 34.34
CM MPD M . -53.10 -22.27 35.58
C3 MPD M . -53.89 -20.17 34.42
C4 MPD M . -55.14 -19.52 33.82
O4 MPD M . -56.14 -19.41 34.84
C5 MPD M . -54.91 -18.10 33.31
C ACT N . 18.13 12.76 -0.61
O ACT N . 18.25 13.71 -1.42
OXT ACT N . 17.52 12.87 0.48
CH3 ACT N . 18.73 11.42 -0.97
C1 MPD O . 13.45 14.27 7.73
C2 MPD O . 13.07 12.81 7.90
O2 MPD O . 11.89 12.72 8.68
CM MPD O . 12.76 12.20 6.52
C3 MPD O . 14.18 12.03 8.58
C4 MPD O . 14.35 12.21 10.09
O4 MPD O . 13.13 12.03 10.80
C5 MPD O . 15.33 11.19 10.65
C1 MPD P . 15.92 57.00 2.62
C2 MPD P . 16.40 56.03 3.70
O2 MPD P . 17.69 56.49 4.12
CM MPD P . 15.42 56.07 4.86
C3 MPD P . 16.51 54.59 3.15
C4 MPD P . 17.64 53.73 3.72
O4 MPD P . 17.18 52.38 3.92
C5 MPD P . 18.83 53.68 2.77
#